data_3NIX
#
_entry.id   3NIX
#
_cell.length_a   86.224
_cell.length_b   244.046
_cell.length_c   100.222
_cell.angle_alpha   90.000
_cell.angle_beta   104.100
_cell.angle_gamma   90.000
#
_symmetry.space_group_name_H-M   'P 1 21 1'
#
loop_
_entity.id
_entity.type
_entity.pdbx_description
1 polymer Flavoprotein/dehydrogenase
2 non-polymer 'FLAVIN-ADENINE DINUCLEOTIDE'
3 water water
#
_entity_poly.entity_id   1
_entity_poly.type   'polypeptide(L)'
_entity_poly.pdbx_seq_one_letter_code
;(MSE)QREKVDVLVIGAGPAGTVAASLVNKSGFKVKIVEKQKFPRFVIGESLLPRC(MSE)EHLDEAGFLDAVKAQGFQQ
KFGAKFVRGKEIADFNFSDQFSNGWNWTWQVPRGNFDKTLADEAARQGVDVEYEVGVTDIKFFGTDSVTTIEDINGNKRE
IEARFIIDASGYGRVIPR(MSE)FGLDKPSGFESRRTLFTHIKDVKRPVAAE(MSE)EGNRITAVVHKPKVWIWVIPFSN
GNTSVGFVGEPSYFDEYTGTPEER(MSE)RA(MSE)IANEGHIAERFKSEEFLFEPRTIEGYAISASKLYGDGFVLTGNA
TEFLDPIFSSGATFA(MSE)ESGSKGGKLAVQFLKGEEVNWEKDFVEH(MSE)(MSE)QGIDTFRSFVTGWYDGTLHAVF
FAKNPDPDHKR(MSE)ICSVLAGYVWDKNNPFVKKHNTILKTLAKVIQ(MSE)GEEALEHHHHHH
;
_entity_poly.pdbx_strand_id   A,B,C,D,E,F,G,H
#
loop_
_chem_comp.id
_chem_comp.type
_chem_comp.name
_chem_comp.formula
FAD non-polymer 'FLAVIN-ADENINE DINUCLEOTIDE' 'C27 H33 N9 O15 P2'
#
# COMPACT_ATOMS: atom_id res chain seq x y z
N GLU A 4 -22.59 17.04 11.91
CA GLU A 4 -23.02 16.89 13.30
C GLU A 4 -24.30 17.64 13.64
N LYS A 5 -24.66 18.66 12.88
CA LYS A 5 -25.99 19.28 13.03
C LYS A 5 -26.74 19.50 11.71
N VAL A 6 -27.94 18.89 11.61
CA VAL A 6 -28.74 18.96 10.38
C VAL A 6 -30.24 19.07 10.68
N ASP A 7 -31.01 19.52 9.69
CA ASP A 7 -32.46 19.54 9.84
C ASP A 7 -33.07 18.13 9.76
N VAL A 8 -32.79 17.44 8.66
CA VAL A 8 -33.29 16.08 8.51
C VAL A 8 -32.12 15.08 8.32
N LEU A 9 -32.09 14.05 9.12
CA LEU A 9 -31.15 12.97 8.89
C LEU A 9 -31.84 11.84 8.13
N VAL A 10 -31.38 11.53 6.92
CA VAL A 10 -31.92 10.39 6.16
C VAL A 10 -31.04 9.17 6.32
N ILE A 11 -31.57 8.10 6.88
CA ILE A 11 -30.79 6.89 6.99
C ILE A 11 -31.07 6.00 5.78
N GLY A 12 -30.03 5.69 5.00
CA GLY A 12 -30.21 4.87 3.84
C GLY A 12 -30.20 5.65 2.53
N ALA A 13 -29.35 5.22 1.60
CA ALA A 13 -29.26 5.84 0.29
C ALA A 13 -29.95 5.04 -0.83
N GLY A 14 -31.01 4.32 -0.44
CA GLY A 14 -31.84 3.67 -1.42
C GLY A 14 -32.84 4.63 -2.03
N PRO A 15 -33.69 4.09 -2.91
CA PRO A 15 -34.65 4.95 -3.61
C PRO A 15 -35.55 5.66 -2.61
N ALA A 16 -35.78 5.07 -1.44
CA ALA A 16 -36.59 5.76 -0.45
C ALA A 16 -35.87 7.03 0.06
N GLY A 17 -34.64 6.87 0.53
CA GLY A 17 -33.95 7.98 1.11
C GLY A 17 -33.42 8.96 0.09
N THR A 18 -33.13 8.48 -1.12
CA THR A 18 -32.67 9.41 -2.14
C THR A 18 -33.81 10.32 -2.57
N VAL A 19 -34.98 9.73 -2.83
CA VAL A 19 -36.14 10.54 -3.17
C VAL A 19 -36.56 11.45 -2.00
N ALA A 20 -36.63 10.91 -0.78
CA ALA A 20 -36.93 11.70 0.41
C ALA A 20 -35.94 12.82 0.58
N ALA A 21 -34.65 12.50 0.46
CA ALA A 21 -33.61 13.52 0.61
C ALA A 21 -33.73 14.68 -0.42
N SER A 22 -33.90 14.37 -1.70
CA SER A 22 -33.98 15.39 -2.75
C SER A 22 -35.07 16.43 -2.47
N LEU A 23 -36.26 15.96 -2.12
CA LEU A 23 -37.42 16.78 -1.80
C LEU A 23 -37.22 17.69 -0.61
N VAL A 24 -36.50 17.19 0.39
CA VAL A 24 -36.18 18.00 1.56
C VAL A 24 -35.18 19.08 1.15
N ASN A 25 -34.09 18.66 0.51
CA ASN A 25 -33.10 19.61 0.00
C ASN A 25 -33.76 20.65 -0.90
N LYS A 26 -34.69 20.19 -1.74
CA LYS A 26 -35.37 21.08 -2.69
C LYS A 26 -36.01 22.28 -2.00
N SER A 27 -36.35 22.14 -0.72
CA SER A 27 -36.99 23.22 0.03
C SER A 27 -36.03 23.99 0.95
N GLY A 28 -34.75 23.98 0.61
CA GLY A 28 -33.76 24.82 1.25
C GLY A 28 -33.16 24.28 2.55
N PHE A 29 -33.78 23.25 3.09
CA PHE A 29 -33.32 22.71 4.35
C PHE A 29 -31.99 21.97 4.22
N LYS A 30 -31.39 21.65 5.36
CA LYS A 30 -30.15 20.93 5.37
C LYS A 30 -30.45 19.47 5.71
N VAL A 31 -30.03 18.59 4.84
CA VAL A 31 -30.45 17.20 4.88
C VAL A 31 -29.25 16.34 4.61
N LYS A 32 -29.11 15.29 5.37
CA LYS A 32 -27.99 14.37 5.18
C LYS A 32 -28.42 12.90 5.09
N ILE A 33 -27.86 12.16 4.15
CA ILE A 33 -28.04 10.73 4.11
C ILE A 33 -26.78 10.04 4.64
N VAL A 34 -26.92 9.17 5.65
CA VAL A 34 -25.85 8.24 6.00
C VAL A 34 -26.14 6.87 5.41
N GLU A 35 -25.25 6.39 4.58
CA GLU A 35 -25.44 5.09 3.98
C GLU A 35 -24.35 4.14 4.50
N LYS A 36 -24.80 3.04 5.07
CA LYS A 36 -23.93 2.03 5.67
C LYS A 36 -23.09 1.25 4.68
N GLN A 37 -23.53 1.12 3.44
CA GLN A 37 -22.71 0.39 2.49
C GLN A 37 -21.89 1.25 1.54
N LYS A 38 -20.89 0.64 0.90
CA LYS A 38 -20.23 1.31 -0.21
C LYS A 38 -21.05 1.11 -1.50
N PHE A 39 -21.27 2.19 -2.26
CA PHE A 39 -21.96 2.08 -3.54
C PHE A 39 -20.95 1.98 -4.65
N PRO A 40 -21.26 1.24 -5.73
CA PRO A 40 -22.52 0.52 -5.96
C PRO A 40 -22.63 -0.70 -5.06
N ARG A 41 -23.86 -1.14 -4.77
CA ARG A 41 -24.13 -2.10 -3.71
C ARG A 41 -25.33 -2.88 -4.17
N PHE A 42 -25.30 -4.19 -4.03
CA PHE A 42 -26.39 -4.99 -4.60
C PHE A 42 -27.58 -5.06 -3.71
N VAL A 43 -28.76 -4.85 -4.29
CA VAL A 43 -29.97 -5.14 -3.55
C VAL A 43 -30.97 -5.66 -4.55
N ILE A 44 -31.93 -6.40 -4.04
CA ILE A 44 -32.90 -7.05 -4.91
C ILE A 44 -34.08 -6.08 -5.07
N GLY A 45 -34.87 -6.29 -6.12
CA GLY A 45 -36.01 -5.42 -6.39
C GLY A 45 -35.77 -4.59 -7.62
N GLU A 46 -35.88 -5.24 -8.78
CA GLU A 46 -35.30 -4.69 -10.01
C GLU A 46 -36.29 -4.21 -11.07
N SER A 47 -37.57 -4.59 -10.92
CA SER A 47 -38.58 -4.23 -11.89
C SER A 47 -39.48 -3.12 -11.34
N LEU A 48 -39.37 -1.91 -11.90
CA LEU A 48 -40.09 -0.76 -11.38
C LEU A 48 -41.49 -0.67 -11.93
N LEU A 49 -42.25 0.29 -11.44
CA LEU A 49 -43.58 0.53 -11.97
C LEU A 49 -43.69 1.94 -12.50
N PRO A 50 -44.47 2.14 -13.57
CA PRO A 50 -44.74 3.48 -14.05
C PRO A 50 -45.03 4.53 -12.97
N ARG A 51 -45.78 4.16 -11.94
CA ARG A 51 -46.09 5.09 -10.88
C ARG A 51 -44.85 5.78 -10.26
N CYS A 52 -43.71 5.11 -10.20
CA CYS A 52 -42.53 5.72 -9.58
C CYS A 52 -41.93 6.79 -10.46
N MSE A 53 -42.34 6.81 -11.72
CA MSE A 53 -41.81 7.83 -12.58
C MSE A 53 -42.22 9.20 -12.01
O MSE A 53 -41.54 10.21 -12.21
CB MSE A 53 -42.33 7.61 -13.99
CG MSE A 53 -41.97 6.22 -14.53
SE MSE A 53 -40.04 6.11 -14.84
CE MSE A 53 -40.03 6.90 -16.64
N GLU A 54 -43.32 9.22 -11.28
CA GLU A 54 -43.83 10.46 -10.72
C GLU A 54 -42.83 11.02 -9.71
N HIS A 55 -42.24 10.14 -8.91
CA HIS A 55 -41.36 10.63 -7.87
C HIS A 55 -39.98 10.91 -8.45
N LEU A 56 -39.60 10.13 -9.45
CA LEU A 56 -38.31 10.30 -10.07
C LEU A 56 -38.38 11.68 -10.71
N ASP A 57 -39.53 12.02 -11.25
CA ASP A 57 -39.70 13.30 -11.92
C ASP A 57 -39.64 14.46 -10.94
N GLU A 58 -40.37 14.34 -9.85
CA GLU A 58 -40.39 15.38 -8.85
C GLU A 58 -39.04 15.63 -8.18
N ALA A 59 -38.29 14.56 -7.92
CA ALA A 59 -37.00 14.67 -7.26
C ALA A 59 -35.90 15.13 -8.20
N GLY A 60 -36.23 15.29 -9.48
CA GLY A 60 -35.24 15.64 -10.50
C GLY A 60 -34.25 14.53 -10.86
N PHE A 61 -34.69 13.29 -10.76
CA PHE A 61 -33.81 12.17 -11.06
C PHE A 61 -33.99 11.67 -12.50
N LEU A 62 -35.02 12.13 -13.20
CA LEU A 62 -35.33 11.54 -14.51
C LEU A 62 -34.18 11.58 -15.51
N ASP A 63 -33.51 12.72 -15.64
CA ASP A 63 -32.44 12.83 -16.63
C ASP A 63 -31.28 11.89 -16.30
N ALA A 64 -30.85 11.85 -15.03
CA ALA A 64 -29.77 10.97 -14.62
C ALA A 64 -30.08 9.49 -14.93
N VAL A 65 -31.28 9.07 -14.54
CA VAL A 65 -31.74 7.72 -14.85
C VAL A 65 -31.75 7.42 -16.36
N LYS A 66 -32.37 8.29 -17.16
CA LYS A 66 -32.41 8.12 -18.62
C LYS A 66 -31.01 7.96 -19.23
N ALA A 67 -30.05 8.71 -18.71
CA ALA A 67 -28.68 8.67 -19.22
C ALA A 67 -28.08 7.27 -19.05
N GLN A 68 -28.63 6.49 -18.11
CA GLN A 68 -28.04 5.20 -17.80
C GLN A 68 -28.40 4.12 -18.83
N GLY A 69 -29.42 4.36 -19.63
CA GLY A 69 -29.79 3.42 -20.67
C GLY A 69 -30.41 2.11 -20.18
N PHE A 70 -31.02 2.11 -19.00
CA PHE A 70 -31.67 0.90 -18.53
C PHE A 70 -32.69 0.33 -19.51
N GLN A 71 -33.04 -0.93 -19.31
CA GLN A 71 -34.03 -1.57 -20.14
C GLN A 71 -35.41 -0.97 -19.86
N GLN A 72 -36.05 -0.44 -20.90
CA GLN A 72 -37.41 0.08 -20.77
C GLN A 72 -38.43 -1.03 -20.51
N LYS A 73 -39.47 -0.69 -19.77
CA LYS A 73 -40.50 -1.64 -19.43
C LYS A 73 -41.87 -1.08 -19.86
N PHE A 74 -42.60 -1.81 -20.71
CA PHE A 74 -43.92 -1.37 -21.15
C PHE A 74 -45.11 -2.19 -20.63
N GLY A 75 -44.83 -3.19 -19.79
CA GLY A 75 -45.91 -3.99 -19.23
C GLY A 75 -45.50 -5.23 -18.48
N ALA A 76 -46.50 -5.96 -17.98
CA ALA A 76 -46.25 -7.22 -17.31
C ALA A 76 -46.99 -8.38 -17.98
N LYS A 77 -46.28 -9.49 -18.17
CA LYS A 77 -46.77 -10.64 -18.91
C LYS A 77 -46.89 -11.84 -17.96
N PHE A 78 -48.01 -12.54 -18.01
CA PHE A 78 -48.16 -13.67 -17.12
C PHE A 78 -48.36 -14.97 -17.88
N VAL A 79 -47.55 -15.96 -17.51
CA VAL A 79 -47.50 -17.21 -18.24
C VAL A 79 -47.90 -18.38 -17.36
N ARG A 80 -48.89 -19.15 -17.81
CA ARG A 80 -49.22 -20.43 -17.20
C ARG A 80 -49.28 -21.49 -18.31
N GLY A 81 -48.29 -22.37 -18.33
CA GLY A 81 -48.11 -23.27 -19.45
C GLY A 81 -47.96 -22.45 -20.72
N LYS A 82 -48.96 -22.55 -21.60
CA LYS A 82 -48.94 -21.84 -22.87
C LYS A 82 -49.93 -20.69 -22.84
N GLU A 83 -50.68 -20.59 -21.75
CA GLU A 83 -51.63 -19.50 -21.58
C GLU A 83 -50.88 -18.22 -21.31
N ILE A 84 -51.30 -17.14 -21.95
CA ILE A 84 -50.61 -15.88 -21.80
C ILE A 84 -51.59 -14.75 -21.53
N ALA A 85 -51.25 -13.94 -20.53
CA ALA A 85 -52.00 -12.73 -20.24
C ALA A 85 -51.04 -11.54 -20.23
N ASP A 86 -51.01 -10.81 -21.33
CA ASP A 86 -50.12 -9.65 -21.46
C ASP A 86 -50.81 -8.33 -21.11
N PHE A 87 -50.31 -7.66 -20.08
CA PHE A 87 -50.82 -6.33 -19.72
C PHE A 87 -49.93 -5.24 -20.32
N ASN A 88 -50.52 -4.37 -21.13
CA ASN A 88 -49.80 -3.26 -21.73
C ASN A 88 -50.10 -1.96 -20.98
N PHE A 89 -49.05 -1.35 -20.42
CA PHE A 89 -49.22 -0.12 -19.65
C PHE A 89 -49.74 1.02 -20.52
N SER A 90 -49.70 0.83 -21.83
CA SER A 90 -50.20 1.87 -22.73
C SER A 90 -51.72 1.81 -22.86
N ASP A 91 -52.32 0.81 -22.26
CA ASP A 91 -53.77 0.63 -22.30
C ASP A 91 -54.28 0.39 -20.90
N GLN A 92 -54.59 1.46 -20.19
CA GLN A 92 -55.06 1.33 -18.82
C GLN A 92 -56.14 2.32 -18.52
N PHE A 93 -56.86 2.03 -17.45
CA PHE A 93 -57.96 2.87 -16.97
C PHE A 93 -57.47 4.27 -16.55
N SER A 94 -56.38 4.33 -15.78
CA SER A 94 -55.89 5.60 -15.23
C SER A 94 -55.01 6.44 -16.16
N ASN A 95 -55.04 7.76 -15.97
CA ASN A 95 -54.07 8.65 -16.59
C ASN A 95 -52.72 8.32 -15.97
N GLY A 96 -51.66 8.92 -16.46
CA GLY A 96 -50.39 8.68 -15.78
C GLY A 96 -49.43 7.89 -16.63
N TRP A 97 -48.29 7.57 -16.02
CA TRP A 97 -47.17 7.04 -16.77
C TRP A 97 -47.44 5.67 -17.35
N ASN A 98 -46.93 5.43 -18.55
CA ASN A 98 -47.17 4.18 -19.19
C ASN A 98 -45.89 3.39 -19.44
N TRP A 99 -44.79 3.79 -18.82
CA TRP A 99 -43.55 3.09 -19.08
C TRP A 99 -42.43 3.41 -18.13
N THR A 100 -41.57 2.44 -17.85
CA THR A 100 -40.50 2.65 -16.88
C THR A 100 -39.41 1.59 -17.13
N TRP A 101 -38.65 1.26 -16.10
CA TRP A 101 -37.37 0.61 -16.32
C TRP A 101 -37.21 -0.66 -15.53
N GLN A 102 -36.39 -1.54 -16.07
CA GLN A 102 -35.87 -2.70 -15.36
C GLN A 102 -34.45 -2.31 -15.01
N VAL A 103 -34.06 -2.42 -13.76
CA VAL A 103 -32.77 -1.83 -13.39
C VAL A 103 -31.98 -2.70 -12.42
N PRO A 104 -30.69 -2.93 -12.69
CA PRO A 104 -29.87 -3.46 -11.61
C PRO A 104 -29.76 -2.39 -10.52
N ARG A 105 -30.13 -2.74 -9.29
CA ARG A 105 -30.29 -1.73 -8.25
C ARG A 105 -28.97 -1.07 -7.80
N GLY A 106 -27.86 -1.80 -7.86
CA GLY A 106 -26.56 -1.21 -7.60
C GLY A 106 -26.39 0.08 -8.38
N ASN A 107 -26.34 -0.05 -9.70
CA ASN A 107 -26.28 1.08 -10.60
C ASN A 107 -27.45 2.07 -10.51
N PHE A 108 -28.66 1.56 -10.31
CA PHE A 108 -29.82 2.46 -10.20
C PHE A 108 -29.70 3.31 -8.93
N ASP A 109 -29.34 2.70 -7.82
CA ASP A 109 -29.42 3.43 -6.56
C ASP A 109 -28.28 4.43 -6.42
N LYS A 110 -27.18 4.13 -7.10
CA LYS A 110 -26.05 5.04 -7.23
C LYS A 110 -26.41 6.19 -8.15
N THR A 111 -27.05 5.91 -9.28
CA THR A 111 -27.49 7.02 -10.13
C THR A 111 -28.26 8.04 -9.29
N LEU A 112 -29.23 7.55 -8.52
CA LEU A 112 -30.07 8.42 -7.69
C LEU A 112 -29.27 9.17 -6.62
N ALA A 113 -28.50 8.43 -5.86
CA ALA A 113 -27.77 9.02 -4.77
C ALA A 113 -26.85 10.09 -5.33
N ASP A 114 -26.15 9.74 -6.41
CA ASP A 114 -25.21 10.65 -7.03
C ASP A 114 -25.91 11.92 -7.53
N GLU A 115 -27.11 11.78 -8.09
CA GLU A 115 -27.89 12.94 -8.47
C GLU A 115 -28.25 13.77 -7.23
N ALA A 116 -28.78 13.13 -6.19
CA ALA A 116 -29.06 13.82 -4.93
C ALA A 116 -27.87 14.66 -4.46
N ALA A 117 -26.72 14.04 -4.25
CA ALA A 117 -25.50 14.78 -3.86
C ALA A 117 -25.29 16.03 -4.73
N ARG A 118 -25.26 15.82 -6.03
CA ARG A 118 -25.17 16.89 -6.99
C ARG A 118 -26.18 17.99 -6.68
N GLN A 119 -27.42 17.58 -6.39
CA GLN A 119 -28.50 18.53 -6.12
C GLN A 119 -28.26 19.35 -4.86
N GLY A 120 -27.40 18.83 -3.98
CA GLY A 120 -26.95 19.56 -2.82
C GLY A 120 -27.05 18.75 -1.57
N VAL A 121 -27.65 17.57 -1.70
CA VAL A 121 -27.74 16.62 -0.61
C VAL A 121 -26.34 16.19 -0.26
N ASP A 122 -26.03 16.02 1.02
CA ASP A 122 -24.70 15.50 1.30
C ASP A 122 -24.82 14.05 1.73
N VAL A 123 -24.20 13.20 0.92
CA VAL A 123 -24.34 11.77 1.04
C VAL A 123 -23.05 11.24 1.54
N GLU A 124 -23.11 10.47 2.61
CA GLU A 124 -21.92 9.89 3.23
C GLU A 124 -22.04 8.37 3.31
N TYR A 125 -21.09 7.67 2.71
CA TYR A 125 -21.17 6.23 2.52
C TYR A 125 -20.29 5.52 3.54
N GLU A 126 -20.50 4.23 3.69
CA GLU A 126 -19.68 3.43 4.62
C GLU A 126 -19.73 3.95 6.06
N VAL A 127 -20.95 4.28 6.47
CA VAL A 127 -21.21 4.84 7.77
C VAL A 127 -22.59 4.33 8.16
N GLY A 128 -22.62 3.34 9.05
CA GLY A 128 -23.85 2.64 9.43
C GLY A 128 -24.41 3.05 10.77
N VAL A 129 -25.65 3.51 10.76
CA VAL A 129 -26.31 3.93 12.00
C VAL A 129 -26.09 2.84 13.04
N THR A 130 -26.13 3.21 14.32
CA THR A 130 -25.87 2.25 15.39
C THR A 130 -26.73 2.52 16.65
N ASP A 131 -27.37 3.67 16.69
CA ASP A 131 -28.10 4.04 17.88
C ASP A 131 -28.78 5.38 17.63
N ILE A 132 -30.03 5.48 18.04
CA ILE A 132 -30.75 6.73 17.96
C ILE A 132 -31.37 7.01 19.31
N LYS A 133 -31.22 8.25 19.76
CA LYS A 133 -31.78 8.70 21.04
C LYS A 133 -32.64 9.95 20.83
N PHE A 134 -33.89 9.88 21.27
CA PHE A 134 -34.84 10.95 21.01
C PHE A 134 -35.11 11.85 22.21
N PHE A 135 -35.20 13.14 21.96
CA PHE A 135 -35.56 14.08 22.99
C PHE A 135 -36.67 14.96 22.39
N GLY A 136 -37.91 14.65 22.73
CA GLY A 136 -39.04 15.19 22.00
C GLY A 136 -38.85 14.78 20.54
N THR A 137 -38.83 15.76 19.64
CA THR A 137 -38.74 15.47 18.22
C THR A 137 -37.32 15.64 17.68
N ASP A 138 -36.44 16.19 18.51
CA ASP A 138 -35.03 16.25 18.14
C ASP A 138 -34.37 14.89 18.41
N SER A 139 -33.25 14.62 17.74
CA SER A 139 -32.57 13.34 17.88
C SER A 139 -31.05 13.46 17.78
N VAL A 140 -30.37 12.52 18.44
CA VAL A 140 -28.94 12.35 18.38
C VAL A 140 -28.64 10.94 17.87
N THR A 141 -28.06 10.84 16.69
CA THR A 141 -27.79 9.56 16.05
C THR A 141 -26.32 9.26 16.02
N THR A 142 -25.95 8.03 16.32
CA THR A 142 -24.55 7.62 16.32
C THR A 142 -24.29 6.77 15.10
N ILE A 143 -23.24 7.12 14.35
CA ILE A 143 -22.82 6.31 13.21
C ILE A 143 -21.45 5.70 13.45
N GLU A 144 -21.15 4.64 12.72
CA GLU A 144 -19.88 3.96 12.81
C GLU A 144 -19.29 3.96 11.42
N ASP A 145 -18.04 4.41 11.27
CA ASP A 145 -17.39 4.35 9.97
C ASP A 145 -16.71 3.00 9.82
N ILE A 146 -16.03 2.79 8.69
CA ILE A 146 -15.45 1.49 8.39
C ILE A 146 -14.38 1.09 9.42
N ASN A 147 -13.84 2.10 10.10
CA ASN A 147 -12.75 1.89 11.02
C ASN A 147 -13.20 1.68 12.46
N GLY A 148 -14.51 1.66 12.66
CA GLY A 148 -15.08 1.41 13.97
C GLY A 148 -15.24 2.65 14.84
N ASN A 149 -14.84 3.80 14.33
CA ASN A 149 -14.96 5.03 15.08
C ASN A 149 -16.39 5.62 15.03
N LYS A 150 -16.83 6.19 16.14
CA LYS A 150 -18.21 6.64 16.23
C LYS A 150 -18.33 8.15 16.32
N ARG A 151 -19.36 8.69 15.68
CA ARG A 151 -19.70 10.10 15.81
C ARG A 151 -21.21 10.32 15.75
N GLU A 152 -21.67 11.42 16.33
CA GLU A 152 -23.09 11.68 16.55
C GLU A 152 -23.62 12.76 15.60
N ILE A 153 -24.90 12.67 15.28
CA ILE A 153 -25.53 13.64 14.39
C ILE A 153 -26.78 14.16 15.05
N GLU A 154 -26.97 15.45 14.98
CA GLU A 154 -28.08 16.07 15.67
C GLU A 154 -29.06 16.48 14.61
N ALA A 155 -30.33 16.14 14.83
CA ALA A 155 -31.37 16.45 13.84
C ALA A 155 -32.75 16.85 14.40
N ARG A 156 -33.45 17.67 13.62
CA ARG A 156 -34.82 18.03 13.92
C ARG A 156 -35.78 16.91 13.47
N PHE A 157 -35.26 15.96 12.71
CA PHE A 157 -36.11 14.92 12.16
C PHE A 157 -35.30 13.80 11.49
N ILE A 158 -35.72 12.57 11.73
CA ILE A 158 -35.11 11.44 11.08
C ILE A 158 -36.12 10.78 10.13
N ILE A 159 -35.74 10.63 8.86
CA ILE A 159 -36.48 9.78 7.93
C ILE A 159 -35.74 8.47 7.87
N ASP A 160 -36.31 7.42 8.42
CA ASP A 160 -35.63 6.14 8.38
C ASP A 160 -35.94 5.47 7.06
N ALA A 161 -35.02 5.56 6.11
CA ALA A 161 -35.17 4.92 4.82
C ALA A 161 -34.20 3.74 4.73
N SER A 162 -34.04 3.02 5.84
CA SER A 162 -33.01 1.98 5.99
C SER A 162 -33.40 0.67 5.32
N GLY A 163 -34.60 0.63 4.73
CA GLY A 163 -35.03 -0.54 4.01
C GLY A 163 -34.89 -1.78 4.87
N TYR A 164 -34.32 -2.83 4.28
CA TYR A 164 -34.22 -4.12 4.93
C TYR A 164 -33.57 -4.05 6.31
N GLY A 165 -32.77 -3.01 6.56
CA GLY A 165 -32.14 -2.82 7.86
C GLY A 165 -33.17 -2.58 8.94
N ARG A 166 -34.26 -1.92 8.57
CA ARG A 166 -35.33 -1.71 9.51
C ARG A 166 -34.73 -1.04 10.73
N VAL A 167 -33.98 0.03 10.51
CA VAL A 167 -33.19 0.55 11.60
C VAL A 167 -34.09 0.90 12.77
N ILE A 168 -35.08 1.77 12.55
CA ILE A 168 -35.83 2.24 13.70
C ILE A 168 -36.73 1.16 14.23
N PRO A 169 -37.49 0.50 13.34
CA PRO A 169 -38.38 -0.58 13.78
C PRO A 169 -37.70 -1.61 14.70
N ARG A 170 -36.39 -1.82 14.56
CA ARG A 170 -35.70 -2.86 15.33
C ARG A 170 -35.16 -2.33 16.63
N MSE A 171 -34.80 -1.04 16.61
CA MSE A 171 -34.21 -0.37 17.76
C MSE A 171 -35.21 -0.20 18.87
O MSE A 171 -34.88 -0.31 20.05
CB MSE A 171 -33.66 0.98 17.33
CG MSE A 171 -32.91 1.72 18.42
SE MSE A 171 -31.70 3.03 17.64
CE MSE A 171 -30.46 1.78 16.74
N PHE A 172 -36.45 0.06 18.48
CA PHE A 172 -37.54 0.35 19.41
C PHE A 172 -38.64 -0.69 19.28
N GLY A 173 -38.26 -1.91 18.89
CA GLY A 173 -39.22 -2.97 18.64
C GLY A 173 -40.52 -2.73 17.90
N LEU A 174 -40.45 -2.24 16.66
CA LEU A 174 -41.66 -1.83 15.97
C LEU A 174 -42.12 -2.85 14.93
N ASP A 175 -41.43 -3.98 14.88
CA ASP A 175 -41.77 -5.09 13.99
C ASP A 175 -43.09 -5.81 14.36
N LYS A 176 -43.91 -6.05 13.33
CA LYS A 176 -45.22 -6.68 13.47
C LYS A 176 -45.33 -7.77 12.41
N PRO A 177 -45.60 -9.02 12.81
CA PRO A 177 -45.65 -10.02 11.73
C PRO A 177 -46.66 -9.63 10.64
N SER A 178 -46.40 -10.12 9.43
CA SER A 178 -47.04 -9.60 8.24
C SER A 178 -48.47 -10.11 8.02
N GLY A 179 -48.70 -11.38 8.31
CA GLY A 179 -49.98 -11.98 7.98
C GLY A 179 -49.84 -12.92 6.81
N PHE A 180 -49.00 -12.54 5.83
CA PHE A 180 -48.66 -13.46 4.75
C PHE A 180 -47.82 -14.57 5.34
N GLU A 181 -48.01 -15.79 4.84
CA GLU A 181 -47.22 -16.91 5.32
C GLU A 181 -45.81 -16.89 4.70
N SER A 182 -44.86 -17.54 5.34
CA SER A 182 -43.48 -17.52 4.88
C SER A 182 -43.32 -18.10 3.46
N ARG A 183 -42.45 -17.48 2.68
CA ARG A 183 -42.13 -17.94 1.34
C ARG A 183 -40.61 -17.89 1.16
N ARG A 184 -40.10 -18.65 0.20
CA ARG A 184 -38.66 -18.68 -0.05
C ARG A 184 -38.40 -18.21 -1.48
N THR A 185 -37.22 -17.65 -1.69
CA THR A 185 -36.83 -17.28 -3.05
C THR A 185 -35.39 -17.65 -3.39
N LEU A 186 -35.17 -17.94 -4.65
CA LEU A 186 -33.87 -18.28 -5.19
C LEU A 186 -33.77 -17.55 -6.51
N PHE A 187 -32.65 -16.86 -6.75
CA PHE A 187 -32.52 -16.00 -7.91
C PHE A 187 -31.06 -15.69 -8.24
N THR A 188 -30.84 -15.18 -9.44
CA THR A 188 -29.53 -14.78 -9.87
C THR A 188 -29.73 -13.98 -11.14
N HIS A 189 -28.64 -13.44 -11.67
CA HIS A 189 -28.65 -12.89 -13.00
C HIS A 189 -28.06 -13.92 -13.96
N ILE A 190 -28.58 -13.94 -15.16
CA ILE A 190 -28.18 -14.89 -16.18
C ILE A 190 -27.73 -14.11 -17.41
N LYS A 191 -26.60 -14.48 -18.01
CA LYS A 191 -26.22 -13.89 -19.29
C LYS A 191 -27.16 -14.43 -20.33
N ASP A 192 -28.06 -13.57 -20.80
CA ASP A 192 -29.22 -13.98 -21.58
C ASP A 192 -28.91 -14.17 -23.06
N VAL A 193 -27.98 -15.08 -23.37
CA VAL A 193 -27.51 -15.22 -24.74
C VAL A 193 -28.63 -15.59 -25.71
N LYS A 194 -29.66 -16.25 -25.18
CA LYS A 194 -30.72 -16.81 -25.99
C LYS A 194 -32.01 -16.01 -25.84
N ARG A 195 -31.87 -14.75 -25.43
CA ARG A 195 -33.00 -13.85 -25.31
C ARG A 195 -33.72 -13.69 -26.65
N PRO A 196 -35.06 -13.78 -26.63
CA PRO A 196 -35.91 -13.52 -27.79
C PRO A 196 -35.53 -12.20 -28.48
N VAL A 197 -35.95 -12.02 -29.73
CA VAL A 197 -35.53 -10.85 -30.49
C VAL A 197 -36.30 -9.58 -30.14
N GLU A 202 -42.45 -8.24 -26.06
CA GLU A 202 -41.24 -9.05 -25.86
C GLU A 202 -39.97 -8.22 -25.59
N GLY A 203 -39.39 -8.42 -24.40
CA GLY A 203 -38.22 -7.65 -23.98
C GLY A 203 -38.61 -6.37 -23.24
N ASN A 204 -39.77 -5.84 -23.58
CA ASN A 204 -40.29 -4.68 -22.89
C ASN A 204 -41.30 -5.11 -21.83
N ARG A 205 -41.11 -6.33 -21.30
CA ARG A 205 -42.00 -6.85 -20.26
C ARG A 205 -41.19 -7.37 -19.09
N ILE A 206 -41.78 -7.36 -17.90
CA ILE A 206 -41.39 -8.32 -16.87
C ILE A 206 -42.32 -9.51 -17.13
N THR A 207 -41.80 -10.72 -17.00
CA THR A 207 -42.64 -11.89 -17.14
C THR A 207 -42.71 -12.63 -15.82
N ALA A 208 -43.93 -12.94 -15.38
CA ALA A 208 -44.14 -13.81 -14.24
C ALA A 208 -44.74 -15.17 -14.68
N VAL A 209 -44.07 -16.25 -14.25
CA VAL A 209 -44.40 -17.58 -14.72
C VAL A 209 -45.04 -18.42 -13.62
N VAL A 210 -46.23 -18.92 -13.91
CA VAL A 210 -46.95 -19.78 -12.99
C VAL A 210 -46.30 -21.15 -13.10
N HIS A 211 -45.42 -21.45 -12.15
CA HIS A 211 -44.66 -22.67 -12.21
C HIS A 211 -45.39 -23.87 -11.60
N LYS A 212 -45.82 -23.72 -10.35
CA LYS A 212 -46.63 -24.73 -9.68
C LYS A 212 -47.76 -23.98 -9.00
N PRO A 213 -48.70 -24.71 -8.37
CA PRO A 213 -49.78 -24.04 -7.65
C PRO A 213 -49.30 -22.84 -6.84
N LYS A 214 -48.36 -23.08 -5.93
CA LYS A 214 -47.87 -22.02 -5.06
C LYS A 214 -46.39 -21.68 -5.26
N VAL A 215 -45.93 -21.75 -6.51
CA VAL A 215 -44.59 -21.31 -6.84
C VAL A 215 -44.67 -20.52 -8.14
N TRP A 216 -43.96 -19.40 -8.20
CA TRP A 216 -43.91 -18.65 -9.46
C TRP A 216 -42.51 -18.12 -9.74
N ILE A 217 -42.29 -17.70 -10.99
CA ILE A 217 -40.97 -17.18 -11.32
C ILE A 217 -41.01 -15.87 -12.10
N TRP A 218 -39.99 -15.04 -11.81
CA TRP A 218 -39.80 -13.75 -12.45
C TRP A 218 -38.62 -13.75 -13.45
N VAL A 219 -38.85 -13.19 -14.63
CA VAL A 219 -37.83 -13.03 -15.65
C VAL A 219 -37.79 -11.55 -16.07
N ILE A 220 -36.72 -10.87 -15.66
CA ILE A 220 -36.57 -9.42 -15.80
C ILE A 220 -35.36 -9.09 -16.67
N PRO A 221 -35.63 -8.62 -17.90
CA PRO A 221 -34.55 -8.34 -18.84
C PRO A 221 -33.89 -6.98 -18.63
N PHE A 222 -32.56 -6.97 -18.56
CA PHE A 222 -31.79 -5.75 -18.46
C PHE A 222 -31.13 -5.42 -19.81
N SER A 223 -30.63 -4.20 -19.93
CA SER A 223 -29.97 -3.72 -21.14
C SER A 223 -28.49 -4.08 -21.20
N ASN A 224 -28.00 -4.77 -20.17
CA ASN A 224 -26.59 -5.12 -20.07
C ASN A 224 -26.33 -6.57 -20.53
N GLY A 225 -27.32 -7.15 -21.18
CA GLY A 225 -27.20 -8.52 -21.64
C GLY A 225 -27.74 -9.54 -20.66
N ASN A 226 -27.92 -9.13 -19.41
CA ASN A 226 -28.28 -10.09 -18.39
C ASN A 226 -29.76 -10.07 -18.13
N THR A 227 -30.23 -11.09 -17.42
CA THR A 227 -31.63 -11.17 -17.06
C THR A 227 -31.75 -11.73 -15.67
N SER A 228 -32.36 -10.95 -14.77
CA SER A 228 -32.67 -11.44 -13.44
C SER A 228 -33.73 -12.51 -13.57
N VAL A 229 -33.49 -13.65 -12.92
CA VAL A 229 -34.50 -14.70 -12.86
C VAL A 229 -34.61 -15.17 -11.41
N GLY A 230 -35.84 -15.32 -10.93
CA GLY A 230 -36.06 -15.71 -9.55
C GLY A 230 -37.23 -16.66 -9.37
N PHE A 231 -36.98 -17.79 -8.70
CA PHE A 231 -38.09 -18.62 -8.24
C PHE A 231 -38.61 -18.07 -6.92
N VAL A 232 -39.94 -17.99 -6.79
CA VAL A 232 -40.56 -17.54 -5.55
C VAL A 232 -41.67 -18.50 -5.19
N GLY A 233 -41.72 -18.96 -3.95
CA GLY A 233 -42.86 -19.73 -3.53
C GLY A 233 -42.76 -20.52 -2.25
N GLU A 234 -43.66 -21.51 -2.16
CA GLU A 234 -43.69 -22.46 -1.07
C GLU A 234 -42.28 -23.01 -0.81
N PRO A 235 -41.77 -22.82 0.41
CA PRO A 235 -40.46 -23.36 0.79
C PRO A 235 -40.34 -24.86 0.57
N SER A 236 -41.34 -25.64 0.93
CA SER A 236 -41.23 -27.09 0.75
C SER A 236 -40.78 -27.42 -0.67
N TYR A 237 -41.24 -26.64 -1.65
CA TYR A 237 -40.82 -26.88 -3.02
C TYR A 237 -39.29 -26.87 -3.18
N PHE A 238 -38.61 -25.85 -2.64
CA PHE A 238 -37.15 -25.68 -2.77
C PHE A 238 -36.38 -26.81 -2.12
N ASP A 239 -36.96 -27.40 -1.09
CA ASP A 239 -36.36 -28.51 -0.39
C ASP A 239 -36.35 -29.78 -1.25
N GLU A 240 -37.11 -29.77 -2.34
CA GLU A 240 -37.18 -30.91 -3.22
C GLU A 240 -35.95 -31.01 -4.08
N TYR A 241 -35.18 -29.93 -4.11
CA TYR A 241 -33.93 -29.94 -4.85
C TYR A 241 -32.78 -30.05 -3.85
N THR A 242 -31.73 -30.77 -4.25
CA THR A 242 -30.59 -31.01 -3.39
C THR A 242 -29.39 -30.47 -4.12
N GLY A 243 -28.40 -29.97 -3.39
CA GLY A 243 -27.18 -29.53 -4.04
C GLY A 243 -26.82 -28.08 -3.78
N THR A 244 -25.89 -27.56 -4.57
CA THR A 244 -25.39 -26.22 -4.41
C THR A 244 -26.42 -25.20 -4.94
N PRO A 245 -26.38 -23.94 -4.44
CA PRO A 245 -27.35 -22.95 -4.91
C PRO A 245 -27.38 -22.94 -6.43
N GLU A 246 -26.22 -22.97 -7.07
CA GLU A 246 -26.23 -23.00 -8.52
C GLU A 246 -26.85 -24.28 -9.12
N GLU A 247 -26.61 -25.42 -8.53
CA GLU A 247 -27.11 -26.66 -9.04
C GLU A 247 -28.57 -26.69 -8.90
N ARG A 248 -29.06 -26.24 -7.76
CA ARG A 248 -30.44 -26.21 -7.44
C ARG A 248 -31.12 -25.24 -8.38
N MSE A 249 -30.56 -24.06 -8.52
CA MSE A 249 -31.08 -23.03 -9.38
C MSE A 249 -31.18 -23.51 -10.83
O MSE A 249 -32.20 -23.30 -11.47
CB MSE A 249 -30.23 -21.77 -9.33
CG MSE A 249 -30.80 -20.65 -10.16
SE MSE A 249 -32.36 -19.70 -9.36
CE MSE A 249 -32.90 -18.75 -11.02
N ARG A 250 -30.12 -24.15 -11.32
CA ARG A 250 -30.17 -24.69 -12.68
C ARG A 250 -31.19 -25.83 -12.79
N ALA A 251 -31.40 -26.54 -11.68
CA ALA A 251 -32.39 -27.61 -11.66
C ALA A 251 -33.82 -27.05 -11.72
N MSE A 252 -34.09 -26.00 -10.97
CA MSE A 252 -35.42 -25.40 -11.01
C MSE A 252 -35.77 -24.84 -12.41
O MSE A 252 -36.84 -25.14 -12.94
CB MSE A 252 -35.54 -24.38 -9.91
CG MSE A 252 -35.42 -25.06 -8.57
SE MSE A 252 -35.53 -23.85 -7.05
CE MSE A 252 -37.35 -23.23 -7.26
N ILE A 253 -34.88 -24.06 -12.99
CA ILE A 253 -35.04 -23.60 -14.36
C ILE A 253 -35.36 -24.77 -15.32
N ALA A 254 -34.61 -25.86 -15.21
CA ALA A 254 -34.79 -27.01 -16.11
C ALA A 254 -36.18 -27.61 -16.00
N ASN A 255 -36.83 -27.39 -14.86
CA ASN A 255 -38.16 -27.91 -14.63
C ASN A 255 -39.29 -27.00 -15.10
N GLU A 256 -38.96 -25.93 -15.81
CA GLU A 256 -39.97 -25.01 -16.30
C GLU A 256 -39.88 -24.85 -17.81
N GLY A 257 -40.90 -25.34 -18.50
CA GLY A 257 -40.91 -25.36 -19.95
C GLY A 257 -40.67 -24.00 -20.58
N HIS A 258 -41.26 -22.97 -19.96
CA HIS A 258 -41.19 -21.63 -20.54
C HIS A 258 -39.79 -21.03 -20.60
N ILE A 259 -38.85 -21.54 -19.80
CA ILE A 259 -37.52 -20.94 -19.70
C ILE A 259 -36.39 -21.96 -19.75
N ALA A 260 -36.73 -23.22 -19.57
CA ALA A 260 -35.72 -24.28 -19.53
C ALA A 260 -34.68 -24.14 -20.62
N GLU A 261 -35.12 -24.22 -21.86
CA GLU A 261 -34.20 -24.21 -22.97
C GLU A 261 -33.48 -22.87 -23.05
N ARG A 262 -34.19 -21.79 -22.77
CA ARG A 262 -33.60 -20.45 -22.86
C ARG A 262 -32.36 -20.24 -21.98
N PHE A 263 -32.37 -20.82 -20.79
CA PHE A 263 -31.34 -20.55 -19.78
C PHE A 263 -30.44 -21.76 -19.48
N LYS A 264 -30.73 -22.87 -20.16
CA LYS A 264 -29.92 -24.07 -20.06
C LYS A 264 -28.51 -23.69 -20.46
N SER A 265 -27.54 -24.00 -19.61
CA SER A 265 -26.13 -23.79 -19.96
C SER A 265 -25.61 -22.33 -19.94
N GLU A 266 -26.48 -21.34 -19.77
CA GLU A 266 -26.01 -19.94 -19.81
C GLU A 266 -25.34 -19.52 -18.51
N GLU A 267 -24.40 -18.60 -18.59
CA GLU A 267 -23.61 -18.26 -17.42
C GLU A 267 -24.39 -17.47 -16.39
N PHE A 268 -24.06 -17.68 -15.12
CA PHE A 268 -24.66 -16.92 -14.00
C PHE A 268 -23.64 -15.92 -13.50
N LEU A 269 -24.05 -14.66 -13.40
CA LEU A 269 -23.16 -13.59 -12.99
C LEU A 269 -22.71 -13.75 -11.56
N PHE A 270 -23.53 -14.42 -10.73
CA PHE A 270 -23.15 -14.68 -9.34
C PHE A 270 -23.91 -15.88 -8.76
N GLU A 271 -23.33 -16.51 -7.74
CA GLU A 271 -23.99 -17.66 -7.13
C GLU A 271 -25.37 -17.25 -6.61
N PRO A 272 -26.42 -18.04 -6.92
CA PRO A 272 -27.79 -17.74 -6.53
C PRO A 272 -28.01 -17.54 -5.04
N ARG A 273 -28.77 -16.50 -4.72
CA ARG A 273 -28.99 -16.09 -3.33
C ARG A 273 -30.42 -16.40 -2.86
N THR A 274 -30.55 -16.70 -1.58
CA THR A 274 -31.87 -17.05 -1.02
C THR A 274 -32.40 -15.93 -0.15
N ILE A 275 -33.69 -15.67 -0.28
CA ILE A 275 -34.35 -14.87 0.73
C ILE A 275 -35.67 -15.52 1.16
N GLU A 276 -35.84 -15.70 2.48
CA GLU A 276 -37.05 -16.31 3.03
C GLU A 276 -37.72 -15.47 4.16
N GLY A 277 -39.03 -15.59 4.32
CA GLY A 277 -39.72 -14.86 5.36
C GLY A 277 -39.50 -13.37 5.22
N TYR A 278 -39.69 -12.89 4.00
CA TYR A 278 -39.42 -11.51 3.65
C TYR A 278 -40.60 -10.58 3.95
N ALA A 279 -41.76 -11.19 4.24
CA ALA A 279 -42.94 -10.42 4.63
C ALA A 279 -42.81 -9.92 6.09
N ILE A 280 -43.27 -8.69 6.33
CA ILE A 280 -43.01 -8.04 7.60
C ILE A 280 -43.68 -6.67 7.63
N SER A 281 -44.12 -6.26 8.82
CA SER A 281 -44.85 -5.00 8.97
C SER A 281 -44.40 -4.25 10.22
N ALA A 282 -44.87 -3.03 10.37
CA ALA A 282 -44.47 -2.17 11.47
C ALA A 282 -45.69 -1.85 12.33
N SER A 283 -45.50 -1.72 13.64
CA SER A 283 -46.64 -1.45 14.52
C SER A 283 -47.15 -0.02 14.35
N LYS A 284 -46.25 0.89 13.99
CA LYS A 284 -46.62 2.22 13.53
C LYS A 284 -45.59 2.68 12.50
N LEU A 285 -46.00 3.61 11.64
CA LEU A 285 -45.15 4.07 10.55
C LEU A 285 -44.43 5.39 10.84
N TYR A 286 -44.59 5.91 12.05
CA TYR A 286 -44.01 7.22 12.41
C TYR A 286 -44.13 7.45 13.91
N GLY A 287 -43.40 8.43 14.38
CA GLY A 287 -43.44 8.79 15.78
C GLY A 287 -42.84 10.16 15.93
N ASP A 288 -42.82 10.65 17.15
CA ASP A 288 -42.14 11.90 17.39
C ASP A 288 -40.72 11.79 16.85
N GLY A 289 -40.40 12.69 15.92
CA GLY A 289 -39.04 12.83 15.43
C GLY A 289 -38.67 11.93 14.25
N PHE A 290 -39.64 11.18 13.73
CA PHE A 290 -39.32 10.25 12.66
C PHE A 290 -40.51 9.79 11.82
N VAL A 291 -40.23 9.45 10.57
CA VAL A 291 -41.13 8.64 9.80
C VAL A 291 -40.39 7.43 9.19
N LEU A 292 -41.08 6.30 9.10
CA LEU A 292 -40.54 5.15 8.38
C LEU A 292 -40.93 5.19 6.90
N THR A 293 -40.05 4.65 6.05
CA THR A 293 -40.31 4.61 4.62
C THR A 293 -40.01 3.21 4.04
N GLY A 294 -40.47 2.97 2.83
CA GLY A 294 -40.16 1.77 2.09
C GLY A 294 -40.18 0.50 2.91
N ASN A 295 -39.11 -0.27 2.79
CA ASN A 295 -39.06 -1.54 3.52
C ASN A 295 -38.83 -1.43 5.02
N ALA A 296 -38.60 -0.20 5.50
CA ALA A 296 -38.58 0.00 6.93
C ALA A 296 -40.01 0.22 7.44
N THR A 297 -40.96 0.17 6.51
CA THR A 297 -42.38 0.07 6.80
C THR A 297 -42.92 -1.36 6.75
N GLU A 298 -43.52 -1.73 5.62
CA GLU A 298 -44.10 -3.04 5.44
C GLU A 298 -43.78 -3.57 4.05
N PHE A 299 -43.24 -4.77 3.96
CA PHE A 299 -43.13 -5.45 2.66
C PHE A 299 -44.18 -6.56 2.48
N LEU A 300 -44.88 -6.56 1.34
CA LEU A 300 -45.91 -7.56 1.07
C LEU A 300 -45.31 -8.80 0.44
N ASP A 301 -45.04 -8.74 -0.87
CA ASP A 301 -44.55 -9.85 -1.69
C ASP A 301 -44.02 -9.28 -2.99
N PRO A 302 -43.06 -9.98 -3.61
CA PRO A 302 -42.49 -9.53 -4.88
C PRO A 302 -43.35 -9.69 -6.13
N ILE A 303 -44.37 -10.54 -6.12
CA ILE A 303 -45.12 -10.77 -7.37
C ILE A 303 -45.29 -9.59 -8.31
N PHE A 304 -45.95 -8.55 -7.83
CA PHE A 304 -46.24 -7.44 -8.74
C PHE A 304 -45.25 -6.28 -8.65
N SER A 305 -44.02 -6.60 -8.23
CA SER A 305 -42.89 -5.67 -8.37
C SER A 305 -43.18 -4.27 -7.91
N SER A 306 -43.54 -4.08 -6.65
CA SER A 306 -44.01 -2.77 -6.24
C SER A 306 -43.12 -2.15 -5.20
N GLY A 307 -42.25 -2.98 -4.61
CA GLY A 307 -41.47 -2.57 -3.45
C GLY A 307 -40.77 -1.24 -3.60
N ALA A 308 -40.05 -1.05 -4.71
CA ALA A 308 -39.23 0.13 -4.91
C ALA A 308 -40.11 1.32 -5.25
N THR A 309 -41.29 1.03 -5.77
CA THR A 309 -42.24 2.12 -6.06
C THR A 309 -42.88 2.58 -4.75
N PHE A 310 -43.18 1.65 -3.86
CA PHE A 310 -43.67 2.05 -2.54
C PHE A 310 -42.59 2.82 -1.75
N ALA A 311 -41.33 2.41 -1.91
CA ALA A 311 -40.21 3.08 -1.25
C ALA A 311 -40.07 4.53 -1.71
N MSE A 312 -40.25 4.78 -2.98
CA MSE A 312 -40.16 6.14 -3.51
C MSE A 312 -41.41 6.96 -3.16
O MSE A 312 -41.31 8.16 -2.91
CB MSE A 312 -39.94 6.12 -5.03
CG MSE A 312 -38.53 5.70 -5.38
SE MSE A 312 -38.14 5.50 -7.30
CE MSE A 312 -38.62 3.59 -7.43
N GLU A 313 -42.56 6.31 -3.15
CA GLU A 313 -43.82 6.95 -2.80
C GLU A 313 -43.78 7.41 -1.35
N SER A 314 -43.36 6.50 -0.48
CA SER A 314 -43.27 6.79 0.94
C SER A 314 -42.10 7.75 1.24
N GLY A 315 -41.02 7.62 0.50
CA GLY A 315 -39.91 8.56 0.61
C GLY A 315 -40.35 9.95 0.21
N SER A 316 -41.09 10.03 -0.87
CA SER A 316 -41.64 11.30 -1.29
C SER A 316 -42.59 11.89 -0.24
N LYS A 317 -43.55 11.09 0.21
CA LYS A 317 -44.56 11.60 1.14
C LYS A 317 -43.96 12.03 2.46
N GLY A 318 -43.12 11.16 3.02
CA GLY A 318 -42.41 11.46 4.25
C GLY A 318 -41.48 12.63 4.10
N GLY A 319 -41.02 12.84 2.87
CA GLY A 319 -40.12 13.94 2.58
C GLY A 319 -40.90 15.23 2.62
N LYS A 320 -42.00 15.26 1.86
CA LYS A 320 -42.82 16.44 1.78
C LYS A 320 -43.38 16.75 3.14
N LEU A 321 -43.83 15.72 3.85
CA LEU A 321 -44.33 15.94 5.20
C LEU A 321 -43.26 16.44 6.21
N ALA A 322 -42.04 15.91 6.15
CA ALA A 322 -40.99 16.32 7.07
C ALA A 322 -40.58 17.78 6.86
N VAL A 323 -40.87 18.29 5.66
CA VAL A 323 -40.64 19.69 5.34
C VAL A 323 -41.69 20.55 6.01
N GLN A 324 -42.95 20.09 5.95
CA GLN A 324 -44.05 20.76 6.63
C GLN A 324 -43.72 20.85 8.12
N PHE A 325 -43.20 19.78 8.68
CA PHE A 325 -42.79 19.78 10.08
C PHE A 325 -41.73 20.86 10.38
N LEU A 326 -40.65 20.87 9.61
CA LEU A 326 -39.58 21.81 9.79
C LEU A 326 -40.03 23.26 9.69
N LYS A 327 -41.05 23.53 8.88
CA LYS A 327 -41.56 24.88 8.69
C LYS A 327 -42.45 25.33 9.85
N GLY A 328 -42.71 24.43 10.78
CA GLY A 328 -43.60 24.74 11.87
C GLY A 328 -45.06 24.63 11.49
N GLU A 329 -45.36 23.93 10.40
CA GLU A 329 -46.75 23.67 10.05
C GLU A 329 -47.30 22.48 10.83
N GLU A 330 -48.62 22.37 10.92
CA GLU A 330 -49.26 21.22 11.56
C GLU A 330 -49.27 20.05 10.59
N VAL A 331 -48.92 18.87 11.10
CA VAL A 331 -48.84 17.69 10.24
C VAL A 331 -49.72 16.59 10.77
N ASN A 332 -50.64 16.12 9.94
CA ASN A 332 -51.46 14.98 10.31
C ASN A 332 -50.85 13.72 9.69
N TRP A 333 -49.93 13.11 10.44
CA TRP A 333 -49.21 11.94 9.97
C TRP A 333 -50.13 10.76 9.75
N GLU A 334 -51.01 10.55 10.69
CA GLU A 334 -52.07 9.58 10.52
C GLU A 334 -52.76 9.70 9.14
N LYS A 335 -53.13 10.91 8.74
CA LYS A 335 -53.89 11.10 7.49
C LYS A 335 -53.04 11.35 6.22
N ASP A 336 -52.06 12.24 6.33
CA ASP A 336 -51.24 12.64 5.17
C ASP A 336 -50.19 11.58 4.81
N PHE A 337 -49.87 10.70 5.75
CA PHE A 337 -48.88 9.67 5.49
C PHE A 337 -49.42 8.26 5.58
N VAL A 338 -49.72 7.83 6.80
CA VAL A 338 -50.18 6.47 7.06
C VAL A 338 -51.32 6.04 6.12
N GLU A 339 -52.48 6.66 6.30
CA GLU A 339 -53.65 6.36 5.48
C GLU A 339 -53.25 6.30 4.02
N HIS A 340 -52.41 7.23 3.58
CA HIS A 340 -51.96 7.22 2.21
C HIS A 340 -51.14 5.97 1.84
N MSE A 341 -50.16 5.61 2.65
CA MSE A 341 -49.35 4.44 2.32
C MSE A 341 -50.20 3.17 2.37
O MSE A 341 -50.04 2.27 1.54
CB MSE A 341 -48.11 4.31 3.20
CG MSE A 341 -47.14 5.47 3.05
SE MSE A 341 -46.67 5.88 1.20
CE MSE A 341 -46.42 4.03 0.59
N MSE A 342 -51.12 3.10 3.34
CA MSE A 342 -51.92 1.89 3.53
C MSE A 342 -52.96 1.70 2.40
O MSE A 342 -53.27 0.57 2.04
CB MSE A 342 -52.59 1.88 4.91
CG MSE A 342 -51.61 1.76 6.08
SE MSE A 342 -50.17 0.45 5.87
CE MSE A 342 -48.90 1.56 4.91
N GLN A 343 -53.48 2.80 1.86
CA GLN A 343 -54.43 2.72 0.77
C GLN A 343 -53.77 1.98 -0.36
N GLY A 344 -52.57 2.42 -0.70
CA GLY A 344 -51.77 1.75 -1.70
C GLY A 344 -51.34 0.35 -1.28
N ILE A 345 -50.83 0.22 -0.05
CA ILE A 345 -50.35 -1.08 0.42
C ILE A 345 -51.47 -2.10 0.59
N ASP A 346 -52.67 -1.63 0.91
CA ASP A 346 -53.78 -2.54 1.13
C ASP A 346 -54.34 -3.04 -0.18
N THR A 347 -54.30 -2.17 -1.21
CA THR A 347 -54.63 -2.55 -2.57
C THR A 347 -53.73 -3.68 -3.11
N PHE A 348 -52.41 -3.53 -3.05
CA PHE A 348 -51.53 -4.59 -3.56
C PHE A 348 -51.66 -5.84 -2.74
N ARG A 349 -51.87 -5.69 -1.44
CA ARG A 349 -52.18 -6.84 -0.57
C ARG A 349 -53.31 -7.72 -1.15
N SER A 350 -54.44 -7.12 -1.48
CA SER A 350 -55.58 -7.84 -2.04
C SER A 350 -55.17 -8.56 -3.32
N PHE A 351 -54.35 -7.91 -4.14
CA PHE A 351 -53.90 -8.55 -5.39
C PHE A 351 -52.88 -9.68 -5.15
N VAL A 352 -52.05 -9.52 -4.13
CA VAL A 352 -51.15 -10.59 -3.70
C VAL A 352 -51.97 -11.81 -3.28
N THR A 353 -52.88 -11.60 -2.34
CA THR A 353 -53.70 -12.69 -1.86
C THR A 353 -54.31 -13.44 -3.02
N GLY A 354 -54.88 -12.66 -3.95
CA GLY A 354 -55.50 -13.17 -5.16
C GLY A 354 -54.55 -13.84 -6.12
N TRP A 355 -53.29 -13.38 -6.12
CA TRP A 355 -52.29 -14.10 -6.87
C TRP A 355 -52.23 -15.51 -6.34
N TYR A 356 -52.17 -15.65 -5.02
CA TYR A 356 -51.93 -16.96 -4.40
C TYR A 356 -53.16 -17.85 -4.20
N ASP A 357 -54.35 -17.28 -4.22
CA ASP A 357 -55.55 -18.01 -3.85
C ASP A 357 -56.35 -18.54 -5.04
N GLY A 358 -55.87 -18.23 -6.23
CA GLY A 358 -56.50 -18.72 -7.44
C GLY A 358 -57.40 -17.73 -8.15
N THR A 359 -58.02 -16.82 -7.41
CA THR A 359 -58.97 -15.87 -8.02
C THR A 359 -58.40 -15.02 -9.19
N LEU A 360 -57.22 -14.42 -8.98
CA LEU A 360 -56.56 -13.57 -9.98
C LEU A 360 -56.22 -14.28 -11.29
N HIS A 361 -55.66 -15.48 -11.17
CA HIS A 361 -55.35 -16.32 -12.33
C HIS A 361 -56.59 -16.56 -13.21
N ALA A 362 -57.72 -16.85 -12.57
CA ALA A 362 -58.95 -17.05 -13.30
C ALA A 362 -59.28 -15.82 -14.12
N VAL A 363 -59.19 -14.64 -13.50
CA VAL A 363 -59.33 -13.38 -14.25
C VAL A 363 -58.27 -13.24 -15.35
N PHE A 364 -57.00 -13.49 -15.03
CA PHE A 364 -55.92 -13.31 -16.01
C PHE A 364 -56.12 -14.22 -17.23
N PHE A 365 -56.46 -15.48 -16.96
CA PHE A 365 -56.44 -16.50 -17.99
C PHE A 365 -57.83 -16.90 -18.48
N ALA A 366 -58.78 -16.02 -18.20
CA ALA A 366 -60.13 -16.12 -18.72
C ALA A 366 -60.14 -15.95 -20.24
N LYS A 367 -60.86 -16.83 -20.92
CA LYS A 367 -60.99 -16.76 -22.37
C LYS A 367 -61.86 -15.56 -22.71
N ASN A 368 -61.41 -14.73 -23.64
CA ASN A 368 -62.10 -13.47 -23.96
C ASN A 368 -62.20 -12.54 -22.75
N PRO A 369 -61.07 -12.24 -22.12
CA PRO A 369 -61.15 -11.37 -20.95
C PRO A 369 -61.74 -10.04 -21.35
N ASP A 370 -62.60 -9.48 -20.48
CA ASP A 370 -63.12 -8.14 -20.67
C ASP A 370 -61.97 -7.14 -20.79
N PRO A 371 -62.00 -6.31 -21.83
CA PRO A 371 -60.87 -5.40 -22.04
C PRO A 371 -60.92 -4.18 -21.10
N ASP A 372 -62.06 -3.93 -20.47
CA ASP A 372 -62.17 -2.84 -19.50
C ASP A 372 -61.61 -3.27 -18.16
N HIS A 373 -61.95 -4.48 -17.76
CA HIS A 373 -61.41 -5.08 -16.55
C HIS A 373 -59.89 -5.13 -16.67
N LYS A 374 -59.42 -5.54 -17.84
CA LYS A 374 -58.00 -5.64 -18.15
C LYS A 374 -57.32 -4.32 -17.90
N ARG A 375 -57.90 -3.25 -18.46
CA ARG A 375 -57.38 -1.89 -18.26
C ARG A 375 -57.35 -1.48 -16.79
N MSE A 376 -58.41 -1.77 -16.06
CA MSE A 376 -58.45 -1.38 -14.67
C MSE A 376 -57.40 -2.14 -13.87
O MSE A 376 -56.75 -1.60 -12.98
CB MSE A 376 -59.85 -1.66 -14.12
CG MSE A 376 -60.93 -0.89 -14.83
SE MSE A 376 -62.69 -1.57 -14.39
CE MSE A 376 -63.78 -0.31 -15.45
N ILE A 377 -57.27 -3.43 -14.19
CA ILE A 377 -56.29 -4.28 -13.58
C ILE A 377 -54.90 -3.74 -13.94
N CYS A 378 -54.77 -3.30 -15.18
CA CYS A 378 -53.52 -2.82 -15.70
C CYS A 378 -52.98 -1.58 -14.98
N SER A 379 -53.89 -0.75 -14.47
CA SER A 379 -53.48 0.46 -13.78
C SER A 379 -53.10 0.11 -12.34
N VAL A 380 -53.70 -0.95 -11.82
CA VAL A 380 -53.21 -1.47 -10.55
C VAL A 380 -51.76 -1.95 -10.71
N LEU A 381 -51.48 -2.67 -11.80
CA LEU A 381 -50.10 -3.17 -12.01
C LEU A 381 -49.11 -2.04 -12.26
N ALA A 382 -49.62 -0.90 -12.72
CA ALA A 382 -48.74 0.20 -13.06
C ALA A 382 -48.53 1.10 -11.81
N GLY A 383 -49.18 0.76 -10.69
CA GLY A 383 -48.96 1.49 -9.47
C GLY A 383 -49.96 2.60 -9.20
N TYR A 384 -50.97 2.72 -10.03
CA TYR A 384 -51.99 3.74 -9.79
C TYR A 384 -53.06 3.29 -8.83
N VAL A 385 -52.62 2.77 -7.67
CA VAL A 385 -53.51 2.19 -6.67
C VAL A 385 -54.08 3.21 -5.71
N TRP A 386 -54.00 4.49 -6.07
CA TRP A 386 -54.65 5.58 -5.35
C TRP A 386 -55.86 6.10 -6.13
N ASP A 387 -55.98 5.68 -7.39
CA ASP A 387 -57.11 6.09 -8.20
C ASP A 387 -58.38 5.42 -7.70
N LYS A 388 -59.11 6.10 -6.82
CA LYS A 388 -60.35 5.55 -6.27
C LYS A 388 -61.47 5.33 -7.31
N ASN A 389 -61.38 5.97 -8.46
CA ASN A 389 -62.39 5.79 -9.49
C ASN A 389 -62.25 4.44 -10.19
N ASN A 390 -61.10 3.81 -10.01
CA ASN A 390 -60.80 2.51 -10.59
C ASN A 390 -61.45 1.43 -9.75
N PRO A 391 -62.53 0.83 -10.26
CA PRO A 391 -63.26 -0.13 -9.45
C PRO A 391 -62.34 -1.16 -8.79
N PHE A 392 -61.30 -1.60 -9.48
CA PHE A 392 -60.40 -2.60 -8.91
C PHE A 392 -59.56 -2.08 -7.75
N VAL A 393 -59.46 -0.76 -7.63
CA VAL A 393 -58.86 -0.12 -6.46
C VAL A 393 -59.97 0.08 -5.44
N LYS A 394 -61.10 0.62 -5.88
CA LYS A 394 -62.24 0.85 -5.00
C LYS A 394 -62.64 -0.40 -4.22
N LYS A 395 -62.79 -1.52 -4.95
CA LYS A 395 -63.31 -2.77 -4.39
C LYS A 395 -62.28 -3.87 -4.26
N HIS A 396 -61.03 -3.52 -3.92
CA HIS A 396 -59.91 -4.47 -4.00
C HIS A 396 -60.01 -5.75 -3.15
N ASN A 397 -60.51 -5.64 -1.93
CA ASN A 397 -60.66 -6.84 -1.08
C ASN A 397 -61.86 -7.73 -1.44
N THR A 398 -62.53 -7.40 -2.54
CA THR A 398 -63.75 -8.09 -2.90
C THR A 398 -63.73 -8.57 -4.33
N ILE A 399 -63.36 -7.68 -5.24
CA ILE A 399 -63.56 -7.85 -6.67
C ILE A 399 -62.94 -9.10 -7.33
N LEU A 400 -61.81 -9.56 -6.82
CA LEU A 400 -61.14 -10.74 -7.38
C LEU A 400 -61.92 -12.00 -7.12
N LYS A 401 -62.20 -12.25 -5.84
CA LYS A 401 -63.02 -13.38 -5.48
C LYS A 401 -64.34 -13.26 -6.23
N THR A 402 -64.90 -12.05 -6.28
CA THR A 402 -66.20 -11.84 -6.92
C THR A 402 -66.13 -12.05 -8.43
N LEU A 403 -65.17 -11.40 -9.08
CA LEU A 403 -64.97 -11.59 -10.51
C LEU A 403 -64.77 -13.07 -10.89
N ALA A 404 -63.99 -13.80 -10.10
CA ALA A 404 -63.66 -15.19 -10.45
C ALA A 404 -64.88 -16.08 -10.37
N LYS A 405 -65.70 -15.87 -9.37
CA LYS A 405 -66.94 -16.60 -9.27
C LYS A 405 -67.73 -16.33 -10.56
N VAL A 406 -67.97 -15.05 -10.86
CA VAL A 406 -68.68 -14.66 -12.08
C VAL A 406 -68.14 -15.34 -13.34
N ILE A 407 -66.82 -15.52 -13.41
CA ILE A 407 -66.21 -16.19 -14.57
C ILE A 407 -66.66 -17.65 -14.66
N GLN A 408 -66.65 -18.34 -13.51
CA GLN A 408 -67.01 -19.74 -13.46
C GLN A 408 -68.50 -19.96 -13.72
N MSE A 409 -69.33 -19.10 -13.13
CA MSE A 409 -70.75 -19.05 -13.44
C MSE A 409 -70.96 -18.98 -14.96
O MSE A 409 -71.94 -19.48 -15.50
CB MSE A 409 -71.39 -17.81 -12.78
CG MSE A 409 -72.29 -18.04 -11.53
SE MSE A 409 -72.67 -19.90 -11.01
CE MSE A 409 -71.03 -20.25 -10.03
N GLY A 410 -70.02 -18.33 -15.64
CA GLY A 410 -70.12 -18.16 -17.07
C GLY A 410 -69.73 -19.43 -17.78
N GLU A 411 -68.73 -20.11 -17.22
CA GLU A 411 -68.24 -21.36 -17.77
C GLU A 411 -69.31 -22.47 -17.77
N GLU A 412 -70.02 -22.63 -16.64
CA GLU A 412 -71.04 -23.68 -16.50
C GLU A 412 -72.20 -23.46 -17.46
N ALA A 413 -72.57 -22.21 -17.66
CA ALA A 413 -73.68 -21.91 -18.56
C ALA A 413 -73.48 -22.58 -19.92
N LEU A 414 -72.29 -22.43 -20.49
CA LEU A 414 -72.00 -23.01 -21.80
C LEU A 414 -71.77 -24.53 -21.76
N ASP B 7 -5.09 -23.36 8.73
CA ASP B 7 -6.33 -22.95 8.08
C ASP B 7 -7.23 -24.15 7.74
N VAL B 8 -7.04 -24.74 6.56
CA VAL B 8 -7.66 -26.06 6.29
C VAL B 8 -6.59 -27.12 5.99
N LEU B 9 -6.62 -28.19 6.78
CA LEU B 9 -5.76 -29.37 6.57
C LEU B 9 -6.55 -30.51 5.91
N VAL B 10 -6.25 -30.77 4.65
CA VAL B 10 -6.78 -31.92 3.92
C VAL B 10 -5.85 -33.11 4.08
N ILE B 11 -6.40 -34.21 4.56
CA ILE B 11 -5.67 -35.46 4.64
C ILE B 11 -6.06 -36.32 3.43
N GLY B 12 -5.09 -36.62 2.58
CA GLY B 12 -5.37 -37.35 1.37
C GLY B 12 -5.21 -36.50 0.13
N ALA B 13 -4.41 -37.01 -0.81
CA ALA B 13 -4.26 -36.37 -2.12
C ALA B 13 -4.98 -37.17 -3.20
N GLY B 14 -6.10 -37.75 -2.84
CA GLY B 14 -6.95 -38.41 -3.82
C GLY B 14 -7.92 -37.41 -4.43
N PRO B 15 -8.81 -37.91 -5.29
CA PRO B 15 -9.83 -37.08 -5.92
C PRO B 15 -10.62 -36.29 -4.88
N ALA B 16 -10.93 -36.85 -3.71
CA ALA B 16 -11.67 -36.06 -2.72
C ALA B 16 -10.78 -34.94 -2.14
N GLY B 17 -9.58 -35.31 -1.71
CA GLY B 17 -8.61 -34.35 -1.24
C GLY B 17 -8.30 -33.26 -2.26
N THR B 18 -8.12 -33.63 -3.52
CA THR B 18 -7.64 -32.64 -4.47
C THR B 18 -8.75 -31.72 -4.91
N VAL B 19 -9.93 -32.28 -5.09
CA VAL B 19 -11.03 -31.43 -5.49
C VAL B 19 -11.37 -30.45 -4.35
N ALA B 20 -11.35 -30.98 -3.12
CA ALA B 20 -11.71 -30.23 -1.91
C ALA B 20 -10.73 -29.11 -1.61
N ALA B 21 -9.45 -29.39 -1.79
CA ALA B 21 -8.42 -28.40 -1.59
C ALA B 21 -8.48 -27.29 -2.67
N SER B 22 -8.78 -27.65 -3.92
CA SER B 22 -8.84 -26.63 -4.98
C SER B 22 -9.82 -25.52 -4.67
N LEU B 23 -10.96 -25.88 -4.09
CA LEU B 23 -12.05 -24.94 -3.82
C LEU B 23 -11.76 -24.10 -2.61
N VAL B 24 -11.08 -24.69 -1.64
CA VAL B 24 -10.69 -24.00 -0.42
C VAL B 24 -9.69 -22.92 -0.75
N ASN B 25 -8.63 -23.31 -1.47
CA ASN B 25 -7.62 -22.38 -1.96
C ASN B 25 -8.20 -21.24 -2.78
N LYS B 26 -9.17 -21.58 -3.63
CA LYS B 26 -9.83 -20.62 -4.49
C LYS B 26 -10.53 -19.52 -3.70
N SER B 27 -10.87 -19.81 -2.45
CA SER B 27 -11.40 -18.78 -1.55
C SER B 27 -10.29 -17.99 -0.83
N GLY B 28 -9.06 -18.11 -1.34
CA GLY B 28 -7.93 -17.36 -0.85
C GLY B 28 -7.41 -17.80 0.52
N PHE B 29 -7.98 -18.90 1.02
CA PHE B 29 -7.54 -19.39 2.32
C PHE B 29 -6.24 -20.14 2.20
N LYS B 30 -5.71 -20.54 3.34
CA LYS B 30 -4.45 -21.27 3.37
C LYS B 30 -4.81 -22.74 3.60
N VAL B 31 -4.59 -23.56 2.59
CA VAL B 31 -5.04 -24.94 2.65
C VAL B 31 -3.87 -25.84 2.37
N LYS B 32 -3.80 -26.93 3.11
CA LYS B 32 -2.71 -27.89 2.95
C LYS B 32 -3.18 -29.37 2.86
N ILE B 33 -2.68 -30.07 1.85
CA ILE B 33 -2.84 -31.51 1.79
C ILE B 33 -1.55 -32.22 2.23
N VAL B 34 -1.66 -33.06 3.25
CA VAL B 34 -0.63 -34.03 3.58
C VAL B 34 -0.99 -35.41 2.97
N GLU B 35 -0.22 -35.87 2.00
CA GLU B 35 -0.45 -37.21 1.45
C GLU B 35 0.63 -38.23 1.91
N LYS B 36 0.15 -39.35 2.44
CA LYS B 36 1.02 -40.39 3.01
C LYS B 36 1.82 -41.16 1.98
N GLN B 37 1.47 -41.05 0.70
CA GLN B 37 2.23 -41.81 -0.27
C GLN B 37 3.06 -40.95 -1.21
N LYS B 38 4.00 -41.60 -1.88
CA LYS B 38 4.72 -40.96 -2.96
C LYS B 38 3.86 -41.06 -4.24
N PHE B 39 3.77 -39.99 -5.02
CA PHE B 39 3.01 -40.04 -6.28
C PHE B 39 3.95 -40.15 -7.46
N PRO B 40 3.53 -40.88 -8.51
CA PRO B 40 2.27 -41.60 -8.66
C PRO B 40 2.13 -42.78 -7.69
N ARG B 41 0.91 -43.28 -7.51
CA ARG B 41 0.57 -44.12 -6.38
C ARG B 41 -0.62 -44.97 -6.80
N PHE B 42 -0.53 -46.31 -6.69
CA PHE B 42 -1.64 -47.13 -7.20
C PHE B 42 -2.84 -47.18 -6.31
N VAL B 43 -4.01 -46.93 -6.89
CA VAL B 43 -5.23 -47.14 -6.15
C VAL B 43 -6.23 -47.75 -7.12
N ILE B 44 -7.09 -48.62 -6.60
CA ILE B 44 -8.17 -49.18 -7.41
C ILE B 44 -9.24 -48.08 -7.60
N GLY B 45 -9.97 -48.18 -8.71
CA GLY B 45 -11.11 -47.31 -8.92
C GLY B 45 -10.98 -46.47 -10.16
N GLU B 46 -11.18 -47.11 -11.32
CA GLU B 46 -10.59 -46.60 -12.55
C GLU B 46 -11.61 -46.09 -13.57
N SER B 47 -12.86 -46.49 -13.40
CA SER B 47 -13.90 -46.08 -14.36
C SER B 47 -14.70 -44.93 -13.78
N LEU B 48 -14.60 -43.76 -14.42
CA LEU B 48 -15.24 -42.55 -13.88
C LEU B 48 -16.64 -42.39 -14.46
N LEU B 49 -17.41 -41.47 -13.88
CA LEU B 49 -18.76 -41.18 -14.33
C LEU B 49 -18.85 -39.76 -14.88
N PRO B 50 -19.67 -39.53 -15.92
CA PRO B 50 -19.85 -38.17 -16.44
C PRO B 50 -20.11 -37.09 -15.38
N ARG B 51 -20.86 -37.42 -14.33
CA ARG B 51 -21.11 -36.49 -13.26
C ARG B 51 -19.82 -35.81 -12.71
N CYS B 52 -18.76 -36.58 -12.55
CA CYS B 52 -17.51 -36.06 -12.02
C CYS B 52 -16.90 -35.00 -12.94
N MSE B 53 -17.38 -34.87 -14.16
CA MSE B 53 -16.78 -33.89 -15.03
C MSE B 53 -17.15 -32.48 -14.57
O MSE B 53 -16.46 -31.50 -14.87
CB MSE B 53 -17.23 -34.12 -16.46
CG MSE B 53 -16.90 -35.52 -16.94
SE MSE B 53 -15.02 -35.73 -17.29
CE MSE B 53 -15.03 -34.99 -19.11
N GLU B 54 -18.25 -32.39 -13.83
CA GLU B 54 -18.73 -31.11 -13.36
C GLU B 54 -17.73 -30.58 -12.32
N HIS B 55 -17.24 -31.47 -11.47
CA HIS B 55 -16.36 -31.08 -10.39
C HIS B 55 -14.94 -30.87 -10.89
N LEU B 56 -14.57 -31.64 -11.90
CA LEU B 56 -13.25 -31.52 -12.49
C LEU B 56 -13.24 -30.18 -13.22
N ASP B 57 -14.37 -29.82 -13.80
CA ASP B 57 -14.50 -28.57 -14.52
C ASP B 57 -14.40 -27.41 -13.54
N GLU B 58 -15.17 -27.49 -12.47
CA GLU B 58 -15.18 -26.44 -11.48
C GLU B 58 -13.83 -26.24 -10.82
N ALA B 59 -13.13 -27.33 -10.56
CA ALA B 59 -11.89 -27.30 -9.82
C ALA B 59 -10.77 -26.79 -10.71
N GLY B 60 -11.09 -26.56 -11.98
CA GLY B 60 -10.09 -26.30 -13.00
C GLY B 60 -9.06 -27.41 -13.25
N PHE B 61 -9.41 -28.67 -13.09
CA PHE B 61 -8.46 -29.75 -13.17
C PHE B 61 -8.55 -30.42 -14.51
N LEU B 62 -9.47 -30.00 -15.33
CA LEU B 62 -9.88 -30.73 -16.51
C LEU B 62 -9.13 -30.43 -17.80
N ASP B 63 -8.52 -29.29 -17.91
CA ASP B 63 -7.65 -29.10 -19.04
C ASP B 63 -6.43 -29.91 -18.75
N ALA B 64 -6.03 -30.04 -17.49
CA ALA B 64 -4.88 -30.90 -17.15
C ALA B 64 -5.17 -32.38 -17.39
N VAL B 65 -6.40 -32.80 -17.15
CA VAL B 65 -6.79 -34.17 -17.39
C VAL B 65 -6.81 -34.49 -18.90
N LYS B 66 -7.37 -33.59 -19.71
CA LYS B 66 -7.42 -33.81 -21.15
C LYS B 66 -6.02 -34.00 -21.73
N ALA B 67 -5.06 -33.22 -21.24
CA ALA B 67 -3.68 -33.31 -21.71
C ALA B 67 -3.10 -34.73 -21.56
N GLN B 68 -3.58 -35.47 -20.57
CA GLN B 68 -3.07 -36.81 -20.31
C GLN B 68 -3.54 -37.84 -21.35
N GLY B 69 -4.58 -37.52 -22.10
CA GLY B 69 -5.05 -38.40 -23.14
C GLY B 69 -5.64 -39.72 -22.69
N PHE B 70 -6.20 -39.78 -21.48
CA PHE B 70 -6.82 -41.01 -20.99
C PHE B 70 -7.85 -41.53 -21.98
N GLN B 71 -8.13 -42.83 -21.90
CA GLN B 71 -9.16 -43.48 -22.74
C GLN B 71 -10.55 -42.90 -22.45
N GLN B 72 -11.23 -42.40 -23.48
CA GLN B 72 -12.54 -41.81 -23.26
C GLN B 72 -13.60 -42.86 -22.93
N LYS B 73 -14.63 -42.45 -22.20
CA LYS B 73 -15.73 -43.34 -21.85
C LYS B 73 -17.05 -42.69 -22.24
N PHE B 74 -17.78 -43.35 -23.13
CA PHE B 74 -19.04 -42.80 -23.64
C PHE B 74 -20.26 -43.58 -23.15
N GLY B 75 -20.04 -44.64 -22.40
CA GLY B 75 -21.16 -45.43 -21.93
C GLY B 75 -20.78 -46.62 -21.08
N ALA B 76 -21.79 -47.30 -20.57
CA ALA B 76 -21.59 -48.52 -19.80
C ALA B 76 -22.28 -49.71 -20.48
N LYS B 77 -21.66 -50.88 -20.43
CA LYS B 77 -22.14 -52.00 -21.21
C LYS B 77 -22.20 -53.30 -20.42
N PHE B 78 -23.39 -53.86 -20.32
CA PHE B 78 -23.58 -55.06 -19.54
C PHE B 78 -23.77 -56.30 -20.40
N VAL B 79 -23.15 -57.38 -19.96
CA VAL B 79 -23.07 -58.57 -20.77
C VAL B 79 -23.48 -59.79 -19.96
N ARG B 80 -24.42 -60.57 -20.51
CA ARG B 80 -24.79 -61.87 -19.93
C ARG B 80 -24.85 -62.96 -21.02
N GLY B 81 -23.74 -63.67 -21.18
CA GLY B 81 -23.61 -64.59 -22.31
C GLY B 81 -23.58 -63.79 -23.60
N LYS B 82 -24.66 -63.84 -24.36
CA LYS B 82 -24.73 -63.11 -25.62
C LYS B 82 -25.73 -61.96 -25.54
N GLU B 83 -26.49 -61.91 -24.46
CA GLU B 83 -27.41 -60.80 -24.23
C GLU B 83 -26.63 -59.52 -23.93
N ILE B 84 -27.03 -58.42 -24.55
CA ILE B 84 -26.31 -57.19 -24.37
C ILE B 84 -27.22 -56.03 -24.00
N ALA B 85 -26.83 -55.28 -22.99
CA ALA B 85 -27.54 -54.06 -22.60
C ALA B 85 -26.57 -52.89 -22.63
N ASP B 86 -26.53 -52.19 -23.76
CA ASP B 86 -25.65 -51.04 -23.92
C ASP B 86 -26.33 -49.75 -23.46
N PHE B 87 -25.67 -49.01 -22.59
CA PHE B 87 -26.17 -47.71 -22.16
C PHE B 87 -25.26 -46.64 -22.73
N ASN B 88 -25.80 -45.79 -23.58
CA ASN B 88 -25.03 -44.72 -24.14
C ASN B 88 -25.28 -43.44 -23.34
N PHE B 89 -24.23 -42.90 -22.72
CA PHE B 89 -24.36 -41.68 -21.92
C PHE B 89 -24.95 -40.51 -22.70
N SER B 90 -24.95 -40.61 -24.03
CA SER B 90 -25.48 -39.55 -24.89
C SER B 90 -27.00 -39.58 -24.98
N ASP B 91 -27.58 -40.67 -24.50
CA ASP B 91 -29.02 -40.81 -24.55
C ASP B 91 -29.57 -41.01 -23.15
N GLN B 92 -29.81 -39.92 -22.43
CA GLN B 92 -30.27 -40.03 -21.06
C GLN B 92 -31.40 -39.08 -20.76
N PHE B 93 -31.92 -39.19 -19.55
CA PHE B 93 -33.05 -38.41 -19.12
C PHE B 93 -32.61 -37.01 -18.68
N SER B 94 -31.59 -36.97 -17.82
CA SER B 94 -31.19 -35.73 -17.18
C SER B 94 -30.22 -34.88 -17.99
N ASN B 95 -30.13 -33.59 -17.63
CA ASN B 95 -29.14 -32.71 -18.22
C ASN B 95 -27.77 -33.10 -17.66
N GLY B 96 -26.71 -32.83 -18.39
CA GLY B 96 -25.40 -33.16 -17.90
C GLY B 96 -24.49 -33.88 -18.88
N TRP B 97 -23.27 -34.12 -18.43
CA TRP B 97 -22.18 -34.61 -19.27
C TRP B 97 -22.51 -35.98 -19.87
N ASN B 98 -21.93 -36.25 -21.03
CA ASN B 98 -22.22 -37.48 -21.72
C ASN B 98 -20.97 -38.29 -22.00
N TRP B 99 -19.85 -37.91 -21.38
CA TRP B 99 -18.60 -38.61 -21.61
C TRP B 99 -17.54 -38.31 -20.58
N THR B 100 -16.64 -39.25 -20.38
CA THR B 100 -15.62 -39.11 -19.35
C THR B 100 -14.50 -40.11 -19.68
N TRP B 101 -13.70 -40.46 -18.68
CA TRP B 101 -12.49 -41.17 -18.93
C TRP B 101 -12.42 -42.45 -18.14
N GLN B 102 -11.62 -43.38 -18.66
CA GLN B 102 -11.10 -44.51 -17.93
C GLN B 102 -9.70 -44.05 -17.56
N VAL B 103 -9.26 -44.28 -16.34
CA VAL B 103 -7.99 -43.70 -15.90
C VAL B 103 -7.24 -44.60 -14.94
N PRO B 104 -5.96 -44.87 -15.22
CA PRO B 104 -5.17 -45.46 -14.13
C PRO B 104 -5.01 -44.38 -13.06
N ARG B 105 -5.40 -44.71 -11.85
CA ARG B 105 -5.46 -43.73 -10.74
C ARG B 105 -4.12 -43.10 -10.29
N GLY B 106 -3.02 -43.83 -10.43
CA GLY B 106 -1.72 -43.28 -10.10
C GLY B 106 -1.51 -42.00 -10.88
N ASN B 107 -1.65 -42.09 -12.20
CA ASN B 107 -1.41 -40.96 -13.08
C ASN B 107 -2.52 -39.92 -12.98
N PHE B 108 -3.77 -40.42 -12.86
CA PHE B 108 -4.95 -39.57 -12.65
C PHE B 108 -4.82 -38.74 -11.37
N ASP B 109 -4.51 -39.39 -10.25
CA ASP B 109 -4.53 -38.67 -8.98
C ASP B 109 -3.34 -37.69 -8.91
N LYS B 110 -2.27 -38.03 -9.60
CA LYS B 110 -1.10 -37.16 -9.72
C LYS B 110 -1.46 -35.96 -10.59
N THR B 111 -2.04 -36.21 -11.74
CA THR B 111 -2.44 -35.07 -12.58
C THR B 111 -3.24 -34.03 -11.79
N LEU B 112 -4.18 -34.50 -10.98
CA LEU B 112 -4.99 -33.62 -10.15
C LEU B 112 -4.18 -32.95 -9.04
N ALA B 113 -3.37 -33.74 -8.33
CA ALA B 113 -2.64 -33.20 -7.21
C ALA B 113 -1.63 -32.16 -7.71
N ASP B 114 -0.96 -32.49 -8.81
CA ASP B 114 -0.04 -31.56 -9.44
C ASP B 114 -0.73 -30.29 -9.92
N GLU B 115 -1.97 -30.42 -10.40
CA GLU B 115 -2.75 -29.27 -10.78
C GLU B 115 -3.12 -28.42 -9.56
N ALA B 116 -3.58 -29.04 -8.48
CA ALA B 116 -3.85 -28.32 -7.23
C ALA B 116 -2.64 -27.49 -6.73
N ALA B 117 -1.45 -28.08 -6.69
CA ALA B 117 -0.24 -27.38 -6.20
C ALA B 117 0.13 -26.19 -7.08
N ARG B 118 0.29 -26.43 -8.36
CA ARG B 118 0.40 -25.38 -9.33
C ARG B 118 -0.65 -24.31 -9.04
N GLN B 119 -1.79 -24.76 -8.52
CA GLN B 119 -2.94 -23.88 -8.31
C GLN B 119 -2.78 -23.03 -7.06
N GLY B 120 -1.86 -23.43 -6.19
CA GLY B 120 -1.59 -22.69 -4.99
C GLY B 120 -1.74 -23.58 -3.78
N VAL B 121 -2.27 -24.77 -3.98
CA VAL B 121 -2.34 -25.72 -2.89
C VAL B 121 -0.94 -26.10 -2.46
N ASP B 122 -0.75 -26.22 -1.17
CA ASP B 122 0.49 -26.70 -0.63
C ASP B 122 0.34 -28.21 -0.50
N VAL B 123 0.86 -28.94 -1.48
CA VAL B 123 0.82 -30.41 -1.44
C VAL B 123 2.12 -30.97 -0.91
N GLU B 124 2.03 -31.78 0.15
CA GLU B 124 3.20 -32.42 0.76
C GLU B 124 3.07 -33.95 0.91
N TYR B 125 3.95 -34.67 0.21
CA TYR B 125 3.89 -36.12 0.07
C TYR B 125 4.75 -36.83 1.07
N GLU B 126 4.60 -38.13 1.14
CA GLU B 126 5.36 -38.96 2.07
C GLU B 126 5.29 -38.46 3.50
N VAL B 127 4.09 -38.10 3.93
CA VAL B 127 3.82 -37.68 5.29
C VAL B 127 2.45 -38.12 5.68
N GLY B 128 2.34 -39.18 6.45
CA GLY B 128 1.07 -39.66 6.92
C GLY B 128 0.56 -39.30 8.31
N VAL B 129 -0.70 -38.95 8.37
CA VAL B 129 -1.31 -38.62 9.62
C VAL B 129 -1.22 -39.71 10.65
N THR B 130 -0.97 -39.35 11.88
CA THR B 130 -0.79 -40.40 12.87
C THR B 130 -1.66 -40.18 14.11
N ASP B 131 -2.11 -38.94 14.29
CA ASP B 131 -2.98 -38.61 15.41
C ASP B 131 -3.65 -37.29 15.12
N ILE B 132 -4.86 -37.15 15.64
CA ILE B 132 -5.56 -35.88 15.59
C ILE B 132 -6.15 -35.61 16.94
N LYS B 133 -5.89 -34.40 17.46
CA LYS B 133 -6.49 -33.95 18.71
C LYS B 133 -7.39 -32.76 18.47
N PHE B 134 -8.64 -32.89 18.88
CA PHE B 134 -9.61 -31.84 18.72
C PHE B 134 -9.76 -31.00 19.99
N PHE B 135 -9.66 -29.69 19.82
CA PHE B 135 -9.98 -28.78 20.90
C PHE B 135 -11.06 -27.87 20.37
N GLY B 136 -12.31 -28.18 20.70
CA GLY B 136 -13.44 -27.56 20.05
C GLY B 136 -13.35 -27.91 18.56
N THR B 137 -13.34 -26.88 17.71
CA THR B 137 -13.26 -27.04 16.25
C THR B 137 -11.83 -26.82 15.69
N ASP B 138 -10.91 -26.50 16.59
CA ASP B 138 -9.51 -26.43 16.24
C ASP B 138 -8.85 -27.80 16.49
N SER B 139 -7.76 -28.04 15.79
CA SER B 139 -7.15 -29.34 15.83
C SER B 139 -5.65 -29.23 15.68
N VAL B 140 -4.98 -30.15 16.35
CA VAL B 140 -3.56 -30.38 16.15
C VAL B 140 -3.40 -31.80 15.58
N THR B 141 -2.84 -31.86 14.39
CA THR B 141 -2.60 -33.13 13.70
C THR B 141 -1.11 -33.45 13.69
N THR B 142 -0.77 -34.68 14.02
CA THR B 142 0.61 -35.13 13.89
C THR B 142 0.78 -35.90 12.58
N ILE B 143 1.89 -35.66 11.90
CA ILE B 143 2.26 -36.42 10.70
C ILE B 143 3.60 -37.15 10.92
N GLU B 144 3.94 -38.05 10.00
CA GLU B 144 5.18 -38.79 10.11
C GLU B 144 5.88 -38.87 8.76
N ASP B 145 7.13 -38.43 8.71
CA ASP B 145 7.89 -38.46 7.48
C ASP B 145 8.44 -39.87 7.20
N ILE B 146 9.13 -40.00 6.07
CA ILE B 146 9.68 -41.28 5.66
C ILE B 146 10.70 -41.80 6.65
N ASN B 147 11.18 -40.92 7.53
CA ASN B 147 12.22 -41.27 8.49
C ASN B 147 11.66 -41.58 9.88
N GLY B 148 10.46 -41.07 10.15
CA GLY B 148 9.80 -41.33 11.42
C GLY B 148 9.77 -40.13 12.35
N ASN B 149 10.08 -38.96 11.81
CA ASN B 149 10.05 -37.74 12.60
C ASN B 149 8.67 -37.06 12.60
N LYS B 150 8.02 -37.09 13.75
CA LYS B 150 6.71 -36.49 13.91
C LYS B 150 6.80 -34.98 13.94
N ARG B 151 5.79 -34.34 13.39
CA ARG B 151 5.63 -32.89 13.52
C ARG B 151 4.14 -32.53 13.45
N GLU B 152 3.79 -31.40 14.05
CA GLU B 152 2.39 -31.06 14.30
C GLU B 152 1.85 -29.96 13.38
N ILE B 153 0.55 -30.03 13.11
CA ILE B 153 -0.09 -29.05 12.23
C ILE B 153 -1.32 -28.49 12.91
N GLU B 154 -1.46 -27.18 12.88
CA GLU B 154 -2.58 -26.55 13.54
C GLU B 154 -3.57 -26.12 12.49
N ALA B 155 -4.85 -26.45 12.73
CA ALA B 155 -5.90 -26.25 11.75
C ALA B 155 -7.24 -25.73 12.30
N ARG B 156 -7.83 -24.80 11.57
CA ARG B 156 -9.19 -24.38 11.85
C ARG B 156 -10.15 -25.46 11.39
N PHE B 157 -9.85 -26.06 10.24
CA PHE B 157 -10.67 -27.17 9.75
C PHE B 157 -9.87 -28.36 9.22
N ILE B 158 -10.42 -29.57 9.44
CA ILE B 158 -9.85 -30.77 8.82
C ILE B 158 -10.80 -31.43 7.81
N ILE B 159 -10.40 -31.53 6.55
CA ILE B 159 -11.17 -32.35 5.61
C ILE B 159 -10.51 -33.72 5.57
N ASP B 160 -11.15 -34.74 6.10
CA ASP B 160 -10.58 -36.08 6.00
C ASP B 160 -10.92 -36.68 4.64
N ALA B 161 -9.93 -36.64 3.75
CA ALA B 161 -10.05 -37.23 2.43
C ALA B 161 -9.07 -38.39 2.31
N SER B 162 -8.86 -39.10 3.42
CA SER B 162 -7.86 -40.18 3.52
C SER B 162 -8.32 -41.46 2.83
N GLY B 163 -9.50 -41.41 2.19
CA GLY B 163 -9.98 -42.55 1.43
C GLY B 163 -9.95 -43.83 2.23
N TYR B 164 -9.35 -44.87 1.64
CA TYR B 164 -9.27 -46.19 2.27
C TYR B 164 -8.65 -46.15 3.66
N GLY B 165 -7.92 -45.09 3.97
CA GLY B 165 -7.27 -44.98 5.25
C GLY B 165 -8.29 -44.81 6.36
N ARG B 166 -9.42 -44.20 5.99
CA ARG B 166 -10.46 -43.88 6.96
C ARG B 166 -9.83 -43.27 8.21
N VAL B 167 -9.07 -42.21 8.02
CA VAL B 167 -8.28 -41.71 9.12
C VAL B 167 -9.11 -41.33 10.34
N ILE B 168 -10.11 -40.48 10.17
CA ILE B 168 -10.88 -40.05 11.33
C ILE B 168 -11.85 -41.13 11.81
N PRO B 169 -12.52 -41.81 10.88
CA PRO B 169 -13.40 -42.88 11.37
C PRO B 169 -12.66 -43.93 12.22
N ARG B 170 -11.36 -44.12 12.00
CA ARG B 170 -10.63 -45.17 12.69
C ARG B 170 -10.15 -44.69 14.04
N MSE B 171 -9.72 -43.44 14.03
CA MSE B 171 -9.18 -42.77 15.21
C MSE B 171 -10.23 -42.55 16.29
O MSE B 171 -9.90 -42.46 17.46
CB MSE B 171 -8.60 -41.43 14.81
CG MSE B 171 -7.82 -40.73 15.90
SE MSE B 171 -6.55 -39.50 15.08
CE MSE B 171 -5.54 -40.80 14.02
N PHE B 172 -11.49 -42.45 15.87
CA PHE B 172 -12.57 -42.04 16.77
C PHE B 172 -13.78 -42.97 16.72
N GLY B 173 -13.54 -44.20 16.28
CA GLY B 173 -14.58 -45.22 16.18
C GLY B 173 -15.87 -44.77 15.47
N LEU B 174 -15.73 -44.24 14.26
CA LEU B 174 -16.91 -43.84 13.51
C LEU B 174 -17.31 -44.90 12.47
N ASP B 175 -16.65 -46.05 12.51
CA ASP B 175 -16.97 -47.14 11.57
C ASP B 175 -18.29 -47.87 11.88
N LYS B 176 -19.11 -48.02 10.85
CA LYS B 176 -20.44 -48.58 11.01
C LYS B 176 -20.65 -49.69 9.99
N PRO B 177 -20.69 -50.95 10.44
CA PRO B 177 -20.85 -52.04 9.47
C PRO B 177 -21.86 -51.70 8.39
N SER B 178 -21.50 -52.02 7.16
CA SER B 178 -22.38 -51.86 6.01
C SER B 178 -23.40 -52.98 5.99
N GLY B 179 -24.60 -52.65 5.54
CA GLY B 179 -25.63 -53.66 5.32
C GLY B 179 -25.37 -54.57 4.14
N PHE B 180 -24.37 -54.26 3.33
CA PHE B 180 -24.01 -55.20 2.25
C PHE B 180 -23.22 -56.38 2.80
N GLU B 181 -23.55 -57.57 2.31
CA GLU B 181 -22.82 -58.75 2.75
C GLU B 181 -21.43 -58.74 2.12
N SER B 182 -20.48 -59.41 2.77
CA SER B 182 -19.10 -59.37 2.33
C SER B 182 -18.94 -59.97 0.93
N ARG B 183 -18.08 -59.35 0.16
CA ARG B 183 -17.82 -59.76 -1.21
C ARG B 183 -16.31 -59.82 -1.39
N ARG B 184 -15.87 -60.38 -2.52
CA ARG B 184 -14.45 -60.58 -2.74
C ARG B 184 -14.13 -60.16 -4.15
N THR B 185 -12.90 -59.73 -4.36
CA THR B 185 -12.44 -59.31 -5.69
C THR B 185 -10.99 -59.70 -6.02
N LEU B 186 -10.74 -59.97 -7.30
CA LEU B 186 -9.43 -60.36 -7.81
C LEU B 186 -9.23 -59.60 -9.11
N PHE B 187 -8.12 -58.85 -9.20
CA PHE B 187 -7.95 -57.97 -10.36
C PHE B 187 -6.49 -57.69 -10.70
N THR B 188 -6.27 -57.19 -11.91
CA THR B 188 -4.95 -56.81 -12.37
C THR B 188 -5.15 -56.00 -13.62
N HIS B 189 -4.05 -55.56 -14.22
CA HIS B 189 -4.10 -54.93 -15.53
C HIS B 189 -3.61 -55.96 -16.54
N ILE B 190 -4.24 -56.00 -17.69
CA ILE B 190 -3.79 -56.90 -18.75
C ILE B 190 -3.26 -56.06 -19.91
N LYS B 191 -2.19 -56.52 -20.56
CA LYS B 191 -1.76 -55.89 -21.80
C LYS B 191 -2.72 -56.35 -22.91
N ASP B 192 -3.54 -55.44 -23.40
CA ASP B 192 -4.71 -55.81 -24.19
C ASP B 192 -4.39 -56.08 -25.66
N VAL B 193 -3.39 -56.93 -25.89
CA VAL B 193 -2.88 -57.19 -27.22
C VAL B 193 -3.97 -57.49 -28.24
N LYS B 194 -4.97 -58.23 -27.80
CA LYS B 194 -6.06 -58.66 -28.68
C LYS B 194 -7.29 -57.76 -28.63
N ARG B 195 -7.14 -56.55 -28.10
CA ARG B 195 -8.28 -55.64 -27.97
C ARG B 195 -9.04 -55.58 -29.28
N PRO B 196 -10.39 -55.55 -29.21
CA PRO B 196 -11.24 -55.37 -30.40
C PRO B 196 -11.06 -54.00 -31.02
N VAL B 197 -11.64 -53.79 -32.19
CA VAL B 197 -11.34 -52.61 -33.01
C VAL B 197 -12.22 -51.41 -32.65
N GLY B 203 -14.69 -50.21 -27.25
CA GLY B 203 -13.51 -49.53 -26.71
C GLY B 203 -13.81 -48.28 -25.91
N ASN B 204 -15.04 -47.78 -26.07
CA ASN B 204 -15.49 -46.60 -25.35
C ASN B 204 -16.59 -46.96 -24.36
N ARG B 205 -16.40 -48.06 -23.65
CA ARG B 205 -17.31 -48.48 -22.60
C ARG B 205 -16.48 -49.15 -21.52
N ILE B 206 -16.99 -49.11 -20.30
CA ILE B 206 -16.57 -50.09 -19.32
C ILE B 206 -17.46 -51.30 -19.64
N THR B 207 -16.95 -52.51 -19.46
CA THR B 207 -17.86 -53.65 -19.60
C THR B 207 -18.01 -54.36 -18.26
N ALA B 208 -19.27 -54.68 -17.92
CA ALA B 208 -19.57 -55.50 -16.78
C ALA B 208 -20.23 -56.80 -17.27
N VAL B 209 -19.59 -57.92 -16.95
CA VAL B 209 -19.97 -59.22 -17.46
C VAL B 209 -20.60 -60.06 -16.37
N VAL B 210 -21.83 -60.49 -16.60
CA VAL B 210 -22.57 -61.33 -15.66
C VAL B 210 -22.02 -62.74 -15.75
N HIS B 211 -21.32 -63.15 -14.70
CA HIS B 211 -20.59 -64.40 -14.71
C HIS B 211 -21.37 -65.49 -14.00
N LYS B 212 -21.78 -65.22 -12.76
CA LYS B 212 -22.79 -66.01 -12.08
C LYS B 212 -23.87 -65.05 -11.59
N PRO B 213 -24.96 -65.57 -11.01
CA PRO B 213 -25.96 -64.70 -10.39
C PRO B 213 -25.35 -63.59 -9.53
N LYS B 214 -24.38 -63.96 -8.71
CA LYS B 214 -23.78 -63.03 -7.77
C LYS B 214 -22.26 -62.96 -7.95
N VAL B 215 -21.83 -63.07 -9.20
CA VAL B 215 -20.43 -62.89 -9.55
C VAL B 215 -20.37 -62.17 -10.87
N TRP B 216 -19.57 -61.10 -10.93
CA TRP B 216 -19.42 -60.37 -12.18
C TRP B 216 -17.98 -59.91 -12.35
N ILE B 217 -17.71 -59.36 -13.53
CA ILE B 217 -16.40 -58.89 -13.88
C ILE B 217 -16.40 -57.60 -14.69
N TRP B 218 -15.37 -56.78 -14.45
CA TRP B 218 -15.21 -55.54 -15.18
C TRP B 218 -14.07 -55.62 -16.21
N VAL B 219 -14.26 -54.97 -17.34
CA VAL B 219 -13.21 -54.83 -18.35
C VAL B 219 -13.13 -53.35 -18.67
N ILE B 220 -12.02 -52.73 -18.26
CA ILE B 220 -11.87 -51.28 -18.39
C ILE B 220 -10.66 -50.97 -19.29
N PRO B 221 -10.93 -50.52 -20.52
CA PRO B 221 -9.86 -50.28 -21.49
C PRO B 221 -9.14 -48.94 -21.26
N PHE B 222 -7.87 -49.00 -20.90
CA PHE B 222 -7.03 -47.80 -20.82
C PHE B 222 -6.47 -47.42 -22.21
N SER B 223 -5.99 -46.19 -22.34
CA SER B 223 -5.40 -45.72 -23.58
C SER B 223 -3.89 -46.01 -23.61
N ASN B 224 -3.37 -46.63 -22.56
CA ASN B 224 -1.97 -47.02 -22.52
C ASN B 224 -1.75 -48.45 -23.03
N GLY B 225 -2.78 -49.02 -23.65
CA GLY B 225 -2.70 -50.37 -24.16
C GLY B 225 -3.16 -51.41 -23.17
N ASN B 226 -3.23 -51.03 -21.91
CA ASN B 226 -3.63 -52.00 -20.90
C ASN B 226 -5.10 -51.89 -20.62
N THR B 227 -5.62 -52.93 -19.98
CA THR B 227 -7.01 -52.98 -19.62
C THR B 227 -7.10 -53.61 -18.27
N SER B 228 -7.85 -52.97 -17.38
CA SER B 228 -8.08 -53.49 -16.03
C SER B 228 -9.22 -54.48 -16.05
N VAL B 229 -9.02 -55.60 -15.38
CA VAL B 229 -10.00 -56.68 -15.33
C VAL B 229 -10.15 -57.17 -13.90
N GLY B 230 -11.39 -57.20 -13.43
CA GLY B 230 -11.64 -57.56 -12.06
C GLY B 230 -12.86 -58.45 -11.93
N PHE B 231 -12.69 -59.54 -11.17
CA PHE B 231 -13.77 -60.45 -10.82
C PHE B 231 -14.30 -59.96 -9.46
N VAL B 232 -15.61 -59.92 -9.31
CA VAL B 232 -16.23 -59.45 -8.09
C VAL B 232 -17.46 -60.27 -7.70
N GLY B 233 -17.50 -60.76 -6.48
CA GLY B 233 -18.70 -61.44 -6.03
C GLY B 233 -18.57 -62.27 -4.75
N GLU B 234 -19.44 -63.27 -4.67
CA GLU B 234 -19.44 -64.23 -3.56
C GLU B 234 -18.04 -64.79 -3.28
N PRO B 235 -17.58 -64.60 -2.05
CA PRO B 235 -16.29 -65.18 -1.63
C PRO B 235 -16.16 -66.67 -2.01
N SER B 236 -17.17 -67.46 -1.68
CA SER B 236 -17.14 -68.89 -1.95
C SER B 236 -16.78 -69.22 -3.40
N TYR B 237 -17.17 -68.37 -4.35
CA TYR B 237 -16.78 -68.63 -5.72
C TYR B 237 -15.27 -68.59 -5.91
N PHE B 238 -14.63 -67.63 -5.26
CA PHE B 238 -13.19 -67.43 -5.42
C PHE B 238 -12.42 -68.62 -4.84
N ASP B 239 -12.97 -69.21 -3.79
CA ASP B 239 -12.42 -70.43 -3.21
C ASP B 239 -12.34 -71.58 -4.21
N GLU B 240 -13.17 -71.54 -5.25
CA GLU B 240 -13.26 -72.66 -6.18
C GLU B 240 -12.04 -72.77 -7.06
N TYR B 241 -11.25 -71.71 -7.14
CA TYR B 241 -10.00 -71.80 -7.87
C TYR B 241 -8.89 -71.99 -6.87
N THR B 242 -7.79 -72.59 -7.32
CA THR B 242 -6.70 -72.91 -6.42
C THR B 242 -5.40 -72.42 -7.02
N GLY B 243 -4.39 -72.27 -6.16
CA GLY B 243 -3.05 -71.97 -6.61
C GLY B 243 -2.59 -70.57 -6.27
N THR B 244 -1.86 -69.97 -7.22
CA THR B 244 -1.27 -68.65 -7.04
C THR B 244 -2.25 -67.55 -7.50
N PRO B 245 -2.14 -66.34 -6.93
CA PRO B 245 -3.00 -65.24 -7.40
C PRO B 245 -3.06 -65.19 -8.91
N GLU B 246 -1.92 -65.33 -9.57
CA GLU B 246 -1.91 -65.24 -11.01
C GLU B 246 -2.66 -66.41 -11.63
N GLU B 247 -2.54 -67.57 -11.01
CA GLU B 247 -3.20 -68.77 -11.52
C GLU B 247 -4.71 -68.68 -11.34
N ARG B 248 -5.15 -68.36 -10.13
CA ARG B 248 -6.57 -68.21 -9.81
C ARG B 248 -7.20 -67.23 -10.79
N MSE B 249 -6.49 -66.12 -11.04
CA MSE B 249 -6.95 -65.11 -11.97
C MSE B 249 -7.01 -65.63 -13.40
O MSE B 249 -7.99 -65.41 -14.10
CB MSE B 249 -6.10 -63.86 -11.88
CG MSE B 249 -6.57 -62.76 -12.80
SE MSE B 249 -8.07 -61.67 -12.10
CE MSE B 249 -8.55 -60.78 -13.76
N ARG B 250 -5.96 -66.29 -13.83
CA ARG B 250 -5.91 -66.74 -15.22
C ARG B 250 -6.97 -67.81 -15.49
N ALA B 251 -7.41 -68.47 -14.43
CA ALA B 251 -8.39 -69.54 -14.56
C ALA B 251 -9.81 -69.02 -14.58
N MSE B 252 -10.08 -68.00 -13.76
CA MSE B 252 -11.39 -67.37 -13.75
C MSE B 252 -11.67 -66.68 -15.08
O MSE B 252 -12.76 -66.79 -15.63
CB MSE B 252 -11.50 -66.39 -12.60
CG MSE B 252 -11.33 -67.04 -11.27
SE MSE B 252 -11.43 -65.71 -9.85
CE MSE B 252 -13.36 -65.60 -9.63
N ILE B 253 -10.67 -65.99 -15.62
CA ILE B 253 -10.75 -65.46 -16.97
C ILE B 253 -11.11 -66.55 -17.97
N ALA B 254 -10.57 -67.75 -17.76
CA ALA B 254 -10.78 -68.86 -18.69
C ALA B 254 -12.22 -69.36 -18.64
N ASN B 255 -12.76 -69.44 -17.42
CA ASN B 255 -14.13 -69.85 -17.24
C ASN B 255 -15.20 -68.83 -17.64
N GLU B 256 -14.85 -67.85 -18.47
CA GLU B 256 -15.84 -66.88 -18.93
C GLU B 256 -15.74 -66.61 -20.42
N GLY B 257 -16.77 -67.03 -21.15
CA GLY B 257 -16.74 -67.05 -22.60
C GLY B 257 -16.61 -65.70 -23.27
N HIS B 258 -16.87 -64.63 -22.52
CA HIS B 258 -16.78 -63.30 -23.10
C HIS B 258 -15.36 -62.74 -23.17
N ILE B 259 -14.47 -63.21 -22.30
CA ILE B 259 -13.11 -62.65 -22.23
C ILE B 259 -12.01 -63.70 -22.41
N ALA B 260 -12.39 -64.97 -22.27
CA ALA B 260 -11.40 -66.06 -22.20
C ALA B 260 -10.37 -66.01 -23.32
N GLU B 261 -10.83 -65.85 -24.55
CA GLU B 261 -9.92 -65.91 -25.69
C GLU B 261 -9.20 -64.59 -25.91
N ARG B 262 -9.68 -63.53 -25.27
CA ARG B 262 -9.06 -62.22 -25.39
C ARG B 262 -7.83 -62.09 -24.50
N PHE B 263 -7.90 -62.69 -23.32
CA PHE B 263 -6.89 -62.50 -22.28
C PHE B 263 -6.11 -63.77 -21.97
N LYS B 264 -6.39 -64.83 -22.73
CA LYS B 264 -5.62 -66.06 -22.65
C LYS B 264 -4.19 -65.72 -23.04
N SER B 265 -3.26 -65.98 -22.13
CA SER B 265 -1.84 -65.85 -22.42
C SER B 265 -1.28 -64.42 -22.46
N GLU B 266 -2.14 -63.41 -22.39
CA GLU B 266 -1.69 -62.01 -22.37
C GLU B 266 -0.96 -61.66 -21.08
N GLU B 267 -0.09 -60.66 -21.12
CA GLU B 267 0.71 -60.32 -19.95
C GLU B 267 -0.05 -59.55 -18.88
N PHE B 268 0.33 -59.82 -17.63
CA PHE B 268 -0.19 -59.07 -16.49
C PHE B 268 0.85 -58.05 -16.02
N LEU B 269 0.42 -56.79 -15.93
CA LEU B 269 1.28 -55.72 -15.46
C LEU B 269 1.67 -55.92 -14.00
N PHE B 270 0.88 -56.69 -13.25
CA PHE B 270 1.22 -56.98 -11.86
C PHE B 270 0.46 -58.21 -11.32
N GLU B 271 1.03 -58.90 -10.33
CA GLU B 271 0.34 -60.03 -9.71
C GLU B 271 -1.06 -59.57 -9.23
N PRO B 272 -2.10 -60.34 -9.56
CA PRO B 272 -3.47 -60.03 -9.13
C PRO B 272 -3.63 -59.78 -7.64
N ARG B 273 -4.31 -58.68 -7.32
CA ARG B 273 -4.49 -58.30 -5.93
C ARG B 273 -5.92 -58.59 -5.47
N THR B 274 -6.10 -58.80 -4.18
CA THR B 274 -7.39 -59.18 -3.63
C THR B 274 -7.90 -58.13 -2.67
N ILE B 275 -9.19 -57.80 -2.80
CA ILE B 275 -9.89 -56.96 -1.84
C ILE B 275 -11.23 -57.61 -1.44
N GLU B 276 -11.39 -57.86 -0.14
CA GLU B 276 -12.60 -58.45 0.44
C GLU B 276 -13.19 -57.59 1.60
N GLY B 277 -14.50 -57.65 1.80
CA GLY B 277 -15.11 -56.91 2.90
C GLY B 277 -14.94 -55.41 2.75
N TYR B 278 -15.19 -54.91 1.55
CA TYR B 278 -14.89 -53.54 1.23
C TYR B 278 -16.05 -52.60 1.51
N ALA B 279 -17.24 -53.15 1.74
CA ALA B 279 -18.39 -52.33 2.10
C ALA B 279 -18.21 -51.85 3.52
N ILE B 280 -18.62 -50.60 3.77
CA ILE B 280 -18.36 -49.96 5.05
C ILE B 280 -18.94 -48.55 5.13
N SER B 281 -19.39 -48.17 6.32
CA SER B 281 -20.06 -46.88 6.55
C SER B 281 -19.52 -46.16 7.79
N ALA B 282 -20.04 -44.96 8.01
CA ALA B 282 -19.65 -44.12 9.12
C ALA B 282 -20.89 -43.78 9.94
N SER B 283 -20.74 -43.65 11.25
CA SER B 283 -21.87 -43.32 12.11
C SER B 283 -22.24 -41.84 11.99
N LYS B 284 -21.27 -41.01 11.62
CA LYS B 284 -21.57 -39.63 11.25
C LYS B 284 -20.61 -39.10 10.17
N LEU B 285 -21.11 -38.20 9.34
CA LEU B 285 -20.37 -37.73 8.19
C LEU B 285 -19.55 -36.47 8.46
N TYR B 286 -19.72 -35.89 9.66
CA TYR B 286 -19.01 -34.66 10.03
C TYR B 286 -19.09 -34.44 11.55
N GLY B 287 -18.23 -33.57 12.07
CA GLY B 287 -18.26 -33.24 13.48
C GLY B 287 -17.60 -31.89 13.72
N ASP B 288 -17.40 -31.52 14.97
CA ASP B 288 -16.67 -30.28 15.19
C ASP B 288 -15.28 -30.35 14.55
N GLY B 289 -14.95 -29.38 13.70
CA GLY B 289 -13.62 -29.30 13.12
C GLY B 289 -13.33 -30.24 11.95
N PHE B 290 -14.36 -30.94 11.46
CA PHE B 290 -14.14 -31.87 10.36
C PHE B 290 -15.36 -32.26 9.46
N VAL B 291 -15.08 -32.50 8.18
CA VAL B 291 -15.97 -33.30 7.35
C VAL B 291 -15.22 -34.56 6.81
N LEU B 292 -15.96 -35.66 6.70
CA LEU B 292 -15.49 -36.84 5.98
C LEU B 292 -15.90 -36.78 4.51
N THR B 293 -15.02 -37.30 3.66
CA THR B 293 -15.25 -37.30 2.23
C THR B 293 -15.01 -38.70 1.68
N GLY B 294 -15.43 -38.95 0.45
CA GLY B 294 -15.08 -40.16 -0.28
C GLY B 294 -15.15 -41.45 0.50
N ASN B 295 -14.16 -42.31 0.30
CA ASN B 295 -14.08 -43.57 1.04
C ASN B 295 -13.81 -43.43 2.54
N ALA B 296 -13.65 -42.20 3.03
CA ALA B 296 -13.58 -41.99 4.47
C ALA B 296 -14.99 -41.98 5.03
N THR B 297 -15.94 -42.03 4.10
CA THR B 297 -17.35 -41.93 4.39
C THR B 297 -18.00 -43.32 4.25
N GLU B 298 -18.49 -43.63 3.06
CA GLU B 298 -19.08 -44.94 2.85
C GLU B 298 -18.76 -45.45 1.47
N PHE B 299 -18.34 -46.72 1.36
CA PHE B 299 -18.27 -47.41 0.06
C PHE B 299 -19.36 -48.47 -0.05
N LEU B 300 -20.04 -48.49 -1.18
CA LEU B 300 -21.11 -49.44 -1.42
C LEU B 300 -20.57 -50.68 -2.09
N ASP B 301 -20.13 -50.51 -3.35
CA ASP B 301 -19.74 -51.62 -4.23
C ASP B 301 -19.10 -51.09 -5.50
N PRO B 302 -18.29 -51.91 -6.16
CA PRO B 302 -17.70 -51.54 -7.47
C PRO B 302 -18.65 -51.42 -8.68
N ILE B 303 -19.73 -52.16 -8.80
CA ILE B 303 -20.65 -51.92 -9.90
C ILE B 303 -21.06 -50.48 -9.97
N PHE B 304 -21.32 -50.10 -11.21
CA PHE B 304 -21.74 -48.79 -11.55
C PHE B 304 -20.65 -47.81 -11.25
N SER B 305 -19.50 -48.33 -10.83
CA SER B 305 -18.23 -47.59 -10.75
C SER B 305 -18.29 -46.14 -10.29
N SER B 306 -18.79 -45.90 -9.09
CA SER B 306 -19.18 -44.55 -8.70
C SER B 306 -18.29 -43.92 -7.67
N GLY B 307 -17.43 -44.73 -7.05
CA GLY B 307 -16.58 -44.25 -5.96
C GLY B 307 -15.84 -42.94 -6.17
N ALA B 308 -15.07 -42.83 -7.26
CA ALA B 308 -14.28 -41.63 -7.48
C ALA B 308 -15.23 -40.47 -7.63
N THR B 309 -16.37 -40.73 -8.24
CA THR B 309 -17.31 -39.69 -8.52
C THR B 309 -17.92 -39.18 -7.22
N PHE B 310 -18.20 -40.08 -6.27
CA PHE B 310 -18.67 -39.67 -4.93
C PHE B 310 -17.61 -38.94 -4.12
N ALA B 311 -16.36 -39.38 -4.28
CA ALA B 311 -15.21 -38.75 -3.65
C ALA B 311 -15.13 -37.28 -4.04
N MSE B 312 -15.21 -36.98 -5.32
CA MSE B 312 -15.20 -35.59 -5.79
C MSE B 312 -16.43 -34.81 -5.40
O MSE B 312 -16.36 -33.62 -5.14
CB MSE B 312 -15.01 -35.53 -7.31
CG MSE B 312 -13.69 -36.11 -7.71
SE MSE B 312 -13.35 -36.19 -9.62
CE MSE B 312 -11.45 -36.61 -9.50
N GLU B 313 -17.57 -35.46 -5.40
CA GLU B 313 -18.81 -34.79 -5.08
C GLU B 313 -18.74 -34.31 -3.63
N SER B 314 -18.32 -35.23 -2.78
CA SER B 314 -18.29 -34.99 -1.35
C SER B 314 -17.10 -34.06 -1.00
N GLY B 315 -16.05 -34.12 -1.82
CA GLY B 315 -14.90 -33.27 -1.60
C GLY B 315 -15.32 -31.87 -1.98
N SER B 316 -16.20 -31.78 -2.95
CA SER B 316 -16.66 -30.49 -3.44
C SER B 316 -17.61 -29.83 -2.45
N LYS B 317 -18.63 -30.56 -2.00
CA LYS B 317 -19.53 -30.02 -0.99
C LYS B 317 -18.76 -29.77 0.30
N GLY B 318 -17.96 -30.75 0.71
CA GLY B 318 -17.20 -30.61 1.92
C GLY B 318 -16.39 -29.33 1.94
N GLY B 319 -15.68 -29.09 0.83
CA GLY B 319 -14.84 -27.93 0.65
C GLY B 319 -15.63 -26.65 0.69
N LYS B 320 -16.75 -26.62 -0.03
CA LYS B 320 -17.59 -25.43 -0.03
C LYS B 320 -18.06 -25.13 1.36
N LEU B 321 -18.50 -26.16 2.07
CA LEU B 321 -19.03 -25.94 3.40
C LEU B 321 -17.97 -25.45 4.37
N ALA B 322 -16.79 -26.07 4.37
CA ALA B 322 -15.69 -25.64 5.22
C ALA B 322 -15.23 -24.19 4.95
N VAL B 323 -15.24 -23.79 3.68
CA VAL B 323 -15.06 -22.39 3.32
C VAL B 323 -16.08 -21.50 4.07
N GLN B 324 -17.34 -21.92 4.06
CA GLN B 324 -18.39 -21.17 4.74
C GLN B 324 -18.13 -21.07 6.24
N PHE B 325 -17.75 -22.19 6.82
CA PHE B 325 -17.38 -22.24 8.22
C PHE B 325 -16.30 -21.21 8.47
N LEU B 326 -15.24 -21.30 7.67
CA LEU B 326 -14.07 -20.47 7.83
C LEU B 326 -14.42 -18.97 7.76
N LYS B 327 -15.43 -18.63 6.97
CA LYS B 327 -15.84 -17.25 6.81
C LYS B 327 -16.64 -16.73 8.00
N GLY B 328 -17.09 -17.66 8.85
CA GLY B 328 -17.84 -17.30 10.04
C GLY B 328 -19.33 -17.39 9.82
N GLU B 329 -19.72 -18.05 8.73
CA GLU B 329 -21.12 -18.19 8.36
C GLU B 329 -21.81 -19.32 9.10
N GLU B 330 -23.13 -19.32 9.05
CA GLU B 330 -23.91 -20.44 9.51
C GLU B 330 -23.76 -21.56 8.48
N VAL B 331 -23.60 -22.79 8.94
CA VAL B 331 -23.45 -23.93 8.06
C VAL B 331 -24.45 -25.01 8.43
N ASN B 332 -25.27 -25.40 7.48
CA ASN B 332 -26.25 -26.45 7.72
C ASN B 332 -25.71 -27.77 7.20
N TRP B 333 -24.88 -28.41 8.02
CA TRP B 333 -24.15 -29.58 7.57
C TRP B 333 -25.08 -30.76 7.27
N GLU B 334 -26.09 -30.93 8.11
CA GLU B 334 -27.05 -32.00 7.97
C GLU B 334 -27.77 -31.93 6.60
N LYS B 335 -28.10 -30.72 6.17
CA LYS B 335 -28.84 -30.52 4.92
C LYS B 335 -27.91 -30.44 3.69
N ASP B 336 -27.02 -29.46 3.69
CA ASP B 336 -26.16 -29.19 2.53
C ASP B 336 -25.13 -30.28 2.30
N PHE B 337 -24.77 -31.00 3.35
CA PHE B 337 -23.78 -32.05 3.18
C PHE B 337 -24.34 -33.47 3.34
N VAL B 338 -24.72 -33.82 4.57
CA VAL B 338 -25.24 -35.15 4.89
C VAL B 338 -26.45 -35.60 4.04
N GLU B 339 -27.57 -34.89 4.17
CA GLU B 339 -28.76 -35.15 3.36
C GLU B 339 -28.42 -35.30 1.89
N HIS B 340 -27.63 -34.38 1.36
CA HIS B 340 -27.38 -34.43 -0.07
C HIS B 340 -26.54 -35.65 -0.42
N MSE B 341 -25.47 -35.90 0.33
CA MSE B 341 -24.67 -37.09 0.04
C MSE B 341 -25.53 -38.36 0.16
O MSE B 341 -25.44 -39.24 -0.71
CB MSE B 341 -23.46 -37.18 0.97
CG MSE B 341 -22.42 -36.09 0.74
SE MSE B 341 -21.85 -35.86 -1.10
CE MSE B 341 -21.51 -37.74 -1.59
N MSE B 342 -26.34 -38.47 1.20
CA MSE B 342 -27.09 -39.72 1.37
C MSE B 342 -28.06 -39.98 0.22
O MSE B 342 -28.20 -41.11 -0.22
CB MSE B 342 -27.77 -39.86 2.75
CG MSE B 342 -26.80 -40.19 3.93
SE MSE B 342 -25.17 -41.27 3.55
CE MSE B 342 -24.12 -39.84 2.77
N GLN B 343 -28.69 -38.92 -0.28
CA GLN B 343 -29.57 -39.01 -1.44
C GLN B 343 -28.89 -39.70 -2.61
N GLY B 344 -27.68 -39.27 -2.89
CA GLY B 344 -26.86 -39.92 -3.89
C GLY B 344 -26.47 -41.35 -3.50
N ILE B 345 -25.98 -41.53 -2.27
CA ILE B 345 -25.49 -42.84 -1.85
C ILE B 345 -26.64 -43.85 -1.76
N ASP B 346 -27.83 -43.38 -1.37
CA ASP B 346 -28.98 -44.25 -1.22
C ASP B 346 -29.57 -44.64 -2.55
N THR B 347 -29.50 -43.74 -3.51
CA THR B 347 -29.93 -44.09 -4.85
C THR B 347 -29.04 -45.22 -5.40
N PHE B 348 -27.74 -45.05 -5.37
CA PHE B 348 -26.87 -46.05 -5.90
C PHE B 348 -26.99 -47.32 -5.13
N ARG B 349 -27.17 -47.22 -3.84
CA ARG B 349 -27.45 -48.37 -3.03
C ARG B 349 -28.61 -49.22 -3.47
N SER B 350 -29.65 -48.60 -3.97
CA SER B 350 -30.81 -49.34 -4.45
C SER B 350 -30.41 -50.10 -5.68
N PHE B 351 -29.58 -49.47 -6.51
CA PHE B 351 -29.14 -50.11 -7.75
C PHE B 351 -28.10 -51.25 -7.54
N VAL B 352 -27.27 -51.12 -6.52
CA VAL B 352 -26.36 -52.22 -6.19
C VAL B 352 -27.17 -53.42 -5.69
N THR B 353 -28.10 -53.16 -4.77
CA THR B 353 -28.97 -54.20 -4.27
C THR B 353 -29.62 -54.89 -5.45
N GLY B 354 -30.17 -54.07 -6.33
CA GLY B 354 -30.78 -54.54 -7.56
C GLY B 354 -29.83 -55.28 -8.46
N TRP B 355 -28.56 -54.88 -8.47
CA TRP B 355 -27.59 -55.58 -9.29
C TRP B 355 -27.50 -57.01 -8.83
N TYR B 356 -27.58 -57.21 -7.52
CA TYR B 356 -27.23 -58.49 -6.91
C TYR B 356 -28.39 -59.42 -6.64
N ASP B 357 -29.60 -58.89 -6.59
CA ASP B 357 -30.77 -59.69 -6.25
C ASP B 357 -31.58 -60.20 -7.47
N GLY B 358 -31.04 -60.00 -8.67
CA GLY B 358 -31.71 -60.40 -9.89
C GLY B 358 -32.68 -59.43 -10.55
N THR B 359 -33.22 -58.47 -9.80
CA THR B 359 -34.20 -57.53 -10.37
C THR B 359 -33.65 -56.64 -11.48
N LEU B 360 -32.43 -56.12 -11.28
CA LEU B 360 -31.79 -55.23 -12.25
C LEU B 360 -31.47 -55.95 -13.56
N HIS B 361 -30.98 -57.18 -13.46
CA HIS B 361 -30.70 -57.99 -14.64
C HIS B 361 -31.96 -58.18 -15.48
N ALA B 362 -33.10 -58.35 -14.82
CA ALA B 362 -34.36 -58.53 -15.54
C ALA B 362 -34.82 -57.29 -16.31
N VAL B 363 -34.50 -56.10 -15.80
CA VAL B 363 -34.68 -54.85 -16.56
C VAL B 363 -33.62 -54.70 -17.65
N PHE B 364 -32.36 -54.89 -17.28
CA PHE B 364 -31.26 -54.73 -18.23
C PHE B 364 -31.47 -55.63 -19.43
N PHE B 365 -31.85 -56.87 -19.19
CA PHE B 365 -31.90 -57.86 -20.26
C PHE B 365 -33.31 -58.29 -20.68
N ALA B 366 -34.30 -57.48 -20.36
CA ALA B 366 -35.63 -57.70 -20.91
C ALA B 366 -35.61 -57.52 -22.44
N LYS B 367 -36.45 -58.26 -23.14
CA LYS B 367 -36.57 -58.13 -24.60
C LYS B 367 -37.31 -56.84 -24.92
N ASN B 368 -36.88 -56.15 -25.97
CA ASN B 368 -37.46 -54.85 -26.28
C ASN B 368 -37.57 -53.96 -25.05
N PRO B 369 -36.43 -53.67 -24.40
CA PRO B 369 -36.54 -52.85 -23.18
C PRO B 369 -37.12 -51.48 -23.54
N ASP B 370 -37.95 -50.91 -22.68
CA ASP B 370 -38.47 -49.58 -22.96
C ASP B 370 -37.35 -48.55 -23.00
N PRO B 371 -37.28 -47.78 -24.10
CA PRO B 371 -36.20 -46.81 -24.33
C PRO B 371 -36.27 -45.60 -23.40
N ASP B 372 -37.45 -45.31 -22.85
CA ASP B 372 -37.58 -44.21 -21.90
C ASP B 372 -37.01 -44.60 -20.56
N HIS B 373 -37.27 -45.84 -20.16
CA HIS B 373 -36.75 -46.38 -18.92
C HIS B 373 -35.21 -46.43 -18.97
N LYS B 374 -34.70 -46.76 -20.17
CA LYS B 374 -33.28 -46.85 -20.44
C LYS B 374 -32.60 -45.51 -20.16
N ARG B 375 -33.22 -44.45 -20.65
CA ARG B 375 -32.64 -43.12 -20.51
C ARG B 375 -32.54 -42.75 -19.04
N MSE B 376 -33.60 -43.01 -18.30
CA MSE B 376 -33.65 -42.70 -16.90
C MSE B 376 -32.59 -43.48 -16.14
O MSE B 376 -31.96 -43.00 -15.19
CB MSE B 376 -35.04 -43.03 -16.39
CG MSE B 376 -36.16 -42.31 -17.13
SE MSE B 376 -37.94 -43.00 -16.70
CE MSE B 376 -38.98 -41.67 -17.69
N ILE B 377 -32.41 -44.72 -16.57
CA ILE B 377 -31.48 -45.61 -15.94
C ILE B 377 -30.10 -45.10 -16.28
N CYS B 378 -29.95 -44.69 -17.53
CA CYS B 378 -28.70 -44.19 -18.05
C CYS B 378 -28.15 -42.98 -17.26
N SER B 379 -29.04 -42.10 -16.82
CA SER B 379 -28.61 -40.93 -16.07
C SER B 379 -28.24 -41.31 -14.65
N VAL B 380 -28.68 -42.49 -14.23
CA VAL B 380 -28.30 -42.96 -12.92
C VAL B 380 -26.87 -43.47 -13.01
N LEU B 381 -26.57 -44.12 -14.13
CA LEU B 381 -25.24 -44.68 -14.35
C LEU B 381 -24.22 -43.59 -14.64
N ALA B 382 -24.70 -42.47 -15.15
CA ALA B 382 -23.85 -41.34 -15.42
C ALA B 382 -23.58 -40.53 -14.14
N GLY B 383 -24.26 -40.88 -13.04
CA GLY B 383 -24.06 -40.21 -11.77
C GLY B 383 -24.98 -39.03 -11.45
N TYR B 384 -26.03 -38.82 -12.24
CA TYR B 384 -27.05 -37.80 -11.95
C TYR B 384 -28.19 -38.29 -11.07
N VAL B 385 -27.82 -38.79 -9.90
CA VAL B 385 -28.73 -39.40 -8.94
C VAL B 385 -29.26 -38.40 -7.92
N TRP B 386 -29.23 -37.11 -8.27
CA TRP B 386 -29.93 -36.10 -7.47
C TRP B 386 -31.13 -35.50 -8.24
N ASP B 387 -31.33 -35.95 -9.48
CA ASP B 387 -32.45 -35.48 -10.27
C ASP B 387 -33.75 -36.16 -9.85
N LYS B 388 -34.51 -35.52 -8.96
CA LYS B 388 -35.77 -36.08 -8.48
C LYS B 388 -36.88 -36.17 -9.53
N ASN B 389 -36.66 -35.63 -10.72
CA ASN B 389 -37.68 -35.77 -11.77
C ASN B 389 -37.58 -37.15 -12.39
N ASN B 390 -36.39 -37.74 -12.27
CA ASN B 390 -36.13 -39.07 -12.77
C ASN B 390 -36.82 -40.06 -11.87
N PRO B 391 -37.84 -40.76 -12.40
CA PRO B 391 -38.58 -41.73 -11.55
C PRO B 391 -37.64 -42.77 -10.92
N PHE B 392 -36.58 -43.12 -11.65
CA PHE B 392 -35.61 -44.07 -11.13
C PHE B 392 -34.78 -43.54 -9.96
N VAL B 393 -34.69 -42.21 -9.83
CA VAL B 393 -34.07 -41.61 -8.65
C VAL B 393 -35.13 -41.46 -7.60
N LYS B 394 -36.25 -40.88 -7.99
CA LYS B 394 -37.32 -40.61 -7.06
C LYS B 394 -37.74 -41.89 -6.36
N LYS B 395 -37.89 -42.97 -7.14
CA LYS B 395 -38.43 -44.23 -6.62
C LYS B 395 -37.41 -45.38 -6.54
N HIS B 396 -36.14 -45.02 -6.29
CA HIS B 396 -35.03 -45.98 -6.32
C HIS B 396 -35.14 -47.22 -5.42
N ASN B 397 -35.59 -47.08 -4.18
CA ASN B 397 -35.70 -48.30 -3.35
C ASN B 397 -36.94 -49.19 -3.65
N THR B 398 -37.80 -48.75 -4.56
CA THR B 398 -38.96 -49.53 -4.93
C THR B 398 -38.96 -49.94 -6.41
N ILE B 399 -38.55 -49.01 -7.28
CA ILE B 399 -38.77 -49.14 -8.73
C ILE B 399 -38.26 -50.42 -9.40
N LEU B 400 -37.09 -50.91 -8.96
CA LEU B 400 -36.47 -52.06 -9.58
C LEU B 400 -37.20 -53.36 -9.30
N LYS B 401 -37.54 -53.58 -8.04
CA LYS B 401 -38.31 -54.76 -7.72
C LYS B 401 -39.65 -54.66 -8.44
N THR B 402 -40.24 -53.46 -8.41
CA THR B 402 -41.53 -53.23 -9.05
C THR B 402 -41.48 -53.53 -10.55
N LEU B 403 -40.42 -53.08 -11.21
CA LEU B 403 -40.32 -53.22 -12.66
C LEU B 403 -39.99 -54.66 -13.09
N ALA B 404 -39.27 -55.41 -12.26
CA ALA B 404 -38.93 -56.78 -12.63
C ALA B 404 -40.21 -57.59 -12.67
N LYS B 405 -40.98 -57.48 -11.60
CA LYS B 405 -42.28 -58.14 -11.52
C LYS B 405 -43.13 -57.83 -12.75
N VAL B 406 -43.35 -56.54 -13.02
CA VAL B 406 -44.07 -56.14 -14.23
C VAL B 406 -43.55 -56.91 -15.45
N ILE B 407 -42.23 -56.91 -15.63
CA ILE B 407 -41.59 -57.60 -16.74
C ILE B 407 -41.91 -59.10 -16.74
N GLN B 408 -41.79 -59.74 -15.59
CA GLN B 408 -42.14 -61.15 -15.46
C GLN B 408 -43.61 -61.36 -15.83
N MSE B 409 -44.48 -60.51 -15.31
CA MSE B 409 -45.91 -60.52 -15.60
C MSE B 409 -46.16 -60.43 -17.12
O MSE B 409 -47.13 -60.99 -17.64
CB MSE B 409 -46.59 -59.34 -14.89
CG MSE B 409 -47.75 -59.66 -13.92
SE MSE B 409 -47.93 -61.48 -13.20
CE MSE B 409 -46.35 -61.55 -12.06
N GLY B 410 -45.27 -59.73 -17.81
CA GLY B 410 -45.38 -59.54 -19.25
C GLY B 410 -45.10 -60.81 -20.03
N GLU B 411 -44.19 -61.63 -19.52
CA GLU B 411 -43.89 -62.94 -20.10
C GLU B 411 -44.51 -64.03 -19.22
N GLU C 4 22.26 -1.32 -18.64
CA GLU C 4 22.16 -0.64 -17.35
C GLU C 4 20.76 -0.09 -17.12
N LYS C 5 20.44 1.05 -17.73
CA LYS C 5 19.10 1.62 -17.62
C LYS C 5 18.41 1.82 -18.98
N VAL C 6 17.24 1.20 -19.13
CA VAL C 6 16.47 1.28 -20.37
C VAL C 6 14.98 1.44 -20.08
N ASP C 7 14.25 1.96 -21.03
CA ASP C 7 12.82 2.06 -20.89
C ASP C 7 12.19 0.66 -20.97
N VAL C 8 12.35 -0.01 -22.12
CA VAL C 8 11.84 -1.36 -22.33
C VAL C 8 12.96 -2.36 -22.49
N LEU C 9 12.97 -3.41 -21.68
CA LEU C 9 13.89 -4.50 -21.94
C LEU C 9 13.14 -5.62 -22.65
N VAL C 10 13.48 -5.87 -23.91
CA VAL C 10 12.85 -6.96 -24.64
C VAL C 10 13.73 -8.19 -24.47
N ILE C 11 13.13 -9.29 -24.00
CA ILE C 11 13.86 -10.56 -23.93
C ILE C 11 13.60 -11.45 -25.15
N GLY C 12 14.57 -11.48 -26.06
CA GLY C 12 14.47 -12.29 -27.25
C GLY C 12 14.53 -11.49 -28.56
N ALA C 13 15.40 -11.93 -29.47
CA ALA C 13 15.45 -11.38 -30.82
C ALA C 13 14.75 -12.30 -31.81
N GLY C 14 13.58 -12.78 -31.46
CA GLY C 14 12.76 -13.54 -32.40
C GLY C 14 11.79 -12.59 -33.10
N PRO C 15 10.84 -13.14 -33.89
CA PRO C 15 9.95 -12.16 -34.53
C PRO C 15 9.14 -11.41 -33.49
N ALA C 16 8.86 -12.03 -32.34
CA ALA C 16 8.16 -11.32 -31.28
C ALA C 16 8.94 -10.09 -30.76
N GLY C 17 10.18 -10.34 -30.34
CA GLY C 17 11.02 -9.28 -29.80
C GLY C 17 11.35 -8.16 -30.77
N THR C 18 11.70 -8.52 -32.00
CA THR C 18 12.08 -7.54 -32.97
C THR C 18 10.91 -6.71 -33.49
N VAL C 19 9.72 -7.28 -33.67
CA VAL C 19 8.58 -6.42 -34.03
C VAL C 19 8.28 -5.46 -32.86
N ALA C 20 8.34 -6.01 -31.63
CA ALA C 20 8.11 -5.24 -30.41
C ALA C 20 9.13 -4.10 -30.19
N ALA C 21 10.40 -4.42 -30.33
CA ALA C 21 11.46 -3.43 -30.21
C ALA C 21 11.24 -2.34 -31.24
N SER C 22 11.12 -2.74 -32.49
CA SER C 22 10.85 -1.78 -33.53
C SER C 22 9.81 -0.76 -33.10
N LEU C 23 8.61 -1.21 -32.74
CA LEU C 23 7.55 -0.27 -32.40
C LEU C 23 7.89 0.64 -31.22
N VAL C 24 8.41 0.05 -30.15
CA VAL C 24 8.85 0.83 -28.99
C VAL C 24 9.84 1.91 -29.44
N ASN C 25 10.87 1.53 -30.18
CA ASN C 25 11.87 2.49 -30.64
C ASN C 25 11.27 3.58 -31.51
N LYS C 26 10.23 3.22 -32.26
CA LYS C 26 9.60 4.13 -33.18
C LYS C 26 8.94 5.28 -32.41
N SER C 27 8.56 4.99 -31.17
CA SER C 27 7.98 5.99 -30.28
C SER C 27 9.03 6.80 -29.51
N GLY C 28 10.30 6.64 -29.89
CA GLY C 28 11.38 7.45 -29.35
C GLY C 28 11.85 7.06 -27.96
N PHE C 29 11.42 5.90 -27.47
CA PHE C 29 11.86 5.44 -26.16
C PHE C 29 13.14 4.62 -26.29
N LYS C 30 13.77 4.35 -25.14
CA LYS C 30 15.02 3.61 -25.11
C LYS C 30 14.76 2.12 -24.95
N VAL C 31 14.90 1.39 -26.05
CA VAL C 31 14.63 -0.03 -26.02
C VAL C 31 15.88 -0.86 -26.28
N LYS C 32 15.99 -1.96 -25.53
CA LYS C 32 17.10 -2.89 -25.66
C LYS C 32 16.62 -4.33 -25.82
N ILE C 33 17.18 -5.04 -26.79
CA ILE C 33 16.96 -6.49 -26.85
C ILE C 33 18.16 -7.31 -26.34
N VAL C 34 17.90 -8.22 -25.39
CA VAL C 34 18.89 -9.20 -24.93
C VAL C 34 18.61 -10.64 -25.42
N GLU C 35 19.36 -11.10 -26.41
CA GLU C 35 19.18 -12.41 -27.06
C GLU C 35 20.26 -13.42 -26.64
N LYS C 36 19.83 -14.55 -26.08
CA LYS C 36 20.71 -15.50 -25.40
C LYS C 36 21.60 -16.29 -26.32
N GLN C 37 21.18 -16.43 -27.57
CA GLN C 37 21.95 -17.17 -28.55
C GLN C 37 22.68 -16.24 -29.53
N LYS C 38 23.71 -16.77 -30.19
CA LYS C 38 24.36 -16.04 -31.25
C LYS C 38 23.62 -16.23 -32.56
N PHE C 39 23.37 -15.12 -33.25
CA PHE C 39 22.70 -15.16 -34.52
C PHE C 39 23.72 -15.38 -35.62
N PRO C 40 23.32 -16.08 -36.71
CA PRO C 40 22.01 -16.72 -36.86
C PRO C 40 21.87 -17.96 -35.99
N ARG C 41 20.62 -18.32 -35.67
CA ARG C 41 20.33 -19.46 -34.78
C ARG C 41 19.12 -20.17 -35.34
N PHE C 42 19.18 -21.50 -35.39
CA PHE C 42 18.02 -22.26 -35.89
C PHE C 42 16.88 -22.25 -34.89
N VAL C 43 15.68 -21.99 -35.37
CA VAL C 43 14.49 -22.31 -34.61
C VAL C 43 13.48 -22.89 -35.59
N ILE C 44 12.52 -23.65 -35.09
CA ILE C 44 11.50 -24.24 -35.95
C ILE C 44 10.40 -23.21 -36.20
N GLY C 45 9.70 -23.36 -37.32
CA GLY C 45 8.53 -22.56 -37.60
C GLY C 45 8.74 -21.68 -38.79
N GLU C 46 8.59 -22.26 -39.99
CA GLU C 46 9.22 -21.72 -41.17
C GLU C 46 8.23 -21.25 -42.22
N SER C 47 6.97 -21.55 -41.98
CA SER C 47 5.94 -21.17 -42.92
C SER C 47 5.24 -19.98 -42.30
N LEU C 48 5.27 -18.84 -42.98
CA LEU C 48 4.62 -17.64 -42.48
C LEU C 48 3.36 -17.33 -43.27
N LEU C 49 2.37 -16.75 -42.58
CA LEU C 49 1.11 -16.39 -43.22
C LEU C 49 1.13 -14.95 -43.72
N PRO C 50 0.13 -14.59 -44.51
CA PRO C 50 0.04 -13.25 -45.05
C PRO C 50 -0.20 -12.23 -43.93
N ARG C 51 -1.00 -12.61 -42.95
CA ARG C 51 -1.27 -11.79 -41.78
C ARG C 51 0.00 -11.08 -41.34
N CYS C 52 1.08 -11.83 -41.21
CA CYS C 52 2.31 -11.26 -40.68
C CYS C 52 2.85 -10.07 -41.49
N MSE C 53 2.51 -10.00 -42.76
CA MSE C 53 3.04 -8.98 -43.65
C MSE C 53 2.74 -7.58 -43.14
O MSE C 53 3.54 -6.66 -43.32
CB MSE C 53 2.47 -9.13 -45.06
CG MSE C 53 2.76 -10.46 -45.73
SE MSE C 53 4.65 -10.77 -45.92
CE MSE C 53 4.90 -10.10 -47.74
N GLU C 54 1.57 -7.42 -42.52
CA GLU C 54 1.15 -6.14 -41.99
C GLU C 54 2.06 -5.69 -40.85
N HIS C 55 2.63 -6.64 -40.10
CA HIS C 55 3.52 -6.30 -39.01
C HIS C 55 4.94 -6.11 -39.54
N LEU C 56 5.38 -7.01 -40.43
CA LEU C 56 6.64 -6.81 -41.14
C LEU C 56 6.63 -5.41 -41.76
N ASP C 57 5.52 -5.08 -42.39
CA ASP C 57 5.28 -3.80 -43.05
C ASP C 57 5.36 -2.65 -42.03
N GLU C 58 4.49 -2.68 -41.05
CA GLU C 58 4.42 -1.62 -40.05
C GLU C 58 5.76 -1.39 -39.38
N ALA C 59 6.49 -2.45 -39.10
CA ALA C 59 7.74 -2.28 -38.39
C ALA C 59 8.94 -1.92 -39.31
N GLY C 60 8.68 -1.72 -40.60
CA GLY C 60 9.71 -1.42 -41.58
C GLY C 60 10.78 -2.49 -41.77
N PHE C 61 10.38 -3.76 -41.60
CA PHE C 61 11.28 -4.90 -41.81
C PHE C 61 11.12 -5.48 -43.20
N LEU C 62 10.05 -5.07 -43.87
CA LEU C 62 9.59 -5.72 -45.09
C LEU C 62 10.61 -5.61 -46.21
N ASP C 63 11.11 -4.41 -46.47
CA ASP C 63 12.18 -4.26 -47.44
C ASP C 63 13.34 -5.21 -47.09
N ALA C 64 13.69 -5.27 -45.81
CA ALA C 64 14.79 -6.13 -45.36
C ALA C 64 14.53 -7.60 -45.66
N VAL C 65 13.26 -8.01 -45.59
CA VAL C 65 12.92 -9.39 -45.88
C VAL C 65 12.91 -9.68 -47.37
N LYS C 66 12.41 -8.75 -48.18
CA LYS C 66 12.39 -8.93 -49.62
C LYS C 66 13.80 -9.12 -50.19
N ALA C 67 14.78 -8.37 -49.67
CA ALA C 67 16.15 -8.42 -50.18
C ALA C 67 16.76 -9.81 -50.03
N GLN C 68 16.13 -10.64 -49.22
CA GLN C 68 16.65 -11.96 -48.98
C GLN C 68 16.22 -12.99 -50.04
N GLY C 69 15.18 -12.68 -50.81
CA GLY C 69 14.70 -13.58 -51.85
C GLY C 69 14.20 -14.93 -51.33
N PHE C 70 13.55 -14.91 -50.17
CA PHE C 70 12.90 -16.12 -49.64
C PHE C 70 11.86 -16.67 -50.61
N GLN C 71 11.73 -17.99 -50.64
CA GLN C 71 10.70 -18.65 -51.43
C GLN C 71 9.36 -17.99 -51.14
N GLN C 72 8.71 -17.49 -52.16
CA GLN C 72 7.37 -16.96 -51.95
C GLN C 72 6.31 -18.03 -51.66
N LYS C 73 5.43 -17.73 -50.72
CA LYS C 73 4.26 -18.56 -50.41
C LYS C 73 2.96 -17.89 -50.83
N PHE C 74 2.18 -18.53 -51.71
CA PHE C 74 0.90 -17.94 -52.16
C PHE C 74 -0.36 -18.69 -51.71
N GLY C 75 -0.19 -19.75 -50.92
CA GLY C 75 -1.34 -20.47 -50.40
C GLY C 75 -0.97 -21.70 -49.62
N ALA C 76 -1.97 -22.56 -49.41
CA ALA C 76 -1.79 -23.76 -48.59
C ALA C 76 -2.50 -24.97 -49.21
N LYS C 77 -1.77 -26.08 -49.32
CA LYS C 77 -2.27 -27.19 -50.11
C LYS C 77 -2.40 -28.36 -49.20
N PHE C 78 -3.59 -28.95 -49.15
CA PHE C 78 -3.81 -30.10 -48.26
C PHE C 78 -4.04 -31.37 -49.09
N VAL C 79 -3.48 -32.48 -48.62
CA VAL C 79 -3.34 -33.67 -49.45
C VAL C 79 -3.62 -34.95 -48.71
N ARG C 80 -4.61 -35.69 -49.21
CA ARG C 80 -4.99 -36.98 -48.66
C ARG C 80 -5.18 -37.99 -49.80
N GLY C 81 -4.18 -38.84 -50.00
CA GLY C 81 -4.13 -39.69 -51.16
C GLY C 81 -4.00 -38.78 -52.36
N LYS C 82 -4.95 -38.88 -53.28
CA LYS C 82 -4.91 -38.03 -54.46
C LYS C 82 -5.97 -36.93 -54.35
N GLU C 83 -6.67 -36.93 -53.22
CA GLU C 83 -7.58 -35.86 -52.88
C GLU C 83 -6.82 -34.56 -52.61
N ILE C 84 -7.26 -33.49 -53.25
CA ILE C 84 -6.62 -32.21 -53.08
C ILE C 84 -7.57 -31.05 -52.80
N ALA C 85 -7.22 -30.30 -51.75
CA ALA C 85 -7.90 -29.07 -51.35
C ALA C 85 -6.87 -27.95 -51.34
N ASP C 86 -6.83 -27.18 -52.43
CA ASP C 86 -5.88 -26.10 -52.58
C ASP C 86 -6.49 -24.78 -52.16
N PHE C 87 -5.90 -24.14 -51.16
CA PHE C 87 -6.33 -22.82 -50.77
C PHE C 87 -5.43 -21.73 -51.38
N ASN C 88 -6.04 -20.85 -52.17
CA ASN C 88 -5.31 -19.78 -52.80
C ASN C 88 -5.54 -18.46 -52.06
N PHE C 89 -4.53 -17.93 -51.35
CA PHE C 89 -4.76 -16.71 -50.56
C PHE C 89 -5.27 -15.55 -51.41
N SER C 90 -5.27 -15.72 -52.73
CA SER C 90 -5.67 -14.63 -53.65
C SER C 90 -7.18 -14.54 -53.76
N ASP C 91 -7.83 -15.64 -53.37
CA ASP C 91 -9.29 -15.73 -53.35
C ASP C 91 -9.78 -15.99 -51.92
N GLN C 92 -9.93 -14.92 -51.13
CA GLN C 92 -10.31 -15.12 -49.74
C GLN C 92 -11.48 -14.24 -49.34
N PHE C 93 -12.00 -14.43 -48.13
CA PHE C 93 -13.19 -13.70 -47.71
C PHE C 93 -12.78 -12.30 -47.30
N SER C 94 -11.65 -12.19 -46.61
CA SER C 94 -11.33 -10.91 -45.99
C SER C 94 -10.34 -10.09 -46.81
N ASN C 95 -10.28 -8.79 -46.53
CA ASN C 95 -9.28 -7.93 -47.16
C ASN C 95 -7.93 -8.28 -46.57
N GLY C 96 -6.85 -8.01 -47.29
CA GLY C 96 -5.52 -8.20 -46.75
C GLY C 96 -4.52 -8.83 -47.70
N TRP C 97 -3.33 -9.12 -47.19
CA TRP C 97 -2.22 -9.68 -47.97
C TRP C 97 -2.52 -11.04 -48.59
N ASN C 98 -1.98 -11.27 -49.77
CA ASN C 98 -2.24 -12.52 -50.49
C ASN C 98 -1.01 -13.36 -50.69
N TRP C 99 0.16 -12.82 -50.38
CA TRP C 99 1.37 -13.61 -50.46
C TRP C 99 2.27 -13.40 -49.23
N THR C 100 3.20 -14.33 -49.00
CA THR C 100 4.22 -14.17 -47.95
C THR C 100 5.44 -15.03 -48.25
N TRP C 101 6.17 -15.51 -47.25
CA TRP C 101 7.35 -16.31 -47.55
C TRP C 101 7.46 -17.59 -46.76
N GLN C 102 8.18 -18.56 -47.32
CA GLN C 102 8.72 -19.70 -46.58
C GLN C 102 10.10 -19.25 -46.16
N VAL C 103 10.46 -19.39 -44.88
CA VAL C 103 11.70 -18.82 -44.40
C VAL C 103 12.46 -19.74 -43.47
N PRO C 104 13.75 -19.97 -43.74
CA PRO C 104 14.61 -20.56 -42.72
C PRO C 104 14.74 -19.55 -41.58
N ARG C 105 14.49 -19.98 -40.35
CA ARG C 105 14.28 -19.00 -39.28
C ARG C 105 15.55 -18.26 -38.81
N GLY C 106 16.68 -18.97 -38.83
CA GLY C 106 17.99 -18.39 -38.54
C GLY C 106 18.26 -17.14 -39.37
N ASN C 107 18.04 -17.23 -40.67
CA ASN C 107 18.26 -16.09 -41.53
C ASN C 107 17.18 -15.04 -41.36
N PHE C 108 15.94 -15.50 -41.21
CA PHE C 108 14.81 -14.59 -41.17
C PHE C 108 14.85 -13.75 -39.91
N ASP C 109 15.01 -14.42 -38.77
CA ASP C 109 15.11 -13.70 -37.48
C ASP C 109 16.34 -12.75 -37.46
N LYS C 110 17.45 -13.18 -38.01
CA LYS C 110 18.63 -12.32 -38.09
C LYS C 110 18.30 -11.13 -38.96
N THR C 111 17.54 -11.35 -40.02
CA THR C 111 17.24 -10.25 -40.93
C THR C 111 16.40 -9.22 -40.21
N LEU C 112 15.48 -9.68 -39.38
CA LEU C 112 14.65 -8.76 -38.63
C LEU C 112 15.42 -8.06 -37.50
N ALA C 113 16.26 -8.80 -36.78
CA ALA C 113 17.05 -8.19 -35.70
C ALA C 113 18.08 -7.21 -36.25
N ASP C 114 18.71 -7.56 -37.35
CA ASP C 114 19.68 -6.69 -37.99
C ASP C 114 19.05 -5.36 -38.33
N GLU C 115 17.86 -5.43 -38.93
CA GLU C 115 17.10 -4.23 -39.27
C GLU C 115 16.67 -3.44 -38.02
N ALA C 116 16.22 -4.12 -36.97
CA ALA C 116 15.82 -3.46 -35.73
C ALA C 116 17.00 -2.65 -35.18
N ALA C 117 18.21 -3.23 -35.26
CA ALA C 117 19.43 -2.55 -34.81
C ALA C 117 19.68 -1.28 -35.62
N ARG C 118 19.85 -1.45 -36.93
CA ARG C 118 19.93 -0.36 -37.88
C ARG C 118 18.92 0.75 -37.55
N GLN C 119 17.75 0.35 -37.05
CA GLN C 119 16.68 1.31 -36.73
C GLN C 119 16.94 2.05 -35.42
N GLY C 120 17.91 1.57 -34.64
CA GLY C 120 18.25 2.19 -33.38
C GLY C 120 17.96 1.31 -32.18
N VAL C 121 17.40 0.13 -32.42
CA VAL C 121 17.27 -0.83 -31.33
C VAL C 121 18.66 -1.28 -31.01
N ASP C 122 19.03 -1.31 -29.74
CA ASP C 122 20.31 -1.96 -29.46
C ASP C 122 20.06 -3.41 -29.07
N VAL C 123 20.50 -4.30 -29.95
CA VAL C 123 20.39 -5.72 -29.71
C VAL C 123 21.71 -6.19 -29.19
N GLU C 124 21.70 -6.93 -28.09
CA GLU C 124 22.91 -7.53 -27.55
C GLU C 124 22.78 -9.04 -27.54
N TYR C 125 23.80 -9.73 -28.05
CA TYR C 125 23.76 -11.17 -28.25
C TYR C 125 24.56 -11.95 -27.21
N GLU C 126 24.36 -13.26 -27.21
CA GLU C 126 25.03 -14.19 -26.30
C GLU C 126 24.95 -13.70 -24.86
N VAL C 127 23.83 -13.06 -24.56
CA VAL C 127 23.54 -12.54 -23.24
C VAL C 127 22.19 -13.07 -22.81
N GLY C 128 22.18 -13.99 -21.84
CA GLY C 128 20.96 -14.69 -21.51
C GLY C 128 20.33 -14.30 -20.19
N VAL C 129 19.02 -14.01 -20.21
CA VAL C 129 18.35 -13.62 -18.98
C VAL C 129 18.42 -14.76 -17.98
N THR C 130 18.64 -14.42 -16.72
CA THR C 130 18.84 -15.43 -15.70
C THR C 130 17.95 -15.20 -14.48
N ASP C 131 17.54 -13.95 -14.28
CA ASP C 131 16.68 -13.59 -13.16
C ASP C 131 16.02 -12.24 -13.41
N ILE C 132 14.82 -12.08 -12.87
CA ILE C 132 14.13 -10.82 -12.96
C ILE C 132 13.59 -10.52 -11.58
N LYS C 133 13.86 -9.32 -11.09
CA LYS C 133 13.27 -8.91 -9.84
C LYS C 133 12.37 -7.70 -10.07
N PHE C 134 11.09 -7.85 -9.71
CA PHE C 134 10.11 -6.82 -9.96
C PHE C 134 9.90 -5.95 -8.72
N PHE C 135 9.87 -4.65 -8.93
CA PHE C 135 9.61 -3.71 -7.85
C PHE C 135 8.53 -2.71 -8.26
N GLY C 136 7.27 -3.05 -8.03
CA GLY C 136 6.16 -2.35 -8.64
C GLY C 136 6.14 -2.71 -10.12
N THR C 137 6.18 -1.71 -10.99
CA THR C 137 6.26 -1.96 -12.43
C THR C 137 7.68 -1.81 -12.98
N ASP C 138 8.63 -1.52 -12.10
CA ASP C 138 10.03 -1.46 -12.51
C ASP C 138 10.68 -2.81 -12.33
N SER C 139 11.73 -3.06 -13.06
CA SER C 139 12.38 -4.33 -12.87
C SER C 139 13.89 -4.21 -12.87
N VAL C 140 14.53 -5.13 -12.18
CA VAL C 140 15.94 -5.38 -12.42
C VAL C 140 16.11 -6.77 -13.02
N THR C 141 16.66 -6.81 -14.23
CA THR C 141 16.89 -8.07 -14.93
C THR C 141 18.38 -8.39 -14.97
N THR C 142 18.74 -9.62 -14.63
CA THR C 142 20.13 -10.04 -14.71
C THR C 142 20.35 -10.88 -15.96
N ILE C 143 21.31 -10.47 -16.79
CA ILE C 143 21.78 -11.30 -17.89
C ILE C 143 23.14 -11.90 -17.59
N GLU C 144 23.52 -12.90 -18.39
CA GLU C 144 24.75 -13.63 -18.17
C GLU C 144 25.39 -13.89 -19.53
N ASP C 145 26.70 -13.69 -19.62
CA ASP C 145 27.37 -13.73 -20.91
C ASP C 145 28.04 -15.07 -21.24
N ILE C 146 28.83 -15.08 -22.30
CA ILE C 146 29.53 -16.27 -22.75
C ILE C 146 30.36 -16.88 -21.61
N ASN C 147 30.92 -16.02 -20.77
CA ASN C 147 31.87 -16.47 -19.76
C ASN C 147 31.30 -16.54 -18.36
N GLY C 148 30.00 -16.32 -18.24
CA GLY C 148 29.34 -16.49 -16.96
C GLY C 148 29.36 -15.25 -16.09
N ASN C 149 29.83 -14.14 -16.66
CA ASN C 149 29.75 -12.87 -15.97
C ASN C 149 28.32 -12.34 -15.98
N LYS C 150 27.79 -12.07 -14.78
CA LYS C 150 26.45 -11.52 -14.65
C LYS C 150 26.50 -10.01 -14.70
N ARG C 151 25.43 -9.41 -15.22
CA ARG C 151 25.23 -7.98 -15.10
C ARG C 151 23.75 -7.67 -15.13
N GLU C 152 23.38 -6.47 -14.70
CA GLU C 152 21.98 -6.17 -14.46
C GLU C 152 21.43 -5.13 -15.42
N ILE C 153 20.12 -5.20 -15.63
CA ILE C 153 19.43 -4.22 -16.45
C ILE C 153 18.15 -3.75 -15.80
N GLU C 154 18.05 -2.43 -15.65
CA GLU C 154 16.93 -1.81 -14.98
C GLU C 154 16.01 -1.26 -16.06
N ALA C 155 14.73 -1.59 -15.97
CA ALA C 155 13.80 -1.18 -17.00
C ALA C 155 12.48 -0.73 -16.41
N ARG C 156 11.82 0.17 -17.12
CA ARG C 156 10.50 0.57 -16.75
C ARG C 156 9.50 -0.52 -17.14
N PHE C 157 9.81 -1.24 -18.21
CA PHE C 157 8.92 -2.27 -18.68
C PHE C 157 9.69 -3.43 -19.29
N ILE C 158 9.23 -4.64 -19.04
CA ILE C 158 9.81 -5.80 -19.68
C ILE C 158 8.85 -6.36 -20.73
N ILE C 159 9.30 -6.53 -21.97
CA ILE C 159 8.54 -7.32 -22.94
C ILE C 159 9.18 -8.70 -23.11
N ASP C 160 8.45 -9.73 -22.66
CA ASP C 160 8.95 -11.10 -22.74
C ASP C 160 8.69 -11.69 -24.11
N ALA C 161 9.74 -11.77 -24.93
CA ALA C 161 9.62 -12.43 -26.21
C ALA C 161 10.60 -13.60 -26.32
N SER C 162 10.92 -14.22 -25.19
CA SER C 162 11.88 -15.33 -25.19
C SER C 162 11.34 -16.62 -25.85
N GLY C 163 10.16 -16.50 -26.46
CA GLY C 163 9.57 -17.61 -27.20
C GLY C 163 9.60 -18.90 -26.41
N TYR C 164 10.28 -19.92 -26.95
CA TYR C 164 10.33 -21.24 -26.32
C TYR C 164 10.97 -21.22 -24.93
N GLY C 165 11.77 -20.19 -24.66
CA GLY C 165 12.43 -20.10 -23.37
C GLY C 165 11.42 -19.88 -22.27
N ARG C 166 10.30 -19.28 -22.63
CA ARG C 166 9.24 -18.95 -21.66
C ARG C 166 9.83 -18.33 -20.38
N VAL C 167 10.79 -17.45 -20.54
CA VAL C 167 11.53 -16.91 -19.40
C VAL C 167 10.61 -16.58 -18.23
N ILE C 168 9.58 -15.76 -18.48
CA ILE C 168 8.77 -15.27 -17.38
C ILE C 168 7.76 -16.29 -16.79
N PRO C 169 7.04 -17.03 -17.65
CA PRO C 169 6.13 -18.07 -17.17
C PRO C 169 6.84 -19.14 -16.35
N ARG C 170 8.06 -19.53 -16.75
CA ARG C 170 8.83 -20.55 -16.01
C ARG C 170 9.33 -20.02 -14.69
N MSE C 171 9.75 -18.76 -14.72
CA MSE C 171 10.34 -18.13 -13.55
C MSE C 171 9.27 -17.78 -12.52
O MSE C 171 9.55 -17.80 -11.33
CB MSE C 171 11.16 -16.90 -13.97
CG MSE C 171 11.81 -16.12 -12.85
SE MSE C 171 12.98 -14.75 -13.61
CE MSE C 171 14.08 -15.95 -14.70
N PHE C 172 8.04 -17.48 -12.96
CA PHE C 172 7.02 -17.03 -12.03
C PHE C 172 5.76 -17.91 -11.93
N GLY C 173 5.86 -19.18 -12.30
CA GLY C 173 4.73 -20.08 -12.22
C GLY C 173 3.48 -19.70 -13.01
N LEU C 174 3.65 -19.20 -14.23
CA LEU C 174 2.51 -18.84 -15.07
C LEU C 174 2.15 -19.91 -16.12
N ASP C 175 2.96 -20.97 -16.19
CA ASP C 175 2.70 -22.07 -17.12
C ASP C 175 1.39 -22.78 -16.81
N LYS C 176 0.60 -22.96 -17.83
CA LYS C 176 -0.73 -23.54 -17.69
C LYS C 176 -0.79 -24.72 -18.68
N PRO C 177 -1.16 -25.92 -18.20
CA PRO C 177 -1.33 -27.01 -19.16
C PRO C 177 -2.42 -26.69 -20.19
N SER C 178 -2.08 -26.90 -21.45
CA SER C 178 -3.03 -26.77 -22.55
C SER C 178 -4.00 -27.95 -22.56
N GLY C 179 -5.18 -27.75 -23.14
CA GLY C 179 -6.11 -28.86 -23.28
C GLY C 179 -5.70 -29.84 -24.34
N PHE C 180 -4.73 -29.50 -25.20
CA PHE C 180 -4.29 -30.45 -26.23
C PHE C 180 -3.49 -31.62 -25.68
N GLU C 181 -3.84 -32.81 -26.15
CA GLU C 181 -3.07 -33.97 -25.79
C GLU C 181 -1.72 -33.89 -26.51
N SER C 182 -0.72 -34.52 -25.93
CA SER C 182 0.64 -34.42 -26.43
C SER C 182 0.82 -34.97 -27.84
N ARG C 183 1.65 -34.29 -28.61
CA ARG C 183 2.06 -34.76 -29.92
C ARG C 183 3.58 -34.80 -30.01
N ARG C 184 4.05 -35.33 -31.12
CA ARG C 184 5.47 -35.53 -31.34
C ARG C 184 5.72 -35.17 -32.79
N THR C 185 6.88 -34.57 -33.02
CA THR C 185 7.29 -34.23 -34.38
C THR C 185 8.69 -34.75 -34.67
N LEU C 186 8.95 -35.03 -35.93
CA LEU C 186 10.29 -35.41 -36.37
C LEU C 186 10.49 -34.75 -37.72
N PHE C 187 11.55 -33.93 -37.82
CA PHE C 187 11.74 -33.09 -38.98
C PHE C 187 13.20 -32.85 -39.34
N THR C 188 13.40 -32.30 -40.51
CA THR C 188 14.73 -31.93 -40.93
C THR C 188 14.60 -31.08 -42.16
N HIS C 189 15.72 -30.75 -42.77
CA HIS C 189 15.71 -30.11 -44.07
C HIS C 189 16.28 -31.06 -45.12
N ILE C 190 15.56 -31.29 -46.19
CA ILE C 190 16.07 -32.13 -47.26
C ILE C 190 16.50 -31.32 -48.46
N LYS C 191 17.67 -31.62 -49.01
CA LYS C 191 18.05 -31.02 -50.28
C LYS C 191 17.05 -31.58 -51.28
N ASP C 192 16.24 -30.70 -51.85
CA ASP C 192 15.08 -31.10 -52.64
C ASP C 192 15.42 -31.17 -54.13
N VAL C 193 16.43 -31.98 -54.44
CA VAL C 193 16.91 -32.17 -55.80
C VAL C 193 15.77 -32.49 -56.76
N LYS C 194 14.82 -33.30 -56.28
CA LYS C 194 13.71 -33.73 -57.11
C LYS C 194 12.46 -32.85 -57.01
N ARG C 195 12.61 -31.63 -56.50
CA ARG C 195 11.48 -30.70 -56.46
C ARG C 195 10.79 -30.72 -57.82
N PRO C 196 9.45 -30.70 -57.83
CA PRO C 196 8.67 -30.57 -59.06
C PRO C 196 8.69 -29.14 -59.57
N VAL C 197 8.67 -28.97 -60.89
CA VAL C 197 8.76 -27.66 -61.51
C VAL C 197 7.68 -26.71 -60.99
N GLU C 202 1.76 -26.09 -56.29
CA GLU C 202 3.08 -26.32 -56.88
C GLU C 202 4.22 -26.08 -55.86
N GLY C 203 5.08 -25.11 -56.15
CA GLY C 203 6.15 -24.72 -55.26
C GLY C 203 5.90 -23.35 -54.62
N ASN C 204 4.70 -22.82 -54.83
CA ASN C 204 4.26 -21.61 -54.14
C ASN C 204 3.19 -21.94 -53.09
N ARG C 205 3.51 -22.90 -52.23
CA ARG C 205 2.52 -23.47 -51.33
C ARG C 205 3.24 -24.21 -50.20
N ILE C 206 2.73 -24.10 -48.99
CA ILE C 206 3.13 -25.07 -48.00
C ILE C 206 2.26 -26.28 -48.31
N THR C 207 2.73 -27.49 -48.03
CA THR C 207 1.90 -28.67 -48.20
C THR C 207 1.75 -29.47 -46.93
N ALA C 208 0.51 -29.67 -46.52
CA ALA C 208 0.21 -30.52 -45.38
C ALA C 208 -0.40 -31.83 -45.88
N VAL C 209 0.11 -32.86 -45.55
CA VAL C 209 -0.17 -34.19 -46.04
C VAL C 209 -0.83 -35.05 -44.97
N VAL C 210 -1.98 -35.46 -45.30
CA VAL C 210 -2.74 -36.27 -44.35
C VAL C 210 -2.21 -37.70 -44.44
N HIS C 211 -1.51 -38.13 -43.40
CA HIS C 211 -0.78 -39.41 -43.41
C HIS C 211 -1.56 -40.52 -42.72
N LYS C 212 -1.96 -40.28 -41.47
CA LYS C 212 -2.93 -41.11 -40.76
C LYS C 212 -4.04 -40.18 -40.31
N PRO C 213 -5.13 -40.74 -39.74
CA PRO C 213 -6.17 -39.84 -39.23
C PRO C 213 -5.58 -38.75 -38.33
N LYS C 214 -4.56 -39.09 -37.55
CA LYS C 214 -3.95 -38.14 -36.61
C LYS C 214 -2.43 -38.03 -36.78
N VAL C 215 -1.97 -38.24 -38.01
CA VAL C 215 -0.57 -38.02 -38.31
C VAL C 215 -0.51 -37.23 -39.60
N TRP C 216 0.31 -36.21 -39.65
CA TRP C 216 0.45 -35.38 -40.82
C TRP C 216 1.89 -34.91 -41.03
N ILE C 217 2.12 -34.36 -42.21
CA ILE C 217 3.42 -34.01 -42.69
C ILE C 217 3.38 -32.66 -43.34
N TRP C 218 4.36 -31.83 -43.05
CA TRP C 218 4.52 -30.57 -43.73
C TRP C 218 5.64 -30.71 -44.76
N VAL C 219 5.44 -30.09 -45.91
CA VAL C 219 6.41 -29.90 -46.99
C VAL C 219 6.52 -28.41 -47.24
N ILE C 220 7.63 -27.84 -46.85
CA ILE C 220 7.81 -26.41 -47.05
C ILE C 220 9.06 -26.15 -47.90
N PRO C 221 8.86 -25.64 -49.12
CA PRO C 221 9.99 -25.35 -50.02
C PRO C 221 10.71 -23.99 -49.77
N PHE C 222 12.01 -24.05 -49.49
CA PHE C 222 12.81 -22.84 -49.43
C PHE C 222 13.43 -22.54 -50.80
N SER C 223 13.75 -21.25 -51.01
CA SER C 223 14.36 -20.81 -52.26
C SER C 223 15.87 -21.11 -52.27
N ASN C 224 16.39 -21.70 -51.20
CA ASN C 224 17.80 -22.10 -51.15
C ASN C 224 18.04 -23.52 -51.68
N GLY C 225 17.02 -24.13 -52.26
CA GLY C 225 17.15 -25.47 -52.78
C GLY C 225 16.71 -26.55 -51.81
N ASN C 226 16.61 -26.21 -50.53
CA ASN C 226 16.18 -27.17 -49.52
C ASN C 226 14.70 -27.05 -49.21
N THR C 227 14.17 -28.06 -48.52
CA THR C 227 12.76 -28.08 -48.15
C THR C 227 12.60 -28.66 -46.77
N SER C 228 11.90 -27.92 -45.90
CA SER C 228 11.61 -28.44 -44.58
C SER C 228 10.53 -29.50 -44.71
N VAL C 229 10.76 -30.68 -44.12
CA VAL C 229 9.75 -31.75 -44.09
C VAL C 229 9.54 -32.19 -42.64
N GLY C 230 8.31 -32.25 -42.19
CA GLY C 230 8.10 -32.60 -40.80
C GLY C 230 6.92 -33.56 -40.61
N PHE C 231 7.11 -34.60 -39.80
CA PHE C 231 6.02 -35.46 -39.37
C PHE C 231 5.50 -35.00 -38.01
N VAL C 232 4.18 -34.93 -37.88
CA VAL C 232 3.56 -34.49 -36.64
C VAL C 232 2.38 -35.37 -36.25
N GLY C 233 2.34 -35.79 -34.98
CA GLY C 233 1.15 -36.43 -34.47
C GLY C 233 1.30 -37.39 -33.30
N GLU C 234 0.43 -38.40 -33.29
CA GLU C 234 0.44 -39.44 -32.27
C GLU C 234 1.85 -39.96 -32.01
N PRO C 235 2.32 -39.79 -30.78
CA PRO C 235 3.59 -40.36 -30.34
C PRO C 235 3.68 -41.85 -30.61
N SER C 236 2.58 -42.57 -30.40
CA SER C 236 2.57 -44.01 -30.61
C SER C 236 2.90 -44.40 -32.06
N TYR C 237 2.52 -43.56 -33.02
CA TYR C 237 2.85 -43.85 -34.41
C TYR C 237 4.35 -43.75 -34.67
N PHE C 238 4.96 -42.69 -34.14
CA PHE C 238 6.40 -42.52 -34.25
C PHE C 238 7.13 -43.71 -33.65
N ASP C 239 6.60 -44.20 -32.53
CA ASP C 239 7.19 -45.34 -31.83
C ASP C 239 7.04 -46.63 -32.63
N GLU C 240 6.36 -46.55 -33.77
CA GLU C 240 6.21 -47.70 -34.65
C GLU C 240 7.42 -47.82 -35.54
N TYR C 241 8.21 -46.75 -35.60
CA TYR C 241 9.47 -46.83 -36.30
C TYR C 241 10.61 -47.01 -35.31
N THR C 242 11.71 -47.54 -35.83
CA THR C 242 12.80 -47.97 -35.00
C THR C 242 14.14 -47.56 -35.61
N GLY C 243 15.11 -47.32 -34.73
CA GLY C 243 16.47 -47.06 -35.15
C GLY C 243 17.03 -45.70 -34.82
N THR C 244 17.70 -45.12 -35.79
CA THR C 244 18.37 -43.86 -35.65
C THR C 244 17.44 -42.77 -36.18
N PRO C 245 17.50 -41.57 -35.59
CA PRO C 245 16.68 -40.44 -36.05
C PRO C 245 16.62 -40.33 -37.58
N GLU C 246 17.76 -40.43 -38.25
CA GLU C 246 17.77 -40.38 -39.71
C GLU C 246 17.06 -41.60 -40.31
N GLU C 247 17.29 -42.78 -39.73
CA GLU C 247 16.68 -44.02 -40.20
C GLU C 247 15.16 -43.93 -40.06
N ARG C 248 14.71 -43.49 -38.88
CA ARG C 248 13.29 -43.33 -38.58
C ARG C 248 12.64 -42.35 -39.56
N MSE C 249 13.32 -41.28 -39.89
CA MSE C 249 12.76 -40.30 -40.79
C MSE C 249 12.63 -40.90 -42.18
O MSE C 249 11.55 -40.89 -42.76
CB MSE C 249 13.59 -39.02 -40.80
CG MSE C 249 13.01 -37.87 -41.63
SE MSE C 249 11.67 -36.79 -40.66
CE MSE C 249 10.99 -35.73 -42.14
N ARG C 250 13.71 -41.43 -42.71
CA ARG C 250 13.71 -41.93 -44.08
C ARG C 250 12.68 -43.02 -44.25
N ALA C 251 12.33 -43.66 -43.14
CA ALA C 251 11.37 -44.77 -43.15
C ALA C 251 9.93 -44.27 -43.23
N MSE C 252 9.58 -43.33 -42.36
CA MSE C 252 8.27 -42.68 -42.38
C MSE C 252 8.01 -42.03 -43.72
O MSE C 252 6.90 -42.10 -44.24
CB MSE C 252 8.14 -41.65 -41.25
CG MSE C 252 8.47 -42.20 -39.88
SE MSE C 252 8.36 -40.84 -38.50
CE MSE C 252 6.42 -40.77 -38.27
N ILE C 253 9.03 -41.40 -44.30
CA ILE C 253 8.90 -40.78 -45.61
C ILE C 253 8.63 -41.84 -46.66
N ALA C 254 9.24 -43.00 -46.47
CA ALA C 254 9.06 -44.11 -47.39
C ALA C 254 7.64 -44.61 -47.30
N ASN C 255 7.05 -44.43 -46.12
CA ASN C 255 5.70 -44.91 -45.87
C ASN C 255 4.60 -43.94 -46.27
N GLU C 256 4.87 -43.11 -47.27
CA GLU C 256 3.92 -42.08 -47.68
C GLU C 256 4.12 -41.75 -49.15
N GLY C 257 3.13 -42.08 -49.96
CA GLY C 257 3.23 -41.98 -51.40
C GLY C 257 3.24 -40.59 -52.02
N HIS C 258 2.90 -39.56 -51.28
CA HIS C 258 2.99 -38.21 -51.85
C HIS C 258 4.45 -37.76 -51.94
N ILE C 259 5.25 -38.15 -50.95
CA ILE C 259 6.61 -37.66 -50.81
C ILE C 259 7.67 -38.74 -51.00
N ALA C 260 7.26 -39.99 -50.89
CA ALA C 260 8.23 -41.10 -50.82
C ALA C 260 9.31 -41.07 -51.91
N GLU C 261 8.90 -40.95 -53.17
CA GLU C 261 9.85 -40.98 -54.26
C GLU C 261 10.59 -39.65 -54.42
N ARG C 262 10.01 -38.58 -53.86
CA ARG C 262 10.66 -37.26 -53.89
C ARG C 262 11.90 -37.24 -53.01
N PHE C 263 11.74 -37.70 -51.78
CA PHE C 263 12.78 -37.52 -50.80
C PHE C 263 13.55 -38.79 -50.49
N LYS C 264 13.26 -39.86 -51.23
CA LYS C 264 13.99 -41.11 -51.09
C LYS C 264 15.43 -40.91 -51.54
N SER C 265 16.37 -41.10 -50.62
CA SER C 265 17.79 -40.94 -50.92
C SER C 265 18.30 -39.48 -51.03
N GLU C 266 17.42 -38.50 -50.83
CA GLU C 266 17.85 -37.11 -50.87
C GLU C 266 18.56 -36.74 -49.56
N GLU C 267 19.50 -35.80 -49.63
CA GLU C 267 20.36 -35.48 -48.49
C GLU C 267 19.66 -34.69 -47.37
N PHE C 268 19.99 -35.01 -46.13
CA PHE C 268 19.50 -34.28 -44.97
C PHE C 268 20.56 -33.29 -44.49
N LEU C 269 20.19 -32.02 -44.38
CA LEU C 269 21.12 -30.97 -43.93
C LEU C 269 21.52 -31.14 -42.47
N PHE C 270 20.68 -31.82 -41.70
CA PHE C 270 20.98 -32.08 -40.30
C PHE C 270 20.23 -33.32 -39.79
N GLU C 271 20.80 -34.02 -38.82
CA GLU C 271 20.11 -35.16 -38.25
C GLU C 271 18.68 -34.73 -37.90
N PRO C 272 17.69 -35.56 -38.24
CA PRO C 272 16.31 -35.20 -37.92
C PRO C 272 16.08 -34.95 -36.42
N ARG C 273 15.36 -33.88 -36.12
CA ARG C 273 15.19 -33.47 -34.73
C ARG C 273 13.76 -33.75 -34.24
N THR C 274 13.61 -33.85 -32.92
CA THR C 274 12.34 -34.23 -32.34
C THR C 274 11.85 -33.20 -31.35
N ILE C 275 10.57 -32.88 -31.42
CA ILE C 275 9.92 -32.01 -30.44
C ILE C 275 8.61 -32.67 -29.97
N GLU C 276 8.50 -32.90 -28.68
CA GLU C 276 7.31 -33.54 -28.12
C GLU C 276 6.72 -32.67 -26.99
N GLY C 277 5.39 -32.72 -26.82
CA GLY C 277 4.72 -32.01 -25.74
C GLY C 277 4.84 -30.50 -25.88
N TYR C 278 4.63 -30.02 -27.10
CA TYR C 278 4.89 -28.63 -27.43
C TYR C 278 3.73 -27.68 -27.15
N ALA C 279 2.53 -28.22 -26.98
CA ALA C 279 1.41 -27.39 -26.56
C ALA C 279 1.59 -26.94 -25.12
N ILE C 280 1.18 -25.71 -24.86
CA ILE C 280 1.37 -25.09 -23.57
C ILE C 280 0.67 -23.74 -23.52
N SER C 281 0.11 -23.40 -22.35
CA SER C 281 -0.60 -22.14 -22.15
C SER C 281 -0.06 -21.30 -20.96
N ALA C 282 -0.73 -20.20 -20.64
CA ALA C 282 -0.24 -19.29 -19.61
C ALA C 282 -1.38 -18.85 -18.74
N SER C 283 -1.16 -18.79 -17.43
CA SER C 283 -2.21 -18.33 -16.51
C SER C 283 -2.56 -16.86 -16.74
N LYS C 284 -1.57 -16.02 -16.98
CA LYS C 284 -1.84 -14.64 -17.43
C LYS C 284 -0.83 -14.15 -18.47
N LEU C 285 -1.25 -13.19 -19.30
CA LEU C 285 -0.45 -12.73 -20.44
C LEU C 285 0.24 -11.42 -20.22
N TYR C 286 0.03 -10.83 -19.04
CA TYR C 286 0.68 -9.58 -18.64
C TYR C 286 0.59 -9.42 -17.12
N GLY C 287 1.45 -8.56 -16.57
CA GLY C 287 1.39 -8.14 -15.18
C GLY C 287 2.05 -6.78 -14.99
N ASP C 288 2.19 -6.36 -13.74
CA ASP C 288 2.94 -5.15 -13.43
C ASP C 288 4.35 -5.26 -14.00
N GLY C 289 4.69 -4.36 -14.91
CA GLY C 289 6.02 -4.39 -15.47
C GLY C 289 6.26 -5.28 -16.66
N PHE C 290 5.25 -6.01 -17.13
CA PHE C 290 5.50 -6.90 -18.26
C PHE C 290 4.29 -7.41 -19.05
N VAL C 291 4.54 -7.67 -20.33
CA VAL C 291 3.64 -8.42 -21.19
C VAL C 291 4.43 -9.59 -21.82
N LEU C 292 3.72 -10.70 -22.08
CA LEU C 292 4.24 -11.90 -22.76
C LEU C 292 3.78 -11.86 -24.20
N THR C 293 4.62 -12.35 -25.11
CA THR C 293 4.28 -12.34 -26.53
C THR C 293 4.56 -13.75 -27.06
N GLY C 294 4.42 -13.97 -28.37
CA GLY C 294 4.81 -15.23 -28.98
C GLY C 294 4.75 -16.50 -28.14
N ASN C 295 5.78 -17.35 -28.27
CA ASN C 295 5.75 -18.66 -27.60
C ASN C 295 5.88 -18.64 -26.07
N ALA C 296 6.10 -17.44 -25.52
CA ALA C 296 6.03 -17.23 -24.08
C ALA C 296 4.57 -17.12 -23.66
N THR C 297 3.69 -17.14 -24.65
CA THR C 297 2.28 -16.95 -24.41
C THR C 297 1.49 -18.25 -24.36
N GLU C 298 0.88 -18.63 -25.48
CA GLU C 298 0.33 -19.95 -25.68
C GLU C 298 0.69 -20.42 -27.07
N PHE C 299 1.07 -21.70 -27.15
CA PHE C 299 1.27 -22.38 -28.41
C PHE C 299 0.24 -23.47 -28.59
N LEU C 300 -0.35 -23.50 -29.77
CA LEU C 300 -1.37 -24.47 -30.13
C LEU C 300 -0.76 -25.75 -30.70
N ASP C 301 -0.47 -25.68 -32.01
CA ASP C 301 0.02 -26.81 -32.78
C ASP C 301 0.67 -26.31 -34.07
N PRO C 302 1.48 -27.15 -34.71
CA PRO C 302 2.07 -26.73 -35.98
C PRO C 302 1.11 -26.54 -37.16
N ILE C 303 -0.04 -27.24 -37.29
CA ILE C 303 -0.90 -27.04 -38.48
C ILE C 303 -1.43 -25.62 -38.64
N PHE C 304 -1.57 -25.23 -39.90
CA PHE C 304 -2.00 -23.88 -40.31
C PHE C 304 -0.83 -22.95 -40.07
N SER C 305 0.19 -23.50 -39.40
CA SER C 305 1.47 -22.85 -39.13
C SER C 305 1.53 -21.38 -38.76
N SER C 306 0.85 -21.01 -37.69
CA SER C 306 0.50 -19.63 -37.37
C SER C 306 1.38 -18.99 -36.30
N GLY C 307 2.31 -19.74 -35.74
CA GLY C 307 3.03 -19.26 -34.59
C GLY C 307 3.82 -17.98 -34.77
N ALA C 308 4.53 -17.88 -35.89
CA ALA C 308 5.39 -16.75 -36.14
C ALA C 308 4.55 -15.52 -36.30
N THR C 309 3.39 -15.75 -36.88
CA THR C 309 2.44 -14.69 -37.09
C THR C 309 1.87 -14.24 -35.75
N PHE C 310 1.46 -15.16 -34.89
CA PHE C 310 0.99 -14.74 -33.57
C PHE C 310 2.07 -14.03 -32.75
N ALA C 311 3.31 -14.52 -32.78
CA ALA C 311 4.40 -13.86 -32.08
C ALA C 311 4.51 -12.42 -32.54
N MSE C 312 4.45 -12.22 -33.87
CA MSE C 312 4.49 -10.87 -34.46
C MSE C 312 3.29 -9.98 -34.13
O MSE C 312 3.44 -8.77 -33.92
CB MSE C 312 4.66 -10.97 -35.97
CG MSE C 312 6.06 -11.38 -36.33
SE MSE C 312 6.48 -11.21 -38.25
CE MSE C 312 6.73 -13.13 -38.69
N GLU C 313 2.10 -10.59 -34.12
CA GLU C 313 0.88 -9.92 -33.74
C GLU C 313 0.98 -9.50 -32.29
N SER C 314 1.51 -10.41 -31.49
CA SER C 314 1.60 -10.22 -30.06
C SER C 314 2.69 -9.21 -29.75
N GLY C 315 3.80 -9.28 -30.47
CA GLY C 315 4.88 -8.35 -30.21
C GLY C 315 4.36 -6.96 -30.50
N SER C 316 3.55 -6.88 -31.53
CA SER C 316 3.16 -5.61 -32.09
C SER C 316 2.22 -4.90 -31.14
N LYS C 317 1.16 -5.58 -30.76
CA LYS C 317 0.22 -4.99 -29.81
C LYS C 317 0.87 -4.84 -28.42
N GLY C 318 1.68 -5.80 -28.00
CA GLY C 318 2.40 -5.69 -26.75
C GLY C 318 3.28 -4.45 -26.70
N GLY C 319 4.00 -4.21 -27.82
CA GLY C 319 4.80 -3.00 -28.00
C GLY C 319 4.00 -1.70 -28.00
N LYS C 320 2.86 -1.68 -28.72
CA LYS C 320 1.98 -0.50 -28.71
C LYS C 320 1.56 -0.13 -27.31
N LEU C 321 1.17 -1.15 -26.55
CA LEU C 321 0.60 -0.95 -25.22
C LEU C 321 1.64 -0.51 -24.22
N ALA C 322 2.80 -1.15 -24.27
CA ALA C 322 3.91 -0.78 -23.41
C ALA C 322 4.29 0.70 -23.63
N VAL C 323 4.26 1.15 -24.88
CA VAL C 323 4.58 2.53 -25.18
C VAL C 323 3.59 3.45 -24.45
N GLN C 324 2.31 3.11 -24.58
CA GLN C 324 1.24 3.83 -23.91
C GLN C 324 1.47 3.87 -22.39
N PHE C 325 2.05 2.80 -21.85
CA PHE C 325 2.39 2.76 -20.44
C PHE C 325 3.49 3.79 -20.18
N LEU C 326 4.53 3.75 -21.01
CA LEU C 326 5.66 4.65 -20.85
C LEU C 326 5.25 6.11 -20.90
N LYS C 327 4.24 6.41 -21.72
CA LYS C 327 3.78 7.77 -21.94
C LYS C 327 2.96 8.27 -20.75
N GLY C 328 2.56 7.35 -19.88
CA GLY C 328 1.77 7.70 -18.71
C GLY C 328 0.29 7.57 -18.95
N GLU C 329 -0.07 7.05 -20.11
CA GLU C 329 -1.48 6.85 -20.45
C GLU C 329 -2.06 5.68 -19.64
N GLU C 330 -3.40 5.61 -19.60
CA GLU C 330 -4.05 4.44 -19.02
C GLU C 330 -4.13 3.35 -20.09
N VAL C 331 -3.97 2.10 -19.66
CA VAL C 331 -3.84 1.01 -20.61
C VAL C 331 -4.84 -0.10 -20.32
N ASN C 332 -5.68 -0.41 -21.29
CA ASN C 332 -6.61 -1.52 -21.15
C ASN C 332 -5.98 -2.82 -21.65
N TRP C 333 -5.11 -3.41 -20.83
CA TRP C 333 -4.44 -4.64 -21.18
C TRP C 333 -5.43 -5.77 -21.42
N GLU C 334 -6.41 -5.91 -20.54
CA GLU C 334 -7.37 -7.00 -20.62
C GLU C 334 -8.07 -7.06 -21.99
N LYS C 335 -8.49 -5.89 -22.45
CA LYS C 335 -9.18 -5.79 -23.74
C LYS C 335 -8.26 -5.58 -24.95
N ASP C 336 -7.27 -4.68 -24.84
CA ASP C 336 -6.46 -4.32 -26.00
C ASP C 336 -5.38 -5.36 -26.26
N PHE C 337 -5.06 -6.14 -25.25
CA PHE C 337 -4.10 -7.22 -25.45
C PHE C 337 -4.67 -8.63 -25.26
N VAL C 338 -5.20 -8.93 -24.06
CA VAL C 338 -5.72 -10.26 -23.78
C VAL C 338 -6.92 -10.69 -24.65
N GLU C 339 -7.98 -9.90 -24.72
CA GLU C 339 -9.13 -10.21 -25.59
C GLU C 339 -8.82 -10.33 -27.08
N HIS C 340 -8.00 -9.41 -27.57
CA HIS C 340 -7.68 -9.46 -28.98
C HIS C 340 -6.87 -10.69 -29.33
N MSE C 341 -5.83 -10.95 -28.56
CA MSE C 341 -5.01 -12.13 -28.76
C MSE C 341 -5.83 -13.43 -28.67
O MSE C 341 -5.70 -14.30 -29.52
CB MSE C 341 -3.85 -12.16 -27.73
CG MSE C 341 -2.83 -11.03 -27.94
SE MSE C 341 -2.23 -10.95 -29.79
CE MSE C 341 -1.67 -12.86 -29.97
N MSE C 342 -6.65 -13.55 -27.62
CA MSE C 342 -7.39 -14.80 -27.41
C MSE C 342 -8.39 -15.04 -28.53
O MSE C 342 -8.55 -16.16 -28.98
CB MSE C 342 -8.10 -14.85 -26.05
CG MSE C 342 -7.20 -14.97 -24.82
SE MSE C 342 -5.54 -16.00 -25.03
CE MSE C 342 -4.47 -14.52 -25.76
N GLN C 343 -9.03 -13.98 -29.01
CA GLN C 343 -9.89 -14.04 -30.18
C GLN C 343 -9.22 -14.80 -31.36
N GLY C 344 -8.04 -14.37 -31.77
CA GLY C 344 -7.31 -15.07 -32.82
C GLY C 344 -6.84 -16.45 -32.40
N ILE C 345 -6.37 -16.58 -31.17
CA ILE C 345 -5.82 -17.87 -30.72
C ILE C 345 -6.95 -18.89 -30.58
N ASP C 346 -8.14 -18.41 -30.21
CA ASP C 346 -9.30 -19.27 -30.01
C ASP C 346 -9.90 -19.75 -31.30
N THR C 347 -9.86 -18.88 -32.30
CA THR C 347 -10.31 -19.26 -33.62
C THR C 347 -9.43 -20.38 -34.14
N PHE C 348 -8.13 -20.18 -34.18
CA PHE C 348 -7.23 -21.26 -34.62
C PHE C 348 -7.38 -22.54 -33.77
N ARG C 349 -7.54 -22.38 -32.47
CA ARG C 349 -7.73 -23.52 -31.57
C ARG C 349 -8.84 -24.41 -32.10
N SER C 350 -9.97 -23.78 -32.45
CA SER C 350 -11.10 -24.46 -33.03
C SER C 350 -10.69 -25.17 -34.32
N PHE C 351 -9.78 -24.56 -35.09
CA PHE C 351 -9.41 -25.16 -36.36
C PHE C 351 -8.42 -26.31 -36.13
N VAL C 352 -7.47 -26.11 -35.21
CA VAL C 352 -6.60 -27.20 -34.79
C VAL C 352 -7.44 -28.40 -34.30
N THR C 353 -8.46 -28.12 -33.50
CA THR C 353 -9.32 -29.19 -33.03
C THR C 353 -10.02 -29.86 -34.20
N GLY C 354 -10.56 -29.04 -35.09
CA GLY C 354 -11.12 -29.53 -36.34
C GLY C 354 -10.18 -30.41 -37.15
N TRP C 355 -8.92 -29.99 -37.32
CA TRP C 355 -7.94 -30.79 -38.06
C TRP C 355 -7.78 -32.22 -37.56
N TYR C 356 -7.76 -32.39 -36.24
CA TYR C 356 -7.39 -33.68 -35.69
C TYR C 356 -8.59 -34.57 -35.47
N ASP C 357 -9.78 -34.02 -35.57
CA ASP C 357 -10.97 -34.79 -35.21
C ASP C 357 -11.85 -35.22 -36.39
N GLY C 358 -11.33 -35.06 -37.61
CA GLY C 358 -12.06 -35.46 -38.79
C GLY C 358 -13.04 -34.44 -39.38
N THR C 359 -13.66 -33.61 -38.54
CA THR C 359 -14.64 -32.64 -39.02
C THR C 359 -14.04 -31.79 -40.11
N LEU C 360 -12.80 -31.37 -39.88
CA LEU C 360 -12.17 -30.44 -40.80
C LEU C 360 -11.80 -31.11 -42.11
N HIS C 361 -11.26 -32.32 -42.04
CA HIS C 361 -10.91 -33.03 -43.26
C HIS C 361 -12.15 -33.25 -44.09
N ALA C 362 -13.29 -33.38 -43.42
CA ALA C 362 -14.58 -33.61 -44.10
C ALA C 362 -15.01 -32.44 -45.00
N VAL C 363 -14.65 -31.23 -44.57
CA VAL C 363 -14.97 -30.02 -45.30
C VAL C 363 -14.00 -29.77 -46.43
N PHE C 364 -12.71 -29.87 -46.10
CA PHE C 364 -11.62 -29.71 -47.07
C PHE C 364 -11.79 -30.71 -48.22
N PHE C 365 -12.01 -31.96 -47.86
CA PHE C 365 -12.06 -33.07 -48.82
C PHE C 365 -13.46 -33.50 -49.25
N ALA C 366 -14.40 -32.55 -49.20
CA ALA C 366 -15.75 -32.80 -49.65
C ALA C 366 -15.79 -32.71 -51.17
N LYS C 367 -16.53 -33.60 -51.82
CA LYS C 367 -16.70 -33.50 -53.25
C LYS C 367 -17.37 -32.15 -53.48
N ASN C 368 -16.91 -31.44 -54.51
CA ASN C 368 -17.49 -30.13 -54.81
C ASN C 368 -17.58 -29.23 -53.56
N PRO C 369 -16.42 -28.79 -53.03
CA PRO C 369 -16.46 -27.91 -51.86
C PRO C 369 -17.02 -26.53 -52.20
N ASP C 370 -17.80 -25.98 -51.27
CA ASP C 370 -18.42 -24.68 -51.46
C ASP C 370 -17.37 -23.58 -51.57
N PRO C 371 -17.30 -22.93 -52.74
CA PRO C 371 -16.33 -21.91 -53.13
C PRO C 371 -16.40 -20.71 -52.20
N ASP C 372 -17.61 -20.40 -51.75
CA ASP C 372 -17.79 -19.37 -50.77
C ASP C 372 -17.22 -19.80 -49.44
N HIS C 373 -17.39 -21.07 -49.09
CA HIS C 373 -16.87 -21.56 -47.83
C HIS C 373 -15.35 -21.58 -47.95
N LYS C 374 -14.90 -21.93 -49.15
CA LYS C 374 -13.47 -22.03 -49.39
C LYS C 374 -12.81 -20.68 -49.07
N ARG C 375 -13.38 -19.60 -49.62
CA ARG C 375 -12.90 -18.25 -49.41
C ARG C 375 -12.82 -17.89 -47.96
N MSE C 376 -13.81 -18.30 -47.19
CA MSE C 376 -13.87 -17.94 -45.77
C MSE C 376 -12.80 -18.73 -45.01
O MSE C 376 -12.20 -18.22 -44.04
CB MSE C 376 -15.26 -18.27 -45.21
CG MSE C 376 -16.44 -17.70 -46.03
SE MSE C 376 -18.23 -18.17 -45.36
CE MSE C 376 -19.28 -17.01 -46.54
N ILE C 377 -12.60 -19.97 -45.44
CA ILE C 377 -11.72 -20.87 -44.73
C ILE C 377 -10.33 -20.39 -45.05
N CYS C 378 -10.23 -19.81 -46.23
CA CYS C 378 -8.98 -19.33 -46.78
C CYS C 378 -8.48 -18.05 -46.07
N SER C 379 -9.40 -17.18 -45.68
CA SER C 379 -9.00 -16.04 -44.84
C SER C 379 -8.62 -16.40 -43.41
N VAL C 380 -9.01 -17.59 -42.95
CA VAL C 380 -8.60 -18.04 -41.63
C VAL C 380 -7.18 -18.60 -41.75
N LEU C 381 -6.95 -19.35 -42.82
CA LEU C 381 -5.65 -19.93 -43.12
C LEU C 381 -4.55 -18.86 -43.22
N ALA C 382 -4.91 -17.71 -43.79
CA ALA C 382 -3.98 -16.59 -43.97
C ALA C 382 -3.73 -15.82 -42.68
N GLY C 383 -4.56 -16.05 -41.66
CA GLY C 383 -4.38 -15.42 -40.36
C GLY C 383 -5.31 -14.24 -40.04
N TYR C 384 -6.36 -14.06 -40.84
CA TYR C 384 -7.34 -13.01 -40.54
C TYR C 384 -8.46 -13.52 -39.65
N VAL C 385 -8.03 -13.91 -38.46
CA VAL C 385 -8.89 -14.56 -37.48
C VAL C 385 -9.49 -13.52 -36.52
N TRP C 386 -9.45 -12.25 -36.94
CA TRP C 386 -10.15 -11.20 -36.21
C TRP C 386 -11.29 -10.59 -37.02
N ASP C 387 -11.59 -11.14 -38.19
CA ASP C 387 -12.72 -10.63 -38.97
C ASP C 387 -14.03 -11.29 -38.53
N LYS C 388 -14.83 -10.54 -37.77
CA LYS C 388 -16.08 -11.08 -37.24
C LYS C 388 -17.20 -11.24 -38.26
N ASN C 389 -16.99 -10.72 -39.46
CA ASN C 389 -17.95 -10.90 -40.57
C ASN C 389 -17.75 -12.25 -41.26
N ASN C 390 -16.56 -12.81 -41.08
CA ASN C 390 -16.25 -14.15 -41.53
C ASN C 390 -16.90 -15.16 -40.58
N PRO C 391 -17.91 -15.89 -41.09
CA PRO C 391 -18.64 -16.90 -40.29
C PRO C 391 -17.70 -17.96 -39.71
N PHE C 392 -16.64 -18.32 -40.41
CA PHE C 392 -15.76 -19.36 -39.88
C PHE C 392 -14.97 -18.88 -38.70
N VAL C 393 -14.90 -17.56 -38.56
CA VAL C 393 -14.32 -16.96 -37.36
C VAL C 393 -15.41 -16.70 -36.36
N LYS C 394 -16.49 -16.07 -36.81
CA LYS C 394 -17.57 -15.77 -35.88
C LYS C 394 -17.97 -17.03 -35.14
N LYS C 395 -18.07 -18.14 -35.87
CA LYS C 395 -18.59 -19.38 -35.31
C LYS C 395 -17.58 -20.52 -35.37
N HIS C 396 -16.31 -20.21 -35.09
CA HIS C 396 -15.24 -21.19 -35.23
C HIS C 396 -15.43 -22.45 -34.38
N ASN C 397 -15.91 -22.31 -33.15
CA ASN C 397 -16.05 -23.47 -32.24
C ASN C 397 -17.29 -24.31 -32.49
N THR C 398 -18.12 -23.86 -33.43
CA THR C 398 -19.34 -24.57 -33.78
C THR C 398 -19.34 -24.97 -35.26
N ILE C 399 -18.89 -24.06 -36.11
CA ILE C 399 -19.18 -24.13 -37.52
C ILE C 399 -18.70 -25.40 -38.19
N LEU C 400 -17.59 -25.94 -37.71
CA LEU C 400 -16.93 -27.06 -38.37
C LEU C 400 -17.64 -28.39 -38.15
N LYS C 401 -17.91 -28.68 -36.88
CA LYS C 401 -18.69 -29.86 -36.52
C LYS C 401 -20.05 -29.80 -37.22
N THR C 402 -20.64 -28.60 -37.22
CA THR C 402 -21.87 -28.33 -37.96
C THR C 402 -21.76 -28.70 -39.44
N LEU C 403 -20.80 -28.09 -40.13
CA LEU C 403 -20.69 -28.24 -41.57
C LEU C 403 -20.48 -29.69 -42.01
N ALA C 404 -19.63 -30.40 -41.27
CA ALA C 404 -19.29 -31.78 -41.56
C ALA C 404 -20.53 -32.64 -41.49
N LYS C 405 -21.43 -32.24 -40.61
CA LYS C 405 -22.71 -32.90 -40.47
C LYS C 405 -23.58 -32.66 -41.71
N VAL C 406 -23.69 -31.42 -42.16
CA VAL C 406 -24.40 -31.15 -43.41
C VAL C 406 -23.79 -31.97 -44.55
N ILE C 407 -22.45 -31.95 -44.63
CA ILE C 407 -21.75 -32.78 -45.61
C ILE C 407 -22.19 -34.25 -45.51
N GLN C 408 -22.21 -34.81 -44.31
CA GLN C 408 -22.60 -36.22 -44.12
C GLN C 408 -24.02 -36.45 -44.62
N MSE C 409 -24.93 -35.57 -44.23
CA MSE C 409 -26.33 -35.68 -44.60
C MSE C 409 -26.50 -35.43 -46.10
O MSE C 409 -27.43 -35.94 -46.72
CB MSE C 409 -27.19 -34.72 -43.77
CG MSE C 409 -28.49 -35.31 -43.24
SE MSE C 409 -28.17 -36.66 -41.86
CE MSE C 409 -27.02 -35.56 -40.75
N GLY C 410 -25.59 -34.64 -46.66
CA GLY C 410 -25.61 -34.41 -48.09
C GLY C 410 -25.29 -35.71 -48.80
N GLU C 411 -24.25 -36.39 -48.31
CA GLU C 411 -23.77 -37.65 -48.87
C GLU C 411 -24.83 -38.76 -48.81
N GLU C 412 -25.87 -38.55 -48.01
CA GLU C 412 -27.06 -39.40 -48.06
C GLU C 412 -28.21 -38.75 -48.89
N LYS D 5 -38.47 8.63 32.66
CA LYS D 5 -38.47 10.08 32.91
C LYS D 5 -38.40 10.49 34.40
N VAL D 6 -37.26 11.05 34.80
CA VAL D 6 -37.09 11.62 36.14
C VAL D 6 -36.52 13.06 36.07
N ASP D 7 -36.60 13.78 37.19
CA ASP D 7 -35.93 15.06 37.30
C ASP D 7 -34.41 14.85 37.34
N VAL D 8 -33.96 14.03 38.28
CA VAL D 8 -32.53 13.85 38.53
C VAL D 8 -32.20 12.37 38.45
N LEU D 9 -31.22 12.00 37.64
CA LEU D 9 -30.77 10.61 37.61
C LEU D 9 -29.46 10.51 38.36
N VAL D 10 -29.44 9.71 39.41
CA VAL D 10 -28.21 9.50 40.18
C VAL D 10 -27.60 8.18 39.84
N ILE D 11 -26.38 8.22 39.32
CA ILE D 11 -25.67 7.00 38.97
C ILE D 11 -24.82 6.57 40.15
N GLY D 12 -25.35 5.67 40.97
CA GLY D 12 -24.59 5.10 42.06
C GLY D 12 -25.24 5.16 43.44
N ALA D 13 -25.41 4.00 44.05
CA ALA D 13 -25.94 3.93 45.41
C ALA D 13 -24.82 3.83 46.45
N GLY D 14 -23.69 4.47 46.17
CA GLY D 14 -22.66 4.64 47.17
C GLY D 14 -22.98 5.79 48.12
N PRO D 15 -22.07 6.09 49.08
CA PRO D 15 -22.35 7.18 50.02
C PRO D 15 -22.65 8.52 49.32
N ALA D 16 -22.10 8.76 48.14
CA ALA D 16 -22.34 10.02 47.40
C ALA D 16 -23.69 10.06 46.72
N GLY D 17 -24.06 8.94 46.07
CA GLY D 17 -25.33 8.81 45.40
C GLY D 17 -26.48 8.96 46.36
N THR D 18 -26.37 8.31 47.51
CA THR D 18 -27.49 8.27 48.44
C THR D 18 -27.70 9.57 49.18
N VAL D 19 -26.61 10.25 49.56
CA VAL D 19 -26.74 11.59 50.16
C VAL D 19 -27.31 12.54 49.12
N ALA D 20 -26.76 12.47 47.90
CA ALA D 20 -27.23 13.33 46.83
C ALA D 20 -28.74 13.12 46.65
N ALA D 21 -29.11 11.87 46.41
CA ALA D 21 -30.50 11.53 46.16
C ALA D 21 -31.38 11.99 47.32
N SER D 22 -30.97 11.71 48.54
CA SER D 22 -31.73 12.18 49.71
C SER D 22 -32.02 13.67 49.62
N LEU D 23 -31.00 14.46 49.29
CA LEU D 23 -31.16 15.90 49.24
C LEU D 23 -32.09 16.29 48.09
N VAL D 24 -31.90 15.68 46.93
CA VAL D 24 -32.73 16.06 45.81
C VAL D 24 -34.17 15.69 46.10
N ASN D 25 -34.37 14.56 46.77
CA ASN D 25 -35.71 14.11 47.17
C ASN D 25 -36.30 15.02 48.24
N LYS D 26 -35.46 15.40 49.19
CA LYS D 26 -35.78 16.30 50.29
C LYS D 26 -36.54 17.52 49.77
N SER D 27 -36.20 17.94 48.56
CA SER D 27 -36.63 19.24 48.06
C SER D 27 -37.82 19.16 47.10
N GLY D 28 -38.30 17.94 46.83
CA GLY D 28 -39.55 17.77 46.11
C GLY D 28 -39.47 17.35 44.66
N PHE D 29 -38.26 17.12 44.17
CA PHE D 29 -38.06 16.73 42.77
C PHE D 29 -37.99 15.20 42.60
N LYS D 30 -38.25 14.71 41.39
CA LYS D 30 -38.24 13.25 41.13
C LYS D 30 -36.83 12.70 40.90
N VAL D 31 -36.39 11.84 41.80
CA VAL D 31 -35.06 11.29 41.67
C VAL D 31 -35.06 9.75 41.69
N LYS D 32 -34.20 9.18 40.87
CA LYS D 32 -34.02 7.73 40.81
C LYS D 32 -32.55 7.46 40.96
N ILE D 33 -32.20 6.36 41.63
CA ILE D 33 -30.82 5.88 41.61
C ILE D 33 -30.68 4.57 40.84
N VAL D 34 -29.80 4.56 39.85
CA VAL D 34 -29.44 3.33 39.17
C VAL D 34 -28.07 2.79 39.64
N GLU D 35 -28.10 1.65 40.33
CA GLU D 35 -26.92 1.03 40.90
C GLU D 35 -26.63 -0.29 40.17
N LYS D 36 -25.41 -0.47 39.71
CA LYS D 36 -25.06 -1.57 38.81
C LYS D 36 -25.01 -2.92 39.52
N GLN D 37 -24.76 -2.89 40.83
CA GLN D 37 -24.56 -4.12 41.58
C GLN D 37 -25.73 -4.49 42.47
N LYS D 38 -25.69 -5.70 43.01
CA LYS D 38 -26.66 -6.11 44.01
C LYS D 38 -26.17 -5.72 45.40
N PHE D 39 -27.10 -5.31 46.26
CA PHE D 39 -26.72 -4.88 47.60
C PHE D 39 -27.05 -5.98 48.61
N PRO D 40 -26.12 -6.24 49.55
CA PRO D 40 -24.89 -5.47 49.79
C PRO D 40 -23.73 -5.86 48.87
N ARG D 41 -22.75 -4.96 48.75
CA ARG D 41 -21.61 -5.18 47.89
C ARG D 41 -20.38 -4.66 48.60
N PHE D 42 -19.26 -5.34 48.39
CA PHE D 42 -18.01 -4.92 48.98
C PHE D 42 -17.33 -3.82 48.19
N VAL D 43 -16.90 -2.78 48.91
CA VAL D 43 -16.03 -1.76 48.39
C VAL D 43 -15.18 -1.37 49.56
N ILE D 44 -13.96 -0.92 49.29
CA ILE D 44 -12.99 -0.56 50.31
C ILE D 44 -13.32 0.84 50.84
N GLY D 45 -12.66 1.24 51.93
CA GLY D 45 -12.81 2.59 52.44
C GLY D 45 -13.76 2.62 53.61
N GLU D 46 -13.27 2.18 54.76
CA GLU D 46 -14.10 1.73 55.86
C GLU D 46 -13.97 2.58 57.14
N SER D 47 -13.09 3.57 57.11
CA SER D 47 -12.91 4.44 58.25
C SER D 47 -13.48 5.79 57.86
N LEU D 48 -14.46 6.26 58.62
CA LEU D 48 -15.17 7.49 58.29
C LEU D 48 -14.60 8.68 59.09
N LEU D 49 -15.08 9.89 58.80
CA LEU D 49 -14.55 11.10 59.46
C LEU D 49 -15.70 11.90 60.04
N PRO D 50 -15.51 12.36 61.27
CA PRO D 50 -16.54 13.14 61.94
C PRO D 50 -17.24 14.07 60.97
N ARG D 51 -16.49 14.59 60.00
CA ARG D 51 -17.03 15.53 59.03
C ARG D 51 -18.33 15.01 58.40
N CYS D 52 -18.34 13.73 58.00
CA CYS D 52 -19.49 13.15 57.28
C CYS D 52 -20.75 13.08 58.12
N MSE D 53 -20.57 13.14 59.44
CA MSE D 53 -21.68 13.01 60.36
C MSE D 53 -22.70 14.09 60.03
O MSE D 53 -23.91 13.87 60.10
CB MSE D 53 -21.23 13.13 61.82
CG MSE D 53 -20.33 11.97 62.26
SE MSE D 53 -21.19 10.21 62.12
CE MSE D 53 -22.05 10.10 63.88
N GLU D 54 -22.17 15.26 59.64
CA GLU D 54 -23.00 16.38 59.23
C GLU D 54 -23.91 16.06 58.04
N HIS D 55 -23.39 15.34 57.05
CA HIS D 55 -24.17 14.95 55.91
C HIS D 55 -25.04 13.76 56.27
N LEU D 56 -24.46 12.82 57.02
CA LEU D 56 -25.22 11.68 57.49
C LEU D 56 -26.44 12.22 58.24
N ASP D 57 -26.24 13.35 58.91
CA ASP D 57 -27.28 14.00 59.72
C ASP D 57 -28.36 14.68 58.89
N GLU D 58 -27.94 15.47 57.92
CA GLU D 58 -28.82 16.31 57.12
C GLU D 58 -29.66 15.50 56.15
N ALA D 59 -29.21 14.28 55.91
CA ALA D 59 -29.88 13.44 54.94
C ALA D 59 -30.79 12.42 55.61
N GLY D 60 -30.93 12.52 56.93
CA GLY D 60 -31.81 11.63 57.68
C GLY D 60 -31.32 10.19 57.77
N PHE D 61 -30.00 10.00 57.72
CA PHE D 61 -29.39 8.67 57.75
C PHE D 61 -28.82 8.29 59.11
N LEU D 62 -28.75 9.25 60.03
CA LEU D 62 -28.02 9.03 61.28
C LEU D 62 -28.62 7.92 62.10
N ASP D 63 -29.95 7.89 62.15
CA ASP D 63 -30.65 6.92 62.97
C ASP D 63 -30.45 5.52 62.45
N ALA D 64 -30.50 5.40 61.13
CA ALA D 64 -30.38 4.11 60.48
C ALA D 64 -28.96 3.60 60.65
N VAL D 65 -28.00 4.49 60.49
CA VAL D 65 -26.62 4.11 60.68
C VAL D 65 -26.44 3.54 62.09
N LYS D 66 -26.89 4.30 63.09
CA LYS D 66 -26.87 3.87 64.50
C LYS D 66 -27.51 2.51 64.80
N ALA D 67 -28.72 2.27 64.30
CA ALA D 67 -29.40 0.99 64.56
C ALA D 67 -28.54 -0.23 64.20
N GLN D 68 -27.48 0.00 63.43
CA GLN D 68 -26.61 -1.06 62.97
C GLN D 68 -25.53 -1.43 64.00
N GLY D 69 -25.37 -0.56 64.99
CA GLY D 69 -24.30 -0.67 65.96
C GLY D 69 -22.90 -0.85 65.37
N PHE D 70 -22.47 0.03 64.47
CA PHE D 70 -21.08 -0.06 63.98
C PHE D 70 -20.10 0.32 65.10
N GLN D 71 -18.86 -0.15 64.96
CA GLN D 71 -17.80 0.23 65.87
C GLN D 71 -17.62 1.76 65.88
N GLN D 72 -17.44 2.33 67.06
CA GLN D 72 -17.31 3.77 67.19
C GLN D 72 -15.87 4.21 67.02
N LYS D 73 -15.69 5.29 66.26
CA LYS D 73 -14.39 5.91 66.04
C LYS D 73 -14.29 7.25 66.80
N PHE D 74 -13.31 7.39 67.67
CA PHE D 74 -13.18 8.67 68.39
C PHE D 74 -11.91 9.43 68.04
N GLY D 75 -11.09 8.85 67.18
CA GLY D 75 -9.80 9.44 66.87
C GLY D 75 -8.91 8.57 66.00
N ALA D 76 -7.69 9.04 65.78
CA ALA D 76 -6.78 8.35 64.88
C ALA D 76 -5.44 8.27 65.57
N LYS D 77 -4.90 7.06 65.64
CA LYS D 77 -3.64 6.88 66.29
C LYS D 77 -2.60 6.58 65.24
N PHE D 78 -1.38 7.01 65.47
CA PHE D 78 -0.28 6.78 64.54
C PHE D 78 0.92 6.11 65.23
N VAL D 79 1.28 4.94 64.72
CA VAL D 79 2.33 4.15 65.31
C VAL D 79 3.59 4.14 64.46
N ARG D 80 4.73 4.35 65.12
CA ARG D 80 6.03 4.10 64.52
C ARG D 80 6.98 3.51 65.55
N GLY D 81 7.24 2.21 65.45
CA GLY D 81 8.00 1.51 66.47
C GLY D 81 7.15 1.45 67.71
N LYS D 82 7.69 1.98 68.82
CA LYS D 82 6.92 2.09 70.06
C LYS D 82 6.42 3.52 70.22
N GLU D 83 6.77 4.39 69.26
CA GLU D 83 6.31 5.78 69.25
C GLU D 83 4.84 5.84 68.86
N ILE D 84 4.11 6.75 69.48
CA ILE D 84 2.68 6.89 69.25
C ILE D 84 2.24 8.35 69.27
N ALA D 85 1.54 8.77 68.23
CA ALA D 85 0.86 10.04 68.26
C ALA D 85 -0.63 9.76 68.20
N ASP D 86 -1.33 10.03 69.31
CA ASP D 86 -2.74 9.75 69.39
C ASP D 86 -3.53 11.03 69.22
N PHE D 87 -4.49 11.02 68.32
CA PHE D 87 -5.30 12.19 68.06
C PHE D 87 -6.74 11.92 68.45
N ASN D 88 -7.17 12.59 69.50
CA ASN D 88 -8.51 12.44 70.07
C ASN D 88 -9.42 13.51 69.46
N PHE D 89 -10.44 13.08 68.73
CA PHE D 89 -11.31 14.05 68.05
C PHE D 89 -12.03 14.96 69.04
N SER D 90 -11.98 14.63 70.33
CA SER D 90 -12.63 15.41 71.37
C SER D 90 -11.78 16.62 71.71
N ASP D 91 -10.57 16.62 71.21
CA ASP D 91 -9.64 17.71 71.42
C ASP D 91 -9.25 18.34 70.08
N GLN D 92 -10.10 19.20 69.53
CA GLN D 92 -9.80 19.74 68.20
C GLN D 92 -9.93 21.25 68.08
N PHE D 93 -9.42 21.81 66.98
CA PHE D 93 -9.46 23.25 66.81
C PHE D 93 -10.85 23.75 66.46
N SER D 94 -11.47 23.08 65.49
CA SER D 94 -12.73 23.56 64.95
C SER D 94 -13.94 23.02 65.69
N ASN D 95 -15.03 23.78 65.61
CA ASN D 95 -16.34 23.27 65.95
C ASN D 95 -16.63 22.15 64.99
N GLY D 96 -17.39 21.17 65.43
CA GLY D 96 -17.79 20.08 64.55
C GLY D 96 -17.86 18.79 65.33
N TRP D 97 -18.25 17.71 64.66
CA TRP D 97 -18.49 16.45 65.32
C TRP D 97 -17.19 15.91 65.89
N ASN D 98 -17.27 15.03 66.88
CA ASN D 98 -16.06 14.46 67.40
C ASN D 98 -16.06 12.95 67.43
N TRP D 99 -16.99 12.34 66.73
CA TRP D 99 -16.96 10.88 66.59
C TRP D 99 -17.69 10.43 65.33
N THR D 100 -17.38 9.21 64.89
CA THR D 100 -18.03 8.62 63.73
C THR D 100 -17.88 7.11 63.87
N TRP D 101 -17.78 6.38 62.76
CA TRP D 101 -17.80 4.93 62.84
C TRP D 101 -16.78 4.28 61.91
N GLN D 102 -16.35 3.05 62.27
CA GLN D 102 -15.61 2.14 61.38
C GLN D 102 -16.64 1.19 60.80
N VAL D 103 -16.83 1.19 59.48
CA VAL D 103 -17.97 0.49 58.92
C VAL D 103 -17.51 -0.40 57.79
N PRO D 104 -18.02 -1.64 57.76
CA PRO D 104 -17.97 -2.50 56.57
C PRO D 104 -18.91 -1.90 55.53
N ARG D 105 -18.40 -1.57 54.35
CA ARG D 105 -19.10 -0.65 53.45
C ARG D 105 -20.35 -1.24 52.80
N GLY D 106 -20.33 -2.55 52.58
CA GLY D 106 -21.48 -3.25 52.06
C GLY D 106 -22.68 -2.98 52.91
N ASN D 107 -22.54 -3.23 54.22
CA ASN D 107 -23.62 -3.03 55.18
C ASN D 107 -23.94 -1.56 55.43
N PHE D 108 -22.92 -0.70 55.41
CA PHE D 108 -23.12 0.72 55.63
C PHE D 108 -23.83 1.33 54.42
N ASP D 109 -23.31 1.09 53.22
CA ASP D 109 -23.90 1.67 52.03
C ASP D 109 -25.35 1.21 51.83
N LYS D 110 -25.60 -0.09 52.03
CA LYS D 110 -26.96 -0.63 51.99
C LYS D 110 -27.87 0.03 53.04
N THR D 111 -27.34 0.22 54.25
CA THR D 111 -28.09 0.93 55.29
C THR D 111 -28.53 2.30 54.79
N LEU D 112 -27.66 2.95 54.04
CA LEU D 112 -27.93 4.31 53.59
C LEU D 112 -28.88 4.33 52.39
N ALA D 113 -28.75 3.35 51.50
CA ALA D 113 -29.66 3.23 50.36
C ALA D 113 -31.06 2.81 50.78
N ASP D 114 -31.16 1.83 51.67
CA ASP D 114 -32.48 1.43 52.14
C ASP D 114 -33.20 2.64 52.71
N GLU D 115 -32.51 3.38 53.57
CA GLU D 115 -33.06 4.61 54.14
C GLU D 115 -33.48 5.61 53.06
N ALA D 116 -32.64 5.86 52.06
CA ALA D 116 -33.00 6.78 50.97
C ALA D 116 -34.26 6.30 50.23
N ALA D 117 -34.35 4.99 49.99
CA ALA D 117 -35.53 4.42 49.31
C ALA D 117 -36.75 4.69 50.17
N ARG D 118 -36.63 4.33 51.44
CA ARG D 118 -37.69 4.52 52.40
C ARG D 118 -38.12 5.99 52.51
N GLN D 119 -37.21 6.93 52.20
CA GLN D 119 -37.56 8.35 52.19
C GLN D 119 -38.25 8.73 50.89
N GLY D 120 -38.18 7.84 49.90
CA GLY D 120 -38.84 8.09 48.63
C GLY D 120 -37.96 8.13 47.39
N VAL D 121 -36.66 7.99 47.58
CA VAL D 121 -35.79 7.82 46.43
C VAL D 121 -36.15 6.47 45.85
N ASP D 122 -36.30 6.39 44.54
CA ASP D 122 -36.50 5.08 43.94
C ASP D 122 -35.14 4.52 43.54
N VAL D 123 -34.75 3.45 44.23
CA VAL D 123 -33.45 2.85 44.05
C VAL D 123 -33.60 1.55 43.28
N GLU D 124 -33.01 1.47 42.10
CA GLU D 124 -33.01 0.25 41.31
C GLU D 124 -31.60 -0.33 41.23
N TYR D 125 -31.49 -1.61 41.58
CA TYR D 125 -30.21 -2.28 41.64
C TYR D 125 -29.94 -3.16 40.42
N GLU D 126 -28.72 -3.68 40.35
CA GLU D 126 -28.30 -4.59 39.26
C GLU D 126 -28.57 -4.05 37.86
N VAL D 127 -28.56 -2.74 37.75
CA VAL D 127 -28.85 -2.10 36.50
C VAL D 127 -27.66 -1.22 36.14
N GLY D 128 -27.14 -1.37 34.94
CA GLY D 128 -25.89 -0.74 34.57
C GLY D 128 -25.99 0.30 33.49
N VAL D 129 -25.58 1.53 33.80
CA VAL D 129 -25.50 2.57 32.78
C VAL D 129 -24.57 2.06 31.68
N THR D 130 -25.01 2.16 30.44
CA THR D 130 -24.23 1.69 29.30
C THR D 130 -23.99 2.83 28.31
N ASP D 131 -24.78 3.88 28.41
CA ASP D 131 -24.64 5.04 27.54
C ASP D 131 -25.39 6.22 28.11
N ILE D 132 -24.92 7.41 27.77
CA ILE D 132 -25.60 8.64 28.14
C ILE D 132 -25.49 9.53 26.93
N LYS D 133 -26.59 10.16 26.57
CA LYS D 133 -26.57 11.09 25.46
C LYS D 133 -27.20 12.39 25.92
N PHE D 134 -26.45 13.47 25.80
CA PHE D 134 -26.90 14.76 26.26
C PHE D 134 -27.47 15.53 25.09
N PHE D 135 -28.47 16.34 25.37
CA PHE D 135 -29.01 17.30 24.43
C PHE D 135 -29.37 18.56 25.21
N GLY D 136 -28.52 19.59 25.10
CA GLY D 136 -28.53 20.74 26.01
C GLY D 136 -28.16 20.27 27.42
N THR D 137 -28.99 20.60 28.41
CA THR D 137 -28.78 20.09 29.76
C THR D 137 -29.66 18.86 30.08
N ASP D 138 -30.54 18.48 29.15
CA ASP D 138 -31.33 17.27 29.32
C ASP D 138 -30.53 16.09 28.83
N SER D 139 -30.83 14.91 29.34
CA SER D 139 -30.10 13.71 28.97
C SER D 139 -30.98 12.47 28.89
N VAL D 140 -30.61 11.54 27.99
CA VAL D 140 -31.22 10.23 27.99
C VAL D 140 -30.18 9.18 28.33
N THR D 141 -30.42 8.45 29.42
CA THR D 141 -29.46 7.47 29.91
C THR D 141 -29.97 6.06 29.66
N THR D 142 -29.09 5.22 29.12
CA THR D 142 -29.46 3.85 28.85
C THR D 142 -28.83 2.93 29.87
N ILE D 143 -29.65 2.16 30.56
CA ILE D 143 -29.19 1.16 31.51
C ILE D 143 -29.49 -0.26 31.03
N GLU D 144 -28.70 -1.21 31.52
CA GLU D 144 -28.81 -2.60 31.10
C GLU D 144 -28.98 -3.46 32.34
N ASP D 145 -30.03 -4.27 32.35
CA ASP D 145 -30.33 -5.11 33.51
C ASP D 145 -29.61 -6.45 33.45
N ILE D 146 -30.04 -7.36 34.32
CA ILE D 146 -29.37 -8.64 34.50
C ILE D 146 -29.41 -9.48 33.23
N ASN D 147 -30.48 -9.33 32.47
CA ASN D 147 -30.75 -10.17 31.32
C ASN D 147 -30.47 -9.49 30.00
N GLY D 148 -29.48 -8.60 30.01
CA GLY D 148 -29.10 -7.90 28.79
C GLY D 148 -30.17 -6.95 28.26
N ASN D 149 -31.34 -6.97 28.90
CA ASN D 149 -32.41 -6.03 28.55
C ASN D 149 -31.97 -4.59 28.80
N LYS D 150 -32.06 -3.77 27.77
CA LYS D 150 -31.74 -2.35 27.90
C LYS D 150 -33.02 -1.53 27.97
N ARG D 151 -32.98 -0.44 28.72
CA ARG D 151 -34.05 0.56 28.70
C ARG D 151 -33.49 1.95 28.94
N GLU D 152 -34.34 2.96 28.78
CA GLU D 152 -33.88 4.33 28.80
C GLU D 152 -34.37 5.11 30.00
N ILE D 153 -33.62 6.14 30.35
CA ILE D 153 -34.03 7.06 31.39
C ILE D 153 -33.71 8.49 30.96
N GLU D 154 -34.74 9.30 30.95
CA GLU D 154 -34.64 10.71 30.60
C GLU D 154 -34.53 11.56 31.86
N ALA D 155 -33.55 12.44 31.93
CA ALA D 155 -33.39 13.31 33.10
C ALA D 155 -33.20 14.77 32.74
N ARG D 156 -33.48 15.63 33.70
CA ARG D 156 -33.11 17.03 33.56
C ARG D 156 -31.67 17.21 34.02
N PHE D 157 -31.18 16.27 34.82
CA PHE D 157 -29.84 16.42 35.38
C PHE D 157 -29.30 15.08 35.85
N ILE D 158 -28.04 14.82 35.54
CA ILE D 158 -27.36 13.61 36.00
C ILE D 158 -26.34 13.91 37.09
N ILE D 159 -26.41 13.15 38.20
CA ILE D 159 -25.38 13.20 39.24
C ILE D 159 -24.62 11.88 39.21
N ASP D 160 -23.40 11.95 38.67
CA ASP D 160 -22.52 10.80 38.60
C ASP D 160 -21.86 10.55 39.98
N ALA D 161 -22.37 9.54 40.66
CA ALA D 161 -21.86 9.15 41.97
C ALA D 161 -21.47 7.67 41.88
N SER D 162 -20.91 7.29 40.73
CA SER D 162 -20.53 5.91 40.45
C SER D 162 -19.13 5.55 40.99
N GLY D 163 -18.64 6.35 41.93
CA GLY D 163 -17.36 6.09 42.54
C GLY D 163 -16.37 5.54 41.54
N TYR D 164 -15.78 4.40 41.87
CA TYR D 164 -14.74 3.77 41.07
C TYR D 164 -15.11 3.45 39.62
N GLY D 165 -16.38 3.61 39.28
CA GLY D 165 -16.85 3.27 37.94
C GLY D 165 -16.51 4.36 36.94
N ARG D 166 -16.41 5.58 37.47
CA ARG D 166 -16.10 6.76 36.67
C ARG D 166 -16.90 6.77 35.36
N VAL D 167 -18.20 6.50 35.47
CA VAL D 167 -19.05 6.36 34.31
C VAL D 167 -18.96 7.52 33.32
N ILE D 168 -19.23 8.74 33.78
CA ILE D 168 -19.14 9.89 32.90
C ILE D 168 -17.70 10.27 32.52
N PRO D 169 -16.77 10.21 33.46
CA PRO D 169 -15.43 10.58 32.99
C PRO D 169 -14.86 9.60 31.99
N ARG D 170 -15.15 8.30 32.12
CA ARG D 170 -14.61 7.31 31.20
C ARG D 170 -15.30 7.37 29.84
N MSE D 171 -16.55 7.79 29.84
CA MSE D 171 -17.36 7.80 28.62
C MSE D 171 -17.09 9.06 27.81
O MSE D 171 -17.13 9.03 26.58
CB MSE D 171 -18.84 7.70 28.99
CG MSE D 171 -19.79 7.70 27.81
SE MSE D 171 -21.61 7.45 28.45
CE MSE D 171 -21.32 5.81 29.46
N PHE D 172 -16.82 10.16 28.50
CA PHE D 172 -16.62 11.44 27.85
C PHE D 172 -15.17 11.95 27.96
N GLY D 173 -14.24 11.04 28.26
CA GLY D 173 -12.83 11.37 28.45
C GLY D 173 -12.47 12.50 29.40
N LEU D 174 -13.05 12.53 30.60
CA LEU D 174 -12.74 13.61 31.55
C LEU D 174 -11.55 13.29 32.46
N ASP D 175 -11.02 12.07 32.37
CA ASP D 175 -9.92 11.63 33.25
C ASP D 175 -8.62 12.41 33.13
N LYS D 176 -8.11 12.84 34.28
CA LYS D 176 -6.85 13.58 34.39
C LYS D 176 -5.97 12.90 35.43
N PRO D 177 -4.71 12.58 35.10
CA PRO D 177 -3.85 11.94 36.11
C PRO D 177 -3.54 12.78 37.37
N SER D 178 -3.10 12.09 38.42
CA SER D 178 -2.97 12.62 39.78
C SER D 178 -1.81 13.60 40.02
N GLY D 179 -0.59 13.15 39.78
CA GLY D 179 0.55 13.87 40.28
C GLY D 179 1.20 13.01 41.34
N PHE D 180 0.39 12.44 42.23
CA PHE D 180 0.89 11.42 43.14
C PHE D 180 1.52 10.32 42.30
N GLU D 181 2.60 9.75 42.81
CA GLU D 181 3.18 8.57 42.19
C GLU D 181 2.23 7.41 42.48
N SER D 182 2.20 6.43 41.60
CA SER D 182 1.34 5.26 41.77
C SER D 182 1.66 4.48 43.04
N ARG D 183 0.63 4.14 43.80
CA ARG D 183 0.81 3.26 44.95
C ARG D 183 0.11 1.92 44.80
N ARG D 184 0.38 1.01 45.73
CA ARG D 184 -0.28 -0.28 45.77
C ARG D 184 -0.81 -0.58 47.18
N THR D 185 -1.81 -1.44 47.24
CA THR D 185 -2.33 -1.91 48.51
C THR D 185 -2.55 -3.44 48.50
N LEU D 186 -2.46 -4.03 49.67
CA LEU D 186 -2.88 -5.41 49.88
C LEU D 186 -3.67 -5.40 51.19
N PHE D 187 -4.91 -5.90 51.15
CA PHE D 187 -5.75 -5.82 52.34
C PHE D 187 -6.69 -7.00 52.47
N THR D 188 -7.15 -7.20 53.70
CA THR D 188 -8.17 -8.18 53.99
C THR D 188 -8.83 -7.79 55.31
N HIS D 189 -9.97 -8.42 55.60
CA HIS D 189 -10.57 -8.37 56.92
C HIS D 189 -10.11 -9.60 57.71
N ILE D 190 -9.60 -9.37 58.91
CA ILE D 190 -9.11 -10.46 59.77
C ILE D 190 -9.91 -10.65 61.07
N LYS D 191 -10.23 -11.90 61.37
CA LYS D 191 -10.95 -12.23 62.60
C LYS D 191 -10.08 -11.94 63.82
N ASP D 192 -10.34 -10.80 64.44
CA ASP D 192 -9.50 -10.24 65.49
C ASP D 192 -9.71 -10.95 66.81
N VAL D 193 -9.36 -12.23 66.87
CA VAL D 193 -9.46 -13.01 68.09
C VAL D 193 -8.65 -12.36 69.21
N LYS D 194 -7.45 -11.90 68.87
CA LYS D 194 -6.55 -11.27 69.85
C LYS D 194 -6.71 -9.76 69.98
N ARG D 195 -7.84 -9.21 69.55
CA ARG D 195 -8.02 -7.76 69.67
C ARG D 195 -7.63 -7.46 71.11
N PRO D 196 -6.97 -6.30 71.34
CA PRO D 196 -6.76 -5.69 72.66
C PRO D 196 -8.06 -5.13 73.24
N VAL D 197 -8.06 -4.71 74.50
CA VAL D 197 -9.26 -4.56 75.31
C VAL D 197 -10.08 -3.28 75.08
N GLY D 203 -9.16 0.21 69.49
CA GLY D 203 -10.55 -0.08 69.84
C GLY D 203 -11.48 0.98 69.28
N ASN D 204 -11.34 2.21 69.76
CA ASN D 204 -12.10 3.33 69.24
C ASN D 204 -11.22 4.32 68.45
N ARG D 205 -10.09 3.83 67.96
CA ARG D 205 -9.24 4.60 67.08
C ARG D 205 -9.09 3.83 65.79
N ILE D 206 -8.77 4.53 64.71
CA ILE D 206 -8.24 3.84 63.54
C ILE D 206 -6.75 4.00 63.75
N THR D 207 -5.99 2.92 63.59
CA THR D 207 -4.55 3.00 63.75
C THR D 207 -3.84 2.93 62.40
N ALA D 208 -2.94 3.88 62.16
CA ALA D 208 -2.08 3.80 60.99
C ALA D 208 -0.66 3.59 61.51
N VAL D 209 0.06 2.69 60.88
CA VAL D 209 1.34 2.29 61.42
C VAL D 209 2.43 2.46 60.37
N VAL D 210 3.47 3.22 60.72
CA VAL D 210 4.61 3.44 59.84
C VAL D 210 5.38 2.13 59.75
N HIS D 211 5.22 1.40 58.66
CA HIS D 211 5.94 0.13 58.51
C HIS D 211 7.30 0.41 57.88
N LYS D 212 7.29 1.21 56.82
CA LYS D 212 8.51 1.74 56.23
C LYS D 212 8.28 3.23 55.92
N PRO D 213 9.32 3.93 55.44
CA PRO D 213 9.13 5.36 55.18
C PRO D 213 8.07 5.60 54.10
N LYS D 214 7.91 4.63 53.21
CA LYS D 214 6.98 4.78 52.12
C LYS D 214 5.90 3.69 52.16
N VAL D 215 5.85 3.01 53.29
CA VAL D 215 4.90 1.92 53.49
C VAL D 215 4.22 2.10 54.84
N TRP D 216 2.91 1.91 54.87
CA TRP D 216 2.20 2.05 56.11
C TRP D 216 1.01 1.09 56.06
N ILE D 217 0.42 0.81 57.23
CA ILE D 217 -0.71 -0.11 57.30
C ILE D 217 -1.86 0.44 58.13
N TRP D 218 -3.07 0.12 57.72
CA TRP D 218 -4.26 0.54 58.43
C TRP D 218 -4.85 -0.59 59.26
N VAL D 219 -5.23 -0.27 60.49
CA VAL D 219 -5.85 -1.23 61.37
C VAL D 219 -7.21 -0.65 61.72
N ILE D 220 -8.27 -1.28 61.24
CA ILE D 220 -9.60 -0.76 61.42
C ILE D 220 -10.49 -1.82 62.05
N PRO D 221 -10.84 -1.61 63.33
CA PRO D 221 -11.69 -2.54 64.09
C PRO D 221 -13.20 -2.36 63.85
N PHE D 222 -13.85 -3.45 63.41
CA PHE D 222 -15.30 -3.48 63.24
C PHE D 222 -15.96 -4.13 64.46
N SER D 223 -17.20 -3.76 64.73
CA SER D 223 -17.92 -4.31 65.87
C SER D 223 -18.33 -5.76 65.64
N ASN D 224 -18.21 -6.22 64.41
CA ASN D 224 -18.50 -7.60 64.05
C ASN D 224 -17.37 -8.59 64.43
N GLY D 225 -16.36 -8.09 65.13
CA GLY D 225 -15.25 -8.93 65.56
C GLY D 225 -14.11 -8.99 64.56
N ASN D 226 -14.33 -8.46 63.37
CA ASN D 226 -13.28 -8.43 62.37
C ASN D 226 -12.60 -7.09 62.30
N THR D 227 -11.47 -7.07 61.61
CA THR D 227 -10.65 -5.88 61.52
C THR D 227 -10.05 -5.77 60.13
N SER D 228 -10.34 -4.67 59.46
CA SER D 228 -9.77 -4.42 58.16
C SER D 228 -8.31 -4.11 58.38
N VAL D 229 -7.42 -4.82 57.68
CA VAL D 229 -6.00 -4.49 57.69
C VAL D 229 -5.48 -4.33 56.26
N GLY D 230 -4.74 -3.26 56.00
CA GLY D 230 -4.21 -2.98 54.69
C GLY D 230 -2.80 -2.42 54.69
N PHE D 231 -1.94 -2.99 53.85
CA PHE D 231 -0.59 -2.47 53.63
C PHE D 231 -0.61 -1.55 52.41
N VAL D 232 -0.22 -0.29 52.62
CA VAL D 232 -0.23 0.72 51.57
C VAL D 232 1.15 1.31 51.39
N GLY D 233 1.57 1.43 50.13
CA GLY D 233 2.84 2.07 49.86
C GLY D 233 3.57 1.72 48.58
N GLU D 234 4.89 1.85 48.64
CA GLU D 234 5.76 1.61 47.52
C GLU D 234 5.56 0.23 46.91
N PRO D 235 5.17 0.20 45.63
CA PRO D 235 4.90 -1.07 44.94
C PRO D 235 6.11 -1.99 44.96
N SER D 236 7.32 -1.42 44.88
CA SER D 236 8.52 -2.22 44.87
C SER D 236 8.65 -2.98 46.17
N TYR D 237 7.98 -2.49 47.21
CA TYR D 237 7.98 -3.15 48.49
C TYR D 237 7.21 -4.46 48.43
N PHE D 238 6.06 -4.41 47.76
CA PHE D 238 5.20 -5.56 47.65
C PHE D 238 5.89 -6.68 46.89
N ASP D 239 6.73 -6.30 45.93
CA ASP D 239 7.42 -7.28 45.09
C ASP D 239 8.51 -8.03 45.84
N GLU D 240 8.85 -7.55 47.04
CA GLU D 240 9.79 -8.26 47.90
C GLU D 240 9.13 -9.49 48.53
N TYR D 241 7.82 -9.61 48.34
CA TYR D 241 7.13 -10.77 48.87
C TYR D 241 6.61 -11.70 47.79
N THR D 242 6.80 -12.99 48.01
CA THR D 242 6.50 -13.99 47.01
C THR D 242 5.32 -14.86 47.44
N GLY D 243 4.65 -15.45 46.46
CA GLY D 243 3.60 -16.42 46.72
C GLY D 243 2.18 -15.99 46.40
N THR D 244 1.26 -16.50 47.19
CA THR D 244 -0.13 -16.21 46.97
C THR D 244 -0.56 -15.04 47.87
N PRO D 245 -1.59 -14.27 47.45
CA PRO D 245 -2.08 -13.08 48.17
C PRO D 245 -2.20 -13.28 49.67
N GLU D 246 -2.63 -14.48 50.08
CA GLU D 246 -2.68 -14.80 51.49
C GLU D 246 -1.24 -14.97 52.03
N GLU D 247 -0.43 -15.75 51.34
CA GLU D 247 0.97 -15.94 51.72
C GLU D 247 1.71 -14.61 51.92
N ARG D 248 1.55 -13.70 50.97
CA ARG D 248 2.21 -12.40 51.01
C ARG D 248 1.68 -11.55 52.18
N MSE D 249 0.36 -11.50 52.31
CA MSE D 249 -0.31 -10.79 53.41
C MSE D 249 0.20 -11.22 54.78
O MSE D 249 0.50 -10.39 55.62
CB MSE D 249 -1.84 -10.95 53.32
CG MSE D 249 -2.63 -10.02 54.25
SE MSE D 249 -2.64 -8.15 53.66
CE MSE D 249 -3.01 -7.28 55.36
N ARG D 250 0.28 -12.53 55.02
CA ARG D 250 0.72 -13.02 56.33
C ARG D 250 2.19 -12.72 56.53
N ALA D 251 2.95 -12.85 55.46
CA ALA D 251 4.37 -12.54 55.47
C ALA D 251 4.64 -11.06 55.85
N MSE D 252 3.89 -10.14 55.25
CA MSE D 252 4.00 -8.72 55.57
C MSE D 252 3.63 -8.45 57.02
O MSE D 252 4.42 -7.89 57.78
CB MSE D 252 3.15 -7.87 54.62
CG MSE D 252 3.55 -7.99 53.17
SE MSE D 252 2.43 -7.03 51.89
CE MSE D 252 3.48 -5.41 51.65
N ILE D 253 2.43 -8.85 57.41
CA ILE D 253 1.99 -8.79 58.81
C ILE D 253 3.09 -9.23 59.80
N ALA D 254 3.66 -10.41 59.60
CA ALA D 254 4.65 -10.92 60.54
C ALA D 254 5.85 -9.99 60.57
N ASN D 255 6.13 -9.40 59.42
CA ASN D 255 7.26 -8.50 59.30
C ASN D 255 7.10 -7.15 60.00
N GLU D 256 6.05 -7.03 60.81
CA GLU D 256 5.78 -5.76 61.49
C GLU D 256 5.40 -5.94 62.95
N GLY D 257 6.28 -5.44 63.82
CA GLY D 257 6.13 -5.57 65.26
C GLY D 257 4.78 -5.27 65.87
N HIS D 258 4.20 -4.12 65.55
CA HIS D 258 2.96 -3.69 66.22
C HIS D 258 1.78 -4.67 66.06
N ILE D 259 1.79 -5.44 64.97
CA ILE D 259 0.63 -6.27 64.64
C ILE D 259 0.94 -7.76 64.46
N ALA D 260 2.21 -8.11 64.29
CA ALA D 260 2.63 -9.49 64.04
C ALA D 260 1.91 -10.54 64.88
N GLU D 261 2.05 -10.43 66.21
CA GLU D 261 1.50 -11.43 67.10
C GLU D 261 -0.03 -11.46 67.09
N ARG D 262 -0.63 -10.26 67.00
CA ARG D 262 -2.08 -10.11 66.98
C ARG D 262 -2.76 -10.96 65.92
N PHE D 263 -2.21 -10.95 64.72
CA PHE D 263 -2.91 -11.52 63.59
C PHE D 263 -2.29 -12.83 63.10
N LYS D 264 -1.18 -13.24 63.74
CA LYS D 264 -0.53 -14.50 63.38
C LYS D 264 -1.49 -15.67 63.52
N SER D 265 -1.75 -16.34 62.41
CA SER D 265 -2.61 -17.52 62.41
C SER D 265 -4.11 -17.24 62.51
N GLU D 266 -4.49 -15.96 62.59
CA GLU D 266 -5.89 -15.60 62.66
C GLU D 266 -6.54 -15.73 61.28
N GLU D 267 -7.86 -15.87 61.24
CA GLU D 267 -8.53 -16.19 59.98
C GLU D 267 -8.72 -14.98 59.04
N PHE D 268 -8.57 -15.20 57.74
CA PHE D 268 -8.83 -14.17 56.74
C PHE D 268 -10.22 -14.38 56.18
N LEU D 269 -11.08 -13.38 56.30
CA LEU D 269 -12.46 -13.50 55.83
C LEU D 269 -12.54 -13.69 54.33
N PHE D 270 -11.57 -13.14 53.60
CA PHE D 270 -11.55 -13.34 52.16
C PHE D 270 -10.13 -13.22 51.66
N GLU D 271 -9.83 -13.80 50.50
CA GLU D 271 -8.52 -13.66 49.92
C GLU D 271 -8.11 -12.21 49.91
N PRO D 272 -6.89 -11.91 50.39
CA PRO D 272 -6.39 -10.54 50.36
C PRO D 272 -6.47 -9.95 48.95
N ARG D 273 -7.01 -8.74 48.82
CA ARG D 273 -7.23 -8.15 47.50
C ARG D 273 -6.19 -7.06 47.24
N THR D 274 -5.87 -6.86 45.97
CA THR D 274 -4.95 -5.81 45.58
C THR D 274 -5.65 -4.66 44.88
N ILE D 275 -5.29 -3.43 45.23
CA ILE D 275 -5.68 -2.26 44.43
C ILE D 275 -4.47 -1.39 44.17
N GLU D 276 -4.20 -1.09 42.91
CA GLU D 276 -3.01 -0.33 42.55
C GLU D 276 -3.39 0.87 41.69
N GLY D 277 -2.62 1.95 41.78
CA GLY D 277 -2.87 3.14 40.98
C GLY D 277 -4.27 3.71 41.17
N TYR D 278 -4.69 3.78 42.43
CA TYR D 278 -6.04 4.19 42.79
C TYR D 278 -6.24 5.71 42.70
N ALA D 279 -5.15 6.45 42.61
CA ALA D 279 -5.22 7.90 42.58
C ALA D 279 -5.33 8.41 41.14
N ILE D 280 -6.39 9.17 40.90
CA ILE D 280 -6.73 9.67 39.58
C ILE D 280 -7.45 11.01 39.77
N SER D 281 -7.59 11.77 38.70
CA SER D 281 -8.28 13.05 38.76
C SER D 281 -9.27 13.23 37.59
N ALA D 282 -9.97 14.35 37.59
CA ALA D 282 -10.84 14.71 36.50
C ALA D 282 -10.48 16.09 35.94
N SER D 283 -10.61 16.24 34.63
CA SER D 283 -10.30 17.49 33.96
C SER D 283 -11.33 18.58 34.28
N LYS D 284 -12.57 18.17 34.55
CA LYS D 284 -13.61 19.07 35.01
C LYS D 284 -14.64 18.35 35.89
N LEU D 285 -15.30 19.08 36.77
CA LEU D 285 -16.18 18.47 37.75
C LEU D 285 -17.66 18.56 37.42
N TYR D 286 -17.99 19.28 36.36
CA TYR D 286 -19.39 19.51 35.95
C TYR D 286 -19.51 19.91 34.48
N GLY D 287 -20.73 19.89 33.98
CA GLY D 287 -21.03 20.31 32.62
C GLY D 287 -22.53 20.47 32.42
N ASP D 288 -22.94 20.84 31.20
CA ASP D 288 -24.35 20.88 30.90
C ASP D 288 -24.96 19.54 31.31
N GLY D 289 -25.81 19.58 32.33
CA GLY D 289 -26.62 18.46 32.74
C GLY D 289 -26.00 17.40 33.64
N PHE D 290 -24.83 17.66 34.19
CA PHE D 290 -24.22 16.70 35.11
C PHE D 290 -23.23 17.34 36.10
N VAL D 291 -23.02 16.67 37.23
CA VAL D 291 -21.94 16.97 38.18
C VAL D 291 -21.32 15.65 38.60
N LEU D 292 -20.00 15.62 38.76
CA LEU D 292 -19.34 14.44 39.33
C LEU D 292 -19.21 14.60 40.83
N THR D 293 -19.27 13.49 41.56
CA THR D 293 -19.07 13.48 43.01
C THR D 293 -18.12 12.35 43.40
N GLY D 294 -17.69 12.36 44.66
CA GLY D 294 -16.94 11.24 45.21
C GLY D 294 -15.87 10.75 44.26
N ASN D 295 -15.64 9.45 44.22
CA ASN D 295 -14.53 8.91 43.46
C ASN D 295 -14.61 9.05 41.92
N ALA D 296 -15.71 9.59 41.43
CA ALA D 296 -15.84 9.86 40.00
C ALA D 296 -15.29 11.27 39.70
N THR D 297 -14.70 11.87 40.73
CA THR D 297 -14.05 13.17 40.61
C THR D 297 -12.53 13.04 40.74
N GLU D 298 -12.03 13.19 41.96
CA GLU D 298 -10.62 12.95 42.30
C GLU D 298 -10.49 12.16 43.58
N PHE D 299 -9.71 11.07 43.51
CA PHE D 299 -9.29 10.34 44.71
C PHE D 299 -7.82 10.61 44.98
N LEU D 300 -7.48 10.79 46.27
CA LEU D 300 -6.12 11.13 46.70
C LEU D 300 -5.29 9.91 47.16
N ASP D 301 -5.59 9.40 48.36
CA ASP D 301 -4.81 8.33 48.97
C ASP D 301 -5.61 7.88 50.19
N PRO D 302 -5.35 6.66 50.68
CA PRO D 302 -6.10 6.22 51.86
C PRO D 302 -5.56 6.68 53.24
N ILE D 303 -4.46 7.43 53.34
CA ILE D 303 -4.13 7.97 54.66
C ILE D 303 -5.11 9.07 55.01
N PHE D 304 -5.54 9.07 56.27
CA PHE D 304 -6.45 10.05 56.82
C PHE D 304 -7.86 9.72 56.39
N SER D 305 -8.00 8.61 55.66
CA SER D 305 -9.31 8.01 55.40
C SER D 305 -10.38 9.05 55.03
N SER D 306 -10.17 9.84 53.97
CA SER D 306 -11.09 10.96 53.71
C SER D 306 -12.13 10.68 52.64
N GLY D 307 -11.99 9.55 51.96
CA GLY D 307 -12.74 9.31 50.75
C GLY D 307 -14.23 9.32 50.92
N ALA D 308 -14.75 8.40 51.72
CA ALA D 308 -16.19 8.34 51.91
C ALA D 308 -16.72 9.72 52.25
N THR D 309 -15.97 10.45 53.06
CA THR D 309 -16.42 11.76 53.53
C THR D 309 -16.49 12.74 52.39
N PHE D 310 -15.46 12.82 51.56
CA PHE D 310 -15.48 13.75 50.43
C PHE D 310 -16.63 13.42 49.53
N ALA D 311 -16.88 12.11 49.41
CA ALA D 311 -17.97 11.59 48.59
C ALA D 311 -19.30 12.10 49.10
N MSE D 312 -19.51 12.02 50.40
CA MSE D 312 -20.73 12.61 50.97
C MSE D 312 -20.72 14.15 50.84
O MSE D 312 -21.76 14.75 50.52
CB MSE D 312 -20.96 12.14 52.40
CG MSE D 312 -21.50 10.73 52.47
SE MSE D 312 -21.46 9.99 54.26
CE MSE D 312 -19.72 9.06 54.09
N GLU D 313 -19.55 14.77 51.03
CA GLU D 313 -19.43 16.23 50.86
C GLU D 313 -19.84 16.61 49.42
N SER D 314 -19.41 15.84 48.44
CA SER D 314 -19.66 16.23 47.04
C SER D 314 -21.07 15.86 46.59
N GLY D 315 -21.59 14.76 47.13
CA GLY D 315 -22.99 14.42 46.90
C GLY D 315 -23.87 15.52 47.47
N SER D 316 -23.51 15.97 48.67
CA SER D 316 -24.24 17.04 49.34
C SER D 316 -24.26 18.30 48.49
N LYS D 317 -23.08 18.84 48.23
CA LYS D 317 -22.97 20.06 47.44
C LYS D 317 -23.61 19.87 46.07
N GLY D 318 -23.42 18.70 45.48
CA GLY D 318 -23.89 18.43 44.12
C GLY D 318 -25.40 18.34 44.05
N GLY D 319 -26.00 17.62 45.00
CA GLY D 319 -27.45 17.51 45.01
C GLY D 319 -28.03 18.90 45.18
N LYS D 320 -27.48 19.63 46.15
CA LYS D 320 -27.98 20.96 46.49
C LYS D 320 -28.01 21.88 45.29
N LEU D 321 -26.89 21.92 44.58
CA LEU D 321 -26.75 22.76 43.40
C LEU D 321 -27.70 22.32 42.30
N ALA D 322 -27.86 21.01 42.13
CA ALA D 322 -28.75 20.46 41.13
C ALA D 322 -30.17 21.00 41.36
N VAL D 323 -30.54 21.07 42.64
CA VAL D 323 -31.85 21.59 43.01
C VAL D 323 -31.99 23.03 42.51
N GLN D 324 -30.94 23.81 42.70
CA GLN D 324 -30.91 25.18 42.23
C GLN D 324 -31.12 25.22 40.73
N PHE D 325 -30.50 24.30 40.02
CA PHE D 325 -30.61 24.24 38.57
C PHE D 325 -32.03 23.90 38.22
N LEU D 326 -32.58 22.93 38.93
CA LEU D 326 -33.92 22.47 38.63
C LEU D 326 -34.98 23.53 38.89
N LYS D 327 -34.70 24.40 39.86
CA LYS D 327 -35.64 25.44 40.30
C LYS D 327 -35.60 26.64 39.35
N GLY D 328 -34.75 26.57 38.33
CA GLY D 328 -34.61 27.63 37.37
C GLY D 328 -33.61 28.68 37.80
N GLU D 329 -33.04 28.50 39.00
CA GLU D 329 -32.09 29.47 39.55
C GLU D 329 -30.80 29.52 38.75
N GLU D 330 -29.97 30.50 39.10
CA GLU D 330 -28.65 30.65 38.51
C GLU D 330 -27.70 29.87 39.41
N VAL D 331 -26.80 29.09 38.82
CA VAL D 331 -25.89 28.29 39.64
C VAL D 331 -24.44 28.60 39.37
N ASN D 332 -23.69 28.89 40.43
CA ASN D 332 -22.25 29.10 40.33
C ASN D 332 -21.50 27.83 40.65
N TRP D 333 -21.40 26.95 39.65
CA TRP D 333 -20.77 25.65 39.80
C TRP D 333 -19.29 25.77 40.10
N GLU D 334 -18.63 26.73 39.45
CA GLU D 334 -17.18 26.85 39.56
C GLU D 334 -16.75 27.27 40.96
N LYS D 335 -17.65 27.95 41.66
CA LYS D 335 -17.32 28.48 42.97
C LYS D 335 -17.94 27.63 44.07
N ASP D 336 -19.21 27.27 43.90
CA ASP D 336 -19.96 26.60 44.97
C ASP D 336 -19.68 25.12 44.99
N PHE D 337 -19.10 24.64 43.91
CA PHE D 337 -18.72 23.24 43.86
C PHE D 337 -17.22 23.06 43.69
N VAL D 338 -16.68 23.46 42.55
CA VAL D 338 -15.25 23.23 42.29
C VAL D 338 -14.32 23.88 43.32
N GLU D 339 -14.58 25.14 43.69
CA GLU D 339 -13.71 25.85 44.65
C GLU D 339 -13.78 25.26 46.06
N HIS D 340 -14.99 24.99 46.51
CA HIS D 340 -15.21 24.44 47.82
C HIS D 340 -14.61 23.05 47.93
N MSE D 341 -14.93 22.17 46.98
CA MSE D 341 -14.34 20.82 46.96
C MSE D 341 -12.81 20.88 46.87
O MSE D 341 -12.12 20.19 47.63
CB MSE D 341 -14.89 19.94 45.81
CG MSE D 341 -16.38 19.62 45.85
SE MSE D 341 -16.91 18.81 47.56
CE MSE D 341 -15.45 17.48 47.59
N MSE D 342 -12.27 21.66 45.95
CA MSE D 342 -10.81 21.67 45.79
C MSE D 342 -10.11 22.29 47.00
O MSE D 342 -8.97 21.97 47.28
CB MSE D 342 -10.39 22.36 44.47
CG MSE D 342 -10.93 21.71 43.21
SE MSE D 342 -10.37 19.84 43.08
CE MSE D 342 -11.80 19.04 44.12
N GLN D 343 -10.79 23.17 47.74
CA GLN D 343 -10.26 23.69 49.00
C GLN D 343 -10.07 22.57 49.99
N GLY D 344 -11.07 21.71 50.11
CA GLY D 344 -10.99 20.55 50.94
C GLY D 344 -9.93 19.58 50.43
N ILE D 345 -10.05 19.19 49.16
CA ILE D 345 -9.10 18.23 48.56
C ILE D 345 -7.63 18.67 48.67
N ASP D 346 -7.33 19.92 48.29
CA ASP D 346 -5.96 20.42 48.31
C ASP D 346 -5.40 20.42 49.71
N THR D 347 -6.25 20.64 50.70
CA THR D 347 -5.83 20.56 52.08
C THR D 347 -5.41 19.14 52.43
N PHE D 348 -6.23 18.14 52.13
CA PHE D 348 -5.80 16.76 52.44
C PHE D 348 -4.60 16.34 51.61
N ARG D 349 -4.54 16.79 50.37
CA ARG D 349 -3.43 16.50 49.48
C ARG D 349 -2.07 17.00 50.03
N SER D 350 -2.04 18.20 50.60
CA SER D 350 -0.84 18.66 51.28
C SER D 350 -0.45 17.73 52.44
N PHE D 351 -1.43 17.30 53.24
CA PHE D 351 -1.13 16.40 54.35
C PHE D 351 -0.64 15.04 53.84
N VAL D 352 -1.25 14.57 52.75
CA VAL D 352 -0.85 13.31 52.15
C VAL D 352 0.62 13.39 51.73
N THR D 353 1.01 14.53 51.19
CA THR D 353 2.39 14.73 50.76
C THR D 353 3.33 14.82 51.95
N GLY D 354 2.84 15.42 53.02
CA GLY D 354 3.57 15.44 54.27
C GLY D 354 3.75 14.06 54.83
N TRP D 355 2.76 13.19 54.60
CA TRP D 355 2.83 11.83 55.13
C TRP D 355 4.03 11.08 54.54
N TYR D 356 4.07 11.01 53.22
CA TYR D 356 5.06 10.21 52.54
C TYR D 356 6.42 10.88 52.45
N ASP D 357 6.53 12.13 52.88
CA ASP D 357 7.79 12.86 52.76
C ASP D 357 8.53 13.17 54.08
N GLY D 358 8.15 12.51 55.15
CA GLY D 358 8.89 12.65 56.38
C GLY D 358 8.47 13.82 57.25
N THR D 359 8.07 14.92 56.63
CA THR D 359 7.73 16.13 57.39
C THR D 359 6.68 15.82 58.46
N LEU D 360 5.53 15.32 58.05
CA LEU D 360 4.42 15.14 58.98
C LEU D 360 4.71 14.16 60.10
N HIS D 361 5.44 13.09 59.79
CA HIS D 361 5.82 12.10 60.79
C HIS D 361 6.64 12.78 61.88
N ALA D 362 7.41 13.80 61.47
CA ALA D 362 8.27 14.56 62.38
C ALA D 362 7.48 15.46 63.32
N VAL D 363 6.37 16.02 62.85
CA VAL D 363 5.43 16.72 63.71
C VAL D 363 4.70 15.78 64.69
N PHE D 364 4.18 14.67 64.16
CA PHE D 364 3.43 13.67 64.94
C PHE D 364 4.24 13.06 66.08
N PHE D 365 5.56 12.94 65.88
CA PHE D 365 6.36 12.11 66.76
C PHE D 365 7.46 12.86 67.51
N ALA D 366 7.37 14.18 67.52
CA ALA D 366 8.28 15.01 68.29
C ALA D 366 8.14 14.71 69.79
N LYS D 367 9.19 14.93 70.57
CA LYS D 367 9.02 14.87 72.02
C LYS D 367 8.20 16.10 72.42
N ASN D 368 7.22 15.90 73.28
CA ASN D 368 6.32 16.98 73.69
C ASN D 368 5.68 17.78 72.54
N PRO D 369 4.78 17.16 71.77
CA PRO D 369 4.19 17.94 70.68
C PRO D 369 3.35 19.10 71.22
N ASP D 370 3.42 20.24 70.54
CA ASP D 370 2.61 21.39 70.96
C ASP D 370 1.14 21.06 70.95
N PRO D 371 0.51 21.14 72.12
CA PRO D 371 -0.88 20.71 72.23
C PRO D 371 -1.78 21.52 71.29
N ASP D 372 -1.44 22.78 71.07
CA ASP D 372 -2.20 23.61 70.14
C ASP D 372 -2.01 23.19 68.69
N HIS D 373 -0.76 23.00 68.27
CA HIS D 373 -0.51 22.38 66.98
C HIS D 373 -1.36 21.10 66.89
N LYS D 374 -1.41 20.35 67.98
CA LYS D 374 -2.15 19.09 68.02
C LYS D 374 -3.63 19.24 67.68
N ARG D 375 -4.29 20.22 68.32
CA ARG D 375 -5.71 20.49 68.12
C ARG D 375 -6.02 20.93 66.69
N MSE D 376 -5.11 21.70 66.13
CA MSE D 376 -5.24 22.11 64.76
C MSE D 376 -5.11 20.90 63.84
O MSE D 376 -5.93 20.68 62.96
CB MSE D 376 -4.21 23.18 64.46
CG MSE D 376 -4.34 24.40 65.41
SE MSE D 376 -2.84 25.62 65.20
CE MSE D 376 -3.38 27.08 66.37
N ILE D 377 -4.08 20.09 64.06
CA ILE D 377 -3.91 18.89 63.27
C ILE D 377 -5.14 18.01 63.39
N CYS D 378 -5.62 17.84 64.62
CA CYS D 378 -6.73 16.95 64.91
C CYS D 378 -7.98 17.39 64.14
N SER D 379 -8.12 18.69 63.93
CA SER D 379 -9.28 19.23 63.22
C SER D 379 -9.19 18.97 61.72
N VAL D 380 -7.98 18.94 61.18
CA VAL D 380 -7.80 18.49 59.82
C VAL D 380 -8.17 17.01 59.76
N LEU D 381 -7.57 16.19 60.64
CA LEU D 381 -7.80 14.75 60.63
C LEU D 381 -9.29 14.39 60.72
N ALA D 382 -10.08 15.31 61.26
CA ALA D 382 -11.52 15.04 61.42
C ALA D 382 -12.33 15.48 60.22
N GLY D 383 -11.69 16.08 59.23
CA GLY D 383 -12.37 16.41 57.98
C GLY D 383 -12.82 17.86 57.80
N TYR D 384 -12.68 18.68 58.83
CA TYR D 384 -12.93 20.12 58.73
C TYR D 384 -11.74 20.85 58.09
N VAL D 385 -11.66 20.71 56.78
CA VAL D 385 -10.56 21.24 55.99
C VAL D 385 -11.05 22.46 55.25
N TRP D 386 -12.19 23.00 55.65
CA TRP D 386 -12.67 24.24 55.06
C TRP D 386 -12.57 25.42 56.03
N ASP D 387 -12.12 25.14 57.25
CA ASP D 387 -11.92 26.20 58.26
C ASP D 387 -10.64 26.97 58.02
N LYS D 388 -10.80 28.13 57.36
CA LYS D 388 -9.68 29.00 57.00
C LYS D 388 -9.00 29.69 58.19
N ASN D 389 -9.58 29.56 59.38
CA ASN D 389 -8.97 30.06 60.62
C ASN D 389 -7.99 29.09 61.20
N ASN D 390 -8.06 27.86 60.72
CA ASN D 390 -7.13 26.85 61.15
C ASN D 390 -5.86 27.03 60.38
N PRO D 391 -4.79 27.47 61.07
CA PRO D 391 -3.50 27.70 60.40
C PRO D 391 -3.04 26.49 59.59
N PHE D 392 -3.26 25.28 60.08
CA PHE D 392 -2.87 24.10 59.30
C PHE D 392 -3.69 23.97 58.01
N VAL D 393 -4.91 24.49 58.01
CA VAL D 393 -5.68 24.62 56.76
C VAL D 393 -5.18 25.82 55.94
N LYS D 394 -5.18 26.99 56.58
CA LYS D 394 -4.79 28.22 55.93
C LYS D 394 -3.46 28.06 55.22
N LYS D 395 -2.47 27.47 55.91
CA LYS D 395 -1.13 27.35 55.33
C LYS D 395 -0.72 25.92 55.04
N HIS D 396 -1.68 25.09 54.63
CA HIS D 396 -1.45 23.66 54.48
C HIS D 396 -0.30 23.34 53.55
N ASN D 397 -0.24 23.98 52.40
CA ASN D 397 0.84 23.66 51.46
C ASN D 397 2.24 24.18 51.84
N THR D 398 2.35 24.75 53.03
CA THR D 398 3.62 25.29 53.53
C THR D 398 3.95 24.82 54.94
N ILE D 399 2.93 24.62 55.75
CA ILE D 399 3.16 24.62 57.19
C ILE D 399 3.83 23.37 57.72
N LEU D 400 3.76 22.26 56.97
CA LEU D 400 4.39 21.02 57.42
C LEU D 400 5.92 21.08 57.26
N LYS D 401 6.36 21.68 56.16
CA LYS D 401 7.78 21.83 55.92
C LYS D 401 8.36 22.81 56.92
N THR D 402 7.66 23.92 57.12
CA THR D 402 8.11 24.99 57.98
C THR D 402 8.19 24.49 59.43
N LEU D 403 7.15 23.79 59.84
CA LEU D 403 7.06 23.22 61.17
C LEU D 403 8.20 22.21 61.40
N ALA D 404 8.40 21.33 60.43
CA ALA D 404 9.33 20.23 60.61
C ALA D 404 10.77 20.74 60.64
N LYS D 405 10.94 21.94 60.09
CA LYS D 405 12.19 22.68 60.12
C LYS D 405 12.34 23.29 61.50
N VAL D 406 11.25 23.84 62.04
CA VAL D 406 11.31 24.41 63.38
C VAL D 406 11.74 23.36 64.40
N ILE D 407 11.19 22.14 64.24
CA ILE D 407 11.44 21.02 65.15
C ILE D 407 12.90 20.57 65.17
N GLN D 408 13.52 20.54 63.99
CA GLN D 408 14.92 20.16 63.84
C GLN D 408 15.86 21.12 64.59
N MSE D 409 15.59 22.41 64.49
CA MSE D 409 16.37 23.41 65.20
C MSE D 409 16.20 23.24 66.70
O MSE D 409 17.12 23.52 67.48
CB MSE D 409 15.92 24.81 64.80
CG MSE D 409 17.06 25.70 64.39
SE MSE D 409 17.55 25.25 62.57
CE MSE D 409 15.74 25.32 61.84
N GLY D 410 15.02 22.79 67.12
CA GLY D 410 14.75 22.60 68.53
C GLY D 410 15.65 21.50 69.05
N GLU D 411 15.86 20.48 68.24
CA GLU D 411 16.65 19.29 68.63
C GLU D 411 18.16 19.63 68.61
N GLU D 412 18.54 20.55 67.71
CA GLU D 412 19.85 21.19 67.75
C GLU D 412 19.91 22.21 68.90
N ARG E 3 -0.44 41.00 -11.73
CA ARG E 3 -1.86 41.09 -12.04
C ARG E 3 -2.17 42.15 -13.11
N GLU E 4 -2.65 41.70 -14.28
CA GLU E 4 -3.15 42.61 -15.30
C GLU E 4 -4.63 42.82 -15.13
N LYS E 5 -5.14 43.86 -15.78
CA LYS E 5 -6.55 44.23 -15.63
C LYS E 5 -7.20 44.43 -16.99
N VAL E 6 -8.36 43.80 -17.19
CA VAL E 6 -9.14 43.96 -18.42
C VAL E 6 -10.63 44.11 -18.12
N ASP E 7 -11.42 44.46 -19.12
CA ASP E 7 -12.86 44.49 -18.94
C ASP E 7 -13.47 43.08 -18.99
N VAL E 8 -13.25 42.38 -20.10
CA VAL E 8 -13.68 40.98 -20.22
C VAL E 8 -12.49 40.04 -20.35
N LEU E 9 -12.42 39.01 -19.50
CA LEU E 9 -11.50 37.93 -19.77
C LEU E 9 -12.25 36.83 -20.55
N VAL E 10 -11.76 36.49 -21.74
CA VAL E 10 -12.36 35.38 -22.48
C VAL E 10 -11.47 34.18 -22.31
N ILE E 11 -12.03 33.09 -21.80
CA ILE E 11 -11.28 31.86 -21.64
C ILE E 11 -11.53 30.93 -22.83
N GLY E 12 -10.52 30.78 -23.68
CA GLY E 12 -10.62 29.92 -24.84
C GLY E 12 -10.61 30.66 -26.17
N ALA E 13 -9.74 30.24 -27.08
CA ALA E 13 -9.68 30.80 -28.42
C ALA E 13 -10.34 29.86 -29.43
N GLY E 14 -11.41 29.22 -29.04
CA GLY E 14 -12.22 28.50 -30.01
C GLY E 14 -13.18 29.45 -30.73
N PRO E 15 -14.14 28.89 -31.47
CA PRO E 15 -15.06 29.80 -32.16
C PRO E 15 -15.91 30.57 -31.18
N ALA E 16 -16.14 29.97 -30.02
CA ALA E 16 -16.85 30.62 -28.94
C ALA E 16 -16.14 31.93 -28.51
N GLY E 17 -14.92 31.79 -28.00
CA GLY E 17 -14.14 32.93 -27.55
C GLY E 17 -13.73 33.98 -28.58
N THR E 18 -13.36 33.54 -29.78
CA THR E 18 -13.02 34.47 -30.82
C THR E 18 -14.24 35.28 -31.27
N VAL E 19 -15.40 34.64 -31.51
CA VAL E 19 -16.59 35.44 -31.80
C VAL E 19 -16.88 36.38 -30.59
N ALA E 20 -16.94 35.83 -29.37
CA ALA E 20 -17.13 36.66 -28.17
C ALA E 20 -16.14 37.83 -28.12
N ALA E 21 -14.86 37.54 -28.26
CA ALA E 21 -13.83 38.58 -28.10
C ALA E 21 -14.07 39.68 -29.11
N SER E 22 -14.09 39.33 -30.37
CA SER E 22 -14.34 40.31 -31.41
C SER E 22 -15.51 41.26 -31.10
N LEU E 23 -16.64 40.73 -30.67
CA LEU E 23 -17.78 41.62 -30.39
C LEU E 23 -17.52 42.57 -29.21
N VAL E 24 -16.80 42.11 -28.22
CA VAL E 24 -16.52 42.98 -27.11
C VAL E 24 -15.53 44.04 -27.58
N ASN E 25 -14.49 43.60 -28.25
CA ASN E 25 -13.49 44.51 -28.79
C ASN E 25 -14.17 45.56 -29.65
N LYS E 26 -15.24 45.15 -30.35
CA LYS E 26 -15.88 46.03 -31.32
C LYS E 26 -16.62 47.19 -30.66
N SER E 27 -16.93 47.05 -29.38
CA SER E 27 -17.61 48.09 -28.63
C SER E 27 -16.67 48.96 -27.80
N GLY E 28 -15.36 48.77 -28.01
CA GLY E 28 -14.37 49.66 -27.44
C GLY E 28 -13.69 49.14 -26.18
N PHE E 29 -14.31 48.18 -25.53
CA PHE E 29 -13.77 47.66 -24.27
C PHE E 29 -12.48 46.89 -24.45
N LYS E 30 -11.80 46.65 -23.34
CA LYS E 30 -10.54 45.92 -23.35
C LYS E 30 -10.80 44.42 -23.13
N VAL E 31 -10.39 43.60 -24.09
CA VAL E 31 -10.66 42.17 -24.00
C VAL E 31 -9.43 41.31 -24.28
N LYS E 32 -9.26 40.32 -23.42
CA LYS E 32 -8.14 39.39 -23.53
C LYS E 32 -8.65 37.95 -23.64
N ILE E 33 -8.02 37.16 -24.50
CA ILE E 33 -8.29 35.73 -24.55
C ILE E 33 -7.07 34.95 -24.07
N VAL E 34 -7.26 34.05 -23.11
CA VAL E 34 -6.24 33.09 -22.72
C VAL E 34 -6.54 31.70 -23.24
N GLU E 35 -5.72 31.23 -24.17
CA GLU E 35 -5.86 29.91 -24.76
C GLU E 35 -4.79 29.00 -24.18
N LYS E 36 -5.19 27.86 -23.63
CA LYS E 36 -4.29 26.95 -22.94
C LYS E 36 -3.33 26.26 -23.89
N GLN E 37 -3.82 25.91 -25.08
CA GLN E 37 -3.00 25.19 -26.04
C GLN E 37 -2.29 26.12 -27.01
N LYS E 38 -1.30 25.57 -27.72
CA LYS E 38 -0.66 26.28 -28.84
C LYS E 38 -1.38 26.04 -30.18
N PHE E 39 -1.67 27.13 -30.86
CA PHE E 39 -2.35 27.09 -32.15
C PHE E 39 -1.32 26.99 -33.26
N PRO E 40 -1.63 26.26 -34.35
CA PRO E 40 -2.86 25.50 -34.61
C PRO E 40 -2.98 24.28 -33.70
N ARG E 41 -4.19 23.87 -33.37
CA ARG E 41 -4.42 22.80 -32.42
C ARG E 41 -5.63 22.06 -32.92
N PHE E 42 -5.64 20.74 -32.82
CA PHE E 42 -6.75 19.94 -33.32
C PHE E 42 -7.92 19.91 -32.35
N VAL E 43 -9.11 20.11 -32.86
CA VAL E 43 -10.32 19.77 -32.15
C VAL E 43 -11.31 19.22 -33.19
N ILE E 44 -12.26 18.41 -32.73
CA ILE E 44 -13.24 17.78 -33.59
C ILE E 44 -14.39 18.76 -33.77
N GLY E 45 -15.17 18.57 -34.83
CA GLY E 45 -16.31 19.41 -35.14
C GLY E 45 -16.05 20.30 -36.33
N GLU E 46 -16.19 19.72 -37.51
CA GLU E 46 -15.58 20.24 -38.72
C GLU E 46 -16.57 20.70 -39.80
N SER E 47 -17.83 20.34 -39.62
CA SER E 47 -18.86 20.66 -40.60
C SER E 47 -19.68 21.82 -40.00
N LEU E 48 -19.51 23.03 -40.54
CA LEU E 48 -20.25 24.19 -39.99
C LEU E 48 -21.68 24.32 -40.54
N LEU E 49 -22.43 25.32 -40.07
CA LEU E 49 -23.77 25.58 -40.57
C LEU E 49 -23.89 26.98 -41.18
N PRO E 50 -24.74 27.12 -42.20
CA PRO E 50 -24.98 28.45 -42.73
C PRO E 50 -25.22 29.45 -41.62
N ARG E 51 -26.01 29.08 -40.61
CA ARG E 51 -26.32 29.96 -39.51
C ARG E 51 -25.06 30.61 -38.93
N CYS E 52 -23.92 29.93 -38.92
CA CYS E 52 -22.71 30.56 -38.34
C CYS E 52 -22.18 31.75 -39.14
N MSE E 53 -22.49 31.80 -40.44
CA MSE E 53 -22.01 32.87 -41.30
C MSE E 53 -22.40 34.22 -40.68
O MSE E 53 -21.70 35.22 -40.82
CB MSE E 53 -22.59 32.74 -42.72
CG MSE E 53 -22.26 31.44 -43.46
SE MSE E 53 -20.34 31.10 -43.53
CE MSE E 53 -20.05 31.63 -45.39
N GLU E 54 -23.54 34.21 -40.00
CA GLU E 54 -24.09 35.41 -39.41
C GLU E 54 -23.11 35.95 -38.37
N HIS E 55 -22.49 35.04 -37.63
CA HIS E 55 -21.57 35.45 -36.59
C HIS E 55 -20.19 35.72 -37.21
N LEU E 56 -19.81 34.91 -38.20
CA LEU E 56 -18.59 35.15 -38.96
C LEU E 56 -18.65 36.58 -39.50
N ASP E 57 -19.78 36.89 -40.14
CA ASP E 57 -20.03 38.20 -40.70
C ASP E 57 -19.90 39.27 -39.62
N GLU E 58 -20.72 39.13 -38.58
CA GLU E 58 -20.79 40.11 -37.51
C GLU E 58 -19.45 40.45 -36.89
N ALA E 59 -18.66 39.41 -36.65
CA ALA E 59 -17.35 39.60 -36.04
C ALA E 59 -16.23 40.00 -37.03
N GLY E 60 -16.57 40.13 -38.32
CA GLY E 60 -15.60 40.52 -39.34
C GLY E 60 -14.52 39.48 -39.62
N PHE E 61 -14.92 38.20 -39.65
CA PHE E 61 -14.00 37.08 -39.85
C PHE E 61 -14.17 36.51 -41.25
N LEU E 62 -15.25 36.92 -41.93
CA LEU E 62 -15.63 36.33 -43.20
C LEU E 62 -14.49 36.42 -44.19
N ASP E 63 -13.94 37.62 -44.38
CA ASP E 63 -12.81 37.77 -45.29
C ASP E 63 -11.68 36.79 -44.91
N ALA E 64 -11.32 36.77 -43.62
CA ALA E 64 -10.24 35.92 -43.13
C ALA E 64 -10.49 34.46 -43.48
N VAL E 65 -11.72 33.99 -43.21
CA VAL E 65 -12.07 32.61 -43.52
C VAL E 65 -12.05 32.35 -45.03
N LYS E 66 -12.70 33.20 -45.81
CA LYS E 66 -12.74 33.03 -47.27
C LYS E 66 -11.34 32.87 -47.83
N ALA E 67 -10.39 33.63 -47.28
CA ALA E 67 -9.01 33.64 -47.78
C ALA E 67 -8.39 32.25 -47.73
N GLN E 68 -8.94 31.40 -46.87
CA GLN E 68 -8.36 30.10 -46.59
C GLN E 68 -8.73 29.02 -47.60
N GLY E 69 -9.76 29.27 -48.42
CA GLY E 69 -10.23 28.31 -49.39
C GLY E 69 -10.66 26.96 -48.85
N PHE E 70 -11.42 26.93 -47.75
CA PHE E 70 -12.04 25.70 -47.28
C PHE E 70 -13.10 25.17 -48.27
N GLN E 71 -13.32 23.87 -48.24
CA GLN E 71 -14.33 23.25 -49.06
C GLN E 71 -15.61 24.00 -48.79
N GLN E 72 -16.27 24.48 -49.84
CA GLN E 72 -17.61 24.99 -49.64
C GLN E 72 -18.61 23.86 -49.36
N LYS E 73 -19.54 24.14 -48.44
CA LYS E 73 -20.63 23.24 -48.10
C LYS E 73 -21.99 23.81 -48.54
N PHE E 74 -22.76 23.04 -49.29
CA PHE E 74 -24.06 23.56 -49.74
C PHE E 74 -25.26 22.75 -49.27
N GLY E 75 -25.05 21.72 -48.45
CA GLY E 75 -26.14 20.87 -47.98
C GLY E 75 -25.74 19.63 -47.20
N ALA E 76 -26.73 18.81 -46.87
CA ALA E 76 -26.49 17.58 -46.11
C ALA E 76 -27.20 16.39 -46.77
N LYS E 77 -26.43 15.34 -47.04
CA LYS E 77 -26.96 14.18 -47.73
C LYS E 77 -27.11 13.07 -46.72
N PHE E 78 -28.28 12.47 -46.66
CA PHE E 78 -28.49 11.34 -45.77
C PHE E 78 -28.67 10.03 -46.57
N VAL E 79 -27.92 9.01 -46.15
CA VAL E 79 -27.78 7.78 -46.93
C VAL E 79 -28.11 6.54 -46.13
N ARG E 80 -29.08 5.77 -46.62
CA ARG E 80 -29.41 4.48 -46.02
C ARG E 80 -29.60 3.45 -47.11
N GLY E 81 -28.68 2.49 -47.13
CA GLY E 81 -28.53 1.61 -48.27
C GLY E 81 -28.41 2.48 -49.51
N LYS E 82 -29.34 2.31 -50.45
CA LYS E 82 -29.34 3.05 -51.71
C LYS E 82 -30.30 4.22 -51.66
N GLU E 83 -30.98 4.35 -50.52
CA GLU E 83 -31.91 5.45 -50.29
C GLU E 83 -31.17 6.77 -50.06
N ILE E 84 -31.48 7.78 -50.86
CA ILE E 84 -30.87 9.08 -50.68
C ILE E 84 -31.88 10.17 -50.35
N ALA E 85 -31.55 10.95 -49.32
CA ALA E 85 -32.27 12.17 -48.97
C ALA E 85 -31.30 13.35 -48.92
N ASP E 86 -31.24 14.11 -50.01
CA ASP E 86 -30.33 15.24 -50.15
C ASP E 86 -31.01 16.60 -49.82
N PHE E 87 -30.53 17.27 -48.77
CA PHE E 87 -31.02 18.60 -48.42
C PHE E 87 -30.16 19.73 -49.03
N ASN E 88 -30.78 20.58 -49.84
CA ASN E 88 -30.08 21.69 -50.47
C ASN E 88 -30.38 23.02 -49.79
N PHE E 89 -29.39 23.64 -49.13
CA PHE E 89 -29.65 24.86 -48.37
C PHE E 89 -30.15 25.98 -49.28
N SER E 90 -29.96 25.83 -50.58
CA SER E 90 -30.45 26.84 -51.52
C SER E 90 -31.96 26.77 -51.64
N ASP E 91 -32.53 25.66 -51.17
CA ASP E 91 -33.97 25.39 -51.22
C ASP E 91 -34.46 25.28 -49.77
N GLN E 92 -34.82 26.42 -49.16
CA GLN E 92 -35.21 26.38 -47.77
C GLN E 92 -36.35 27.33 -47.42
N PHE E 93 -36.93 27.09 -46.24
CA PHE E 93 -38.08 27.85 -45.76
C PHE E 93 -37.63 29.25 -45.34
N SER E 94 -36.52 29.34 -44.63
CA SER E 94 -36.08 30.61 -44.08
C SER E 94 -35.16 31.31 -45.04
N ASN E 95 -35.02 32.61 -44.86
CA ASN E 95 -33.96 33.35 -45.53
C ASN E 95 -32.78 33.33 -44.60
N GLY E 96 -31.64 33.72 -45.11
CA GLY E 96 -30.42 33.54 -44.38
C GLY E 96 -29.50 32.82 -45.32
N TRP E 97 -28.34 32.49 -44.81
CA TRP E 97 -27.25 31.92 -45.57
C TRP E 97 -27.57 30.57 -46.14
N ASN E 98 -27.14 30.35 -47.38
CA ASN E 98 -27.35 29.08 -48.03
C ASN E 98 -26.07 28.27 -48.21
N TRP E 99 -24.91 28.86 -47.98
CA TRP E 99 -23.71 28.04 -47.97
C TRP E 99 -22.81 28.26 -46.72
N THR E 100 -21.80 27.39 -46.53
CA THR E 100 -20.73 27.63 -45.52
C THR E 100 -19.50 26.76 -45.79
N TRP E 101 -18.72 26.44 -44.77
CA TRP E 101 -17.54 25.60 -45.01
C TRP E 101 -17.43 24.29 -44.22
N GLN E 102 -16.71 23.34 -44.81
CA GLN E 102 -16.21 22.14 -44.14
C GLN E 102 -14.79 22.52 -43.73
N VAL E 103 -14.47 22.53 -42.44
CA VAL E 103 -13.18 23.07 -42.05
C VAL E 103 -12.38 22.17 -41.13
N PRO E 104 -11.11 21.97 -41.44
CA PRO E 104 -10.21 21.40 -40.42
C PRO E 104 -10.07 22.38 -39.25
N ARG E 105 -10.45 21.99 -38.04
CA ARG E 105 -10.60 22.99 -36.96
C ARG E 105 -9.34 23.75 -36.51
N GLY E 106 -8.17 23.11 -36.63
CA GLY E 106 -6.92 23.72 -36.23
C GLY E 106 -6.66 24.98 -37.03
N ASN E 107 -6.80 24.86 -38.33
CA ASN E 107 -6.63 25.99 -39.19
C ASN E 107 -7.80 26.97 -39.12
N PHE E 108 -9.01 26.47 -38.92
CA PHE E 108 -10.17 27.37 -38.85
C PHE E 108 -10.05 28.26 -37.62
N ASP E 109 -9.85 27.65 -36.46
CA ASP E 109 -9.79 28.43 -35.21
C ASP E 109 -8.61 29.41 -35.20
N LYS E 110 -7.47 28.98 -35.71
CA LYS E 110 -6.34 29.89 -35.85
C LYS E 110 -6.74 31.06 -36.74
N THR E 111 -7.45 30.78 -37.83
CA THR E 111 -7.79 31.87 -38.72
C THR E 111 -8.58 32.90 -37.92
N LEU E 112 -9.49 32.41 -37.08
CA LEU E 112 -10.38 33.29 -36.34
C LEU E 112 -9.65 34.07 -35.23
N ALA E 113 -8.88 33.36 -34.42
CA ALA E 113 -8.11 34.02 -33.37
C ALA E 113 -7.19 35.05 -33.99
N ASP E 114 -6.53 34.68 -35.09
CA ASP E 114 -5.58 35.56 -35.76
C ASP E 114 -6.26 36.85 -36.16
N GLU E 115 -7.39 36.72 -36.81
CA GLU E 115 -8.17 37.89 -37.14
C GLU E 115 -8.55 38.67 -35.85
N ALA E 116 -8.94 37.96 -34.80
CA ALA E 116 -9.35 38.62 -33.54
C ALA E 116 -8.20 39.45 -32.99
N ALA E 117 -7.00 38.89 -32.99
CA ALA E 117 -5.82 39.63 -32.54
C ALA E 117 -5.61 40.87 -33.41
N ARG E 118 -5.66 40.68 -34.72
CA ARG E 118 -5.48 41.75 -35.69
C ARG E 118 -6.46 42.91 -35.45
N GLN E 119 -7.72 42.58 -35.11
CA GLN E 119 -8.76 43.58 -34.89
C GLN E 119 -8.54 44.33 -33.58
N GLY E 120 -7.60 43.83 -32.78
CA GLY E 120 -7.27 44.48 -31.51
C GLY E 120 -7.34 43.58 -30.29
N VAL E 121 -8.00 42.43 -30.42
CA VAL E 121 -8.06 41.48 -29.30
C VAL E 121 -6.65 41.10 -28.97
N ASP E 122 -6.32 40.96 -27.70
CA ASP E 122 -5.03 40.35 -27.44
C ASP E 122 -5.22 38.93 -26.97
N VAL E 123 -4.69 38.04 -27.78
CA VAL E 123 -4.80 36.63 -27.57
C VAL E 123 -3.46 36.18 -27.08
N GLU E 124 -3.47 35.43 -25.99
CA GLU E 124 -2.26 34.89 -25.42
C GLU E 124 -2.36 33.37 -25.38
N TYR E 125 -1.38 32.70 -25.94
CA TYR E 125 -1.42 31.24 -26.07
C TYR E 125 -0.62 30.48 -25.01
N GLU E 126 -0.78 29.16 -25.02
CA GLU E 126 -0.07 28.27 -24.10
C GLU E 126 -0.19 28.80 -22.68
N VAL E 127 -1.39 29.23 -22.35
CA VAL E 127 -1.66 29.80 -21.04
C VAL E 127 -3.00 29.26 -20.52
N GLY E 128 -2.93 28.46 -19.47
CA GLY E 128 -4.12 27.75 -19.02
C GLY E 128 -4.71 28.26 -17.73
N VAL E 129 -6.00 28.60 -17.75
CA VAL E 129 -6.66 29.04 -16.53
C VAL E 129 -6.54 27.91 -15.52
N THR E 130 -6.37 28.27 -14.25
CA THR E 130 -6.11 27.28 -13.23
C THR E 130 -7.02 27.50 -12.02
N ASP E 131 -7.58 28.70 -11.93
CA ASP E 131 -8.40 29.07 -10.79
C ASP E 131 -9.05 30.44 -11.03
N ILE E 132 -10.29 30.57 -10.59
CA ILE E 132 -11.02 31.82 -10.75
C ILE E 132 -11.60 32.17 -9.41
N LYS E 133 -11.49 33.45 -9.03
CA LYS E 133 -12.02 33.90 -7.76
C LYS E 133 -12.89 35.15 -7.95
N PHE E 134 -14.17 35.01 -7.62
CA PHE E 134 -15.17 36.05 -7.83
C PHE E 134 -15.45 36.86 -6.56
N PHE E 135 -15.50 38.17 -6.72
CA PHE E 135 -15.99 39.09 -5.69
C PHE E 135 -17.06 40.02 -6.30
N GLY E 136 -18.33 39.68 -6.06
CA GLY E 136 -19.44 40.28 -6.79
C GLY E 136 -19.34 39.92 -8.25
N THR E 137 -19.34 40.90 -9.13
CA THR E 137 -19.19 40.63 -10.56
C THR E 137 -17.75 40.65 -11.07
N ASP E 138 -16.83 41.22 -10.30
CA ASP E 138 -15.42 41.21 -10.70
C ASP E 138 -14.82 39.87 -10.43
N SER E 139 -13.68 39.59 -11.09
CA SER E 139 -12.97 38.34 -10.85
C SER E 139 -11.44 38.49 -10.88
N VAL E 140 -10.77 37.58 -10.19
CA VAL E 140 -9.33 37.43 -10.35
C VAL E 140 -9.08 36.02 -10.87
N THR E 141 -8.47 35.93 -12.04
CA THR E 141 -8.26 34.64 -12.70
C THR E 141 -6.78 34.34 -12.78
N THR E 142 -6.43 33.09 -12.49
CA THR E 142 -5.03 32.69 -12.47
C THR E 142 -4.72 31.83 -13.68
N ILE E 143 -3.75 32.24 -14.49
CA ILE E 143 -3.24 31.38 -15.56
C ILE E 143 -1.90 30.77 -15.18
N GLU E 144 -1.56 29.71 -15.88
CA GLU E 144 -0.30 29.03 -15.69
C GLU E 144 0.27 28.86 -17.08
N ASP E 145 1.55 29.20 -17.24
CA ASP E 145 2.19 29.19 -18.55
C ASP E 145 2.97 27.89 -18.81
N ILE E 146 3.60 27.83 -19.98
CA ILE E 146 4.34 26.66 -20.42
C ILE E 146 5.28 26.14 -19.34
N ASN E 147 5.92 27.07 -18.64
CA ASN E 147 6.95 26.73 -17.67
C ASN E 147 6.39 26.28 -16.34
N GLY E 148 5.25 26.85 -15.97
CA GLY E 148 4.60 26.51 -14.72
C GLY E 148 4.42 27.73 -13.84
N ASN E 149 4.86 28.87 -14.35
CA ASN E 149 4.71 30.11 -13.60
C ASN E 149 3.28 30.62 -13.67
N LYS E 150 2.83 31.19 -12.56
CA LYS E 150 1.43 31.59 -12.43
C LYS E 150 1.30 33.10 -12.40
N ARG E 151 0.16 33.59 -12.87
CA ARG E 151 -0.13 35.01 -12.78
C ARG E 151 -1.60 35.28 -12.99
N GLU E 152 -2.03 36.45 -12.54
CA GLU E 152 -3.42 36.71 -12.30
C GLU E 152 -3.97 37.74 -13.26
N ILE E 153 -5.25 37.61 -13.56
CA ILE E 153 -5.92 38.58 -14.40
C ILE E 153 -7.20 38.98 -13.72
N GLU E 154 -7.38 40.27 -13.60
CA GLU E 154 -8.51 40.84 -12.90
C GLU E 154 -9.43 41.29 -14.01
N ALA E 155 -10.71 40.97 -13.92
CA ALA E 155 -11.66 41.45 -14.93
C ALA E 155 -13.04 41.81 -14.36
N ARG E 156 -13.79 42.62 -15.09
CA ARG E 156 -15.16 42.92 -14.70
C ARG E 156 -16.16 41.88 -15.24
N PHE E 157 -15.67 40.95 -16.05
CA PHE E 157 -16.53 39.92 -16.62
C PHE E 157 -15.73 38.81 -17.31
N ILE E 158 -16.08 37.57 -16.95
CA ILE E 158 -15.55 36.40 -17.62
C ILE E 158 -16.53 35.78 -18.62
N ILE E 159 -16.08 35.57 -19.85
CA ILE E 159 -16.81 34.75 -20.82
C ILE E 159 -16.11 33.41 -20.97
N ASP E 160 -16.70 32.36 -20.41
CA ASP E 160 -16.10 31.04 -20.50
C ASP E 160 -16.35 30.38 -21.85
N ALA E 161 -15.36 30.42 -22.73
CA ALA E 161 -15.49 29.72 -24.00
C ALA E 161 -14.46 28.59 -24.06
N SER E 162 -14.22 27.96 -22.91
CA SER E 162 -13.25 26.86 -22.80
C SER E 162 -13.75 25.54 -23.40
N GLY E 163 -14.99 25.53 -23.88
CA GLY E 163 -15.50 24.38 -24.61
C GLY E 163 -15.37 23.11 -23.82
N TYR E 164 -14.66 22.12 -24.38
CA TYR E 164 -14.55 20.79 -23.75
C TYR E 164 -13.86 20.88 -22.39
N GLY E 165 -13.13 21.95 -22.16
CA GLY E 165 -12.46 22.14 -20.87
C GLY E 165 -13.45 22.41 -19.76
N ARG E 166 -14.59 22.97 -20.12
CA ARG E 166 -15.63 23.23 -19.15
C ARG E 166 -15.07 23.86 -17.86
N VAL E 167 -14.22 24.86 -18.04
CA VAL E 167 -13.47 25.43 -16.94
C VAL E 167 -14.38 25.83 -15.81
N ILE E 168 -15.39 26.65 -16.09
CA ILE E 168 -16.22 27.09 -15.00
C ILE E 168 -17.18 26.02 -14.47
N PRO E 169 -17.89 25.33 -15.37
CA PRO E 169 -18.83 24.28 -14.93
C PRO E 169 -18.19 23.28 -13.97
N ARG E 170 -16.92 22.96 -14.18
CA ARG E 170 -16.22 21.98 -13.35
C ARG E 170 -15.74 22.61 -12.05
N MSE E 171 -15.14 23.79 -12.15
CA MSE E 171 -14.62 24.52 -11.00
C MSE E 171 -15.70 24.76 -9.95
O MSE E 171 -15.47 24.57 -8.76
CB MSE E 171 -13.98 25.83 -11.45
CG MSE E 171 -13.10 26.55 -10.43
SE MSE E 171 -12.04 27.99 -11.26
CE MSE E 171 -10.73 26.87 -12.19
N PHE E 172 -16.90 25.16 -10.38
CA PHE E 172 -17.96 25.51 -9.45
C PHE E 172 -19.14 24.55 -9.49
N GLY E 173 -18.91 23.29 -9.88
CA GLY E 173 -19.99 22.32 -9.96
C GLY E 173 -21.29 22.60 -10.71
N LEU E 174 -21.19 22.95 -11.99
CA LEU E 174 -22.35 23.39 -12.79
C LEU E 174 -22.78 22.28 -13.77
N ASP E 175 -21.94 21.25 -13.85
CA ASP E 175 -22.16 20.09 -14.71
C ASP E 175 -23.45 19.34 -14.36
N LYS E 176 -24.23 19.05 -15.40
CA LYS E 176 -25.50 18.36 -15.25
C LYS E 176 -25.62 17.26 -16.33
N PRO E 177 -26.01 16.03 -15.93
CA PRO E 177 -26.17 14.94 -16.90
C PRO E 177 -27.20 15.31 -17.96
N SER E 178 -26.99 14.82 -19.17
CA SER E 178 -27.75 15.26 -20.33
C SER E 178 -29.15 14.66 -20.49
N GLY E 179 -29.29 13.37 -20.18
CA GLY E 179 -30.52 12.68 -20.53
C GLY E 179 -30.27 11.75 -21.70
N PHE E 180 -29.46 12.19 -22.67
CA PHE E 180 -28.99 11.30 -23.73
C PHE E 180 -28.11 10.19 -23.15
N GLU E 181 -28.27 8.98 -23.66
CA GLU E 181 -27.43 7.89 -23.23
C GLU E 181 -26.08 7.94 -23.94
N SER E 182 -25.10 7.21 -23.43
CA SER E 182 -23.74 7.33 -23.95
C SER E 182 -23.58 6.80 -25.37
N ARG E 183 -22.74 7.48 -26.14
CA ARG E 183 -22.36 7.08 -27.48
C ARG E 183 -20.85 7.18 -27.64
N ARG E 184 -20.29 6.33 -28.48
CA ARG E 184 -18.86 6.37 -28.74
C ARG E 184 -18.66 6.86 -30.17
N THR E 185 -17.46 7.36 -30.43
CA THR E 185 -17.10 7.75 -31.79
C THR E 185 -15.70 7.29 -32.14
N LEU E 186 -15.47 7.06 -33.43
CA LEU E 186 -14.16 6.67 -33.95
C LEU E 186 -14.05 7.34 -35.30
N PHE E 187 -13.03 8.18 -35.46
CA PHE E 187 -12.88 8.99 -36.65
C PHE E 187 -11.44 9.23 -36.99
N THR E 188 -11.21 9.78 -38.17
CA THR E 188 -9.88 10.10 -38.59
C THR E 188 -10.04 10.93 -39.85
N HIS E 189 -8.92 11.46 -40.34
CA HIS E 189 -8.91 12.04 -41.66
C HIS E 189 -8.27 11.03 -42.59
N ILE E 190 -8.81 10.90 -43.80
CA ILE E 190 -8.29 9.98 -44.80
C ILE E 190 -7.92 10.74 -46.09
N LYS E 191 -6.76 10.44 -46.65
CA LYS E 191 -6.41 11.03 -47.94
C LYS E 191 -7.41 10.48 -48.96
N ASP E 192 -8.34 11.34 -49.40
CA ASP E 192 -9.51 10.89 -50.17
C ASP E 192 -9.19 10.80 -51.67
N VAL E 193 -8.25 9.93 -52.01
CA VAL E 193 -7.83 9.71 -53.39
C VAL E 193 -9.03 9.43 -54.30
N LYS E 194 -10.03 8.71 -53.78
CA LYS E 194 -11.16 8.26 -54.60
C LYS E 194 -12.36 9.18 -54.52
N ARG E 195 -12.18 10.39 -54.01
CA ARG E 195 -13.28 11.35 -53.99
C ARG E 195 -13.97 11.40 -55.34
N PRO E 196 -15.28 11.14 -55.36
CA PRO E 196 -16.10 11.37 -56.56
C PRO E 196 -15.92 12.78 -57.09
N VAL E 197 -15.93 12.92 -58.42
CA VAL E 197 -15.61 14.18 -59.12
C VAL E 197 -16.38 15.42 -58.62
N GLY E 203 -19.32 16.56 -53.35
CA GLY E 203 -18.36 17.12 -52.43
C GLY E 203 -18.78 18.49 -51.91
N ASN E 204 -20.00 18.92 -52.21
CA ASN E 204 -20.53 20.14 -51.61
C ASN E 204 -21.58 19.78 -50.58
N ARG E 205 -21.34 18.70 -49.85
CA ARG E 205 -22.27 18.20 -48.88
C ARG E 205 -21.50 17.53 -47.78
N ILE E 206 -22.03 17.57 -46.56
CA ILE E 206 -21.63 16.58 -45.57
C ILE E 206 -22.55 15.39 -45.83
N THR E 207 -22.05 14.18 -45.60
CA THR E 207 -22.83 12.96 -45.79
C THR E 207 -22.91 12.14 -44.52
N ALA E 208 -24.13 11.85 -44.08
CA ALA E 208 -24.33 11.06 -42.90
C ALA E 208 -24.90 9.75 -43.34
N VAL E 209 -24.17 8.68 -43.02
CA VAL E 209 -24.55 7.34 -43.44
C VAL E 209 -25.25 6.55 -42.32
N VAL E 210 -26.48 6.13 -42.60
CA VAL E 210 -27.22 5.30 -41.68
C VAL E 210 -26.64 3.89 -41.80
N HIS E 211 -25.73 3.55 -40.88
CA HIS E 211 -24.96 2.28 -40.94
C HIS E 211 -25.79 1.14 -40.33
N LYS E 212 -26.13 1.28 -39.06
CA LYS E 212 -26.95 0.31 -38.34
C LYS E 212 -28.05 1.08 -37.61
N PRO E 213 -29.06 0.38 -37.07
CA PRO E 213 -30.16 1.03 -36.37
C PRO E 213 -29.68 2.17 -35.46
N LYS E 214 -28.55 1.96 -34.80
CA LYS E 214 -28.07 2.97 -33.86
C LYS E 214 -26.68 3.47 -34.19
N VAL E 215 -26.24 3.25 -35.42
CA VAL E 215 -24.89 3.66 -35.77
C VAL E 215 -24.87 4.47 -37.06
N TRP E 216 -24.11 5.56 -37.05
CA TRP E 216 -24.00 6.36 -38.26
C TRP E 216 -22.59 6.88 -38.50
N ILE E 217 -22.35 7.28 -39.74
CA ILE E 217 -21.05 7.70 -40.22
C ILE E 217 -21.16 9.08 -40.86
N TRP E 218 -20.18 9.93 -40.57
CA TRP E 218 -20.09 11.19 -41.26
C TRP E 218 -18.94 11.11 -42.25
N VAL E 219 -19.18 11.66 -43.44
CA VAL E 219 -18.18 11.86 -44.49
C VAL E 219 -18.14 13.36 -44.76
N ILE E 220 -17.05 14.01 -44.37
CA ILE E 220 -16.89 15.44 -44.51
C ILE E 220 -15.65 15.75 -45.35
N PRO E 221 -15.86 16.22 -46.58
CA PRO E 221 -14.78 16.52 -47.52
C PRO E 221 -14.09 17.90 -47.34
N PHE E 222 -12.77 17.89 -47.17
CA PHE E 222 -12.00 19.12 -47.14
C PHE E 222 -11.37 19.41 -48.49
N SER E 223 -10.86 20.62 -48.63
CA SER E 223 -10.25 21.07 -49.87
C SER E 223 -8.75 20.82 -49.89
N ASN E 224 -8.26 20.17 -48.84
CA ASN E 224 -6.84 19.83 -48.74
C ASN E 224 -6.54 18.40 -49.22
N GLY E 225 -7.49 17.78 -49.88
CA GLY E 225 -7.30 16.42 -50.33
C GLY E 225 -7.85 15.38 -49.37
N ASN E 226 -8.12 15.78 -48.12
CA ASN E 226 -8.52 14.83 -47.08
C ASN E 226 -9.99 14.89 -46.77
N THR E 227 -10.49 13.84 -46.13
CA THR E 227 -11.88 13.79 -45.70
C THR E 227 -12.02 13.28 -44.29
N SER E 228 -12.67 14.06 -43.44
CA SER E 228 -12.99 13.56 -42.12
C SER E 228 -14.05 12.47 -42.30
N VAL E 229 -13.79 11.29 -41.73
CA VAL E 229 -14.80 10.22 -41.67
C VAL E 229 -14.92 9.79 -40.20
N GLY E 230 -16.14 9.60 -39.72
CA GLY E 230 -16.30 9.21 -38.33
C GLY E 230 -17.47 8.27 -38.10
N PHE E 231 -17.23 7.16 -37.39
CA PHE E 231 -18.33 6.35 -36.86
C PHE E 231 -18.85 6.87 -35.51
N VAL E 232 -20.17 6.94 -35.40
CA VAL E 232 -20.83 7.30 -34.16
C VAL E 232 -21.89 6.27 -33.83
N GLY E 233 -22.04 5.98 -32.55
CA GLY E 233 -23.19 5.25 -32.08
C GLY E 233 -22.97 4.43 -30.82
N GLU E 234 -23.82 3.43 -30.66
CA GLU E 234 -23.77 2.53 -29.52
C GLU E 234 -22.36 2.00 -29.33
N PRO E 235 -21.85 2.12 -28.10
CA PRO E 235 -20.53 1.60 -27.75
C PRO E 235 -20.41 0.12 -28.08
N SER E 236 -21.38 -0.68 -27.65
CA SER E 236 -21.35 -2.12 -27.93
C SER E 236 -21.07 -2.50 -29.40
N TYR E 237 -21.50 -1.68 -30.35
CA TYR E 237 -21.17 -1.99 -31.74
C TYR E 237 -19.66 -1.92 -31.96
N PHE E 238 -19.04 -0.87 -31.43
CA PHE E 238 -17.60 -0.66 -31.53
C PHE E 238 -16.82 -1.82 -30.91
N ASP E 239 -17.44 -2.44 -29.91
CA ASP E 239 -16.79 -3.50 -29.15
C ASP E 239 -16.76 -4.80 -29.92
N GLU E 240 -17.51 -4.89 -31.01
CA GLU E 240 -17.50 -6.11 -31.80
C GLU E 240 -16.34 -6.11 -32.82
N TYR E 241 -15.51 -5.07 -32.76
CA TYR E 241 -14.25 -5.07 -33.49
C TYR E 241 -13.08 -5.01 -32.51
N THR E 242 -12.10 -5.87 -32.68
CA THR E 242 -10.87 -5.76 -31.89
C THR E 242 -9.73 -5.45 -32.82
N GLY E 243 -8.60 -5.04 -32.23
CA GLY E 243 -7.44 -4.63 -33.00
C GLY E 243 -7.05 -3.21 -32.64
N THR E 244 -6.08 -2.66 -33.37
CA THR E 244 -5.66 -1.29 -33.17
C THR E 244 -6.73 -0.32 -33.67
N PRO E 245 -6.71 0.92 -33.17
CA PRO E 245 -7.68 1.91 -33.65
C PRO E 245 -7.74 1.94 -35.17
N GLU E 246 -6.58 1.94 -35.83
CA GLU E 246 -6.59 1.88 -37.30
C GLU E 246 -7.22 0.60 -37.89
N GLU E 247 -6.94 -0.55 -37.29
CA GLU E 247 -7.45 -1.82 -37.82
C GLU E 247 -8.97 -1.85 -37.69
N ARG E 248 -9.45 -1.43 -36.53
CA ARG E 248 -10.88 -1.30 -36.29
C ARG E 248 -11.47 -0.29 -37.29
N MSE E 249 -10.95 0.92 -37.35
CA MSE E 249 -11.50 1.88 -38.29
C MSE E 249 -11.62 1.24 -39.69
O MSE E 249 -12.71 1.19 -40.26
CB MSE E 249 -10.68 3.17 -38.30
CG MSE E 249 -11.27 4.30 -39.11
SE MSE E 249 -12.72 5.28 -38.23
CE MSE E 249 -11.86 5.69 -36.55
N ARG E 250 -10.53 0.73 -40.24
CA ARG E 250 -10.60 0.08 -41.54
C ARG E 250 -11.60 -1.07 -41.54
N ALA E 251 -11.78 -1.72 -40.41
CA ALA E 251 -12.72 -2.82 -40.34
C ALA E 251 -14.18 -2.31 -40.46
N MSE E 252 -14.51 -1.30 -39.69
CA MSE E 252 -15.84 -0.68 -39.77
C MSE E 252 -16.14 -0.06 -41.15
O MSE E 252 -17.23 -0.24 -41.68
CB MSE E 252 -16.02 0.31 -38.64
CG MSE E 252 -15.80 -0.31 -37.27
SE MSE E 252 -15.84 1.05 -35.85
CE MSE E 252 -14.96 -0.01 -34.45
N ILE E 253 -15.17 0.63 -41.74
CA ILE E 253 -15.41 1.18 -43.07
C ILE E 253 -15.69 0.04 -44.05
N ALA E 254 -14.92 -1.04 -43.91
CA ALA E 254 -15.06 -2.20 -44.79
C ALA E 254 -16.47 -2.75 -44.72
N ASN E 255 -17.14 -2.53 -43.59
CA ASN E 255 -18.49 -3.02 -43.39
C ASN E 255 -19.60 -2.08 -43.88
N GLU E 256 -19.27 -1.09 -44.69
CA GLU E 256 -20.29 -0.14 -45.13
C GLU E 256 -20.25 0.08 -46.65
N GLY E 257 -21.29 -0.41 -47.31
CA GLY E 257 -21.36 -0.33 -48.75
C GLY E 257 -21.07 1.03 -49.35
N HIS E 258 -21.62 2.09 -48.75
CA HIS E 258 -21.47 3.43 -49.32
C HIS E 258 -20.02 3.92 -49.42
N ILE E 259 -19.13 3.44 -48.54
CA ILE E 259 -17.80 4.03 -48.44
C ILE E 259 -16.65 3.02 -48.54
N ALA E 260 -16.96 1.73 -48.42
CA ALA E 260 -15.93 0.67 -48.36
C ALA E 260 -14.89 0.78 -49.46
N GLU E 261 -15.35 0.76 -50.70
CA GLU E 261 -14.43 0.78 -51.82
C GLU E 261 -13.69 2.12 -51.85
N ARG E 262 -14.40 3.20 -51.51
CA ARG E 262 -13.81 4.52 -51.56
C ARG E 262 -12.64 4.68 -50.61
N PHE E 263 -12.77 4.21 -49.37
CA PHE E 263 -11.74 4.50 -48.38
C PHE E 263 -10.83 3.34 -48.09
N LYS E 264 -11.02 2.26 -48.81
CA LYS E 264 -10.21 1.09 -48.64
C LYS E 264 -8.83 1.40 -49.20
N SER E 265 -7.79 1.10 -48.41
CA SER E 265 -6.39 1.28 -48.83
C SER E 265 -5.91 2.74 -48.75
N GLU E 266 -6.80 3.65 -48.40
CA GLU E 266 -6.43 5.06 -48.37
C GLU E 266 -5.72 5.41 -47.05
N GLU E 267 -4.67 6.23 -47.15
CA GLU E 267 -3.90 6.61 -45.97
C GLU E 267 -4.73 7.39 -44.93
N PHE E 268 -4.48 7.07 -43.67
CA PHE E 268 -4.98 7.87 -42.54
C PHE E 268 -3.93 8.93 -42.19
N LEU E 269 -4.39 10.15 -41.91
CA LEU E 269 -3.50 11.25 -41.56
C LEU E 269 -2.99 11.12 -40.14
N PHE E 270 -3.79 10.48 -39.30
CA PHE E 270 -3.42 10.26 -37.91
C PHE E 270 -4.20 9.06 -37.39
N GLU E 271 -3.67 8.41 -36.36
CA GLU E 271 -4.36 7.28 -35.78
C GLU E 271 -5.77 7.68 -35.36
N PRO E 272 -6.78 6.86 -35.71
CA PRO E 272 -8.18 7.09 -35.38
C PRO E 272 -8.39 7.39 -33.91
N ARG E 273 -9.15 8.45 -33.61
CA ARG E 273 -9.34 8.87 -32.24
C ARG E 273 -10.73 8.51 -31.71
N THR E 274 -10.84 8.32 -30.41
CA THR E 274 -12.13 7.94 -29.82
C THR E 274 -12.61 8.98 -28.82
N ILE E 275 -13.87 9.35 -28.92
CA ILE E 275 -14.50 10.16 -27.89
C ILE E 275 -15.79 9.48 -27.47
N GLU E 276 -16.03 9.40 -26.17
CA GLU E 276 -17.22 8.75 -25.68
C GLU E 276 -17.91 9.58 -24.59
N GLY E 277 -19.23 9.44 -24.45
CA GLY E 277 -19.95 10.12 -23.37
C GLY E 277 -19.84 11.63 -23.52
N TYR E 278 -19.94 12.08 -24.76
CA TYR E 278 -19.70 13.46 -25.09
C TYR E 278 -20.88 14.41 -24.77
N ALA E 279 -22.03 13.84 -24.42
CA ALA E 279 -23.18 14.64 -24.00
C ALA E 279 -23.11 15.02 -22.52
N ILE E 280 -23.45 16.28 -22.25
CA ILE E 280 -23.41 16.82 -20.90
C ILE E 280 -24.15 18.15 -20.89
N SER E 281 -24.70 18.54 -19.74
CA SER E 281 -25.42 19.79 -19.62
C SER E 281 -24.88 20.64 -18.46
N ALA E 282 -25.56 21.74 -18.16
CA ALA E 282 -25.09 22.68 -17.16
C ALA E 282 -26.25 23.14 -16.35
N SER E 283 -26.12 23.14 -15.03
CA SER E 283 -27.20 23.59 -14.15
C SER E 283 -27.59 25.07 -14.39
N LYS E 284 -26.63 25.92 -14.75
CA LYS E 284 -26.95 27.29 -15.16
C LYS E 284 -25.93 27.77 -16.18
N LEU E 285 -26.30 28.77 -16.98
CA LEU E 285 -25.45 29.23 -18.08
C LEU E 285 -24.77 30.59 -17.88
N TYR E 286 -24.94 31.17 -16.70
CA TYR E 286 -24.34 32.46 -16.36
C TYR E 286 -24.41 32.60 -14.83
N GLY E 287 -23.70 33.58 -14.29
CA GLY E 287 -23.80 33.97 -12.90
C GLY E 287 -23.24 35.38 -12.75
N ASP E 288 -23.11 35.86 -11.51
CA ASP E 288 -22.46 37.14 -11.29
C ASP E 288 -21.06 37.12 -11.89
N GLY E 289 -20.86 37.95 -12.91
CA GLY E 289 -19.54 38.14 -13.51
C GLY E 289 -19.16 37.22 -14.64
N PHE E 290 -20.04 36.30 -15.01
CA PHE E 290 -19.70 35.34 -16.06
C PHE E 290 -20.91 34.80 -16.82
N VAL E 291 -20.66 34.43 -18.07
CA VAL E 291 -21.60 33.68 -18.90
C VAL E 291 -20.82 32.52 -19.57
N LEU E 292 -21.52 31.43 -19.90
CA LEU E 292 -20.90 30.26 -20.56
C LEU E 292 -21.35 30.18 -22.01
N THR E 293 -20.53 29.55 -22.85
CA THR E 293 -20.81 29.45 -24.29
C THR E 293 -20.42 28.05 -24.76
N GLY E 294 -20.45 27.84 -26.07
CA GLY E 294 -19.95 26.61 -26.67
C GLY E 294 -20.08 25.34 -25.84
N ASN E 295 -19.04 24.50 -25.83
CA ASN E 295 -19.17 23.22 -25.11
C ASN E 295 -19.09 23.34 -23.60
N ALA E 296 -18.89 24.57 -23.12
CA ALA E 296 -18.99 24.88 -21.70
C ALA E 296 -20.45 25.12 -21.27
N THR E 297 -21.36 25.07 -22.22
CA THR E 297 -22.77 25.08 -21.92
C THR E 297 -23.43 23.70 -21.91
N GLU E 298 -24.04 23.35 -23.04
CA GLU E 298 -24.60 22.04 -23.27
C GLU E 298 -24.25 21.57 -24.66
N PHE E 299 -23.78 20.32 -24.74
CA PHE E 299 -23.57 19.68 -26.01
C PHE E 299 -24.56 18.55 -26.17
N LEU E 300 -25.12 18.45 -27.36
CA LEU E 300 -26.13 17.44 -27.69
C LEU E 300 -25.51 16.15 -28.23
N ASP E 301 -25.22 16.15 -29.54
CA ASP E 301 -24.74 14.99 -30.29
C ASP E 301 -24.27 15.54 -31.63
N PRO E 302 -23.25 14.92 -32.23
CA PRO E 302 -22.72 15.46 -33.48
C PRO E 302 -23.57 15.22 -34.73
N ILE E 303 -24.68 14.49 -34.61
CA ILE E 303 -25.60 14.39 -35.75
C ILE E 303 -26.13 15.81 -36.05
N PHE E 304 -26.14 16.17 -37.33
CA PHE E 304 -26.55 17.51 -37.81
C PHE E 304 -25.46 18.55 -37.66
N SER E 305 -24.38 18.17 -36.96
CA SER E 305 -23.20 18.99 -36.76
C SER E 305 -23.37 20.45 -36.42
N SER E 306 -23.92 20.75 -35.25
CA SER E 306 -24.36 22.10 -34.93
C SER E 306 -23.45 22.81 -33.95
N GLY E 307 -22.67 22.04 -33.19
CA GLY E 307 -21.88 22.57 -32.10
C GLY E 307 -21.07 23.83 -32.30
N ALA E 308 -20.38 23.95 -33.44
CA ALA E 308 -19.48 25.06 -33.63
C ALA E 308 -20.34 26.26 -33.99
N THR E 309 -21.51 25.96 -34.54
CA THR E 309 -22.47 27.02 -34.77
C THR E 309 -23.05 27.50 -33.43
N PHE E 310 -23.44 26.57 -32.54
CA PHE E 310 -23.96 27.03 -31.24
C PHE E 310 -22.89 27.80 -30.45
N ALA E 311 -21.63 27.35 -30.53
CA ALA E 311 -20.55 28.03 -29.81
C ALA E 311 -20.38 29.45 -30.33
N MSE E 312 -20.47 29.63 -31.65
CA MSE E 312 -20.44 30.95 -32.26
C MSE E 312 -21.67 31.80 -31.90
O MSE E 312 -21.55 33.01 -31.62
CB MSE E 312 -20.28 30.84 -33.78
CG MSE E 312 -18.84 30.45 -34.14
SE MSE E 312 -18.35 30.48 -36.05
CE MSE E 312 -18.47 28.56 -36.48
N GLU E 313 -22.83 31.18 -31.93
CA GLU E 313 -24.08 31.81 -31.52
C GLU E 313 -24.04 32.20 -30.03
N SER E 314 -23.57 31.30 -29.18
CA SER E 314 -23.43 31.57 -27.74
C SER E 314 -22.34 32.61 -27.46
N GLY E 315 -21.25 32.57 -28.20
CA GLY E 315 -20.22 33.57 -28.03
C GLY E 315 -20.79 34.92 -28.41
N SER E 316 -21.46 34.96 -29.54
CA SER E 316 -21.98 36.21 -30.06
C SER E 316 -22.90 36.85 -29.06
N LYS E 317 -23.92 36.12 -28.63
CA LYS E 317 -24.91 36.68 -27.73
C LYS E 317 -24.30 37.10 -26.38
N GLY E 318 -23.47 36.24 -25.82
CA GLY E 318 -22.87 36.52 -24.53
C GLY E 318 -21.90 37.68 -24.61
N GLY E 319 -21.20 37.74 -25.75
CA GLY E 319 -20.34 38.86 -26.09
C GLY E 319 -21.16 40.15 -26.14
N LYS E 320 -22.36 40.10 -26.72
CA LYS E 320 -23.18 41.31 -26.83
C LYS E 320 -23.68 41.77 -25.48
N LEU E 321 -24.31 40.85 -24.77
CA LEU E 321 -24.86 41.08 -23.44
C LEU E 321 -23.79 41.45 -22.40
N ALA E 322 -22.56 40.95 -22.59
CA ALA E 322 -21.44 41.32 -21.73
C ALA E 322 -21.11 42.80 -21.90
N VAL E 323 -21.33 43.33 -23.10
CA VAL E 323 -21.07 44.72 -23.40
C VAL E 323 -22.12 45.58 -22.72
N GLN E 324 -23.38 45.20 -22.91
CA GLN E 324 -24.49 45.85 -22.22
C GLN E 324 -24.16 45.90 -20.72
N PHE E 325 -23.55 44.85 -20.22
CA PHE E 325 -23.17 44.81 -18.80
C PHE E 325 -22.15 45.92 -18.47
N LEU E 326 -21.08 45.96 -19.24
CA LEU E 326 -20.01 46.93 -19.02
C LEU E 326 -20.46 48.38 -19.14
N LYS E 327 -21.45 48.64 -19.99
CA LYS E 327 -21.98 49.97 -20.19
C LYS E 327 -22.84 50.41 -19.00
N GLY E 328 -22.98 49.52 -18.03
CA GLY E 328 -23.85 49.76 -16.90
C GLY E 328 -25.31 49.43 -17.17
N GLU E 329 -25.64 49.07 -18.41
CA GLU E 329 -27.02 48.72 -18.73
C GLU E 329 -27.50 47.52 -17.92
N GLU E 330 -28.82 47.37 -17.81
CA GLU E 330 -29.35 46.23 -17.08
C GLU E 330 -29.57 45.08 -18.03
N VAL E 331 -29.14 43.89 -17.63
CA VAL E 331 -29.16 42.75 -18.55
C VAL E 331 -30.05 41.65 -18.04
N ASN E 332 -30.92 41.15 -18.90
CA ASN E 332 -31.77 40.03 -18.55
C ASN E 332 -31.19 38.75 -19.12
N TRP E 333 -30.34 38.09 -18.34
CA TRP E 333 -29.60 36.93 -18.83
C TRP E 333 -30.51 35.77 -19.11
N GLU E 334 -31.44 35.57 -18.18
CA GLU E 334 -32.46 34.54 -18.30
C GLU E 334 -33.18 34.59 -19.65
N LYS E 335 -33.58 35.80 -20.07
CA LYS E 335 -34.31 35.99 -21.33
C LYS E 335 -33.45 36.22 -22.58
N ASP E 336 -32.40 37.03 -22.44
CA ASP E 336 -31.64 37.50 -23.58
C ASP E 336 -30.48 36.57 -23.88
N PHE E 337 -30.21 35.66 -22.96
CA PHE E 337 -29.18 34.68 -23.25
C PHE E 337 -29.68 33.23 -23.21
N VAL E 338 -30.16 32.82 -22.03
CA VAL E 338 -30.61 31.45 -21.80
C VAL E 338 -31.76 31.02 -22.73
N GLU E 339 -32.88 31.76 -22.68
CA GLU E 339 -34.04 31.45 -23.54
C GLU E 339 -33.69 31.36 -25.04
N HIS E 340 -32.83 32.26 -25.49
CA HIS E 340 -32.36 32.26 -26.86
C HIS E 340 -31.55 31.01 -27.18
N MSE E 341 -30.59 30.68 -26.32
CA MSE E 341 -29.78 29.49 -26.52
C MSE E 341 -30.61 28.20 -26.46
O MSE E 341 -30.47 27.34 -27.31
CB MSE E 341 -28.61 29.45 -25.52
CG MSE E 341 -27.60 30.59 -25.69
SE MSE E 341 -26.97 30.65 -27.53
CE MSE E 341 -26.41 28.78 -27.73
N MSE E 342 -31.46 28.08 -25.44
CA MSE E 342 -32.29 26.89 -25.24
C MSE E 342 -33.26 26.66 -26.40
O MSE E 342 -33.50 25.53 -26.78
CB MSE E 342 -33.09 26.99 -23.93
CG MSE E 342 -32.43 26.40 -22.69
SE MSE E 342 -30.59 25.75 -22.92
CE MSE E 342 -29.75 27.50 -23.03
N GLN E 343 -33.82 27.73 -26.94
CA GLN E 343 -34.74 27.64 -28.08
C GLN E 343 -34.09 26.87 -29.24
N GLY E 344 -32.87 27.27 -29.60
CA GLY E 344 -32.13 26.57 -30.62
C GLY E 344 -31.69 25.19 -30.16
N ILE E 345 -31.20 25.09 -28.94
CA ILE E 345 -30.65 23.82 -28.46
C ILE E 345 -31.78 22.79 -28.26
N ASP E 346 -32.97 23.29 -27.92
CA ASP E 346 -34.14 22.44 -27.75
C ASP E 346 -34.72 21.98 -29.08
N THR E 347 -34.65 22.84 -30.08
CA THR E 347 -35.00 22.43 -31.43
C THR E 347 -34.11 21.28 -31.90
N PHE E 348 -32.81 21.50 -31.98
CA PHE E 348 -31.92 20.40 -32.35
C PHE E 348 -32.11 19.15 -31.49
N ARG E 349 -32.34 19.34 -30.19
CA ARG E 349 -32.60 18.21 -29.30
C ARG E 349 -33.64 17.27 -29.89
N SER E 350 -34.84 17.81 -30.14
CA SER E 350 -35.93 17.04 -30.70
C SER E 350 -35.53 16.37 -32.01
N PHE E 351 -34.59 16.96 -32.73
CA PHE E 351 -34.21 16.43 -34.03
C PHE E 351 -33.19 15.32 -33.85
N VAL E 352 -32.33 15.48 -32.84
CA VAL E 352 -31.43 14.42 -32.44
C VAL E 352 -32.24 13.22 -31.95
N THR E 353 -33.19 13.47 -31.06
CA THR E 353 -34.06 12.41 -30.58
C THR E 353 -34.73 11.69 -31.74
N GLY E 354 -35.35 12.48 -32.62
CA GLY E 354 -35.95 11.97 -33.83
C GLY E 354 -35.01 11.20 -34.75
N TRP E 355 -33.76 11.63 -34.82
CA TRP E 355 -32.73 10.90 -35.59
C TRP E 355 -32.56 9.45 -35.11
N TYR E 356 -32.42 9.29 -33.80
CA TYR E 356 -32.12 7.98 -33.24
C TYR E 356 -33.36 7.15 -32.95
N ASP E 357 -34.56 7.71 -33.12
CA ASP E 357 -35.74 6.93 -32.75
C ASP E 357 -36.57 6.43 -33.92
N GLY E 358 -36.07 6.60 -35.13
CA GLY E 358 -36.77 6.13 -36.31
C GLY E 358 -37.69 7.16 -36.94
N THR E 359 -38.38 7.94 -36.11
CA THR E 359 -39.32 8.94 -36.63
C THR E 359 -38.72 9.82 -37.72
N LEU E 360 -37.50 10.30 -37.49
CA LEU E 360 -36.93 11.22 -38.45
C LEU E 360 -36.56 10.54 -39.77
N HIS E 361 -36.03 9.31 -39.70
CA HIS E 361 -35.66 8.63 -40.92
C HIS E 361 -36.89 8.42 -41.78
N ALA E 362 -38.02 8.14 -41.14
CA ALA E 362 -39.26 7.90 -41.87
C ALA E 362 -39.64 9.11 -42.74
N VAL E 363 -39.39 10.30 -42.23
CA VAL E 363 -39.65 11.54 -42.94
C VAL E 363 -38.67 11.70 -44.08
N PHE E 364 -37.39 11.46 -43.79
CA PHE E 364 -36.32 11.65 -44.79
C PHE E 364 -36.48 10.73 -46.00
N PHE E 365 -36.81 9.47 -45.71
CA PHE E 365 -36.79 8.40 -46.69
C PHE E 365 -38.17 8.06 -47.22
N ALA E 366 -39.15 8.86 -46.79
CA ALA E 366 -40.50 8.76 -47.30
C ALA E 366 -40.50 8.89 -48.82
N LYS E 367 -41.12 7.92 -49.48
CA LYS E 367 -41.23 7.94 -50.92
C LYS E 367 -41.94 9.23 -51.28
N ASN E 368 -41.43 9.95 -52.28
CA ASN E 368 -42.05 11.23 -52.63
C ASN E 368 -42.15 12.15 -51.41
N PRO E 369 -41.00 12.61 -50.88
CA PRO E 369 -41.09 13.50 -49.72
C PRO E 369 -41.71 14.84 -50.08
N ASP E 370 -42.48 15.40 -49.15
CA ASP E 370 -43.10 16.71 -49.33
C ASP E 370 -42.06 17.83 -49.51
N PRO E 371 -42.06 18.48 -50.68
CA PRO E 371 -41.05 19.48 -51.03
C PRO E 371 -41.02 20.61 -49.99
N ASP E 372 -42.21 21.04 -49.57
CA ASP E 372 -42.34 22.03 -48.53
C ASP E 372 -41.78 21.55 -47.20
N HIS E 373 -42.09 20.32 -46.82
CA HIS E 373 -41.59 19.81 -45.54
C HIS E 373 -40.09 19.74 -45.64
N LYS E 374 -39.61 19.33 -46.82
CA LYS E 374 -38.19 19.19 -47.04
C LYS E 374 -37.56 20.54 -46.77
N ARG E 375 -38.22 21.58 -47.29
CA ARG E 375 -37.78 22.96 -47.14
C ARG E 375 -37.68 23.39 -45.71
N MSE E 376 -38.64 22.98 -44.90
CA MSE E 376 -38.68 23.45 -43.53
C MSE E 376 -37.69 22.69 -42.69
O MSE E 376 -37.13 23.21 -41.71
CB MSE E 376 -40.08 23.25 -42.95
CG MSE E 376 -41.17 23.90 -43.79
SE MSE E 376 -42.90 23.25 -43.24
CE MSE E 376 -43.99 24.33 -44.49
N ILE E 377 -37.48 21.44 -43.09
CA ILE E 377 -36.54 20.60 -42.39
C ILE E 377 -35.18 21.12 -42.79
N CYS E 378 -35.09 21.58 -44.04
CA CYS E 378 -33.85 22.07 -44.60
C CYS E 378 -33.33 23.37 -43.90
N SER E 379 -34.22 24.30 -43.57
CA SER E 379 -33.86 25.40 -42.68
C SER E 379 -33.43 24.98 -41.27
N VAL E 380 -34.00 23.91 -40.71
CA VAL E 380 -33.51 23.45 -39.41
C VAL E 380 -32.07 22.96 -39.51
N LEU E 381 -31.80 22.11 -40.51
CA LEU E 381 -30.45 21.63 -40.79
C LEU E 381 -29.44 22.79 -40.95
N ALA E 382 -29.92 23.96 -41.34
CA ALA E 382 -29.03 25.07 -41.64
C ALA E 382 -28.75 25.93 -40.43
N GLY E 383 -29.39 25.62 -39.30
CA GLY E 383 -29.20 26.40 -38.08
C GLY E 383 -30.29 27.44 -37.80
N TYR E 384 -31.33 27.46 -38.63
CA TYR E 384 -32.37 28.47 -38.47
C TYR E 384 -33.48 28.03 -37.55
N VAL E 385 -33.03 27.65 -36.36
CA VAL E 385 -33.84 27.11 -35.29
C VAL E 385 -34.38 28.22 -34.36
N TRP E 386 -34.21 29.48 -34.79
CA TRP E 386 -34.87 30.60 -34.10
C TRP E 386 -36.02 31.18 -34.92
N ASP E 387 -36.37 30.51 -36.02
CA ASP E 387 -37.47 30.97 -36.86
C ASP E 387 -38.78 30.29 -36.48
N LYS E 388 -39.57 30.98 -35.66
CA LYS E 388 -40.81 30.42 -35.14
C LYS E 388 -41.94 30.32 -36.16
N ASN E 389 -41.78 30.93 -37.34
CA ASN E 389 -42.76 30.76 -38.42
C ASN E 389 -42.52 29.45 -39.15
N ASN E 390 -41.30 28.94 -39.02
CA ASN E 390 -40.96 27.59 -39.45
C ASN E 390 -41.66 26.59 -38.50
N PRO E 391 -42.61 25.80 -39.03
CA PRO E 391 -43.38 24.85 -38.22
C PRO E 391 -42.53 23.72 -37.61
N PHE E 392 -41.43 23.35 -38.26
CA PHE E 392 -40.61 22.28 -37.71
C PHE E 392 -39.80 22.72 -36.52
N VAL E 393 -39.72 24.05 -36.35
CA VAL E 393 -39.17 24.64 -35.13
C VAL E 393 -40.29 24.97 -34.17
N LYS E 394 -41.37 25.56 -34.68
CA LYS E 394 -42.51 25.86 -33.84
C LYS E 394 -42.93 24.62 -33.03
N LYS E 395 -43.06 23.50 -33.73
CA LYS E 395 -43.58 22.25 -33.15
C LYS E 395 -42.56 21.13 -33.14
N HIS E 396 -41.32 21.45 -32.78
CA HIS E 396 -40.24 20.50 -32.98
C HIS E 396 -40.36 19.23 -32.12
N ASN E 397 -40.82 19.38 -30.87
CA ASN E 397 -40.92 18.23 -29.96
C ASN E 397 -42.08 17.30 -30.29
N THR E 398 -42.88 17.69 -31.27
CA THR E 398 -44.09 16.98 -31.65
C THR E 398 -44.06 16.54 -33.11
N ILE E 399 -43.76 17.48 -33.99
CA ILE E 399 -44.01 17.34 -35.42
C ILE E 399 -43.44 16.08 -36.07
N LEU E 400 -42.35 15.56 -35.52
CA LEU E 400 -41.68 14.40 -36.11
C LEU E 400 -42.43 13.10 -35.86
N LYS E 401 -42.83 12.88 -34.60
CA LYS E 401 -43.60 11.71 -34.24
C LYS E 401 -44.97 11.77 -34.93
N THR E 402 -45.48 12.98 -35.12
CA THR E 402 -46.73 13.19 -35.84
C THR E 402 -46.58 12.83 -37.31
N LEU E 403 -45.60 13.43 -37.96
CA LEU E 403 -45.38 13.25 -39.39
C LEU E 403 -45.20 11.77 -39.73
N ALA E 404 -44.30 11.13 -38.99
CA ALA E 404 -43.94 9.73 -39.19
C ALA E 404 -45.20 8.91 -39.24
N LYS E 405 -46.12 9.26 -38.35
CA LYS E 405 -47.37 8.57 -38.23
C LYS E 405 -48.23 8.82 -39.48
N VAL E 406 -48.25 10.04 -39.97
CA VAL E 406 -49.00 10.30 -41.20
C VAL E 406 -48.39 9.55 -42.38
N ILE E 407 -47.06 9.48 -42.42
CA ILE E 407 -46.38 8.72 -43.46
C ILE E 407 -46.82 7.24 -43.49
N GLN E 408 -46.79 6.58 -42.34
CA GLN E 408 -47.18 5.17 -42.25
C GLN E 408 -48.63 4.98 -42.67
N MSE E 409 -49.45 5.98 -42.38
CA MSE E 409 -50.87 5.86 -42.67
C MSE E 409 -51.14 6.17 -44.13
O MSE E 409 -52.17 5.77 -44.67
CB MSE E 409 -51.68 6.76 -41.73
CG MSE E 409 -51.47 6.34 -40.28
SE MSE E 409 -52.93 5.29 -39.52
CE MSE E 409 -54.02 6.81 -38.96
N GLY E 410 -50.20 6.86 -44.77
CA GLY E 410 -50.29 7.04 -46.20
C GLY E 410 -50.07 5.68 -46.83
N GLU E 411 -49.09 4.96 -46.25
CA GLU E 411 -48.66 3.67 -46.75
C GLU E 411 -49.70 2.56 -46.53
N GLU E 412 -50.45 2.64 -45.45
CA GLU E 412 -51.50 1.65 -45.19
C GLU E 412 -52.49 1.60 -46.35
N ALA E 413 -52.85 2.77 -46.88
CA ALA E 413 -53.80 2.84 -47.97
C ALA E 413 -53.22 2.48 -49.34
N VAL F 6 8.01 -6.71 4.12
CA VAL F 6 8.38 -6.19 5.44
C VAL F 6 8.99 -4.78 5.40
N ASP F 7 8.96 -4.09 6.54
CA ASP F 7 9.68 -2.83 6.67
C ASP F 7 11.18 -3.12 6.72
N VAL F 8 11.62 -3.90 7.70
CA VAL F 8 13.04 -4.24 7.78
C VAL F 8 13.26 -5.74 7.67
N LEU F 9 14.18 -6.12 6.80
CA LEU F 9 14.64 -7.51 6.72
C LEU F 9 15.99 -7.73 7.42
N VAL F 10 15.96 -8.41 8.57
CA VAL F 10 17.16 -8.80 9.31
C VAL F 10 17.67 -10.20 8.96
N ILE F 11 18.83 -10.27 8.31
CA ILE F 11 19.45 -11.55 7.98
C ILE F 11 20.36 -11.99 9.12
N GLY F 12 20.11 -13.18 9.69
CA GLY F 12 20.90 -13.66 10.81
C GLY F 12 20.13 -13.49 12.11
N ALA F 13 20.09 -14.54 12.92
CA ALA F 13 19.42 -14.43 14.20
C ALA F 13 20.39 -14.59 15.37
N GLY F 14 21.63 -14.16 15.16
CA GLY F 14 22.58 -14.04 16.26
C GLY F 14 22.28 -12.81 17.10
N PRO F 15 23.17 -12.51 18.06
CA PRO F 15 23.02 -11.35 18.95
C PRO F 15 22.87 -10.05 18.17
N ALA F 16 23.53 -9.91 17.02
CA ALA F 16 23.42 -8.68 16.25
C ALA F 16 22.02 -8.57 15.62
N GLY F 17 21.52 -9.68 15.09
CA GLY F 17 20.20 -9.67 14.50
C GLY F 17 19.07 -9.60 15.51
N THR F 18 19.21 -10.33 16.61
CA THR F 18 18.15 -10.37 17.58
C THR F 18 17.93 -9.03 18.26
N VAL F 19 19.03 -8.38 18.58
CA VAL F 19 18.97 -7.09 19.25
C VAL F 19 18.47 -5.99 18.30
N ALA F 20 18.94 -6.04 17.05
CA ALA F 20 18.53 -5.12 16.00
C ALA F 20 17.03 -5.23 15.79
N ALA F 21 16.57 -6.46 15.58
CA ALA F 21 15.17 -6.74 15.29
C ALA F 21 14.24 -6.27 16.39
N SER F 22 14.64 -6.38 17.65
CA SER F 22 13.76 -5.98 18.75
C SER F 22 13.61 -4.47 18.90
N LEU F 23 14.66 -3.72 18.61
CA LEU F 23 14.57 -2.27 18.68
C LEU F 23 13.70 -1.77 17.55
N VAL F 24 13.90 -2.36 16.37
CA VAL F 24 13.06 -2.07 15.23
C VAL F 24 11.58 -2.35 15.56
N ASN F 25 11.36 -3.51 16.17
CA ASN F 25 10.01 -3.96 16.52
C ASN F 25 9.40 -3.08 17.60
N LYS F 26 10.24 -2.65 18.53
CA LYS F 26 9.83 -1.76 19.61
C LYS F 26 9.18 -0.46 19.09
N SER F 27 9.55 -0.07 17.87
CA SER F 27 9.04 1.15 17.26
C SER F 27 7.90 0.91 16.26
N GLY F 28 7.17 -0.20 16.43
CA GLY F 28 6.00 -0.47 15.62
C GLY F 28 6.21 -0.97 14.20
N PHE F 29 7.43 -0.89 13.69
CA PHE F 29 7.71 -1.29 12.31
C PHE F 29 7.80 -2.80 12.13
N LYS F 30 7.48 -3.26 10.92
CA LYS F 30 7.40 -4.69 10.66
C LYS F 30 8.77 -5.29 10.31
N VAL F 31 9.24 -6.16 11.19
CA VAL F 31 10.53 -6.80 10.98
C VAL F 31 10.48 -8.33 11.00
N LYS F 32 11.22 -8.92 10.06
CA LYS F 32 11.39 -10.35 9.99
C LYS F 32 12.88 -10.73 10.01
N ILE F 33 13.24 -11.76 10.77
CA ILE F 33 14.57 -12.32 10.74
C ILE F 33 14.59 -13.65 10.03
N VAL F 34 15.40 -13.76 8.98
CA VAL F 34 15.66 -15.02 8.31
C VAL F 34 17.01 -15.56 8.79
N GLU F 35 16.97 -16.74 9.40
CA GLU F 35 18.17 -17.36 9.94
C GLU F 35 18.40 -18.71 9.24
N LYS F 36 19.58 -18.91 8.67
CA LYS F 36 19.83 -20.09 7.84
C LYS F 36 19.94 -21.41 8.62
N GLN F 37 20.58 -21.39 9.79
CA GLN F 37 20.72 -22.60 10.57
C GLN F 37 19.49 -22.88 11.41
N LYS F 38 19.49 -24.02 12.09
CA LYS F 38 18.44 -24.36 13.04
C LYS F 38 18.94 -24.14 14.48
N PHE F 39 18.10 -23.58 15.34
CA PHE F 39 18.51 -23.27 16.70
C PHE F 39 18.05 -24.34 17.66
N PRO F 40 18.80 -24.57 18.74
CA PRO F 40 20.09 -23.91 19.00
C PRO F 40 21.16 -24.36 18.00
N ARG F 41 22.19 -23.53 17.81
CA ARG F 41 23.34 -23.96 17.03
C ARG F 41 24.63 -23.37 17.59
N PHE F 42 25.72 -24.08 17.42
CA PHE F 42 26.98 -23.67 18.01
C PHE F 42 27.62 -22.56 17.22
N VAL F 43 28.17 -21.59 17.96
CA VAL F 43 29.04 -20.59 17.39
C VAL F 43 29.98 -20.19 18.51
N ILE F 44 31.16 -19.76 18.17
CA ILE F 44 32.16 -19.45 19.17
C ILE F 44 31.99 -17.99 19.59
N GLY F 45 32.67 -17.60 20.68
CA GLY F 45 32.54 -16.26 21.25
C GLY F 45 31.68 -16.27 22.48
N GLU F 46 32.26 -16.68 23.60
CA GLU F 46 31.46 -17.11 24.74
C GLU F 46 31.53 -16.27 26.02
N SER F 47 32.48 -15.35 26.11
CA SER F 47 32.58 -14.45 27.26
C SER F 47 32.10 -13.04 26.91
N LEU F 48 31.01 -12.60 27.52
CA LEU F 48 30.40 -11.33 27.18
C LEU F 48 31.13 -10.22 27.91
N LEU F 49 30.79 -8.98 27.62
CA LEU F 49 31.37 -7.88 28.36
C LEU F 49 30.21 -7.14 28.96
N PRO F 50 30.43 -6.47 30.11
CA PRO F 50 29.40 -5.70 30.83
C PRO F 50 28.71 -4.65 29.96
N ARG F 51 29.39 -4.12 28.95
CA ARG F 51 28.79 -3.20 28.00
C ARG F 51 27.58 -3.77 27.25
N CYS F 52 27.56 -5.08 26.99
CA CYS F 52 26.44 -5.66 26.23
C CYS F 52 25.15 -5.70 27.04
N MSE F 53 25.24 -5.49 28.37
CA MSE F 53 24.06 -5.54 29.23
C MSE F 53 23.14 -4.38 28.94
O MSE F 53 21.94 -4.48 29.15
CB MSE F 53 24.46 -5.49 30.70
CG MSE F 53 25.38 -6.60 31.12
SE MSE F 53 24.55 -8.34 31.03
CE MSE F 53 24.12 -8.50 32.93
N GLU F 54 23.69 -3.29 28.44
CA GLU F 54 22.90 -2.13 28.07
C GLU F 54 22.00 -2.47 26.88
N HIS F 55 22.54 -3.25 25.94
CA HIS F 55 21.77 -3.57 24.76
C HIS F 55 20.76 -4.69 25.03
N LEU F 56 21.06 -5.49 26.04
CA LEU F 56 20.19 -6.57 26.47
C LEU F 56 19.01 -5.90 27.19
N ASP F 57 19.34 -4.94 28.03
CA ASP F 57 18.34 -4.17 28.77
C ASP F 57 17.36 -3.51 27.82
N GLU F 58 17.90 -2.82 26.82
CA GLU F 58 17.09 -2.02 25.92
C GLU F 58 16.33 -2.90 24.94
N ALA F 59 16.82 -4.11 24.72
CA ALA F 59 16.13 -5.05 23.83
C ALA F 59 15.01 -5.82 24.55
N GLY F 60 14.95 -5.69 25.87
CA GLY F 60 14.07 -6.49 26.69
C GLY F 60 14.48 -7.96 26.74
N PHE F 61 15.80 -8.22 26.74
CA PHE F 61 16.31 -9.59 26.66
C PHE F 61 16.85 -10.07 28.01
N LEU F 62 17.01 -9.14 28.95
CA LEU F 62 17.69 -9.41 30.22
C LEU F 62 16.98 -10.44 31.09
N ASP F 63 15.69 -10.23 31.33
CA ASP F 63 14.88 -11.16 32.13
C ASP F 63 15.07 -12.59 31.60
N ALA F 64 14.97 -12.75 30.29
CA ALA F 64 15.08 -14.07 29.65
C ALA F 64 16.50 -14.64 29.68
N VAL F 65 17.50 -13.77 29.76
CA VAL F 65 18.85 -14.28 29.91
C VAL F 65 19.08 -14.78 31.34
N LYS F 66 18.60 -14.02 32.32
CA LYS F 66 18.68 -14.41 33.73
C LYS F 66 18.05 -15.77 33.99
N ALA F 67 16.95 -16.06 33.31
CA ALA F 67 16.20 -17.27 33.57
C ALA F 67 17.01 -18.53 33.27
N GLN F 68 17.98 -18.42 32.37
CA GLN F 68 18.77 -19.57 31.95
C GLN F 68 19.88 -19.95 32.96
N GLY F 69 20.20 -19.03 33.86
CA GLY F 69 21.18 -19.31 34.89
C GLY F 69 22.60 -19.48 34.37
N PHE F 70 23.06 -18.52 33.59
CA PHE F 70 24.41 -18.60 33.02
C PHE F 70 25.46 -18.27 34.05
N GLN F 71 26.63 -18.89 33.90
CA GLN F 71 27.76 -18.57 34.75
C GLN F 71 27.91 -17.06 34.75
N GLN F 72 28.07 -16.49 35.93
CA GLN F 72 28.27 -15.06 36.02
C GLN F 72 29.73 -14.69 35.82
N LYS F 73 29.93 -13.48 35.30
CA LYS F 73 31.26 -12.96 35.01
C LYS F 73 31.45 -11.61 35.71
N PHE F 74 32.46 -11.51 36.56
CA PHE F 74 32.70 -10.27 37.29
C PHE F 74 34.03 -9.61 36.93
N GLY F 75 34.82 -10.26 36.07
CA GLY F 75 36.07 -9.67 35.61
C GLY F 75 36.91 -10.46 34.63
N ALA F 76 38.15 -10.05 34.49
CA ALA F 76 39.05 -10.72 33.56
C ALA F 76 40.36 -10.92 34.27
N LYS F 77 40.96 -12.07 34.06
CA LYS F 77 42.16 -12.46 34.78
C LYS F 77 43.20 -12.82 33.72
N PHE F 78 44.41 -12.31 33.87
CA PHE F 78 45.47 -12.59 32.92
C PHE F 78 46.62 -13.32 33.62
N VAL F 79 47.02 -14.45 33.05
CA VAL F 79 48.01 -15.31 33.65
C VAL F 79 49.29 -15.44 32.81
N ARG F 80 50.44 -15.26 33.46
CA ARG F 80 51.72 -15.49 32.81
C ARG F 80 52.63 -16.18 33.80
N GLY F 81 52.70 -17.51 33.69
CA GLY F 81 53.36 -18.32 34.70
C GLY F 81 52.58 -18.22 36.00
N LYS F 82 53.25 -17.80 37.05
CA LYS F 82 52.61 -17.58 38.33
C LYS F 82 52.26 -16.10 38.53
N GLU F 83 52.59 -15.26 37.53
CA GLU F 83 52.24 -13.84 37.60
C GLU F 83 50.76 -13.63 37.29
N ILE F 84 50.11 -12.74 38.02
CA ILE F 84 48.68 -12.55 37.80
C ILE F 84 48.19 -11.11 37.89
N ALA F 85 47.44 -10.70 36.88
CA ALA F 85 46.77 -9.40 36.83
C ALA F 85 45.27 -9.63 36.76
N ASP F 86 44.58 -9.37 37.88
CA ASP F 86 43.15 -9.62 37.98
C ASP F 86 42.40 -8.30 37.83
N PHE F 87 41.36 -8.30 37.00
CA PHE F 87 40.55 -7.09 36.82
C PHE F 87 39.11 -7.31 37.26
N ASN F 88 38.74 -6.60 38.31
CA ASN F 88 37.40 -6.66 38.87
C ASN F 88 36.50 -5.57 38.26
N PHE F 89 35.44 -5.98 37.57
CA PHE F 89 34.55 -5.05 36.90
C PHE F 89 33.87 -4.10 37.87
N SER F 90 33.95 -4.42 39.15
CA SER F 90 33.25 -3.69 40.20
C SER F 90 34.10 -2.51 40.62
N ASP F 91 35.31 -2.46 40.05
CA ASP F 91 36.26 -1.43 40.37
C ASP F 91 36.77 -0.89 39.04
N GLN F 92 36.04 0.07 38.46
CA GLN F 92 36.53 0.67 37.23
C GLN F 92 36.36 2.17 37.20
N PHE F 93 36.70 2.75 36.05
CA PHE F 93 36.70 4.18 35.86
C PHE F 93 35.31 4.66 35.43
N SER F 94 34.74 4.02 34.45
CA SER F 94 33.47 4.44 33.96
C SER F 94 32.38 3.83 34.78
N ASN F 95 31.18 4.20 34.41
CA ASN F 95 29.99 3.57 34.87
C ASN F 95 29.61 2.41 34.04
N GLY F 96 28.34 2.19 33.95
CA GLY F 96 27.96 1.16 33.09
C GLY F 96 28.03 0.04 34.00
N TRP F 97 27.76 -1.11 33.43
CA TRP F 97 27.58 -2.33 34.19
C TRP F 97 28.89 -2.84 34.72
N ASN F 98 28.81 -3.63 35.78
CA ASN F 98 30.01 -4.19 36.37
C ASN F 98 30.01 -5.71 36.32
N TRP F 99 29.09 -6.28 35.57
CA TRP F 99 28.98 -7.72 35.52
C TRP F 99 28.29 -8.15 34.25
N THR F 100 28.41 -9.43 33.91
CA THR F 100 27.75 -10.00 32.74
C THR F 100 27.82 -11.52 32.86
N TRP F 101 27.67 -12.24 31.75
CA TRP F 101 27.62 -13.69 31.78
C TRP F 101 28.68 -14.37 30.91
N GLN F 102 28.87 -15.66 31.15
CA GLN F 102 29.57 -16.53 30.21
C GLN F 102 28.56 -17.57 29.73
N VAL F 103 28.51 -17.77 28.42
CA VAL F 103 27.32 -18.37 27.85
C VAL F 103 27.65 -19.25 26.67
N PRO F 104 27.25 -20.53 26.73
CA PRO F 104 27.31 -21.28 25.48
C PRO F 104 26.40 -20.60 24.47
N ARG F 105 26.91 -20.36 23.26
CA ARG F 105 26.25 -19.45 22.31
C ARG F 105 24.96 -20.00 21.66
N GLY F 106 24.89 -21.31 21.45
CA GLY F 106 23.69 -21.94 20.95
C GLY F 106 22.54 -21.57 21.86
N ASN F 107 22.68 -21.89 23.14
CA ASN F 107 21.65 -21.57 24.11
C ASN F 107 21.40 -20.08 24.19
N PHE F 108 22.46 -19.29 24.44
CA PHE F 108 22.31 -17.85 24.61
C PHE F 108 21.53 -17.24 23.43
N ASP F 109 21.92 -17.56 22.21
CA ASP F 109 21.34 -16.92 21.03
C ASP F 109 19.85 -17.30 20.82
N LYS F 110 19.54 -18.56 21.07
CA LYS F 110 18.19 -19.04 21.01
C LYS F 110 17.37 -18.34 22.08
N THR F 111 17.98 -18.15 23.25
CA THR F 111 17.33 -17.43 24.32
C THR F 111 16.96 -16.03 23.83
N LEU F 112 17.89 -15.40 23.10
CA LEU F 112 17.63 -14.11 22.47
C LEU F 112 16.56 -14.18 21.37
N ALA F 113 16.71 -15.11 20.42
CA ALA F 113 15.78 -15.13 19.30
C ALA F 113 14.37 -15.46 19.75
N ASP F 114 14.24 -16.33 20.74
CA ASP F 114 12.93 -16.70 21.26
C ASP F 114 12.25 -15.51 21.96
N GLU F 115 13.01 -14.73 22.71
CA GLU F 115 12.44 -13.53 23.33
C GLU F 115 12.06 -12.50 22.27
N ALA F 116 12.79 -12.48 21.17
CA ALA F 116 12.49 -11.58 20.07
C ALA F 116 11.16 -11.96 19.44
N ALA F 117 10.96 -13.26 19.21
CA ALA F 117 9.72 -13.80 18.67
C ALA F 117 8.53 -13.48 19.58
N ARG F 118 8.69 -13.83 20.85
CA ARG F 118 7.71 -13.50 21.87
C ARG F 118 7.35 -12.02 21.83
N GLN F 119 8.29 -11.19 21.37
CA GLN F 119 8.09 -9.75 21.33
C GLN F 119 7.33 -9.27 20.08
N GLY F 120 7.17 -10.18 19.11
CA GLY F 120 6.39 -9.88 17.92
C GLY F 120 7.21 -9.95 16.66
N VAL F 121 8.52 -10.18 16.83
CA VAL F 121 9.41 -10.40 15.72
C VAL F 121 9.17 -11.80 15.15
N ASP F 122 8.90 -11.92 13.85
CA ASP F 122 8.73 -13.26 13.32
C ASP F 122 10.08 -13.80 12.85
N VAL F 123 10.51 -14.89 13.49
CA VAL F 123 11.80 -15.51 13.22
C VAL F 123 11.61 -16.78 12.42
N GLU F 124 12.25 -16.87 11.25
CA GLU F 124 12.10 -18.04 10.40
C GLU F 124 13.43 -18.75 10.17
N TYR F 125 13.62 -19.85 10.87
CA TYR F 125 14.87 -20.61 10.81
C TYR F 125 14.97 -21.48 9.56
N GLU F 126 16.13 -22.08 9.37
CA GLU F 126 16.41 -22.93 8.20
C GLU F 126 16.07 -22.31 6.83
N VAL F 127 16.39 -21.02 6.68
CA VAL F 127 16.20 -20.33 5.40
C VAL F 127 17.41 -19.43 5.12
N GLY F 128 18.07 -19.66 4.00
CA GLY F 128 19.28 -18.92 3.68
C GLY F 128 19.11 -17.94 2.55
N VAL F 129 19.40 -16.66 2.85
CA VAL F 129 19.44 -15.62 1.83
C VAL F 129 20.34 -16.09 0.70
N THR F 130 19.89 -15.94 -0.55
CA THR F 130 20.57 -16.53 -1.69
C THR F 130 20.81 -15.48 -2.77
N ASP F 131 20.13 -14.36 -2.64
CA ASP F 131 20.30 -13.27 -3.58
C ASP F 131 19.70 -12.04 -2.96
N ILE F 132 20.26 -10.87 -3.26
CA ILE F 132 19.63 -9.62 -2.91
C ILE F 132 19.72 -8.66 -4.08
N LYS F 133 18.58 -8.15 -4.51
CA LYS F 133 18.56 -7.17 -5.59
C LYS F 133 18.06 -5.85 -5.03
N PHE F 134 18.86 -4.80 -5.20
CA PHE F 134 18.49 -3.49 -4.70
C PHE F 134 17.87 -2.61 -5.77
N PHE F 135 16.83 -1.88 -5.38
CA PHE F 135 16.23 -0.87 -6.23
C PHE F 135 16.04 0.39 -5.38
N GLY F 136 16.85 1.40 -5.67
CA GLY F 136 16.97 2.54 -4.78
C GLY F 136 17.39 1.99 -3.41
N THR F 137 16.62 2.34 -2.41
CA THR F 137 16.86 1.83 -1.06
C THR F 137 16.01 0.59 -0.81
N ASP F 138 14.98 0.39 -1.63
CA ASP F 138 14.12 -0.77 -1.43
C ASP F 138 14.85 -2.04 -1.91
N SER F 139 14.42 -3.18 -1.42
CA SER F 139 15.13 -4.41 -1.69
C SER F 139 14.20 -5.62 -1.73
N VAL F 140 14.52 -6.56 -2.61
CA VAL F 140 13.87 -7.86 -2.64
C VAL F 140 14.94 -8.91 -2.37
N THR F 141 14.76 -9.68 -1.30
CA THR F 141 15.71 -10.75 -0.95
C THR F 141 15.15 -12.15 -1.16
N THR F 142 15.90 -13.00 -1.87
CA THR F 142 15.47 -14.39 -2.10
C THR F 142 16.00 -15.34 -1.02
N ILE F 143 15.10 -16.05 -0.36
CA ILE F 143 15.52 -17.05 0.63
C ILE F 143 15.30 -18.46 0.09
N GLU F 144 15.99 -19.45 0.65
CA GLU F 144 15.78 -20.84 0.24
C GLU F 144 15.58 -21.76 1.43
N ASP F 145 14.42 -22.42 1.48
CA ASP F 145 14.07 -23.28 2.60
C ASP F 145 14.87 -24.57 2.60
N ILE F 146 14.59 -25.44 3.56
CA ILE F 146 15.30 -26.71 3.73
C ILE F 146 15.21 -27.63 2.53
N ASN F 147 14.10 -27.57 1.81
CA ASN F 147 13.82 -28.48 0.70
C ASN F 147 14.28 -27.97 -0.67
N GLY F 148 14.84 -26.76 -0.72
CA GLY F 148 15.32 -26.21 -1.97
C GLY F 148 14.35 -25.29 -2.67
N ASN F 149 13.25 -24.94 -2.01
CA ASN F 149 12.27 -24.02 -2.60
C ASN F 149 12.52 -22.54 -2.24
N LYS F 150 12.37 -21.67 -3.23
CA LYS F 150 12.70 -20.27 -3.08
C LYS F 150 11.49 -19.36 -2.98
N ARG F 151 11.59 -18.36 -2.11
CA ARG F 151 10.61 -17.29 -2.03
C ARG F 151 11.25 -15.92 -1.82
N GLU F 152 10.49 -14.87 -2.14
CA GLU F 152 10.96 -13.49 -2.08
C GLU F 152 10.52 -12.77 -0.81
N ILE F 153 11.34 -11.84 -0.33
CA ILE F 153 10.98 -10.97 0.78
C ILE F 153 11.33 -9.55 0.40
N GLU F 154 10.33 -8.69 0.29
CA GLU F 154 10.57 -7.30 -0.08
C GLU F 154 10.72 -6.47 1.18
N ALA F 155 11.68 -5.55 1.15
CA ALA F 155 11.97 -4.72 2.33
C ALA F 155 12.25 -3.26 2.03
N ARG F 156 12.01 -2.41 3.03
CA ARG F 156 12.40 -1.01 2.94
C ARG F 156 13.85 -0.87 3.39
N PHE F 157 14.29 -1.78 4.25
CA PHE F 157 15.66 -1.74 4.74
C PHE F 157 16.17 -3.13 5.12
N ILE F 158 17.41 -3.43 4.76
CA ILE F 158 18.04 -4.67 5.18
C ILE F 158 19.20 -4.47 6.18
N ILE F 159 19.08 -5.08 7.35
CA ILE F 159 20.20 -5.18 8.28
C ILE F 159 20.88 -6.53 8.14
N ASP F 160 22.07 -6.53 7.57
CA ASP F 160 22.84 -7.77 7.49
C ASP F 160 23.54 -8.06 8.83
N ALA F 161 22.93 -8.93 9.63
CA ALA F 161 23.48 -9.35 10.92
C ALA F 161 23.91 -10.80 10.79
N SER F 162 24.54 -11.11 9.66
CA SER F 162 24.82 -12.50 9.30
C SER F 162 26.13 -12.98 9.85
N GLY F 163 26.81 -12.11 10.59
CA GLY F 163 28.11 -12.43 11.14
C GLY F 163 29.01 -13.16 10.16
N TYR F 164 29.49 -14.33 10.57
CA TYR F 164 30.47 -15.10 9.82
C TYR F 164 30.04 -15.37 8.38
N GLY F 165 28.75 -15.22 8.10
CA GLY F 165 28.23 -15.47 6.75
C GLY F 165 28.72 -14.41 5.78
N ARG F 166 28.91 -13.18 6.28
CA ARG F 166 29.21 -12.00 5.45
C ARG F 166 28.33 -11.91 4.20
N VAL F 167 27.03 -12.02 4.38
CA VAL F 167 26.16 -12.18 3.25
C VAL F 167 26.23 -11.04 2.23
N ILE F 168 26.07 -9.79 2.66
CA ILE F 168 26.17 -8.69 1.70
C ILE F 168 27.64 -8.43 1.29
N PRO F 169 28.55 -8.31 2.27
CA PRO F 169 29.98 -8.16 1.96
C PRO F 169 30.50 -9.15 0.92
N ARG F 170 29.94 -10.36 0.89
CA ARG F 170 30.41 -11.40 -0.03
C ARG F 170 29.69 -11.41 -1.38
N MSE F 171 28.43 -11.02 -1.39
CA MSE F 171 27.67 -10.90 -2.62
C MSE F 171 28.12 -9.67 -3.40
O MSE F 171 28.32 -9.72 -4.62
CB MSE F 171 26.19 -10.80 -2.25
CG MSE F 171 25.19 -10.87 -3.38
SE MSE F 171 23.42 -11.13 -2.62
CE MSE F 171 23.67 -12.97 -1.99
N PHE F 172 28.32 -8.56 -2.70
CA PHE F 172 28.69 -7.30 -3.33
C PHE F 172 30.17 -6.94 -3.19
N GLY F 173 30.99 -7.90 -2.77
CA GLY F 173 32.44 -7.73 -2.70
C GLY F 173 32.95 -6.62 -1.79
N LEU F 174 32.28 -6.39 -0.68
CA LEU F 174 32.71 -5.36 0.25
C LEU F 174 33.74 -5.90 1.25
N ASP F 175 34.27 -7.08 0.98
CA ASP F 175 35.26 -7.67 1.88
C ASP F 175 36.59 -6.94 1.79
N LYS F 176 37.20 -6.72 2.95
CA LYS F 176 38.42 -5.95 3.04
C LYS F 176 39.39 -6.58 4.05
N PRO F 177 40.62 -6.85 3.62
CA PRO F 177 41.63 -7.44 4.51
C PRO F 177 41.87 -6.63 5.78
N SER F 178 42.15 -7.33 6.87
CA SER F 178 42.53 -6.72 8.15
C SER F 178 44.05 -6.54 8.26
N GLY F 179 44.47 -5.58 9.07
CA GLY F 179 45.88 -5.35 9.31
C GLY F 179 46.54 -6.46 10.13
N PHE F 180 45.79 -7.02 11.08
CA PHE F 180 46.30 -8.09 11.93
C PHE F 180 46.77 -9.29 11.12
N GLU F 181 47.89 -9.90 11.53
CA GLU F 181 48.41 -11.08 10.85
C GLU F 181 47.48 -12.28 11.10
N SER F 182 47.64 -13.31 10.29
CA SER F 182 46.91 -14.56 10.47
C SER F 182 47.21 -15.22 11.82
N ARG F 183 46.15 -15.57 12.55
CA ARG F 183 46.26 -16.35 13.78
C ARG F 183 45.45 -17.63 13.67
N ARG F 184 45.87 -18.69 14.35
CA ARG F 184 45.15 -19.95 14.30
C ARG F 184 44.60 -20.29 15.68
N THR F 185 43.45 -20.96 15.71
CA THR F 185 42.87 -21.35 17.01
C THR F 185 42.39 -22.81 17.15
N LEU F 186 42.48 -23.32 18.38
CA LEU F 186 42.06 -24.68 18.70
C LEU F 186 41.32 -24.68 20.03
N PHE F 187 40.10 -25.24 20.04
CA PHE F 187 39.28 -25.11 21.22
C PHE F 187 38.28 -26.25 21.36
N THR F 188 37.84 -26.48 22.59
CA THR F 188 36.76 -27.38 22.85
C THR F 188 36.11 -26.99 24.16
N HIS F 189 35.07 -27.72 24.53
CA HIS F 189 34.45 -27.61 25.84
C HIS F 189 34.94 -28.80 26.69
N ILE F 190 35.30 -28.52 27.92
CA ILE F 190 35.81 -29.57 28.81
C ILE F 190 34.95 -29.71 30.05
N LYS F 191 34.61 -30.96 30.39
CA LYS F 191 33.89 -31.27 31.62
C LYS F 191 34.78 -31.00 32.82
N ASP F 192 34.59 -29.84 33.44
CA ASP F 192 35.55 -29.29 34.39
C ASP F 192 35.44 -29.91 35.80
N VAL F 193 35.49 -31.24 35.88
CA VAL F 193 35.45 -31.96 37.15
C VAL F 193 36.30 -31.26 38.22
N LYS F 194 37.51 -30.86 37.84
CA LYS F 194 38.49 -30.32 38.79
C LYS F 194 38.51 -28.80 38.83
N ARG F 195 37.37 -28.16 38.64
CA ARG F 195 37.33 -26.70 38.72
C ARG F 195 37.61 -26.20 40.14
N PRO F 196 38.51 -25.21 40.25
CA PRO F 196 38.78 -24.59 41.56
C PRO F 196 37.46 -24.18 42.21
N VAL F 197 37.43 -24.12 43.53
CA VAL F 197 36.18 -23.98 44.26
C VAL F 197 35.46 -22.64 44.07
N GLY F 203 36.17 -18.60 39.23
CA GLY F 203 34.88 -19.04 38.71
C GLY F 203 34.05 -17.91 38.12
N ASN F 204 34.38 -16.68 38.52
CA ASN F 204 33.66 -15.49 38.11
C ASN F 204 34.50 -14.65 37.14
N ARG F 205 35.53 -15.28 36.58
CA ARG F 205 36.44 -14.62 35.66
C ARG F 205 36.54 -15.43 34.38
N ILE F 206 36.91 -14.78 33.29
CA ILE F 206 37.50 -15.50 32.15
C ILE F 206 39.01 -15.28 32.35
N THR F 207 39.79 -16.35 32.21
CA THR F 207 41.24 -16.22 32.28
C THR F 207 41.87 -16.24 30.89
N ALA F 208 42.80 -15.34 30.66
CA ALA F 208 43.60 -15.36 29.45
C ALA F 208 45.01 -15.77 29.85
N VAL F 209 45.54 -16.85 29.28
CA VAL F 209 46.87 -17.28 29.65
C VAL F 209 47.93 -16.96 28.60
N VAL F 210 48.82 -16.03 28.92
CA VAL F 210 50.05 -15.89 28.17
C VAL F 210 50.82 -17.22 28.20
N HIS F 211 50.80 -17.95 27.08
CA HIS F 211 51.40 -19.29 27.01
C HIS F 211 52.78 -19.25 26.36
N LYS F 212 52.85 -18.54 25.23
CA LYS F 212 54.09 -18.29 24.52
C LYS F 212 54.07 -16.81 24.17
N PRO F 213 55.20 -16.28 23.69
CA PRO F 213 55.20 -14.86 23.35
C PRO F 213 54.05 -14.50 22.39
N LYS F 214 53.82 -15.33 21.38
CA LYS F 214 52.73 -15.06 20.43
C LYS F 214 51.58 -16.08 20.47
N VAL F 215 51.41 -16.74 21.62
CA VAL F 215 50.32 -17.70 21.76
C VAL F 215 49.65 -17.55 23.12
N TRP F 216 48.32 -17.42 23.11
CA TRP F 216 47.57 -17.33 24.36
C TRP F 216 46.40 -18.32 24.44
N ILE F 217 45.77 -18.37 25.62
CA ILE F 217 44.76 -19.37 25.93
C ILE F 217 43.64 -18.77 26.74
N TRP F 218 42.40 -19.06 26.34
CA TRP F 218 41.23 -18.59 27.05
C TRP F 218 40.62 -19.72 27.87
N VAL F 219 40.06 -19.38 29.03
CA VAL F 219 39.39 -20.36 29.88
C VAL F 219 38.07 -19.78 30.39
N ILE F 220 36.97 -20.20 29.77
CA ILE F 220 35.64 -19.72 30.07
C ILE F 220 34.81 -20.80 30.74
N PRO F 221 34.56 -20.66 32.06
CA PRO F 221 33.75 -21.62 32.83
C PRO F 221 32.26 -21.34 32.74
N PHE F 222 31.50 -22.34 32.30
CA PHE F 222 30.05 -22.24 32.18
C PHE F 222 29.41 -22.81 33.43
N SER F 223 28.13 -22.54 33.61
CA SER F 223 27.39 -23.03 34.78
C SER F 223 26.96 -24.49 34.61
N ASN F 224 27.17 -25.03 33.42
CA ASN F 224 26.71 -26.36 33.07
C ASN F 224 27.78 -27.42 33.30
N GLY F 225 28.75 -27.10 34.15
CA GLY F 225 29.82 -28.02 34.47
C GLY F 225 30.98 -27.97 33.49
N ASN F 226 30.73 -27.46 32.29
CA ASN F 226 31.79 -27.40 31.27
C ASN F 226 32.56 -26.08 31.25
N THR F 227 33.76 -26.11 30.69
CA THR F 227 34.55 -24.90 30.54
C THR F 227 35.15 -24.86 29.14
N SER F 228 35.03 -23.72 28.46
CA SER F 228 35.53 -23.61 27.09
C SER F 228 36.99 -23.22 27.11
N VAL F 229 37.81 -23.94 26.35
CA VAL F 229 39.26 -23.65 26.34
C VAL F 229 39.79 -23.56 24.93
N GLY F 230 40.53 -22.49 24.66
CA GLY F 230 41.10 -22.28 23.35
C GLY F 230 42.50 -21.68 23.39
N PHE F 231 43.39 -22.33 22.64
CA PHE F 231 44.71 -21.79 22.32
C PHE F 231 44.58 -20.97 21.07
N VAL F 232 45.16 -19.80 21.10
CA VAL F 232 45.14 -18.93 19.94
C VAL F 232 46.52 -18.38 19.67
N GLY F 233 46.86 -18.22 18.40
CA GLY F 233 48.05 -17.50 18.04
C GLY F 233 48.76 -18.07 16.84
N GLU F 234 50.08 -17.88 16.87
CA GLU F 234 50.97 -18.34 15.82
C GLU F 234 50.67 -19.75 15.28
N PRO F 235 50.25 -19.81 14.02
CA PRO F 235 50.09 -21.08 13.30
C PRO F 235 51.30 -22.01 13.47
N SER F 236 52.51 -21.53 13.24
CA SER F 236 53.68 -22.40 13.39
C SER F 236 53.65 -23.18 14.73
N TYR F 237 53.13 -22.56 15.78
CA TYR F 237 53.08 -23.25 17.07
C TYR F 237 52.23 -24.52 17.03
N PHE F 238 50.99 -24.41 16.54
CA PHE F 238 50.08 -25.56 16.40
C PHE F 238 50.73 -26.70 15.62
N ASP F 239 51.54 -26.36 14.63
CA ASP F 239 52.17 -27.36 13.77
C ASP F 239 53.30 -28.13 14.45
N GLU F 240 53.61 -27.77 15.69
CA GLU F 240 54.64 -28.47 16.46
C GLU F 240 54.05 -29.74 17.04
N TYR F 241 52.73 -29.78 17.10
CA TYR F 241 52.00 -30.94 17.62
C TYR F 241 51.38 -31.73 16.49
N THR F 242 51.49 -33.05 16.54
CA THR F 242 50.85 -33.91 15.53
C THR F 242 49.77 -34.82 16.12
N GLY F 243 48.87 -35.29 15.28
CA GLY F 243 47.83 -36.22 15.69
C GLY F 243 46.44 -35.66 15.49
N THR F 244 45.44 -36.38 16.01
CA THR F 244 44.07 -35.94 15.96
C THR F 244 43.93 -34.62 16.71
N PRO F 245 42.87 -33.87 16.41
CA PRO F 245 42.49 -32.67 17.12
C PRO F 245 42.49 -32.87 18.63
N GLU F 246 41.82 -33.93 19.09
CA GLU F 246 41.82 -34.21 20.52
C GLU F 246 43.20 -34.51 21.07
N GLU F 247 44.06 -35.13 20.27
CA GLU F 247 45.43 -35.38 20.73
C GLU F 247 46.26 -34.11 20.87
N ARG F 248 46.08 -33.17 19.95
CA ARG F 248 46.94 -31.99 19.93
C ARG F 248 46.48 -30.98 21.00
N MSE F 249 45.17 -30.75 21.04
CA MSE F 249 44.55 -30.03 22.13
C MSE F 249 45.07 -30.52 23.49
O MSE F 249 45.51 -29.74 24.33
CB MSE F 249 43.03 -30.23 22.08
CG MSE F 249 42.33 -29.34 23.05
SE MSE F 249 42.42 -27.49 22.41
CE MSE F 249 42.07 -26.53 24.07
N ARG F 250 45.00 -31.82 23.70
CA ARG F 250 45.46 -32.39 24.95
C ARG F 250 46.96 -32.22 25.19
N ALA F 251 47.74 -32.20 24.13
CA ALA F 251 49.18 -32.02 24.27
C ALA F 251 49.51 -30.55 24.48
N MSE F 252 48.66 -29.67 23.96
CA MSE F 252 48.83 -28.23 24.12
C MSE F 252 48.52 -27.79 25.52
O MSE F 252 49.30 -27.10 26.14
CB MSE F 252 47.95 -27.47 23.14
CG MSE F 252 48.28 -27.81 21.72
SE MSE F 252 47.54 -26.51 20.52
CE MSE F 252 47.81 -27.50 18.87
N ILE F 253 47.36 -28.22 26.00
CA ILE F 253 47.00 -28.04 27.39
C ILE F 253 48.09 -28.55 28.35
N ALA F 254 48.56 -29.77 28.11
CA ALA F 254 49.55 -30.37 29.00
C ALA F 254 50.86 -29.55 29.07
N ASN F 255 51.05 -28.64 28.12
CA ASN F 255 52.24 -27.78 28.15
C ASN F 255 52.02 -26.43 28.83
N GLU F 256 50.91 -26.28 29.54
CA GLU F 256 50.65 -25.05 30.28
C GLU F 256 50.38 -25.36 31.73
N GLY F 257 51.30 -24.91 32.59
CA GLY F 257 51.25 -25.22 34.00
C GLY F 257 49.96 -24.78 34.65
N HIS F 258 49.43 -23.65 34.20
CA HIS F 258 48.24 -23.09 34.82
C HIS F 258 47.03 -24.03 34.68
N ILE F 259 46.99 -24.82 33.62
CA ILE F 259 45.85 -25.69 33.42
C ILE F 259 46.17 -27.18 33.27
N ALA F 260 47.45 -27.51 33.09
CA ALA F 260 47.79 -28.90 32.78
C ALA F 260 47.01 -29.88 33.65
N GLU F 261 47.25 -29.82 34.96
CA GLU F 261 46.69 -30.83 35.87
C GLU F 261 45.18 -30.75 35.96
N ARG F 262 44.65 -29.55 35.82
CA ARG F 262 43.22 -29.34 35.89
C ARG F 262 42.43 -30.16 34.85
N PHE F 263 42.91 -30.14 33.61
CA PHE F 263 42.17 -30.66 32.47
C PHE F 263 42.71 -32.02 32.01
N LYS F 264 43.86 -32.41 32.54
CA LYS F 264 44.46 -33.69 32.20
C LYS F 264 43.43 -34.78 32.42
N SER F 265 43.26 -35.63 31.42
CA SER F 265 42.35 -36.76 31.56
C SER F 265 40.87 -36.38 31.66
N GLU F 266 40.55 -35.10 31.50
CA GLU F 266 39.14 -34.68 31.54
C GLU F 266 38.48 -34.81 30.15
N GLU F 267 37.18 -35.06 30.15
CA GLU F 267 36.50 -35.34 28.88
C GLU F 267 36.29 -34.08 28.08
N PHE F 268 36.28 -34.22 26.77
CA PHE F 268 35.91 -33.12 25.88
C PHE F 268 34.47 -33.33 25.45
N LEU F 269 33.69 -32.26 25.33
CA LEU F 269 32.32 -32.38 24.90
C LEU F 269 32.24 -32.60 23.40
N PHE F 270 33.25 -32.14 22.69
CA PHE F 270 33.32 -32.31 21.24
C PHE F 270 34.76 -32.27 20.75
N GLU F 271 35.04 -32.92 19.62
CA GLU F 271 36.36 -32.92 19.03
C GLU F 271 36.87 -31.50 18.82
N PRO F 272 37.98 -31.16 19.47
CA PRO F 272 38.50 -29.80 19.38
C PRO F 272 38.38 -29.30 17.96
N ARG F 273 38.15 -27.99 17.79
CA ARG F 273 37.90 -27.41 16.47
C ARG F 273 38.84 -26.25 16.11
N THR F 274 39.09 -26.12 14.81
CA THR F 274 40.03 -25.14 14.28
C THR F 274 39.35 -24.00 13.55
N ILE F 275 39.70 -22.79 13.95
CA ILE F 275 39.39 -21.61 13.16
C ILE F 275 40.70 -20.91 12.85
N GLU F 276 40.88 -20.56 11.58
CA GLU F 276 42.08 -19.85 11.12
C GLU F 276 41.71 -18.59 10.34
N GLY F 277 42.47 -17.53 10.56
CA GLY F 277 42.35 -16.29 9.79
C GLY F 277 41.02 -15.56 9.98
N TYR F 278 40.57 -15.47 11.23
CA TYR F 278 39.25 -14.89 11.55
C TYR F 278 39.16 -13.38 11.33
N ALA F 279 40.31 -12.73 11.15
CA ALA F 279 40.38 -11.27 11.08
C ALA F 279 40.04 -10.72 9.68
N ILE F 280 39.02 -9.85 9.62
CA ILE F 280 38.48 -9.36 8.34
C ILE F 280 37.75 -8.02 8.50
N SER F 281 37.81 -7.18 7.45
CA SER F 281 37.08 -5.91 7.43
C SER F 281 36.17 -5.77 6.19
N ALA F 282 35.51 -4.63 6.08
CA ALA F 282 34.64 -4.36 4.93
C ALA F 282 34.99 -3.04 4.27
N SER F 283 34.78 -2.94 2.96
CA SER F 283 35.06 -1.69 2.25
C SER F 283 34.18 -0.58 2.84
N LYS F 284 32.86 -0.78 2.82
CA LYS F 284 31.94 0.09 3.53
C LYS F 284 31.01 -0.71 4.45
N LEU F 285 30.44 -0.04 5.43
CA LEU F 285 29.57 -0.69 6.39
C LEU F 285 28.09 -0.42 6.11
N TYR F 286 27.80 0.44 5.14
CA TYR F 286 26.42 0.76 4.82
C TYR F 286 26.36 1.21 3.39
N GLY F 287 25.15 1.41 2.87
CA GLY F 287 24.95 1.80 1.49
C GLY F 287 23.45 1.90 1.28
N ASP F 288 22.99 2.18 0.07
CA ASP F 288 21.56 2.34 -0.15
C ASP F 288 20.81 1.07 0.25
N GLY F 289 19.95 1.18 1.26
CA GLY F 289 19.06 0.11 1.68
C GLY F 289 19.59 -0.87 2.69
N PHE F 290 20.82 -0.67 3.16
CA PHE F 290 21.41 -1.61 4.12
C PHE F 290 22.44 -1.01 5.07
N VAL F 291 22.61 -1.69 6.19
CA VAL F 291 23.72 -1.43 7.05
C VAL F 291 24.26 -2.78 7.48
N LEU F 292 25.56 -2.86 7.73
CA LEU F 292 26.18 -4.08 8.21
C LEU F 292 26.39 -4.04 9.75
N THR F 293 26.44 -5.21 10.35
CA THR F 293 26.63 -5.27 11.79
C THR F 293 27.40 -6.51 12.20
N GLY F 294 27.92 -6.50 13.42
CA GLY F 294 28.66 -7.61 13.98
C GLY F 294 29.81 -8.08 13.12
N ASN F 295 29.93 -9.40 12.95
CA ASN F 295 31.00 -9.98 12.16
C ASN F 295 30.82 -9.95 10.64
N ALA F 296 29.70 -9.37 10.19
CA ALA F 296 29.55 -9.01 8.78
C ALA F 296 30.25 -7.68 8.53
N THR F 297 30.63 -7.01 9.62
CA THR F 297 31.38 -5.76 9.61
C THR F 297 32.90 -5.90 9.60
N GLU F 298 33.47 -5.83 10.80
CA GLU F 298 34.88 -6.09 11.05
C GLU F 298 35.06 -6.95 12.31
N PHE F 299 35.97 -7.92 12.25
CA PHE F 299 36.39 -8.66 13.44
C PHE F 299 37.91 -8.50 13.70
N LEU F 300 38.27 -8.28 14.97
CA LEU F 300 39.66 -8.03 15.37
C LEU F 300 40.39 -9.28 15.82
N ASP F 301 40.33 -9.56 17.11
CA ASP F 301 40.96 -10.75 17.71
C ASP F 301 40.16 -11.08 18.97
N PRO F 302 40.19 -12.35 19.40
CA PRO F 302 39.38 -12.68 20.57
C PRO F 302 40.01 -12.41 21.94
N ILE F 303 41.14 -11.73 22.02
CA ILE F 303 41.79 -11.53 23.33
C ILE F 303 40.97 -10.77 24.38
N PHE F 304 40.14 -9.82 23.98
CA PHE F 304 39.38 -9.13 25.01
C PHE F 304 37.88 -9.43 24.96
N SER F 305 37.56 -10.55 24.30
CA SER F 305 36.19 -11.09 24.22
C SER F 305 35.15 -10.03 23.92
N SER F 306 35.36 -9.24 22.88
CA SER F 306 34.46 -8.14 22.56
C SER F 306 33.51 -8.41 21.39
N GLY F 307 33.62 -9.59 20.79
CA GLY F 307 32.89 -9.87 19.54
C GLY F 307 31.38 -9.80 19.64
N ALA F 308 30.83 -10.59 20.56
CA ALA F 308 29.41 -10.55 20.89
C ALA F 308 28.96 -9.17 21.37
N THR F 309 29.82 -8.43 22.08
CA THR F 309 29.41 -7.11 22.58
C THR F 309 29.33 -6.12 21.43
N PHE F 310 30.26 -6.27 20.49
CA PHE F 310 30.25 -5.47 19.28
C PHE F 310 29.05 -5.75 18.41
N ALA F 311 28.84 -7.02 18.09
CA ALA F 311 27.68 -7.43 17.33
C ALA F 311 26.44 -6.73 17.88
N MSE F 312 26.23 -6.84 19.19
CA MSE F 312 25.11 -6.20 19.86
C MSE F 312 25.16 -4.67 19.79
O MSE F 312 24.15 -3.98 19.61
CB MSE F 312 24.99 -6.70 21.32
CG MSE F 312 24.28 -8.06 21.45
SE MSE F 312 24.17 -8.86 23.26
CE MSE F 312 25.85 -9.92 23.31
N GLU F 313 26.37 -4.12 19.96
CA GLU F 313 26.55 -2.68 19.91
C GLU F 313 26.10 -2.17 18.56
N SER F 314 26.47 -2.87 17.51
CA SER F 314 26.11 -2.46 16.16
C SER F 314 24.68 -2.86 15.74
N GLY F 315 24.14 -3.90 16.35
CA GLY F 315 22.79 -4.31 16.01
C GLY F 315 21.92 -3.20 16.54
N SER F 316 22.32 -2.68 17.69
CA SER F 316 21.57 -1.64 18.38
C SER F 316 21.52 -0.35 17.57
N LYS F 317 22.70 0.16 17.22
CA LYS F 317 22.83 1.35 16.39
C LYS F 317 22.13 1.19 15.06
N GLY F 318 22.44 0.09 14.39
CA GLY F 318 21.86 -0.18 13.08
C GLY F 318 20.35 -0.18 13.17
N GLY F 319 19.86 -0.91 14.17
CA GLY F 319 18.45 -0.95 14.49
C GLY F 319 17.92 0.46 14.64
N LYS F 320 18.44 1.20 15.61
CA LYS F 320 17.90 2.52 15.92
C LYS F 320 18.03 3.49 14.76
N LEU F 321 19.07 3.33 13.96
CA LEU F 321 19.23 4.21 12.80
C LEU F 321 18.25 3.81 11.69
N ALA F 322 18.13 2.51 11.45
CA ALA F 322 17.14 2.03 10.48
C ALA F 322 15.77 2.65 10.80
N VAL F 323 15.43 2.70 12.08
CA VAL F 323 14.12 3.19 12.49
C VAL F 323 13.98 4.67 12.13
N GLN F 324 15.04 5.44 12.33
CA GLN F 324 15.09 6.83 11.88
C GLN F 324 14.85 6.91 10.37
N PHE F 325 15.48 6.02 9.61
CA PHE F 325 15.32 6.02 8.16
C PHE F 325 13.86 5.77 7.75
N LEU F 326 13.29 4.69 8.22
CA LEU F 326 11.91 4.34 7.90
C LEU F 326 10.95 5.48 8.25
N LYS F 327 11.28 6.22 9.29
CA LYS F 327 10.41 7.29 9.77
C LYS F 327 10.43 8.50 8.83
N GLY F 328 11.42 8.53 7.95
CA GLY F 328 11.57 9.64 7.02
C GLY F 328 12.69 10.59 7.43
N GLU F 329 13.26 10.38 8.61
CA GLU F 329 14.38 11.21 9.05
C GLU F 329 15.58 11.01 8.13
N GLU F 330 16.52 11.92 8.21
CA GLU F 330 17.76 11.79 7.46
C GLU F 330 18.74 11.11 8.39
N VAL F 331 19.61 10.27 7.85
CA VAL F 331 20.55 9.55 8.68
C VAL F 331 21.96 9.72 8.16
N ASN F 332 22.83 10.26 9.00
CA ASN F 332 24.22 10.30 8.63
C ASN F 332 24.90 9.02 9.10
N TRP F 333 24.84 8.01 8.23
CA TRP F 333 25.43 6.72 8.54
C TRP F 333 26.91 6.85 8.85
N GLU F 334 27.61 7.67 8.08
CA GLU F 334 29.03 7.85 8.32
C GLU F 334 29.25 8.27 9.77
N LYS F 335 28.38 9.13 10.27
CA LYS F 335 28.57 9.75 11.58
C LYS F 335 27.92 9.00 12.73
N ASP F 336 26.62 8.73 12.63
CA ASP F 336 25.90 8.11 13.73
C ASP F 336 26.20 6.62 13.88
N PHE F 337 26.65 5.98 12.80
CA PHE F 337 26.93 4.55 12.84
C PHE F 337 28.41 4.19 12.72
N VAL F 338 28.99 4.43 11.55
CA VAL F 338 30.34 3.97 11.29
C VAL F 338 31.40 4.58 12.21
N GLU F 339 31.35 5.87 12.42
CA GLU F 339 32.32 6.48 13.31
C GLU F 339 32.13 5.94 14.70
N HIS F 340 30.88 5.67 15.07
CA HIS F 340 30.60 5.09 16.38
C HIS F 340 31.28 3.73 16.52
N MSE F 341 30.98 2.79 15.63
CA MSE F 341 31.63 1.49 15.64
C MSE F 341 33.16 1.62 15.66
O MSE F 341 33.84 1.02 16.50
CB MSE F 341 31.17 0.60 14.48
CG MSE F 341 29.69 0.26 14.50
SE MSE F 341 28.95 -0.20 16.28
CE MSE F 341 30.16 -1.69 16.61
N MSE F 342 33.71 2.43 14.76
CA MSE F 342 35.16 2.55 14.64
C MSE F 342 35.84 3.08 15.91
O MSE F 342 36.95 2.69 16.23
CB MSE F 342 35.55 3.37 13.39
CG MSE F 342 35.18 2.69 12.04
SE MSE F 342 35.65 0.77 11.89
CE MSE F 342 33.86 0.03 12.15
N GLN F 343 35.14 3.94 16.65
CA GLN F 343 35.63 4.50 17.91
C GLN F 343 35.85 3.43 18.97
N GLY F 344 34.95 2.46 19.03
CA GLY F 344 35.11 1.32 19.91
C GLY F 344 35.99 0.23 19.31
N ILE F 345 35.82 -0.05 18.02
CA ILE F 345 36.66 -1.04 17.36
C ILE F 345 38.14 -0.58 17.32
N ASP F 346 38.39 0.70 17.05
CA ASP F 346 39.76 1.22 17.04
C ASP F 346 40.44 1.17 18.41
N THR F 347 39.69 1.49 19.46
CA THR F 347 40.16 1.36 20.85
C THR F 347 40.70 -0.04 21.14
N PHE F 348 39.90 -1.07 20.85
CA PHE F 348 40.34 -2.45 21.09
C PHE F 348 41.58 -2.83 20.28
N ARG F 349 41.62 -2.43 19.02
CA ARG F 349 42.77 -2.71 18.15
C ARG F 349 44.09 -2.25 18.80
N SER F 350 44.15 -0.99 19.24
CA SER F 350 45.26 -0.50 20.06
C SER F 350 45.60 -1.45 21.22
N PHE F 351 44.59 -2.08 21.81
CA PHE F 351 44.82 -2.99 22.94
C PHE F 351 45.30 -4.37 22.50
N VAL F 352 44.75 -4.86 21.39
CA VAL F 352 45.25 -6.09 20.77
C VAL F 352 46.73 -5.92 20.45
N THR F 353 47.02 -4.91 19.66
CA THR F 353 48.39 -4.57 19.33
C THR F 353 49.18 -4.55 20.62
N GLY F 354 48.62 -3.91 21.63
CA GLY F 354 49.29 -3.80 22.89
C GLY F 354 49.56 -5.16 23.47
N TRP F 355 48.56 -6.04 23.41
CA TRP F 355 48.71 -7.39 23.94
C TRP F 355 49.86 -8.13 23.26
N TYR F 356 49.95 -8.01 21.94
CA TYR F 356 50.93 -8.80 21.20
C TYR F 356 52.36 -8.23 21.15
N ASP F 357 52.57 -6.99 21.61
CA ASP F 357 53.91 -6.39 21.48
C ASP F 357 54.59 -6.07 22.81
N GLY F 358 54.09 -6.67 23.88
CA GLY F 358 54.75 -6.55 25.17
C GLY F 358 54.36 -5.36 26.03
N THR F 359 53.83 -4.31 25.42
CA THR F 359 53.45 -3.14 26.22
C THR F 359 52.36 -3.43 27.27
N LEU F 360 51.29 -4.10 26.85
CA LEU F 360 50.16 -4.36 27.73
C LEU F 360 50.58 -5.29 28.84
N HIS F 361 51.38 -6.29 28.51
CA HIS F 361 51.87 -7.22 29.51
C HIS F 361 52.68 -6.48 30.57
N ALA F 362 53.57 -5.59 30.12
CA ALA F 362 54.41 -4.82 31.03
C ALA F 362 53.52 -4.01 31.95
N VAL F 363 52.40 -3.52 31.42
CA VAL F 363 51.41 -2.84 32.25
C VAL F 363 50.67 -3.80 33.21
N PHE F 364 50.21 -4.96 32.71
CA PHE F 364 49.46 -5.94 33.51
C PHE F 364 50.28 -6.52 34.68
N PHE F 365 51.56 -6.78 34.43
CA PHE F 365 52.38 -7.48 35.43
C PHE F 365 53.50 -6.62 36.02
N ALA F 366 53.26 -5.32 36.14
CA ALA F 366 54.20 -4.42 36.81
C ALA F 366 54.09 -4.63 38.32
N LYS F 367 55.21 -4.56 39.04
CA LYS F 367 55.15 -4.67 40.49
C LYS F 367 54.46 -3.41 40.99
N ASN F 368 53.53 -3.57 41.92
CA ASN F 368 52.70 -2.45 42.37
C ASN F 368 52.06 -1.69 41.22
N PRO F 369 51.06 -2.30 40.56
CA PRO F 369 50.41 -1.53 39.51
C PRO F 369 49.65 -0.32 40.08
N ASP F 370 49.65 0.77 39.34
CA ASP F 370 48.92 1.96 39.74
C ASP F 370 47.42 1.67 39.73
N PRO F 371 46.76 1.85 40.89
CA PRO F 371 45.36 1.45 41.01
C PRO F 371 44.47 2.21 40.04
N ASP F 372 44.84 3.45 39.73
CA ASP F 372 44.07 4.24 38.78
C ASP F 372 44.14 3.69 37.37
N HIS F 373 45.34 3.33 36.90
CA HIS F 373 45.47 2.79 35.55
C HIS F 373 44.57 1.56 35.44
N LYS F 374 44.76 0.64 36.38
CA LYS F 374 43.99 -0.60 36.47
C LYS F 374 42.50 -0.37 36.22
N ARG F 375 41.93 0.62 36.89
CA ARG F 375 40.52 0.96 36.77
C ARG F 375 40.15 1.41 35.38
N MSE F 376 41.02 2.24 34.81
CA MSE F 376 40.76 2.78 33.49
C MSE F 376 40.75 1.64 32.47
O MSE F 376 39.83 1.53 31.67
CB MSE F 376 41.82 3.84 33.18
CG MSE F 376 41.72 5.10 34.05
SE MSE F 376 43.28 6.26 33.88
CE MSE F 376 42.54 7.86 34.74
N ILE F 377 41.78 0.79 32.53
CA ILE F 377 41.93 -0.41 31.72
C ILE F 377 40.75 -1.36 31.95
N CYS F 378 40.35 -1.49 33.20
CA CYS F 378 39.23 -2.34 33.57
C CYS F 378 37.97 -1.87 32.86
N SER F 379 37.83 -0.56 32.73
CA SER F 379 36.72 0.01 32.00
C SER F 379 36.85 -0.32 30.52
N VAL F 380 38.09 -0.51 30.04
CA VAL F 380 38.25 -0.88 28.64
C VAL F 380 37.88 -2.33 28.40
N LEU F 381 38.39 -3.21 29.25
CA LEU F 381 38.07 -4.62 29.19
C LEU F 381 36.56 -4.85 29.32
N ALA F 382 35.90 -3.96 30.05
CA ALA F 382 34.46 -4.08 30.25
C ALA F 382 33.66 -3.68 29.02
N GLY F 383 34.36 -3.21 27.99
CA GLY F 383 33.69 -2.78 26.77
C GLY F 383 33.32 -1.32 26.72
N TYR F 384 33.73 -0.54 27.71
CA TYR F 384 33.34 0.88 27.78
C TYR F 384 34.28 1.81 27.00
N VAL F 385 34.38 1.52 25.71
CA VAL F 385 35.36 2.14 24.84
C VAL F 385 34.85 3.38 24.10
N TRP F 386 33.73 3.94 24.57
CA TRP F 386 33.19 5.18 24.01
C TRP F 386 33.25 6.32 25.04
N ASP F 387 33.80 6.01 26.21
CA ASP F 387 33.99 7.01 27.24
C ASP F 387 35.29 7.77 27.01
N LYS F 388 35.16 8.94 26.39
CA LYS F 388 36.31 9.77 26.03
C LYS F 388 37.02 10.43 27.24
N ASN F 389 36.39 10.40 28.41
CA ASN F 389 37.02 10.96 29.60
C ASN F 389 38.10 10.02 30.14
N ASN F 390 37.97 8.75 29.79
CA ASN F 390 38.93 7.73 30.19
C ASN F 390 40.20 7.88 29.36
N PRO F 391 41.31 8.26 30.01
CA PRO F 391 42.50 8.54 29.21
C PRO F 391 42.95 7.34 28.36
N PHE F 392 42.62 6.14 28.81
CA PHE F 392 43.02 4.93 28.08
C PHE F 392 42.21 4.75 26.80
N VAL F 393 41.01 5.33 26.79
CA VAL F 393 40.19 5.46 25.60
C VAL F 393 40.72 6.62 24.74
N LYS F 394 40.78 7.80 25.36
CA LYS F 394 41.22 9.00 24.64
C LYS F 394 42.55 8.79 23.91
N LYS F 395 43.52 8.22 24.62
CA LYS F 395 44.87 8.12 24.08
C LYS F 395 45.26 6.68 23.76
N HIS F 396 44.29 5.89 23.28
CA HIS F 396 44.48 4.44 23.16
C HIS F 396 45.65 3.96 22.30
N ASN F 397 45.90 4.62 21.17
CA ASN F 397 46.99 4.17 20.32
C ASN F 397 48.32 4.69 20.79
N THR F 398 48.32 5.42 21.89
CA THR F 398 49.54 6.03 22.40
C THR F 398 49.94 5.48 23.76
N ILE F 399 48.96 5.33 24.65
CA ILE F 399 49.22 5.19 26.09
C ILE F 399 49.94 3.91 26.53
N LEU F 400 49.87 2.84 25.76
CA LEU F 400 50.50 1.58 26.17
C LEU F 400 52.02 1.65 26.00
N LYS F 401 52.46 2.16 24.86
CA LYS F 401 53.87 2.37 24.58
C LYS F 401 54.48 3.38 25.58
N THR F 402 53.81 4.52 25.72
CA THR F 402 54.15 5.52 26.72
C THR F 402 54.26 4.94 28.12
N LEU F 403 53.24 4.18 28.53
CA LEU F 403 53.14 3.68 29.91
C LEU F 403 54.12 2.56 30.25
N ALA F 404 54.20 1.54 29.42
CA ALA F 404 55.23 0.51 29.59
C ALA F 404 56.61 1.17 29.69
N LYS F 405 56.81 2.21 28.87
CA LYS F 405 58.05 2.94 28.83
C LYS F 405 58.29 3.73 30.14
N VAL F 406 57.23 4.27 30.72
CA VAL F 406 57.31 4.82 32.07
C VAL F 406 57.70 3.73 33.08
N ILE F 407 57.17 2.53 32.90
CA ILE F 407 57.45 1.41 33.79
C ILE F 407 58.94 1.03 33.80
N GLN F 408 59.51 0.91 32.61
CA GLN F 408 60.90 0.55 32.43
C GLN F 408 61.86 1.58 33.09
N MSE F 409 61.74 2.86 32.74
CA MSE F 409 62.49 3.93 33.42
C MSE F 409 62.39 3.82 34.93
O MSE F 409 63.32 4.17 35.66
CB MSE F 409 62.00 5.32 33.01
CG MSE F 409 62.29 5.71 31.57
SE MSE F 409 64.17 5.45 31.15
CE MSE F 409 64.09 5.73 29.22
N GLY F 410 61.24 3.33 35.39
CA GLY F 410 60.96 3.19 36.80
C GLY F 410 61.75 2.06 37.43
N GLU F 411 61.95 0.98 36.68
CA GLU F 411 62.72 -0.12 37.17
C GLU F 411 64.20 0.22 37.19
N GLU F 412 64.64 1.01 36.21
CA GLU F 412 66.01 1.48 36.18
C GLU F 412 66.33 2.37 37.38
N ARG G 3 20.80 9.60 -36.42
CA ARG G 3 21.64 10.61 -35.81
C ARG G 3 21.03 11.16 -34.53
N GLU G 4 21.77 11.04 -33.42
CA GLU G 4 21.35 11.68 -32.17
C GLU G 4 21.98 13.06 -32.09
N LYS G 5 21.33 13.96 -31.36
CA LYS G 5 21.80 15.33 -31.28
C LYS G 5 22.06 15.71 -29.83
N VAL G 6 23.24 16.26 -29.58
CA VAL G 6 23.62 16.70 -28.25
C VAL G 6 24.25 18.09 -28.34
N ASP G 7 24.35 18.79 -27.22
CA ASP G 7 25.07 20.05 -27.22
C ASP G 7 26.56 19.73 -27.18
N VAL G 8 26.97 18.93 -26.20
CA VAL G 8 28.37 18.59 -26.05
C VAL G 8 28.58 17.09 -26.24
N LEU G 9 29.52 16.70 -27.11
CA LEU G 9 29.93 15.29 -27.18
C LEU G 9 31.27 15.09 -26.47
N VAL G 10 31.29 14.21 -25.48
CA VAL G 10 32.52 13.96 -24.71
C VAL G 10 33.11 12.59 -25.01
N ILE G 11 34.26 12.58 -25.69
CA ILE G 11 34.91 11.34 -26.11
C ILE G 11 35.90 10.90 -25.04
N GLY G 12 35.49 9.96 -24.20
CA GLY G 12 36.29 9.54 -23.08
C GLY G 12 35.52 9.54 -21.77
N ALA G 13 35.54 8.41 -21.08
CA ALA G 13 34.79 8.29 -19.84
C ALA G 13 35.68 8.20 -18.61
N GLY G 14 36.95 8.60 -18.74
CA GLY G 14 37.82 8.70 -17.59
C GLY G 14 37.54 9.96 -16.76
N PRO G 15 38.40 10.24 -15.75
CA PRO G 15 38.15 11.42 -14.92
C PRO G 15 38.02 12.72 -15.70
N ALA G 16 38.60 12.78 -16.89
CA ALA G 16 38.55 14.01 -17.70
C ALA G 16 37.19 14.17 -18.38
N GLY G 17 36.57 13.06 -18.77
CA GLY G 17 35.28 13.11 -19.43
C GLY G 17 34.12 13.26 -18.46
N THR G 18 34.18 12.51 -17.37
CA THR G 18 33.13 12.54 -16.38
C THR G 18 33.05 13.86 -15.61
N VAL G 19 34.19 14.48 -15.33
CA VAL G 19 34.17 15.82 -14.71
C VAL G 19 33.64 16.87 -15.69
N ALA G 20 34.14 16.86 -16.92
CA ALA G 20 33.65 17.77 -17.95
C ALA G 20 32.14 17.59 -18.11
N ALA G 21 31.72 16.36 -18.44
CA ALA G 21 30.33 16.07 -18.70
C ALA G 21 29.49 16.55 -17.53
N SER G 22 29.86 16.13 -16.34
CA SER G 22 29.22 16.61 -15.13
C SER G 22 28.98 18.12 -15.15
N LEU G 23 30.02 18.90 -15.39
CA LEU G 23 29.91 20.36 -15.34
C LEU G 23 29.00 20.84 -16.45
N VAL G 24 29.14 20.24 -17.61
CA VAL G 24 28.33 20.69 -18.73
C VAL G 24 26.86 20.37 -18.47
N ASN G 25 26.60 19.22 -17.89
CA ASN G 25 25.24 18.82 -17.54
C ASN G 25 24.65 19.72 -16.44
N LYS G 26 25.50 20.06 -15.47
CA LYS G 26 25.12 20.94 -14.36
C LYS G 26 24.54 22.27 -14.85
N SER G 27 25.03 22.73 -15.99
CA SER G 27 24.57 23.99 -16.57
C SER G 27 23.33 23.78 -17.44
N GLY G 28 22.79 22.57 -17.42
CA GLY G 28 21.54 22.27 -18.08
C GLY G 28 21.61 21.94 -19.56
N PHE G 29 22.81 21.97 -20.13
CA PHE G 29 22.99 21.65 -21.55
C PHE G 29 23.06 20.14 -21.77
N LYS G 30 22.82 19.71 -23.01
CA LYS G 30 22.78 18.27 -23.32
C LYS G 30 24.15 17.64 -23.61
N VAL G 31 24.51 16.70 -22.77
CA VAL G 31 25.80 16.04 -22.89
C VAL G 31 25.72 14.50 -22.94
N LYS G 32 26.46 13.93 -23.89
CA LYS G 32 26.58 12.49 -24.05
C LYS G 32 28.04 12.06 -23.99
N ILE G 33 28.34 10.99 -23.27
CA ILE G 33 29.69 10.45 -23.27
C ILE G 33 29.79 9.09 -23.96
N VAL G 34 30.63 9.04 -24.99
CA VAL G 34 30.97 7.82 -25.69
C VAL G 34 32.34 7.31 -25.21
N GLU G 35 32.36 6.08 -24.72
CA GLU G 35 33.55 5.45 -24.14
C GLU G 35 33.77 4.08 -24.77
N LYS G 36 34.96 3.83 -25.30
CA LYS G 36 35.22 2.66 -26.13
C LYS G 36 35.25 1.36 -25.35
N GLN G 37 35.78 1.41 -24.13
CA GLN G 37 35.90 0.20 -23.32
C GLN G 37 34.66 -0.08 -22.48
N LYS G 38 34.70 -1.17 -21.74
CA LYS G 38 33.63 -1.50 -20.80
C LYS G 38 34.14 -1.29 -19.38
N PHE G 39 33.24 -0.81 -18.52
CA PHE G 39 33.63 -0.46 -17.17
C PHE G 39 33.19 -1.57 -16.21
N PRO G 40 34.02 -1.84 -15.19
CA PRO G 40 35.30 -1.17 -14.91
C PRO G 40 36.40 -1.55 -15.92
N ARG G 41 37.38 -0.68 -16.08
CA ARG G 41 38.48 -0.90 -17.00
C ARG G 41 39.75 -0.47 -16.30
N PHE G 42 40.84 -1.20 -16.53
CA PHE G 42 42.11 -0.87 -15.91
C PHE G 42 42.79 0.23 -16.67
N VAL G 43 43.40 1.14 -15.90
CA VAL G 43 44.32 2.13 -16.43
C VAL G 43 45.22 2.47 -15.25
N ILE G 44 46.42 2.94 -15.53
CA ILE G 44 47.39 3.23 -14.48
C ILE G 44 47.20 4.69 -14.08
N GLY G 45 47.80 5.11 -12.96
CA GLY G 45 47.66 6.48 -12.49
C GLY G 45 46.78 6.55 -11.26
N GLU G 46 47.31 6.03 -10.17
CA GLU G 46 46.51 5.50 -9.09
C GLU G 46 46.58 6.32 -7.81
N SER G 47 47.55 7.23 -7.76
CA SER G 47 47.66 8.12 -6.60
C SER G 47 47.18 9.50 -6.99
N LEU G 48 46.22 10.02 -6.25
CA LEU G 48 45.55 11.28 -6.56
C LEU G 48 46.21 12.45 -5.85
N LEU G 49 45.74 13.67 -6.14
CA LEU G 49 46.24 14.84 -5.42
C LEU G 49 45.10 15.66 -4.85
N PRO G 50 45.32 16.14 -3.62
CA PRO G 50 44.42 17.04 -2.89
C PRO G 50 43.81 18.08 -3.81
N ARG G 51 44.52 18.47 -4.87
CA ARG G 51 43.98 19.41 -5.85
C ARG G 51 42.74 18.86 -6.53
N CYS G 52 42.74 17.55 -6.86
CA CYS G 52 41.61 17.02 -7.62
C CYS G 52 40.31 17.15 -6.85
N MSE G 53 40.43 17.18 -5.51
CA MSE G 53 39.28 17.23 -4.62
C MSE G 53 38.34 18.41 -4.88
O MSE G 53 37.20 18.42 -4.43
CB MSE G 53 39.76 17.22 -3.16
CG MSE G 53 40.63 16.01 -2.80
SE MSE G 53 39.56 14.37 -2.78
CE MSE G 53 39.28 14.22 -0.85
N GLU G 54 38.83 19.40 -5.62
CA GLU G 54 38.05 20.59 -5.93
C GLU G 54 37.09 20.27 -7.07
N HIS G 55 37.55 19.43 -7.98
CA HIS G 55 36.79 19.12 -9.17
C HIS G 55 35.81 18.01 -8.81
N LEU G 56 36.25 17.11 -7.93
CA LEU G 56 35.44 16.03 -7.41
C LEU G 56 34.25 16.69 -6.70
N ASP G 57 34.58 17.62 -5.81
CA ASP G 57 33.60 18.40 -5.08
C ASP G 57 32.61 19.06 -6.03
N GLU G 58 33.15 19.84 -6.97
CA GLU G 58 32.34 20.61 -7.92
C GLU G 58 31.49 19.77 -8.86
N ALA G 59 31.91 18.53 -9.10
CA ALA G 59 31.14 17.65 -9.97
C ALA G 59 30.12 16.81 -9.19
N GLY G 60 30.07 17.00 -7.87
CA GLY G 60 29.20 16.22 -7.01
C GLY G 60 29.58 14.74 -7.00
N PHE G 61 30.89 14.47 -6.94
CA PHE G 61 31.43 13.12 -7.03
C PHE G 61 31.98 12.68 -5.68
N LEU G 62 32.22 13.65 -4.82
CA LEU G 62 32.85 13.40 -3.53
C LEU G 62 32.07 12.37 -2.72
N ASP G 63 30.79 12.63 -2.48
CA ASP G 63 29.94 11.66 -1.78
C ASP G 63 30.19 10.23 -2.29
N ALA G 64 30.18 10.07 -3.60
CA ALA G 64 30.29 8.75 -4.21
C ALA G 64 31.68 8.15 -4.14
N VAL G 65 32.73 8.98 -4.15
CA VAL G 65 34.06 8.43 -4.02
C VAL G 65 34.22 7.92 -2.59
N LYS G 66 33.62 8.65 -1.66
CA LYS G 66 33.63 8.29 -0.24
C LYS G 66 32.99 6.93 0.09
N ALA G 67 31.94 6.56 -0.63
CA ALA G 67 31.23 5.30 -0.36
C ALA G 67 32.10 4.06 -0.60
N GLN G 68 32.99 4.16 -1.57
CA GLN G 68 33.86 3.05 -1.96
C GLN G 68 34.93 2.73 -0.91
N GLY G 69 35.13 3.66 0.02
CA GLY G 69 36.13 3.47 1.05
C GLY G 69 37.53 3.25 0.50
N PHE G 70 37.99 4.17 -0.34
CA PHE G 70 39.35 4.05 -0.85
C PHE G 70 40.36 4.40 0.25
N GLN G 71 41.53 3.76 0.19
CA GLN G 71 42.65 4.10 1.05
C GLN G 71 42.88 5.60 0.98
N GLN G 72 43.03 6.23 2.13
CA GLN G 72 43.18 7.66 2.19
C GLN G 72 44.63 8.04 2.04
N LYS G 73 44.86 9.18 1.41
CA LYS G 73 46.20 9.70 1.19
C LYS G 73 46.38 11.02 1.97
N PHE G 74 47.45 11.14 2.75
CA PHE G 74 47.66 12.35 3.55
C PHE G 74 48.96 13.03 3.23
N GLY G 75 49.74 12.46 2.31
CA GLY G 75 51.01 13.05 1.94
C GLY G 75 51.87 12.18 1.07
N ALA G 76 53.12 12.60 0.87
CA ALA G 76 54.06 11.87 0.02
C ALA G 76 55.37 11.70 0.76
N LYS G 77 55.92 10.51 0.64
CA LYS G 77 57.17 10.20 1.29
C LYS G 77 58.16 9.91 0.17
N PHE G 78 59.41 10.29 0.37
CA PHE G 78 60.46 9.99 -0.60
C PHE G 78 61.59 9.27 0.13
N VAL G 79 62.05 8.16 -0.45
CA VAL G 79 63.05 7.34 0.18
C VAL G 79 64.31 7.23 -0.66
N ARG G 80 65.45 7.52 -0.03
CA ARG G 80 66.74 7.19 -0.61
C ARG G 80 67.61 6.43 0.37
N GLY G 81 67.74 5.12 0.15
CA GLY G 81 68.39 4.27 1.12
C GLY G 81 67.63 4.40 2.41
N LYS G 82 68.27 4.98 3.43
CA LYS G 82 67.65 5.16 4.73
C LYS G 82 67.21 6.62 4.99
N GLU G 83 67.55 7.53 4.09
CA GLU G 83 67.13 8.93 4.24
C GLU G 83 65.69 9.09 3.78
N ILE G 84 64.89 9.79 4.58
CA ILE G 84 63.49 10.02 4.23
C ILE G 84 63.10 11.50 4.30
N ALA G 85 62.40 11.93 3.26
CA ALA G 85 61.76 13.23 3.22
C ALA G 85 60.27 12.95 3.17
N ASP G 86 59.56 13.34 4.22
CA ASP G 86 58.14 13.07 4.34
C ASP G 86 57.36 14.39 4.31
N PHE G 87 56.33 14.43 3.48
CA PHE G 87 55.55 15.63 3.28
C PHE G 87 54.12 15.36 3.68
N ASN G 88 53.70 16.09 4.70
CA ASN G 88 52.39 15.91 5.30
C ASN G 88 51.45 16.95 4.71
N PHE G 89 50.41 16.50 3.99
CA PHE G 89 49.50 17.43 3.31
C PHE G 89 48.83 18.36 4.30
N SER G 90 48.89 18.02 5.58
CA SER G 90 48.28 18.84 6.62
C SER G 90 49.15 20.05 6.97
N ASP G 91 50.43 19.95 6.63
CA ASP G 91 51.34 21.04 6.83
C ASP G 91 51.73 21.65 5.49
N GLN G 92 50.96 22.62 4.98
CA GLN G 92 51.33 23.22 3.68
C GLN G 92 51.22 24.73 3.54
N PHE G 93 51.72 25.26 2.43
CA PHE G 93 51.73 26.70 2.19
C PHE G 93 50.37 27.17 1.75
N SER G 94 49.85 26.55 0.73
CA SER G 94 48.61 26.92 0.15
C SER G 94 47.49 26.35 0.95
N ASN G 95 46.31 26.88 0.78
CA ASN G 95 45.13 26.23 1.26
C ASN G 95 44.66 25.27 0.21
N GLY G 96 43.40 24.98 0.20
CA GLY G 96 42.96 23.97 -0.68
C GLY G 96 43.16 22.77 0.12
N TRP G 97 42.76 21.66 -0.43
CA TRP G 97 42.57 20.41 0.28
C TRP G 97 43.84 19.86 0.87
N ASN G 98 43.67 18.96 1.82
CA ASN G 98 44.79 18.41 2.53
C ASN G 98 44.75 16.88 2.59
N TRP G 99 43.87 16.28 1.84
CA TRP G 99 43.87 14.82 1.75
C TRP G 99 43.15 14.41 0.48
N THR G 100 43.32 13.15 0.08
CA THR G 100 42.71 12.59 -1.13
C THR G 100 42.85 11.08 -1.07
N TRP G 101 42.70 10.42 -2.21
CA TRP G 101 42.69 8.98 -2.21
C TRP G 101 43.73 8.40 -3.15
N GLN G 102 44.18 7.18 -2.84
CA GLN G 102 44.81 6.31 -3.83
C GLN G 102 43.79 5.25 -4.19
N VAL G 103 43.67 4.96 -5.47
CA VAL G 103 42.50 4.28 -5.97
C VAL G 103 42.86 3.43 -7.17
N PRO G 104 42.36 2.19 -7.18
CA PRO G 104 42.46 1.36 -8.40
C PRO G 104 41.53 2.00 -9.44
N ARG G 105 42.04 2.22 -10.62
CA ARG G 105 41.43 3.18 -11.51
C ARG G 105 40.12 2.70 -12.14
N GLY G 106 40.01 1.40 -12.32
CA GLY G 106 38.79 0.82 -12.83
C GLY G 106 37.64 1.24 -11.95
N ASN G 107 37.69 0.84 -10.68
CA ASN G 107 36.63 1.19 -9.74
C ASN G 107 36.40 2.68 -9.66
N PHE G 108 37.46 3.43 -9.37
CA PHE G 108 37.38 4.88 -9.21
C PHE G 108 36.64 5.53 -10.39
N ASP G 109 37.09 5.24 -11.62
CA ASP G 109 36.48 5.84 -12.83
C ASP G 109 35.03 5.38 -13.03
N LYS G 110 34.78 4.10 -12.82
CA LYS G 110 33.43 3.57 -12.86
C LYS G 110 32.58 4.34 -11.85
N THR G 111 33.11 4.51 -10.65
CA THR G 111 32.45 5.29 -9.62
C THR G 111 32.11 6.68 -10.13
N LEU G 112 33.02 7.31 -10.87
CA LEU G 112 32.77 8.64 -11.43
C LEU G 112 31.74 8.67 -12.59
N ALA G 113 31.84 7.75 -13.53
CA ALA G 113 30.86 7.73 -14.62
C ALA G 113 29.45 7.34 -14.16
N ASP G 114 29.35 6.40 -13.23
CA ASP G 114 28.05 6.06 -12.68
C ASP G 114 27.44 7.30 -12.06
N GLU G 115 28.24 7.98 -11.24
CA GLU G 115 27.77 9.19 -10.58
C GLU G 115 27.31 10.23 -11.59
N ALA G 116 28.03 10.35 -12.70
CA ALA G 116 27.68 11.30 -13.75
C ALA G 116 26.38 10.87 -14.42
N ALA G 117 26.28 9.56 -14.68
CA ALA G 117 25.07 8.97 -15.25
C ALA G 117 23.85 9.29 -14.39
N ARG G 118 23.98 9.01 -13.10
CA ARG G 118 22.94 9.30 -12.12
C ARG G 118 22.50 10.76 -12.16
N GLN G 119 23.39 11.63 -12.62
CA GLN G 119 23.13 13.07 -12.64
C GLN G 119 22.44 13.55 -13.92
N GLY G 120 22.31 12.66 -14.90
CA GLY G 120 21.68 13.01 -16.16
C GLY G 120 22.58 12.87 -17.38
N VAL G 121 23.86 12.64 -17.12
CA VAL G 121 24.80 12.36 -18.19
C VAL G 121 24.49 10.99 -18.74
N ASP G 122 24.19 10.91 -20.03
CA ASP G 122 24.00 9.58 -20.60
C ASP G 122 25.36 9.08 -21.08
N VAL G 123 25.74 7.93 -20.54
CA VAL G 123 27.06 7.35 -20.80
C VAL G 123 26.88 6.07 -21.61
N GLU G 124 27.44 6.02 -22.80
CA GLU G 124 27.31 4.85 -23.65
C GLU G 124 28.64 4.15 -23.83
N TYR G 125 28.77 2.96 -23.25
CA TYR G 125 30.01 2.22 -23.30
C TYR G 125 30.21 1.33 -24.54
N GLU G 126 31.43 0.79 -24.65
CA GLU G 126 31.81 -0.10 -25.76
C GLU G 126 31.57 0.48 -27.15
N VAL G 127 31.51 1.80 -27.24
CA VAL G 127 31.38 2.45 -28.54
C VAL G 127 32.65 3.21 -28.87
N GLY G 128 33.09 3.13 -30.12
CA GLY G 128 34.34 3.77 -30.51
C GLY G 128 34.18 4.83 -31.58
N VAL G 129 34.63 6.05 -31.27
CA VAL G 129 34.62 7.09 -32.28
C VAL G 129 35.45 6.56 -33.44
N THR G 130 34.92 6.74 -34.65
CA THR G 130 35.49 6.18 -35.86
C THR G 130 35.82 7.31 -36.82
N ASP G 131 35.24 8.48 -36.55
CA ASP G 131 35.48 9.63 -37.39
C ASP G 131 34.77 10.84 -36.84
N ILE G 132 35.20 12.01 -37.32
CA ILE G 132 34.65 13.27 -36.89
C ILE G 132 34.79 14.21 -38.07
N LYS G 133 33.69 14.88 -38.41
CA LYS G 133 33.70 15.79 -39.52
C LYS G 133 33.24 17.15 -39.02
N PHE G 134 34.10 18.16 -39.19
CA PHE G 134 33.81 19.49 -38.69
C PHE G 134 33.21 20.38 -39.77
N PHE G 135 32.15 21.09 -39.37
CA PHE G 135 31.59 22.17 -40.15
C PHE G 135 31.46 23.46 -39.30
N GLY G 136 32.42 24.36 -39.46
CA GLY G 136 32.58 25.48 -38.53
C GLY G 136 32.87 24.91 -37.15
N THR G 137 32.03 25.26 -36.19
CA THR G 137 32.16 24.72 -34.84
C THR G 137 31.30 23.48 -34.66
N ASP G 138 30.42 23.22 -35.61
CA ASP G 138 29.55 22.06 -35.51
C ASP G 138 30.34 20.81 -35.84
N SER G 139 29.82 19.66 -35.42
CA SER G 139 30.50 18.40 -35.70
C SER G 139 29.56 17.20 -35.79
N VAL G 140 29.89 16.29 -36.71
CA VAL G 140 29.27 14.97 -36.73
C VAL G 140 30.29 13.91 -36.35
N THR G 141 30.00 13.15 -35.29
CA THR G 141 30.92 12.10 -34.86
C THR G 141 30.33 10.72 -35.10
N THR G 142 31.07 9.87 -35.81
CA THR G 142 30.65 8.50 -36.09
C THR G 142 31.23 7.51 -35.10
N ILE G 143 30.36 6.80 -34.41
CA ILE G 143 30.80 5.78 -33.47
C ILE G 143 30.48 4.39 -33.98
N GLU G 144 31.16 3.38 -33.45
CA GLU G 144 30.95 2.00 -33.89
C GLU G 144 30.83 1.09 -32.67
N ASP G 145 29.79 0.24 -32.69
CA ASP G 145 29.50 -0.60 -31.54
C ASP G 145 30.10 -1.99 -31.67
N ILE G 146 29.78 -2.85 -30.71
CA ILE G 146 30.38 -4.18 -30.63
C ILE G 146 30.06 -5.05 -31.83
N ASN G 147 29.05 -4.65 -32.59
CA ASN G 147 28.58 -5.44 -33.72
C ASN G 147 28.98 -4.87 -35.06
N GLY G 148 29.85 -3.86 -35.05
CA GLY G 148 30.28 -3.22 -36.28
C GLY G 148 29.27 -2.22 -36.81
N ASN G 149 28.16 -2.06 -36.11
CA ASN G 149 27.16 -1.08 -36.49
C ASN G 149 27.58 0.35 -36.18
N LYS G 150 27.31 1.25 -37.11
CA LYS G 150 27.69 2.63 -36.97
C LYS G 150 26.48 3.54 -36.79
N ARG G 151 26.66 4.63 -36.07
CA ARG G 151 25.66 5.68 -35.98
C ARG G 151 26.31 7.04 -35.79
N GLU G 152 25.54 8.08 -36.01
CA GLU G 152 26.05 9.43 -35.97
C GLU G 152 25.64 10.15 -34.70
N ILE G 153 26.46 11.13 -34.31
CA ILE G 153 26.15 12.02 -33.21
C ILE G 153 26.54 13.43 -33.62
N GLU G 154 25.53 14.27 -33.75
CA GLU G 154 25.73 15.69 -34.03
C GLU G 154 25.99 16.40 -32.71
N ALA G 155 27.01 17.25 -32.69
CA ALA G 155 27.29 18.03 -31.50
C ALA G 155 27.53 19.48 -31.85
N ARG G 156 27.32 20.36 -30.89
CA ARG G 156 27.73 21.75 -31.05
C ARG G 156 29.18 21.93 -30.60
N PHE G 157 29.64 21.02 -29.74
CA PHE G 157 30.98 21.08 -29.19
C PHE G 157 31.48 19.72 -28.74
N ILE G 158 32.68 19.35 -29.18
CA ILE G 158 33.32 18.11 -28.74
C ILE G 158 34.39 18.38 -27.69
N ILE G 159 34.33 17.67 -26.56
CA ILE G 159 35.43 17.63 -25.59
C ILE G 159 36.13 16.28 -25.69
N ASP G 160 37.41 16.28 -26.08
CA ASP G 160 38.20 15.05 -26.17
C ASP G 160 38.96 14.67 -24.90
N ALA G 161 38.37 13.81 -24.06
CA ALA G 161 39.05 13.28 -22.88
C ALA G 161 39.36 11.78 -23.02
N SER G 162 39.80 11.37 -24.21
CA SER G 162 40.05 9.95 -24.48
C SER G 162 41.40 9.47 -23.94
N GLY G 163 42.03 10.30 -23.11
CA GLY G 163 43.33 9.96 -22.58
C GLY G 163 44.26 9.40 -23.64
N TYR G 164 44.63 8.14 -23.45
CA TYR G 164 45.64 7.50 -24.26
C TYR G 164 45.20 7.26 -25.71
N GLY G 165 43.90 7.36 -25.97
CA GLY G 165 43.37 7.13 -27.31
C GLY G 165 43.73 8.23 -28.29
N ARG G 166 44.07 9.39 -27.75
CA ARG G 166 44.43 10.56 -28.55
C ARG G 166 43.56 10.76 -29.80
N VAL G 167 42.25 10.60 -29.65
CA VAL G 167 41.32 10.50 -30.77
C VAL G 167 41.27 11.65 -31.77
N ILE G 168 41.25 12.91 -31.30
CA ILE G 168 41.34 14.04 -32.23
C ILE G 168 42.81 14.31 -32.62
N PRO G 169 43.70 14.31 -31.63
CA PRO G 169 45.13 14.49 -31.91
C PRO G 169 45.66 13.51 -32.95
N ARG G 170 45.17 12.28 -32.97
CA ARG G 170 45.66 11.29 -33.92
C ARG G 170 44.93 11.33 -35.26
N MSE G 171 43.67 11.73 -35.23
CA MSE G 171 42.88 11.84 -36.44
C MSE G 171 43.27 13.09 -37.23
O MSE G 171 43.19 13.10 -38.46
CB MSE G 171 41.41 11.89 -36.03
CG MSE G 171 40.40 12.03 -37.15
SE MSE G 171 38.66 11.64 -36.39
CE MSE G 171 38.91 9.73 -36.04
N PHE G 172 43.71 14.13 -36.52
CA PHE G 172 43.99 15.43 -37.13
C PHE G 172 45.49 15.81 -37.13
N GLY G 173 46.34 14.96 -36.54
CA GLY G 173 47.78 15.14 -36.54
C GLY G 173 48.30 16.16 -35.54
N LEU G 174 47.58 16.33 -34.44
CA LEU G 174 47.92 17.38 -33.48
C LEU G 174 49.07 16.97 -32.59
N ASP G 175 49.53 15.73 -32.73
CA ASP G 175 50.51 15.22 -31.77
C ASP G 175 51.85 15.94 -31.84
N LYS G 176 52.54 15.95 -30.70
CA LYS G 176 53.76 16.74 -30.54
C LYS G 176 54.69 16.04 -29.53
N PRO G 177 55.98 15.91 -29.88
CA PRO G 177 56.90 15.31 -28.91
C PRO G 177 57.06 16.13 -27.61
N SER G 178 57.68 15.53 -26.59
CA SER G 178 57.69 16.09 -25.24
C SER G 178 58.92 16.98 -24.93
N GLY G 179 60.09 16.37 -24.96
CA GLY G 179 61.30 17.03 -24.48
C GLY G 179 61.94 16.14 -23.42
N PHE G 180 61.12 15.50 -22.61
CA PHE G 180 61.60 14.47 -21.69
C PHE G 180 62.08 13.32 -22.55
N GLU G 181 63.14 12.63 -22.09
CA GLU G 181 63.64 11.45 -22.79
C GLU G 181 62.67 10.27 -22.65
N SER G 182 62.97 9.17 -23.36
CA SER G 182 62.16 7.96 -23.27
C SER G 182 62.40 7.27 -21.93
N ARG G 183 61.31 6.95 -21.23
CA ARG G 183 61.39 6.11 -20.03
C ARG G 183 60.59 4.82 -20.17
N ARG G 184 60.99 3.80 -19.44
CA ARG G 184 60.22 2.58 -19.40
C ARG G 184 59.63 2.40 -18.00
N THR G 185 58.62 1.55 -17.90
CA THR G 185 58.03 1.24 -16.61
C THR G 185 57.50 -0.21 -16.54
N LEU G 186 57.67 -0.83 -15.38
CA LEU G 186 57.18 -2.17 -15.11
C LEU G 186 56.43 -2.13 -13.77
N PHE G 187 55.19 -2.58 -13.75
CA PHE G 187 54.41 -2.45 -12.54
C PHE G 187 53.39 -3.56 -12.43
N THR G 188 53.01 -3.85 -11.19
CA THR G 188 51.97 -4.79 -10.91
C THR G 188 51.27 -4.39 -9.62
N HIS G 189 50.15 -5.03 -9.31
CA HIS G 189 49.57 -4.91 -7.99
C HIS G 189 50.00 -6.12 -7.18
N ILE G 190 50.44 -5.86 -5.95
CA ILE G 190 50.97 -6.89 -5.05
C ILE G 190 50.12 -7.02 -3.78
N LYS G 191 49.79 -8.25 -3.42
CA LYS G 191 49.05 -8.50 -2.19
C LYS G 191 49.94 -8.21 -0.99
N ASP G 192 49.69 -7.08 -0.33
CA ASP G 192 50.61 -6.46 0.63
C ASP G 192 50.52 -7.10 2.02
N VAL G 193 50.70 -8.41 2.08
CA VAL G 193 50.66 -9.12 3.35
C VAL G 193 51.57 -8.49 4.41
N LYS G 194 52.81 -8.19 4.04
CA LYS G 194 53.79 -7.64 4.97
C LYS G 194 53.79 -6.10 5.05
N ARG G 195 52.64 -5.49 4.82
CA ARG G 195 52.51 -4.04 4.88
C ARG G 195 52.65 -3.54 6.32
N PRO G 196 53.49 -2.51 6.53
CA PRO G 196 53.65 -1.91 7.86
C PRO G 196 52.32 -1.55 8.51
N VAL G 197 52.28 -1.45 9.83
CA VAL G 197 51.02 -1.24 10.54
C VAL G 197 50.63 0.24 10.68
N GLY G 203 51.21 4.15 5.72
CA GLY G 203 50.09 3.59 4.97
C GLY G 203 49.20 4.66 4.37
N ASN G 204 49.43 5.91 4.77
CA ASN G 204 48.67 7.05 4.28
C ASN G 204 49.50 8.00 3.39
N ARG G 205 50.63 7.48 2.88
CA ARG G 205 51.48 8.16 1.92
C ARG G 205 51.62 7.29 0.66
N ILE G 206 51.89 7.92 -0.47
CA ILE G 206 52.48 7.23 -1.60
C ILE G 206 53.99 7.36 -1.33
N THR G 207 54.75 6.32 -1.60
CA THR G 207 56.18 6.39 -1.42
C THR G 207 56.90 6.26 -2.77
N ALA G 208 57.84 7.16 -3.01
CA ALA G 208 58.64 7.08 -4.21
C ALA G 208 60.06 6.79 -3.80
N VAL G 209 60.69 5.78 -4.40
CA VAL G 209 61.99 5.36 -3.90
C VAL G 209 63.11 5.60 -4.90
N VAL G 210 64.05 6.47 -4.54
CA VAL G 210 65.26 6.64 -5.33
C VAL G 210 65.96 5.28 -5.35
N HIS G 211 65.73 4.50 -6.42
CA HIS G 211 66.33 3.18 -6.54
C HIS G 211 67.71 3.33 -7.17
N LYS G 212 67.75 4.12 -8.24
CA LYS G 212 68.96 4.45 -8.98
C LYS G 212 68.90 5.93 -9.36
N PRO G 213 70.03 6.47 -9.85
CA PRO G 213 70.05 7.85 -10.34
C PRO G 213 68.95 8.10 -11.35
N LYS G 214 68.85 7.26 -12.37
CA LYS G 214 67.81 7.47 -13.35
C LYS G 214 66.61 6.51 -13.21
N VAL G 215 66.44 5.96 -12.02
CA VAL G 215 65.37 5.00 -11.77
C VAL G 215 64.69 5.17 -10.41
N TRP G 216 63.39 5.31 -10.42
CA TRP G 216 62.64 5.40 -9.19
C TRP G 216 61.47 4.42 -9.20
N ILE G 217 60.87 4.26 -8.02
CA ILE G 217 59.82 3.29 -7.75
C ILE G 217 58.64 3.94 -7.02
N TRP G 218 57.42 3.50 -7.35
CA TRP G 218 56.24 4.00 -6.65
C TRP G 218 55.63 2.90 -5.81
N VAL G 219 55.19 3.26 -4.60
CA VAL G 219 54.58 2.32 -3.70
C VAL G 219 53.24 2.90 -3.31
N ILE G 220 52.18 2.36 -3.88
CA ILE G 220 50.86 2.91 -3.70
C ILE G 220 49.96 1.87 -3.03
N PRO G 221 49.65 2.09 -1.75
CA PRO G 221 48.83 1.18 -0.93
C PRO G 221 47.32 1.46 -1.06
N PHE G 222 46.57 0.42 -1.46
CA PHE G 222 45.10 0.47 -1.53
C PHE G 222 44.49 -0.18 -0.31
N SER G 223 43.18 0.03 -0.13
CA SER G 223 42.46 -0.50 1.02
C SER G 223 42.06 -1.96 0.83
N ASN G 224 42.11 -2.43 -0.41
CA ASN G 224 41.81 -3.81 -0.74
C ASN G 224 42.96 -4.80 -0.46
N GLY G 225 43.90 -4.38 0.38
CA GLY G 225 45.00 -5.25 0.75
C GLY G 225 46.14 -5.23 -0.25
N ASN G 226 45.86 -4.79 -1.47
CA ASN G 226 46.89 -4.73 -2.51
C ASN G 226 47.63 -3.38 -2.57
N THR G 227 48.80 -3.41 -3.19
CA THR G 227 49.59 -2.19 -3.33
C THR G 227 50.19 -2.15 -4.73
N SER G 228 50.01 -1.04 -5.42
CA SER G 228 50.62 -0.91 -6.73
C SER G 228 52.10 -0.61 -6.55
N VAL G 229 52.97 -1.38 -7.20
CA VAL G 229 54.40 -1.03 -7.24
C VAL G 229 54.85 -0.93 -8.68
N GLY G 230 55.55 0.15 -9.02
CA GLY G 230 56.10 0.31 -10.36
C GLY G 230 57.52 0.82 -10.36
N PHE G 231 58.39 0.19 -11.17
CA PHE G 231 59.70 0.72 -11.50
C PHE G 231 59.63 1.58 -12.75
N VAL G 232 60.13 2.81 -12.65
CA VAL G 232 60.20 3.71 -13.78
C VAL G 232 61.61 4.25 -13.96
N GLY G 233 62.00 4.42 -15.22
CA GLY G 233 63.29 4.98 -15.51
C GLY G 233 63.99 4.48 -16.75
N GLU G 234 65.32 4.48 -16.65
CA GLU G 234 66.21 4.12 -17.73
C GLU G 234 65.92 2.75 -18.28
N PRO G 235 65.48 2.70 -19.55
CA PRO G 235 65.22 1.47 -20.29
C PRO G 235 66.40 0.53 -20.20
N SER G 236 67.61 1.07 -20.17
CA SER G 236 68.77 0.20 -20.08
C SER G 236 68.76 -0.53 -18.75
N TYR G 237 68.15 0.07 -17.73
CA TYR G 237 68.15 -0.57 -16.43
C TYR G 237 67.34 -1.86 -16.47
N PHE G 238 66.11 -1.73 -16.95
CA PHE G 238 65.23 -2.88 -17.14
C PHE G 238 65.93 -4.00 -17.90
N ASP G 239 66.74 -3.64 -18.89
CA ASP G 239 67.40 -4.63 -19.76
C ASP G 239 68.50 -5.40 -19.06
N GLU G 240 68.92 -4.93 -17.90
CA GLU G 240 69.88 -5.66 -17.10
C GLU G 240 69.17 -6.88 -16.48
N TYR G 241 67.84 -6.89 -16.56
CA TYR G 241 67.08 -8.02 -16.06
C TYR G 241 66.48 -8.86 -17.18
N THR G 242 66.54 -10.17 -16.99
CA THR G 242 66.13 -11.12 -18.02
C THR G 242 65.05 -12.08 -17.49
N GLY G 243 64.20 -12.56 -18.39
CA GLY G 243 63.14 -13.46 -18.01
C GLY G 243 61.72 -12.90 -18.14
N THR G 244 60.80 -13.61 -17.52
CA THR G 244 59.39 -13.26 -17.47
C THR G 244 59.20 -11.90 -16.77
N PRO G 245 58.14 -11.17 -17.15
CA PRO G 245 57.72 -9.98 -16.42
C PRO G 245 57.70 -10.20 -14.91
N GLU G 246 57.13 -11.32 -14.47
CA GLU G 246 57.10 -11.61 -13.04
C GLU G 246 58.51 -11.78 -12.49
N GLU G 247 59.35 -12.51 -13.20
CA GLU G 247 60.71 -12.76 -12.73
C GLU G 247 61.57 -11.49 -12.66
N ARG G 248 61.39 -10.62 -13.64
CA ARG G 248 62.15 -9.37 -13.72
C ARG G 248 61.69 -8.38 -12.66
N MSE G 249 60.38 -8.19 -12.56
CA MSE G 249 59.78 -7.47 -11.43
C MSE G 249 60.38 -7.96 -10.11
O MSE G 249 61.11 -7.22 -9.45
CB MSE G 249 58.25 -7.64 -11.45
CG MSE G 249 57.48 -6.66 -10.54
SE MSE G 249 57.59 -4.82 -11.18
CE MSE G 249 57.48 -3.85 -9.49
N ARG G 250 60.10 -9.20 -9.73
CA ARG G 250 60.57 -9.73 -8.44
C ARG G 250 62.08 -9.59 -8.22
N ALA G 251 62.88 -9.76 -9.28
CA ALA G 251 64.31 -9.53 -9.21
C ALA G 251 64.65 -8.04 -9.04
N MSE G 252 63.77 -7.18 -9.55
CA MSE G 252 63.93 -5.73 -9.45
C MSE G 252 63.64 -5.23 -8.04
O MSE G 252 64.47 -4.57 -7.42
CB MSE G 252 63.09 -5.01 -10.51
CG MSE G 252 63.66 -5.14 -11.91
SE MSE G 252 62.71 -4.04 -13.16
CE MSE G 252 63.85 -2.46 -13.12
N ILE G 253 62.45 -5.56 -7.55
CA ILE G 253 62.11 -5.45 -6.14
C ILE G 253 63.26 -5.91 -5.22
N ALA G 254 63.68 -7.16 -5.37
CA ALA G 254 64.71 -7.70 -4.48
C ALA G 254 66.02 -6.90 -4.51
N ASN G 255 66.15 -5.99 -5.47
CA ASN G 255 67.33 -5.15 -5.48
C ASN G 255 67.15 -3.78 -4.78
N GLU G 256 66.02 -3.62 -4.09
CA GLU G 256 65.74 -2.39 -3.36
C GLU G 256 65.47 -2.65 -1.89
N GLY G 257 66.47 -2.32 -1.09
CA GLY G 257 66.40 -2.47 0.35
C GLY G 257 65.06 -2.09 0.99
N HIS G 258 64.51 -0.95 0.61
CA HIS G 258 63.30 -0.43 1.26
C HIS G 258 62.06 -1.32 1.09
N ILE G 259 62.05 -2.13 0.04
CA ILE G 259 60.91 -3.00 -0.21
C ILE G 259 61.24 -4.48 -0.38
N ALA G 260 62.53 -4.83 -0.46
CA ALA G 260 62.90 -6.22 -0.73
C ALA G 260 62.16 -7.25 0.13
N GLU G 261 62.28 -7.12 1.45
CA GLU G 261 61.72 -8.12 2.34
C GLU G 261 60.19 -8.06 2.42
N ARG G 262 59.65 -6.86 2.18
CA ARG G 262 58.21 -6.65 2.19
C ARG G 262 57.44 -7.50 1.17
N PHE G 263 57.91 -7.47 -0.08
CA PHE G 263 57.14 -8.00 -1.19
C PHE G 263 57.68 -9.34 -1.69
N LYS G 264 58.84 -9.74 -1.17
CA LYS G 264 59.43 -11.03 -1.50
C LYS G 264 58.45 -12.17 -1.24
N SER G 265 58.09 -12.92 -2.29
CA SER G 265 57.26 -14.11 -2.14
C SER G 265 55.78 -13.80 -2.06
N GLU G 266 55.43 -12.53 -2.11
CA GLU G 266 54.04 -12.11 -2.12
C GLU G 266 53.41 -12.23 -3.52
N GLU G 267 52.13 -12.54 -3.58
CA GLU G 267 51.46 -12.77 -4.85
C GLU G 267 51.32 -11.49 -5.68
N PHE G 268 51.39 -11.64 -7.01
CA PHE G 268 51.07 -10.56 -7.92
C PHE G 268 49.65 -10.80 -8.42
N LEU G 269 48.83 -9.77 -8.47
CA LEU G 269 47.44 -9.91 -8.89
C LEU G 269 47.32 -10.15 -10.39
N PHE G 270 48.27 -9.61 -11.14
CA PHE G 270 48.32 -9.83 -12.58
C PHE G 270 49.77 -9.73 -13.00
N GLU G 271 50.09 -10.32 -14.14
CA GLU G 271 51.41 -10.23 -14.72
C GLU G 271 51.89 -8.77 -14.88
N PRO G 272 53.10 -8.47 -14.38
CA PRO G 272 53.59 -7.08 -14.43
C PRO G 272 53.52 -6.55 -15.86
N ARG G 273 53.13 -5.29 -16.02
CA ARG G 273 52.92 -4.74 -17.34
C ARG G 273 53.94 -3.68 -17.69
N THR G 274 54.31 -3.61 -18.97
CA THR G 274 55.29 -2.64 -19.44
C THR G 274 54.62 -1.50 -20.20
N ILE G 275 54.96 -0.27 -19.83
CA ILE G 275 54.63 0.91 -20.63
C ILE G 275 55.92 1.61 -21.03
N GLU G 276 55.95 2.15 -22.25
CA GLU G 276 57.17 2.82 -22.74
C GLU G 276 56.83 4.15 -23.42
N GLY G 277 57.71 5.13 -23.26
CA GLY G 277 57.56 6.45 -23.89
C GLY G 277 56.21 7.13 -23.71
N TYR G 278 55.70 7.11 -22.48
CA TYR G 278 54.37 7.65 -22.14
C TYR G 278 54.23 9.17 -22.32
N ALA G 279 55.35 9.88 -22.29
CA ALA G 279 55.35 11.34 -22.41
C ALA G 279 55.18 11.83 -23.87
N ILE G 280 54.09 12.57 -24.10
CA ILE G 280 53.76 13.10 -25.42
C ILE G 280 53.09 14.47 -25.29
N SER G 281 53.23 15.29 -26.33
CA SER G 281 52.65 16.63 -26.40
C SER G 281 51.64 16.73 -27.56
N ALA G 282 50.95 17.86 -27.67
CA ALA G 282 50.11 18.11 -28.82
C ALA G 282 50.45 19.47 -29.45
N SER G 283 50.14 19.62 -30.75
CA SER G 283 50.35 20.88 -31.45
C SER G 283 49.42 21.96 -30.84
N LYS G 284 48.13 21.87 -31.13
CA LYS G 284 47.16 22.74 -30.45
C LYS G 284 46.29 21.97 -29.47
N LEU G 285 45.73 22.68 -28.50
CA LEU G 285 44.91 22.07 -27.46
C LEU G 285 43.44 22.31 -27.72
N TYR G 286 43.12 23.19 -28.66
CA TYR G 286 41.75 23.48 -29.02
C TYR G 286 41.68 23.84 -30.49
N GLY G 287 40.47 24.10 -30.97
CA GLY G 287 40.20 24.48 -32.34
C GLY G 287 38.72 24.84 -32.39
N ASP G 288 38.15 24.91 -33.58
CA ASP G 288 36.71 25.16 -33.71
C ASP G 288 35.90 23.94 -33.32
N GLY G 289 35.16 24.05 -32.22
CA GLY G 289 34.25 23.00 -31.79
C GLY G 289 34.87 21.96 -30.90
N PHE G 290 36.11 22.20 -30.47
CA PHE G 290 36.81 21.20 -29.64
C PHE G 290 37.96 21.73 -28.81
N VAL G 291 38.20 21.02 -27.71
CA VAL G 291 39.28 21.27 -26.78
C VAL G 291 39.76 19.89 -26.36
N LEU G 292 41.07 19.74 -26.12
CA LEU G 292 41.64 18.50 -25.58
C LEU G 292 41.85 18.59 -24.06
N THR G 293 41.66 17.48 -23.35
CA THR G 293 41.86 17.48 -21.91
C THR G 293 42.67 16.28 -21.47
N GLY G 294 43.05 16.25 -20.21
CA GLY G 294 43.74 15.11 -19.62
C GLY G 294 44.88 14.66 -20.49
N ASN G 295 44.94 13.36 -20.77
CA ASN G 295 46.12 12.82 -21.44
C ASN G 295 46.00 12.65 -22.97
N ALA G 296 44.97 13.25 -23.55
CA ALA G 296 44.88 13.48 -25.00
C ALA G 296 45.53 14.85 -25.29
N THR G 297 45.95 15.49 -24.21
CA THR G 297 46.60 16.79 -24.24
C THR G 297 48.12 16.67 -24.08
N GLU G 298 48.56 16.65 -22.80
CA GLU G 298 49.98 16.67 -22.44
C GLU G 298 50.28 15.85 -21.16
N PHE G 299 51.21 14.91 -21.27
CA PHE G 299 51.71 14.15 -20.11
C PHE G 299 53.21 14.36 -19.89
N LEU G 300 53.60 14.42 -18.61
CA LEU G 300 54.99 14.64 -18.19
C LEU G 300 55.71 13.36 -17.75
N ASP G 301 55.47 13.00 -16.50
CA ASP G 301 56.18 11.89 -15.85
C ASP G 301 55.53 11.62 -14.50
N PRO G 302 55.31 10.34 -14.20
CA PRO G 302 54.51 9.99 -13.03
C PRO G 302 55.20 10.22 -11.66
N ILE G 303 56.36 10.85 -11.59
CA ILE G 303 56.80 11.32 -10.27
C ILE G 303 55.85 12.46 -9.93
N PHE G 304 55.43 12.50 -8.67
CA PHE G 304 54.53 13.54 -8.21
C PHE G 304 53.09 13.22 -8.56
N SER G 305 52.89 12.08 -9.23
CA SER G 305 51.54 11.54 -9.46
C SER G 305 50.50 12.61 -9.83
N SER G 306 50.66 13.30 -10.94
CA SER G 306 49.76 14.41 -11.26
C SER G 306 48.68 14.12 -12.32
N GLY G 307 48.76 12.97 -12.96
CA GLY G 307 47.98 12.75 -14.17
C GLY G 307 46.49 12.91 -14.02
N ALA G 308 45.87 12.06 -13.21
CA ALA G 308 44.45 12.14 -13.01
C ALA G 308 44.00 13.54 -12.59
N THR G 309 44.79 14.17 -11.73
CA THR G 309 44.46 15.52 -11.26
C THR G 309 44.45 16.49 -12.41
N PHE G 310 45.48 16.42 -13.26
CA PHE G 310 45.52 17.28 -14.44
C PHE G 310 44.34 16.96 -15.32
N ALA G 311 44.10 15.66 -15.49
CA ALA G 311 42.97 15.17 -16.27
C ALA G 311 41.69 15.84 -15.77
N MSE G 312 41.44 15.76 -14.47
CA MSE G 312 40.31 16.45 -13.86
C MSE G 312 40.38 17.99 -13.96
O MSE G 312 39.34 18.68 -14.13
CB MSE G 312 40.11 15.99 -12.42
CG MSE G 312 39.24 14.76 -12.30
SE MSE G 312 39.28 13.89 -10.54
CE MSE G 312 41.06 13.02 -10.71
N GLU G 313 41.59 18.54 -13.90
CA GLU G 313 41.76 19.99 -14.00
C GLU G 313 41.38 20.48 -15.41
N SER G 314 41.70 19.69 -16.44
CA SER G 314 41.42 20.13 -17.82
C SER G 314 39.98 19.88 -18.24
N GLY G 315 39.42 18.76 -17.80
CA GLY G 315 38.01 18.50 -18.07
C GLY G 315 37.20 19.62 -17.47
N SER G 316 37.52 19.94 -16.23
CA SER G 316 36.82 20.97 -15.49
C SER G 316 36.86 22.29 -16.24
N LYS G 317 38.07 22.77 -16.54
CA LYS G 317 38.20 24.03 -17.26
C LYS G 317 37.60 23.93 -18.67
N GLY G 318 37.69 22.74 -19.27
CA GLY G 318 37.12 22.50 -20.59
C GLY G 318 35.61 22.44 -20.60
N GLY G 319 35.04 21.65 -19.68
CA GLY G 319 33.61 21.65 -19.45
C GLY G 319 33.15 23.09 -19.31
N LYS G 320 33.70 23.81 -18.32
CA LYS G 320 33.23 25.16 -17.97
C LYS G 320 33.26 26.17 -19.12
N LEU G 321 34.33 26.13 -19.91
CA LEU G 321 34.45 27.01 -21.07
C LEU G 321 33.52 26.60 -22.19
N ALA G 322 33.37 25.28 -22.40
CA ALA G 322 32.41 24.78 -23.38
C ALA G 322 31.05 25.43 -23.11
N VAL G 323 30.69 25.46 -21.83
CA VAL G 323 29.41 26.04 -21.42
C VAL G 323 29.33 27.50 -21.87
N GLN G 324 30.38 28.26 -21.58
CA GLN G 324 30.40 29.66 -21.98
C GLN G 324 30.16 29.73 -23.49
N PHE G 325 30.84 28.86 -24.24
CA PHE G 325 30.70 28.84 -25.69
C PHE G 325 29.26 28.54 -26.09
N LEU G 326 28.66 27.55 -25.47
CA LEU G 326 27.29 27.19 -25.84
C LEU G 326 26.35 28.37 -25.61
N LYS G 327 26.67 29.19 -24.61
CA LYS G 327 25.78 30.26 -24.17
C LYS G 327 25.86 31.46 -25.10
N GLY G 328 26.88 31.49 -25.94
CA GLY G 328 27.08 32.60 -26.84
C GLY G 328 28.16 33.56 -26.39
N GLU G 329 28.81 33.25 -25.27
CA GLU G 329 29.90 34.09 -24.80
C GLU G 329 31.18 33.87 -25.63
N GLU G 330 32.02 34.89 -25.73
CA GLU G 330 33.25 34.75 -26.49
C GLU G 330 34.36 34.22 -25.58
N VAL G 331 34.98 33.11 -25.97
CA VAL G 331 35.95 32.44 -25.12
C VAL G 331 37.36 32.65 -25.63
N ASN G 332 38.28 33.00 -24.74
CA ASN G 332 39.68 33.02 -25.12
C ASN G 332 40.35 31.73 -24.70
N TRP G 333 40.27 30.74 -25.58
CA TRP G 333 40.81 29.43 -25.29
C TRP G 333 42.31 29.49 -24.95
N GLU G 334 43.07 30.24 -25.75
CA GLU G 334 44.52 30.34 -25.52
C GLU G 334 44.84 30.84 -24.12
N LYS G 335 44.03 31.78 -23.65
CA LYS G 335 44.23 32.36 -22.33
C LYS G 335 43.55 31.57 -21.22
N ASP G 336 42.28 31.24 -21.39
CA ASP G 336 41.51 30.74 -20.27
C ASP G 336 41.65 29.25 -20.07
N PHE G 337 42.21 28.59 -21.08
CA PHE G 337 42.42 27.16 -20.99
C PHE G 337 43.90 26.76 -21.19
N VAL G 338 44.47 27.11 -22.35
CA VAL G 338 45.84 26.70 -22.66
C VAL G 338 46.84 27.23 -21.63
N GLU G 339 46.87 28.54 -21.44
CA GLU G 339 47.76 29.16 -20.44
C GLU G 339 47.57 28.57 -19.04
N HIS G 340 46.32 28.37 -18.63
CA HIS G 340 46.03 27.80 -17.33
C HIS G 340 46.65 26.43 -17.15
N MSE G 341 46.38 25.51 -18.08
CA MSE G 341 46.98 24.16 -18.02
C MSE G 341 48.50 24.22 -18.00
O MSE G 341 49.15 23.49 -17.26
CB MSE G 341 46.50 23.26 -19.17
CG MSE G 341 45.03 22.91 -19.19
SE MSE G 341 44.43 22.25 -17.45
CE MSE G 341 45.74 20.79 -17.28
N MSE G 342 49.07 25.07 -18.83
CA MSE G 342 50.54 25.17 -18.91
C MSE G 342 51.18 25.76 -17.64
O MSE G 342 52.31 25.43 -17.30
CB MSE G 342 50.95 25.91 -20.17
CG MSE G 342 50.40 25.26 -21.43
SE MSE G 342 51.00 23.39 -21.56
CE MSE G 342 50.09 22.95 -23.22
N GLN G 343 50.46 26.63 -16.93
CA GLN G 343 50.92 27.10 -15.62
C GLN G 343 51.15 25.90 -14.69
N GLY G 344 50.16 25.03 -14.59
CA GLY G 344 50.31 23.81 -13.83
C GLY G 344 51.37 22.89 -14.39
N ILE G 345 51.30 22.60 -15.69
CA ILE G 345 52.17 21.60 -16.30
C ILE G 345 53.64 22.04 -16.30
N ASP G 346 53.88 23.33 -16.51
CA ASP G 346 55.24 23.90 -16.45
C ASP G 346 55.83 23.74 -15.03
N THR G 347 55.03 23.96 -14.00
CA THR G 347 55.53 23.86 -12.65
C THR G 347 56.05 22.47 -12.31
N PHE G 348 55.22 21.44 -12.51
CA PHE G 348 55.67 20.06 -12.22
C PHE G 348 56.86 19.66 -13.07
N ARG G 349 56.87 20.12 -14.31
CA ARG G 349 57.92 19.81 -15.26
C ARG G 349 59.27 20.24 -14.71
N SER G 350 59.33 21.45 -14.18
CA SER G 350 60.50 21.91 -13.47
C SER G 350 60.83 21.00 -12.28
N PHE G 351 59.82 20.56 -11.53
CA PHE G 351 60.09 19.65 -10.40
C PHE G 351 60.57 18.28 -10.88
N VAL G 352 60.09 17.86 -12.05
CA VAL G 352 60.59 16.65 -12.69
C VAL G 352 62.06 16.80 -13.12
N THR G 353 62.37 17.90 -13.80
CA THR G 353 63.76 18.18 -14.13
C THR G 353 64.60 18.19 -12.85
N GLY G 354 64.06 18.78 -11.80
CA GLY G 354 64.73 18.88 -10.53
C GLY G 354 64.97 17.53 -9.90
N TRP G 355 64.01 16.63 -10.10
CA TRP G 355 64.16 15.24 -9.64
C TRP G 355 65.37 14.51 -10.22
N TYR G 356 65.52 14.54 -11.54
CA TYR G 356 66.54 13.72 -12.16
C TYR G 356 67.90 14.40 -12.22
N ASP G 357 68.01 15.61 -11.67
CA ASP G 357 69.32 16.29 -11.72
C ASP G 357 69.92 16.64 -10.34
N GLY G 358 69.42 15.98 -9.31
CA GLY G 358 70.06 16.09 -8.01
C GLY G 358 69.60 17.25 -7.19
N THR G 359 69.16 18.32 -7.86
CA THR G 359 68.70 19.51 -7.15
C THR G 359 67.58 19.19 -6.14
N LEU G 360 66.47 18.64 -6.61
CA LEU G 360 65.33 18.43 -5.75
C LEU G 360 65.68 17.46 -4.63
N HIS G 361 66.42 16.40 -4.96
CA HIS G 361 66.81 15.41 -3.98
C HIS G 361 67.59 16.07 -2.84
N ALA G 362 68.48 16.99 -3.21
CA ALA G 362 69.33 17.69 -2.23
C ALA G 362 68.51 18.63 -1.34
N VAL G 363 67.45 19.20 -1.92
CA VAL G 363 66.47 19.91 -1.12
C VAL G 363 65.70 18.96 -0.20
N PHE G 364 65.27 17.81 -0.75
CA PHE G 364 64.40 16.86 -0.03
C PHE G 364 65.09 16.27 1.19
N PHE G 365 66.40 16.04 1.05
CA PHE G 365 67.18 15.29 2.04
C PHE G 365 68.33 16.06 2.71
N ALA G 366 68.22 17.39 2.77
CA ALA G 366 69.22 18.21 3.44
C ALA G 366 69.14 17.99 4.96
N LYS G 367 70.25 18.16 5.66
CA LYS G 367 70.20 18.00 7.11
C LYS G 367 69.32 19.16 7.57
N ASN G 368 68.34 18.87 8.43
CA ASN G 368 67.45 19.91 8.94
C ASN G 368 66.78 20.79 7.88
N PRO G 369 65.76 20.23 7.20
CA PRO G 369 65.14 20.93 6.06
C PRO G 369 64.36 22.15 6.54
N ASP G 370 64.53 23.29 5.85
CA ASP G 370 63.84 24.51 6.23
C ASP G 370 62.34 24.26 6.26
N PRO G 371 61.70 24.57 7.38
CA PRO G 371 60.30 24.19 7.54
C PRO G 371 59.40 24.93 6.54
N ASP G 372 59.78 26.14 6.14
CA ASP G 372 59.02 26.87 5.15
C ASP G 372 59.24 26.36 3.72
N HIS G 373 60.50 26.16 3.36
CA HIS G 373 60.78 25.50 2.10
C HIS G 373 59.87 24.25 2.00
N LYS G 374 60.02 23.37 2.96
CA LYS G 374 59.25 22.13 3.02
C LYS G 374 57.76 22.38 2.80
N ARG G 375 57.27 23.47 3.37
CA ARG G 375 55.86 23.78 3.40
C ARG G 375 55.39 24.15 1.99
N MSE G 376 56.17 25.00 1.34
CA MSE G 376 55.84 25.46 0.02
C MSE G 376 55.94 24.30 -0.99
O MSE G 376 55.16 24.21 -1.94
CB MSE G 376 56.77 26.60 -0.37
CG MSE G 376 56.70 27.83 0.55
SE MSE G 376 58.36 28.85 0.39
CE MSE G 376 57.85 30.50 1.33
N ILE G 377 56.91 23.41 -0.76
CA ILE G 377 57.09 22.25 -1.61
C ILE G 377 55.90 21.32 -1.49
N CYS G 378 55.51 21.08 -0.25
CA CYS G 378 54.38 20.24 0.08
C CYS G 378 53.10 20.77 -0.58
N SER G 379 53.03 22.08 -0.79
CA SER G 379 51.92 22.64 -1.56
C SER G 379 52.04 22.33 -3.08
N VAL G 380 53.26 22.25 -3.59
CA VAL G 380 53.42 21.85 -4.98
C VAL G 380 53.06 20.38 -5.20
N LEU G 381 53.57 19.50 -4.33
CA LEU G 381 53.27 18.07 -4.34
C LEU G 381 51.78 17.78 -4.25
N ALA G 382 51.04 18.70 -3.65
CA ALA G 382 49.61 18.53 -3.49
C ALA G 382 48.85 19.03 -4.70
N GLY G 383 49.57 19.47 -5.74
CA GLY G 383 48.89 19.89 -6.96
C GLY G 383 48.45 21.34 -7.05
N TYR G 384 48.79 22.16 -6.06
CA TYR G 384 48.43 23.58 -6.05
C TYR G 384 49.47 24.43 -6.75
N VAL G 385 49.60 24.15 -8.05
CA VAL G 385 50.62 24.77 -8.89
C VAL G 385 50.06 25.98 -9.63
N TRP G 386 48.92 26.50 -9.17
CA TRP G 386 48.38 27.74 -9.74
C TRP G 386 48.43 28.91 -8.77
N ASP G 387 48.96 28.63 -7.56
CA ASP G 387 49.16 29.64 -6.52
C ASP G 387 50.49 30.39 -6.68
N LYS G 388 50.41 31.62 -7.19
CA LYS G 388 51.59 32.41 -7.52
C LYS G 388 52.24 33.08 -6.31
N ASN G 389 51.59 33.02 -5.17
CA ASN G 389 52.18 33.55 -3.95
C ASN G 389 53.17 32.52 -3.41
N ASN G 390 53.01 31.28 -3.85
CA ASN G 390 53.94 30.23 -3.47
C ASN G 390 55.23 30.39 -4.28
N PRO G 391 56.30 30.84 -3.61
CA PRO G 391 57.59 31.09 -4.26
C PRO G 391 58.02 29.92 -5.14
N PHE G 392 57.83 28.68 -4.66
CA PHE G 392 58.29 27.52 -5.44
C PHE G 392 57.53 27.38 -6.74
N VAL G 393 56.27 27.83 -6.75
CA VAL G 393 55.49 27.94 -7.98
C VAL G 393 55.92 29.12 -8.85
N LYS G 394 55.99 30.30 -8.22
CA LYS G 394 56.28 31.54 -8.92
C LYS G 394 57.62 31.48 -9.64
N LYS G 395 58.64 30.94 -8.97
CA LYS G 395 60.00 30.82 -9.56
C LYS G 395 60.42 29.37 -9.76
N HIS G 396 59.48 28.52 -10.19
CA HIS G 396 59.71 27.09 -10.23
C HIS G 396 60.90 26.69 -11.09
N ASN G 397 61.07 27.33 -12.24
CA ASN G 397 62.19 26.96 -13.13
C ASN G 397 63.55 27.49 -12.67
N THR G 398 63.57 28.09 -11.48
CA THR G 398 64.80 28.66 -10.91
C THR G 398 65.10 28.14 -9.52
N ILE G 399 64.06 27.97 -8.71
CA ILE G 399 64.28 27.92 -7.28
C ILE G 399 64.97 26.65 -6.79
N LEU G 400 65.00 25.60 -7.60
CA LEU G 400 65.63 24.35 -7.21
C LEU G 400 67.12 24.37 -7.48
N LYS G 401 67.51 24.99 -8.59
CA LYS G 401 68.93 25.24 -8.83
C LYS G 401 69.51 26.13 -7.72
N THR G 402 68.84 27.25 -7.46
CA THR G 402 69.29 28.22 -6.48
C THR G 402 69.37 27.58 -5.08
N LEU G 403 68.32 26.86 -4.72
CA LEU G 403 68.22 26.26 -3.39
C LEU G 403 69.31 25.24 -3.13
N ALA G 404 69.58 24.39 -4.11
CA ALA G 404 70.60 23.36 -3.94
C ALA G 404 71.95 24.01 -3.77
N LYS G 405 72.15 25.12 -4.48
CA LYS G 405 73.39 25.87 -4.44
C LYS G 405 73.51 26.69 -3.15
N VAL G 406 72.40 26.83 -2.43
CA VAL G 406 72.45 27.44 -1.12
C VAL G 406 72.87 26.39 -0.10
N ILE G 407 72.33 25.19 -0.26
CA ILE G 407 72.63 24.07 0.64
C ILE G 407 74.10 23.69 0.60
N GLN G 408 74.68 23.69 -0.60
CA GLN G 408 76.08 23.38 -0.79
C GLN G 408 76.96 24.37 -0.03
N MSE G 409 76.78 25.66 -0.33
CA MSE G 409 77.50 26.70 0.37
C MSE G 409 77.34 26.53 1.88
O MSE G 409 78.25 26.82 2.64
CB MSE G 409 77.01 28.08 -0.09
CG MSE G 409 77.25 28.36 -1.57
SE MSE G 409 79.14 28.28 -2.08
CE MSE G 409 79.06 26.92 -3.48
N GLY G 410 76.18 26.02 2.29
CA GLY G 410 75.89 25.82 3.70
C GLY G 410 76.72 24.67 4.28
N GLU G 411 77.10 23.73 3.44
CA GLU G 411 77.93 22.62 3.88
C GLU G 411 79.41 22.98 3.78
N GLU G 412 79.74 23.80 2.77
CA GLU G 412 81.08 24.36 2.61
C GLU G 412 81.38 25.33 3.75
N ALA G 413 80.39 25.56 4.61
CA ALA G 413 80.60 26.29 5.84
C ALA G 413 81.30 25.41 6.89
N LYS H 5 -18.87 33.91 3.55
CA LYS H 5 -18.91 35.37 3.82
C LYS H 5 -18.78 35.80 5.30
N VAL H 6 -17.56 36.15 5.72
CA VAL H 6 -17.32 36.73 7.06
C VAL H 6 -16.86 38.20 6.99
N ASP H 7 -16.95 38.89 8.14
CA ASP H 7 -16.36 40.22 8.33
C ASP H 7 -14.84 40.16 8.44
N VAL H 8 -14.38 39.46 9.48
CA VAL H 8 -12.96 39.26 9.70
C VAL H 8 -12.67 37.77 9.62
N LEU H 9 -11.70 37.38 8.82
CA LEU H 9 -11.24 35.99 8.78
C LEU H 9 -9.92 35.82 9.56
N VAL H 10 -9.98 35.04 10.64
CA VAL H 10 -8.79 34.70 11.43
C VAL H 10 -8.13 33.37 11.07
N ILE H 11 -6.93 33.45 10.52
CA ILE H 11 -6.15 32.26 10.19
C ILE H 11 -5.26 31.79 11.34
N GLY H 12 -5.71 30.78 12.07
CA GLY H 12 -4.93 30.23 13.17
C GLY H 12 -5.66 30.41 14.49
N ALA H 13 -5.81 29.31 15.23
CA ALA H 13 -6.41 29.35 16.53
C ALA H 13 -5.34 29.27 17.64
N GLY H 14 -4.24 29.98 17.45
CA GLY H 14 -3.21 30.06 18.48
C GLY H 14 -3.50 31.24 19.38
N PRO H 15 -2.55 31.57 20.25
CA PRO H 15 -2.72 32.68 21.21
C PRO H 15 -3.03 34.01 20.52
N ALA H 16 -2.43 34.28 19.36
CA ALA H 16 -2.68 35.52 18.64
C ALA H 16 -4.06 35.50 17.94
N GLY H 17 -4.38 34.36 17.32
CA GLY H 17 -5.67 34.20 16.70
C GLY H 17 -6.81 34.31 17.69
N THR H 18 -6.71 33.56 18.78
CA THR H 18 -7.79 33.55 19.77
C THR H 18 -8.08 34.93 20.36
N VAL H 19 -7.04 35.68 20.69
CA VAL H 19 -7.17 37.01 21.29
C VAL H 19 -7.66 38.04 20.30
N ALA H 20 -7.17 37.92 19.07
CA ALA H 20 -7.62 38.72 17.95
C ALA H 20 -9.13 38.51 17.77
N ALA H 21 -9.53 37.23 17.66
CA ALA H 21 -10.91 36.87 17.36
C ALA H 21 -11.84 37.39 18.45
N SER H 22 -11.42 37.23 19.69
CA SER H 22 -12.18 37.68 20.86
C SER H 22 -12.45 39.18 20.88
N LEU H 23 -11.46 39.98 20.52
CA LEU H 23 -11.62 41.42 20.56
C LEU H 23 -12.51 41.88 19.44
N VAL H 24 -12.33 41.27 18.27
CA VAL H 24 -13.16 41.57 17.11
C VAL H 24 -14.61 41.16 17.33
N ASN H 25 -14.79 39.99 17.93
CA ASN H 25 -16.13 39.48 18.26
C ASN H 25 -16.82 40.32 19.34
N LYS H 26 -16.00 40.89 20.22
CA LYS H 26 -16.47 41.68 21.35
C LYS H 26 -17.09 43.00 20.90
N SER H 27 -17.00 43.28 19.61
CA SER H 27 -17.36 44.60 19.10
C SER H 27 -18.51 44.60 18.10
N GLY H 28 -19.20 43.47 17.98
CA GLY H 28 -20.36 43.40 17.10
C GLY H 28 -20.11 42.71 15.77
N PHE H 29 -18.87 42.77 15.31
CA PHE H 29 -18.53 42.18 14.03
C PHE H 29 -18.45 40.66 14.07
N LYS H 30 -18.60 40.03 12.91
CA LYS H 30 -18.58 38.59 12.89
C LYS H 30 -17.29 38.02 12.33
N VAL H 31 -16.68 37.19 13.16
CA VAL H 31 -15.39 36.59 12.87
C VAL H 31 -15.42 35.07 13.04
N LYS H 32 -14.72 34.40 12.12
CA LYS H 32 -14.49 32.97 12.16
C LYS H 32 -12.97 32.74 12.26
N ILE H 33 -12.57 31.66 12.91
CA ILE H 33 -11.20 31.18 12.88
C ILE H 33 -11.13 29.89 12.07
N VAL H 34 -10.32 29.87 11.03
CA VAL H 34 -10.01 28.64 10.34
C VAL H 34 -8.68 28.10 10.89
N GLU H 35 -8.76 26.97 11.58
CA GLU H 35 -7.57 26.37 12.16
C GLU H 35 -7.19 25.10 11.39
N LYS H 36 -5.92 24.98 11.01
CA LYS H 36 -5.47 23.85 10.20
C LYS H 36 -5.51 22.50 10.93
N GLN H 37 -5.08 22.47 12.18
CA GLN H 37 -4.90 21.24 12.91
C GLN H 37 -6.10 20.98 13.79
N LYS H 38 -6.19 19.75 14.29
CA LYS H 38 -7.20 19.38 15.26
C LYS H 38 -6.70 19.70 16.68
N PHE H 39 -7.57 20.22 17.55
CA PHE H 39 -7.12 20.61 18.88
C PHE H 39 -7.38 19.53 19.90
N PRO H 40 -6.46 19.36 20.87
CA PRO H 40 -5.21 20.13 20.99
C PRO H 40 -4.14 19.61 20.06
N ARG H 41 -3.13 20.42 19.83
CA ARG H 41 -1.92 19.93 19.16
C ARG H 41 -0.74 20.56 19.85
N PHE H 42 0.41 19.92 19.72
CA PHE H 42 1.65 20.47 20.26
C PHE H 42 2.17 21.61 19.42
N VAL H 43 2.68 22.61 20.13
CA VAL H 43 3.50 23.64 19.55
C VAL H 43 4.32 24.11 20.73
N ILE H 44 5.56 24.50 20.47
CA ILE H 44 6.49 24.86 21.54
C ILE H 44 6.22 26.31 21.98
N GLY H 45 6.90 26.75 23.03
CA GLY H 45 6.71 28.09 23.57
C GLY H 45 5.86 28.04 24.81
N GLU H 46 6.46 27.69 25.94
CA GLU H 46 5.66 27.27 27.07
C GLU H 46 5.75 28.14 28.32
N SER H 47 6.74 29.02 28.37
CA SER H 47 6.84 29.93 29.51
C SER H 47 6.24 31.26 29.10
N LEU H 48 5.19 31.67 29.79
CA LEU H 48 4.51 32.90 29.48
C LEU H 48 5.09 34.08 30.27
N LEU H 49 4.70 35.30 29.90
CA LEU H 49 5.18 36.48 30.59
C LEU H 49 4.00 37.22 31.22
N PRO H 50 4.22 37.85 32.37
CA PRO H 50 3.14 38.62 33.02
C PRO H 50 2.44 39.67 32.12
N ARG H 51 3.16 40.24 31.15
CA ARG H 51 2.53 41.11 30.14
C ARG H 51 1.25 40.53 29.48
N CYS H 52 1.23 39.22 29.23
CA CYS H 52 0.15 38.57 28.48
C CYS H 52 -1.13 38.44 29.31
N MSE H 53 -0.98 38.52 30.64
CA MSE H 53 -2.11 38.44 31.53
C MSE H 53 -3.08 39.55 31.17
O MSE H 53 -4.29 39.34 31.15
CB MSE H 53 -1.68 38.51 32.99
CG MSE H 53 -0.71 37.42 33.39
SE MSE H 53 -1.49 35.63 33.28
CE MSE H 53 -2.21 35.57 35.11
N GLU H 54 -2.53 40.72 30.86
CA GLU H 54 -3.33 41.87 30.44
C GLU H 54 -4.20 41.61 29.20
N HIS H 55 -3.72 40.80 28.25
CA HIS H 55 -4.51 40.44 27.08
C HIS H 55 -5.44 39.25 27.35
N LEU H 56 -4.98 38.32 28.18
CA LEU H 56 -5.79 37.18 28.59
C LEU H 56 -6.97 37.68 29.43
N ASP H 57 -6.78 38.80 30.10
CA ASP H 57 -7.81 39.36 30.94
C ASP H 57 -8.82 40.14 30.11
N GLU H 58 -8.35 40.86 29.09
CA GLU H 58 -9.19 41.73 28.29
C GLU H 58 -10.00 40.96 27.27
N ALA H 59 -9.52 39.77 26.92
CA ALA H 59 -10.25 38.94 25.98
C ALA H 59 -11.18 37.93 26.70
N GLY H 60 -11.38 38.13 28.00
CA GLY H 60 -12.21 37.26 28.81
C GLY H 60 -11.70 35.81 28.87
N PHE H 61 -10.40 35.59 28.83
CA PHE H 61 -9.87 34.25 28.73
C PHE H 61 -9.28 33.73 30.03
N LEU H 62 -9.23 34.56 31.03
CA LEU H 62 -8.39 34.38 32.16
C LEU H 62 -8.94 33.53 33.27
N ASP H 63 -10.26 33.43 33.29
CA ASP H 63 -10.95 32.54 34.18
C ASP H 63 -10.82 31.11 33.69
N ALA H 64 -10.97 30.92 32.40
CA ALA H 64 -10.89 29.62 31.84
C ALA H 64 -9.47 29.11 31.89
N VAL H 65 -8.53 30.04 31.88
CA VAL H 65 -7.13 29.69 32.00
C VAL H 65 -6.77 29.24 33.41
N LYS H 66 -7.21 29.99 34.41
CA LYS H 66 -7.12 29.55 35.81
C LYS H 66 -7.73 28.15 36.04
N ALA H 67 -8.93 27.92 35.53
CA ALA H 67 -9.64 26.65 35.77
C ALA H 67 -8.86 25.42 35.33
N GLN H 68 -7.77 25.62 34.58
CA GLN H 68 -6.93 24.53 34.14
C GLN H 68 -5.93 24.11 35.23
N GLY H 69 -5.58 25.06 36.09
CA GLY H 69 -4.62 24.82 37.14
C GLY H 69 -3.19 24.59 36.64
N PHE H 70 -2.73 25.41 35.71
CA PHE H 70 -1.36 25.32 35.20
C PHE H 70 -0.34 25.72 36.27
N GLN H 71 0.93 25.37 36.01
CA GLN H 71 2.01 25.69 36.93
C GLN H 71 2.23 27.19 36.99
N GLN H 72 2.20 27.77 38.18
CA GLN H 72 2.41 29.20 38.34
C GLN H 72 3.87 29.62 38.14
N LYS H 73 4.04 30.76 37.47
CA LYS H 73 5.36 31.34 37.22
C LYS H 73 5.46 32.71 37.91
N PHE H 74 6.44 32.87 38.80
CA PHE H 74 6.62 34.16 39.46
C PHE H 74 7.93 34.84 39.09
N GLY H 75 8.70 34.24 38.18
CA GLY H 75 10.01 34.78 37.86
C GLY H 75 10.87 33.97 36.90
N ALA H 76 12.06 34.48 36.66
CA ALA H 76 12.97 33.78 35.79
C ALA H 76 14.30 33.66 36.52
N LYS H 77 14.85 32.44 36.57
CA LYS H 77 16.13 32.23 37.24
C LYS H 77 17.21 31.90 36.23
N PHE H 78 18.34 32.56 36.35
CA PHE H 78 19.45 32.31 35.43
C PHE H 78 20.62 31.62 36.16
N VAL H 79 21.05 30.50 35.60
CA VAL H 79 22.03 29.63 36.23
C VAL H 79 23.32 29.57 35.42
N ARG H 80 24.46 29.66 36.11
CA ARG H 80 25.76 29.42 35.49
C ARG H 80 26.73 28.86 36.51
N GLY H 81 26.95 27.56 36.46
CA GLY H 81 27.72 26.88 37.48
C GLY H 81 26.93 26.91 38.77
N LYS H 82 27.53 27.46 39.81
CA LYS H 82 26.86 27.63 41.08
C LYS H 82 26.24 29.02 41.13
N GLU H 83 26.60 29.87 40.16
CA GLU H 83 26.11 31.25 40.11
C GLU H 83 24.61 31.31 39.79
N ILE H 84 23.90 32.22 40.45
CA ILE H 84 22.47 32.34 40.25
C ILE H 84 21.98 33.79 40.27
N ALA H 85 21.25 34.18 39.24
CA ALA H 85 20.56 35.46 39.24
C ALA H 85 19.04 35.22 39.13
N ASP H 86 18.36 35.45 40.24
CA ASP H 86 16.94 35.18 40.35
C ASP H 86 16.16 36.46 40.10
N PHE H 87 15.22 36.42 39.17
CA PHE H 87 14.41 37.61 38.91
C PHE H 87 12.96 37.39 39.31
N ASN H 88 12.55 38.06 40.38
CA ASN H 88 11.20 37.94 40.94
C ASN H 88 10.28 39.06 40.41
N PHE H 89 9.25 38.71 39.65
CA PHE H 89 8.40 39.71 39.00
C PHE H 89 7.68 40.61 39.97
N SER H 90 7.69 40.22 41.24
CA SER H 90 7.01 40.98 42.28
C SER H 90 7.84 42.20 42.65
N ASP H 91 9.07 42.18 42.22
CA ASP H 91 10.02 43.22 42.52
C ASP H 91 10.45 43.81 41.19
N GLN H 92 9.71 44.79 40.69
CA GLN H 92 10.07 45.36 39.39
C GLN H 92 9.94 46.87 39.31
N PHE H 93 10.39 47.41 38.19
CA PHE H 93 10.38 48.85 37.97
C PHE H 93 9.00 49.37 37.46
N SER H 94 8.34 48.62 36.57
CA SER H 94 7.11 49.08 35.96
C SER H 94 5.85 48.61 36.69
N ASN H 95 4.76 49.34 36.50
CA ASN H 95 3.45 48.84 36.86
C ASN H 95 3.19 47.64 35.98
N GLY H 96 2.54 46.63 36.54
CA GLY H 96 2.28 45.46 35.73
C GLY H 96 2.07 44.22 36.55
N TRP H 97 1.57 43.19 35.89
CA TRP H 97 1.35 41.92 36.55
C TRP H 97 2.68 41.43 37.08
N ASN H 98 2.62 40.56 38.07
CA ASN H 98 3.86 40.00 38.59
C ASN H 98 3.79 38.51 38.59
N TRP H 99 2.86 37.95 37.82
CA TRP H 99 2.75 36.50 37.74
C TRP H 99 2.05 36.00 36.48
N THR H 100 2.30 34.75 36.16
CA THR H 100 1.74 34.14 34.96
C THR H 100 1.88 32.61 35.10
N TRP H 101 2.00 31.89 33.99
CA TRP H 101 1.92 30.44 34.07
C TRP H 101 2.99 29.74 33.25
N GLN H 102 3.24 28.48 33.58
CA GLN H 102 3.98 27.59 32.67
C GLN H 102 2.92 26.70 32.04
N VAL H 103 2.78 26.74 30.72
CA VAL H 103 1.64 26.07 30.11
C VAL H 103 2.02 25.11 29.01
N PRO H 104 1.48 23.90 29.05
CA PRO H 104 1.59 23.14 27.80
C PRO H 104 0.61 23.77 26.81
N ARG H 105 1.11 24.12 25.62
CA ARG H 105 0.36 24.96 24.69
C ARG H 105 -0.84 24.25 24.03
N GLY H 106 -0.76 22.93 23.92
CA GLY H 106 -1.86 22.16 23.42
C GLY H 106 -3.09 22.42 24.27
N ASN H 107 -2.97 22.17 25.56
CA ASN H 107 -4.06 22.44 26.47
C ASN H 107 -4.32 23.93 26.56
N PHE H 108 -3.25 24.73 26.65
CA PHE H 108 -3.43 26.16 26.85
C PHE H 108 -4.17 26.82 25.68
N ASP H 109 -3.80 26.50 24.44
CA ASP H 109 -4.39 27.19 23.29
C ASP H 109 -5.82 26.71 22.96
N LYS H 110 -6.08 25.44 23.18
CA LYS H 110 -7.42 24.92 23.07
C LYS H 110 -8.27 25.62 24.13
N THR H 111 -7.69 25.85 25.29
CA THR H 111 -8.44 26.47 26.38
C THR H 111 -8.89 27.87 26.02
N LEU H 112 -8.03 28.59 25.30
CA LEU H 112 -8.36 29.92 24.81
C LEU H 112 -9.35 29.82 23.64
N ALA H 113 -9.16 28.83 22.78
CA ALA H 113 -10.02 28.63 21.63
C ALA H 113 -11.42 28.20 22.01
N ASP H 114 -11.54 27.34 23.03
CA ASP H 114 -12.87 26.91 23.46
C ASP H 114 -13.64 28.07 24.11
N GLU H 115 -12.93 28.96 24.80
CA GLU H 115 -13.55 30.15 25.35
C GLU H 115 -13.89 31.17 24.26
N ALA H 116 -13.10 31.23 23.20
CA ALA H 116 -13.40 32.07 22.05
C ALA H 116 -14.70 31.62 21.40
N ALA H 117 -14.87 30.31 21.22
CA ALA H 117 -16.10 29.70 20.68
C ALA H 117 -17.33 29.97 21.55
N ARG H 118 -17.27 29.49 22.78
CA ARG H 118 -18.22 29.88 23.83
C ARG H 118 -18.54 31.38 23.83
N GLN H 119 -17.54 32.23 23.58
CA GLN H 119 -17.79 33.68 23.42
C GLN H 119 -18.58 34.05 22.16
N GLY H 120 -18.57 33.18 21.16
CA GLY H 120 -19.33 33.47 19.95
C GLY H 120 -18.51 33.55 18.68
N VAL H 121 -17.19 33.44 18.81
CA VAL H 121 -16.35 33.21 17.65
C VAL H 121 -16.68 31.81 17.18
N ASP H 122 -16.75 31.60 15.86
CA ASP H 122 -16.88 30.25 15.37
C ASP H 122 -15.52 29.76 14.89
N VAL H 123 -15.03 28.72 15.57
CA VAL H 123 -13.75 28.14 15.30
C VAL H 123 -13.91 26.78 14.61
N GLU H 124 -13.60 26.75 13.31
CA GLU H 124 -13.58 25.52 12.54
C GLU H 124 -12.15 24.97 12.53
N TYR H 125 -12.01 23.70 12.89
CA TYR H 125 -10.70 23.05 12.98
C TYR H 125 -10.44 22.19 11.74
N GLU H 126 -9.26 21.57 11.70
CA GLU H 126 -8.85 20.72 10.58
C GLU H 126 -9.12 21.32 9.19
N VAL H 127 -9.02 22.64 9.13
CA VAL H 127 -9.26 23.34 7.88
C VAL H 127 -8.05 24.24 7.53
N GLY H 128 -7.46 23.98 6.37
CA GLY H 128 -6.21 24.59 6.00
C GLY H 128 -6.33 25.57 4.87
N VAL H 129 -5.90 26.82 5.14
CA VAL H 129 -5.82 27.87 4.13
C VAL H 129 -4.88 27.47 3.00
N THR H 130 -5.36 27.55 1.77
CA THR H 130 -4.57 27.10 0.63
C THR H 130 -4.37 28.22 -0.38
N ASP H 131 -5.09 29.30 -0.22
CA ASP H 131 -5.01 30.38 -1.19
C ASP H 131 -5.72 31.59 -0.63
N ILE H 132 -5.19 32.76 -0.92
CA ILE H 132 -5.90 33.98 -0.60
C ILE H 132 -5.82 34.90 -1.80
N LYS H 133 -6.96 35.43 -2.23
CA LYS H 133 -6.99 36.40 -3.32
C LYS H 133 -7.62 37.66 -2.81
N PHE H 134 -6.85 38.75 -2.80
CA PHE H 134 -7.35 40.04 -2.38
C PHE H 134 -7.97 40.78 -3.55
N PHE H 135 -9.02 41.53 -3.26
CA PHE H 135 -9.60 42.42 -4.24
C PHE H 135 -9.84 43.71 -3.51
N GLY H 136 -8.97 44.69 -3.74
CA GLY H 136 -8.92 45.86 -2.90
C GLY H 136 -8.63 45.34 -1.50
N THR H 137 -9.37 45.84 -0.52
CA THR H 137 -9.17 45.40 0.87
C THR H 137 -9.99 44.16 1.21
N ASP H 138 -10.98 43.84 0.37
CA ASP H 138 -11.79 42.63 0.56
C ASP H 138 -11.00 41.44 0.05
N SER H 139 -11.29 40.27 0.60
CA SER H 139 -10.59 39.06 0.21
C SER H 139 -11.49 37.82 0.19
N VAL H 140 -11.13 36.86 -0.67
CA VAL H 140 -11.72 35.52 -0.67
C VAL H 140 -10.62 34.51 -0.38
N THR H 141 -10.77 33.78 0.72
CA THR H 141 -9.81 32.77 1.13
C THR H 141 -10.32 31.34 0.90
N THR H 142 -9.46 30.49 0.35
CA THR H 142 -9.82 29.10 0.10
C THR H 142 -9.24 28.18 1.16
N ILE H 143 -10.08 27.31 1.72
CA ILE H 143 -9.64 26.38 2.76
C ILE H 143 -9.85 24.94 2.33
N GLU H 144 -9.14 24.01 2.96
CA GLU H 144 -9.20 22.59 2.57
C GLU H 144 -9.48 21.75 3.81
N ASP H 145 -10.58 20.99 3.80
CA ASP H 145 -10.89 20.15 4.95
C ASP H 145 -10.10 18.85 4.93
N ILE H 146 -10.37 17.98 5.89
CA ILE H 146 -9.63 16.72 6.04
C ILE H 146 -9.69 15.80 4.83
N ASN H 147 -10.72 15.99 4.00
CA ASN H 147 -10.96 15.08 2.89
C ASN H 147 -10.73 15.66 1.49
N GLY H 148 -9.98 16.76 1.43
CA GLY H 148 -9.54 17.30 0.17
C GLY H 148 -10.49 18.31 -0.45
N ASN H 149 -11.65 18.48 0.20
CA ASN H 149 -12.65 19.43 -0.29
C ASN H 149 -12.27 20.89 0.03
N LYS H 150 -12.17 21.70 -1.01
CA LYS H 150 -11.91 23.11 -0.85
C LYS H 150 -13.21 23.90 -0.88
N ARG H 151 -13.28 24.92 -0.02
CA ARG H 151 -14.37 25.89 -0.05
C ARG H 151 -13.87 27.31 0.25
N GLU H 152 -14.62 28.32 -0.18
CA GLU H 152 -14.22 29.73 -0.05
C GLU H 152 -14.77 30.43 1.20
N ILE H 153 -14.04 31.44 1.66
CA ILE H 153 -14.50 32.32 2.72
C ILE H 153 -14.23 33.74 2.28
N GLU H 154 -15.28 34.56 2.27
CA GLU H 154 -15.14 35.92 1.81
C GLU H 154 -15.07 36.86 3.00
N ALA H 155 -14.17 37.84 2.97
CA ALA H 155 -14.00 38.72 4.13
C ALA H 155 -13.72 40.18 3.81
N ARG H 156 -14.02 41.04 4.78
CA ARG H 156 -13.67 42.46 4.73
C ARG H 156 -12.22 42.62 5.19
N PHE H 157 -11.69 41.62 5.89
CA PHE H 157 -10.35 41.74 6.45
C PHE H 157 -9.78 40.43 6.99
N ILE H 158 -8.48 40.23 6.80
CA ILE H 158 -7.83 39.01 7.23
C ILE H 158 -6.78 39.28 8.29
N ILE H 159 -6.84 38.54 9.40
CA ILE H 159 -5.79 38.55 10.41
C ILE H 159 -5.06 37.21 10.34
N ASP H 160 -3.84 37.26 9.82
CA ASP H 160 -3.03 36.07 9.74
C ASP H 160 -2.39 35.86 11.11
N ALA H 161 -2.93 34.89 11.83
CA ALA H 161 -2.39 34.53 13.12
C ALA H 161 -1.90 33.08 13.00
N SER H 162 -1.35 32.75 11.83
CA SER H 162 -0.87 31.41 11.49
C SER H 162 0.51 31.06 12.06
N GLY H 163 1.04 31.94 12.91
CA GLY H 163 2.32 31.69 13.53
C GLY H 163 3.28 30.97 12.60
N TYR H 164 3.77 29.82 13.04
CA TYR H 164 4.84 29.12 12.33
C TYR H 164 4.48 28.81 10.89
N GLY H 165 3.19 28.83 10.59
CA GLY H 165 2.72 28.57 9.25
C GLY H 165 3.05 29.67 8.27
N ARG H 166 3.12 30.90 8.80
CA ARG H 166 3.47 32.09 8.00
C ARG H 166 2.69 32.13 6.69
N VAL H 167 1.38 31.92 6.81
CA VAL H 167 0.53 31.81 5.65
C VAL H 167 0.68 32.97 4.67
N ILE H 168 0.38 34.19 5.11
CA ILE H 168 0.47 35.32 4.19
C ILE H 168 1.92 35.71 3.76
N PRO H 169 2.86 35.75 4.71
CA PRO H 169 4.23 36.05 4.24
C PRO H 169 4.73 35.04 3.20
N ARG H 170 4.43 33.75 3.41
CA ARG H 170 4.93 32.69 2.51
C ARG H 170 4.28 32.74 1.12
N MSE H 171 3.02 33.12 1.10
CA MSE H 171 2.23 33.11 -0.11
C MSE H 171 2.51 34.32 -0.99
O MSE H 171 2.55 34.24 -2.22
CB MSE H 171 0.76 33.07 0.26
CG MSE H 171 -0.14 32.90 -0.93
SE MSE H 171 -1.97 32.75 -0.35
CE MSE H 171 -1.83 31.06 0.64
N PHE H 172 2.70 35.47 -0.33
CA PHE H 172 2.91 36.71 -1.06
C PHE H 172 4.37 37.17 -0.98
N GLY H 173 5.25 36.24 -0.59
CA GLY H 173 6.67 36.48 -0.48
C GLY H 173 7.12 37.61 0.44
N LEU H 174 6.52 37.72 1.63
CA LEU H 174 6.93 38.78 2.52
C LEU H 174 8.06 38.39 3.48
N ASP H 175 8.62 37.20 3.33
CA ASP H 175 9.66 36.73 4.26
C ASP H 175 10.98 37.51 4.13
N LYS H 176 11.49 38.02 5.25
CA LYS H 176 12.81 38.61 5.28
C LYS H 176 13.68 37.93 6.34
N PRO H 177 14.96 37.70 6.03
CA PRO H 177 15.85 37.02 6.97
C PRO H 177 16.13 37.86 8.21
N SER H 178 16.36 37.19 9.34
CA SER H 178 16.78 37.84 10.56
C SER H 178 18.27 38.16 10.54
N GLY H 179 18.69 39.10 11.39
CA GLY H 179 20.10 39.38 11.55
C GLY H 179 20.74 38.46 12.59
N PHE H 180 19.90 37.72 13.31
CA PHE H 180 20.40 36.73 14.26
C PHE H 180 20.97 35.53 13.52
N GLU H 181 22.19 35.13 13.88
CA GLU H 181 22.79 33.98 13.25
C GLU H 181 21.96 32.75 13.56
N SER H 182 22.02 31.75 12.70
CA SER H 182 21.20 30.56 12.88
C SER H 182 21.46 29.86 14.21
N ARG H 183 20.39 29.34 14.81
CA ARG H 183 20.51 28.52 16.01
C ARG H 183 19.72 27.21 15.88
N ARG H 184 20.08 26.23 16.70
CA ARG H 184 19.41 24.93 16.70
C ARG H 184 18.84 24.64 18.10
N THR H 185 17.73 23.90 18.15
CA THR H 185 17.15 23.46 19.42
C THR H 185 16.79 21.95 19.50
N LEU H 186 17.02 21.35 20.66
CA LEU H 186 16.58 19.98 20.91
C LEU H 186 15.82 20.01 22.21
N PHE H 187 14.63 19.44 22.22
CA PHE H 187 13.84 19.50 23.44
C PHE H 187 12.88 18.33 23.56
N THR H 188 12.32 18.19 24.76
CA THR H 188 11.31 17.18 25.03
C THR H 188 10.66 17.53 26.34
N HIS H 189 9.64 16.78 26.71
CA HIS H 189 9.05 16.90 28.05
C HIS H 189 9.50 15.71 28.90
N ILE H 190 9.95 15.99 30.11
CA ILE H 190 10.50 14.95 30.97
C ILE H 190 9.70 14.78 32.26
N LYS H 191 9.31 13.55 32.55
CA LYS H 191 8.58 13.24 33.78
C LYS H 191 9.47 13.48 35.00
N ASP H 192 9.24 14.60 35.65
CA ASP H 192 10.14 15.14 36.66
C ASP H 192 9.93 14.47 38.01
N VAL H 193 10.21 13.18 38.06
CA VAL H 193 10.09 12.40 39.30
C VAL H 193 10.90 13.01 40.43
N LYS H 194 12.10 13.48 40.09
CA LYS H 194 13.03 14.03 41.07
C LYS H 194 12.99 15.56 41.11
N ARG H 195 11.83 16.14 40.82
CA ARG H 195 11.68 17.60 40.87
C ARG H 195 11.89 18.13 42.29
N PRO H 196 12.76 19.14 42.44
CA PRO H 196 13.01 19.75 43.76
C PRO H 196 11.70 20.16 44.42
N VAL H 197 11.69 20.18 45.76
CA VAL H 197 10.48 20.51 46.51
C VAL H 197 9.94 21.90 46.20
N GLY H 203 10.29 25.69 41.30
CA GLY H 203 9.00 25.26 40.81
C GLY H 203 8.14 26.42 40.36
N ASN H 204 8.54 27.64 40.70
CA ASN H 204 7.77 28.82 40.36
C ASN H 204 8.60 29.78 39.52
N ARG H 205 9.63 29.25 38.89
CA ARG H 205 10.45 30.03 37.99
C ARG H 205 10.58 29.22 36.74
N ILE H 206 10.85 29.88 35.62
CA ILE H 206 11.48 29.17 34.51
C ILE H 206 12.97 29.39 34.75
N THR H 207 13.75 28.32 34.64
CA THR H 207 15.21 28.45 34.77
C THR H 207 15.91 28.39 33.42
N ALA H 208 16.78 29.37 33.20
CA ALA H 208 17.63 29.34 32.01
C ALA H 208 19.06 29.07 32.44
N VAL H 209 19.65 28.00 31.93
CA VAL H 209 20.99 27.60 32.32
C VAL H 209 22.01 27.91 31.24
N VAL H 210 23.02 28.70 31.59
CA VAL H 210 24.16 28.95 30.71
C VAL H 210 24.99 27.67 30.65
N HIS H 211 24.99 27.02 29.49
CA HIS H 211 25.69 25.74 29.35
C HIS H 211 27.08 25.96 28.78
N LYS H 212 27.13 26.76 27.73
CA LYS H 212 28.39 27.19 27.14
C LYS H 212 28.18 28.65 26.78
N PRO H 213 29.25 29.34 26.37
CA PRO H 213 29.08 30.76 26.01
C PRO H 213 27.88 31.05 25.10
N LYS H 214 27.62 30.14 24.16
CA LYS H 214 26.56 30.35 23.18
C LYS H 214 25.54 29.20 23.14
N VAL H 215 25.44 28.46 24.23
CA VAL H 215 24.50 27.36 24.35
C VAL H 215 23.86 27.42 25.72
N TRP H 216 22.53 27.43 25.74
CA TRP H 216 21.80 27.46 27.00
C TRP H 216 20.69 26.43 26.98
N ILE H 217 20.01 26.31 28.10
CA ILE H 217 19.13 25.20 28.36
C ILE H 217 17.97 25.74 29.11
N TRP H 218 16.75 25.43 28.66
CA TRP H 218 15.58 25.88 29.42
C TRP H 218 14.97 24.75 30.26
N VAL H 219 14.36 25.12 31.38
CA VAL H 219 13.71 24.20 32.30
C VAL H 219 12.38 24.82 32.75
N ILE H 220 11.28 24.34 32.16
CA ILE H 220 9.93 24.83 32.40
C ILE H 220 9.11 23.71 33.06
N PRO H 221 8.81 23.86 34.36
CA PRO H 221 8.02 22.86 35.10
C PRO H 221 6.51 23.01 34.98
N PHE H 222 5.82 22.03 34.40
CA PHE H 222 4.36 22.07 34.26
C PHE H 222 3.73 21.44 35.51
N SER H 223 2.47 21.74 35.78
CA SER H 223 1.80 21.16 36.95
C SER H 223 1.34 19.72 36.69
N ASN H 224 1.43 19.30 35.44
CA ASN H 224 1.12 17.92 35.07
C ASN H 224 2.23 16.94 35.48
N GLY H 225 3.27 17.47 36.13
CA GLY H 225 4.31 16.63 36.68
C GLY H 225 5.47 16.45 35.72
N ASN H 226 5.38 17.04 34.55
CA ASN H 226 6.48 16.98 33.62
C ASN H 226 7.14 18.34 33.46
N THR H 227 8.28 18.36 32.79
CA THR H 227 9.04 19.59 32.66
C THR H 227 9.61 19.66 31.26
N SER H 228 9.33 20.76 30.57
CA SER H 228 9.84 20.98 29.23
C SER H 228 11.30 21.37 29.39
N VAL H 229 12.17 20.67 28.68
CA VAL H 229 13.61 20.95 28.71
C VAL H 229 14.20 21.09 27.31
N GLY H 230 14.96 22.16 27.08
CA GLY H 230 15.54 22.39 25.78
C GLY H 230 16.93 23.01 25.78
N PHE H 231 17.79 22.47 24.92
CA PHE H 231 19.09 23.02 24.61
C PHE H 231 18.99 23.92 23.39
N VAL H 232 19.58 25.09 23.47
CA VAL H 232 19.55 26.07 22.40
C VAL H 232 20.92 26.67 22.23
N GLY H 233 21.33 26.91 20.99
CA GLY H 233 22.59 27.59 20.76
C GLY H 233 23.27 27.21 19.48
N GLU H 234 24.59 27.37 19.46
CA GLU H 234 25.43 27.06 18.33
C GLU H 234 25.11 25.70 17.74
N PRO H 235 24.74 25.65 16.45
CA PRO H 235 24.50 24.34 15.82
C PRO H 235 25.73 23.42 15.91
N SER H 236 26.93 24.00 15.87
CA SER H 236 28.15 23.19 15.92
C SER H 236 28.11 22.29 17.14
N TYR H 237 27.69 22.85 18.27
CA TYR H 237 27.66 22.11 19.51
C TYR H 237 26.82 20.84 19.40
N PHE H 238 25.68 20.93 18.73
CA PHE H 238 24.80 19.79 18.61
C PHE H 238 25.48 18.66 17.83
N ASP H 239 26.31 19.03 16.87
CA ASP H 239 26.98 18.05 16.02
C ASP H 239 27.97 17.24 16.82
N GLU H 240 28.25 17.69 18.04
CA GLU H 240 29.19 17.00 18.91
C GLU H 240 28.60 15.74 19.52
N TYR H 241 27.28 15.59 19.37
CA TYR H 241 26.58 14.44 19.92
C TYR H 241 26.01 13.53 18.84
N THR H 242 26.34 12.24 18.95
CA THR H 242 25.91 11.24 17.97
C THR H 242 24.76 10.40 18.51
N GLY H 243 23.95 9.84 17.61
CA GLY H 243 22.94 8.88 18.00
C GLY H 243 21.52 9.25 17.67
N THR H 244 20.59 8.73 18.44
CA THR H 244 19.18 9.00 18.21
C THR H 244 18.79 10.27 18.97
N PRO H 245 17.73 10.95 18.52
CA PRO H 245 17.24 12.13 19.21
C PRO H 245 17.21 11.94 20.70
N GLU H 246 16.60 10.85 21.16
CA GLU H 246 16.57 10.55 22.58
C GLU H 246 17.99 10.36 23.12
N GLU H 247 18.87 9.78 22.31
CA GLU H 247 20.24 9.56 22.75
C GLU H 247 21.03 10.86 22.93
N ARG H 248 20.96 11.75 21.93
CA ARG H 248 21.71 12.99 21.99
C ARG H 248 21.19 13.84 23.16
N MSE H 249 19.87 13.80 23.34
CA MSE H 249 19.22 14.55 24.41
C MSE H 249 19.73 14.12 25.78
O MSE H 249 20.16 14.94 26.57
CB MSE H 249 17.71 14.42 24.33
CG MSE H 249 16.99 15.33 25.28
SE MSE H 249 16.91 17.24 24.70
CE MSE H 249 16.35 17.98 26.43
N ARG H 250 19.67 12.83 26.06
CA ARG H 250 20.14 12.36 27.34
C ARG H 250 21.63 12.66 27.55
N ALA H 251 22.40 12.62 26.46
CA ALA H 251 23.84 12.86 26.52
C ALA H 251 24.15 14.34 26.78
N MSE H 252 23.33 15.23 26.24
CA MSE H 252 23.49 16.65 26.48
C MSE H 252 23.13 16.98 27.93
O MSE H 252 23.91 17.63 28.64
CB MSE H 252 22.62 17.45 25.54
CG MSE H 252 23.06 17.34 24.11
SE MSE H 252 21.93 18.49 23.03
CE MSE H 252 23.24 19.81 22.49
N ILE H 253 21.94 16.56 28.35
CA ILE H 253 21.53 16.71 29.73
C ILE H 253 22.60 16.20 30.72
N ALA H 254 23.12 14.99 30.53
CA ALA H 254 24.10 14.43 31.45
C ALA H 254 25.34 15.32 31.59
N ASN H 255 25.67 16.01 30.50
CA ASN H 255 26.82 16.90 30.45
C ASN H 255 26.62 18.27 31.11
N GLU H 256 25.55 18.43 31.89
CA GLU H 256 25.28 19.70 32.55
C GLU H 256 24.96 19.52 34.04
N GLY H 257 25.85 20.01 34.89
CA GLY H 257 25.78 19.76 36.32
C GLY H 257 24.48 20.14 37.01
N HIS H 258 23.87 21.24 36.56
CA HIS H 258 22.67 21.74 37.21
C HIS H 258 21.44 20.82 37.02
N ILE H 259 21.45 19.99 35.98
CA ILE H 259 20.28 19.16 35.69
C ILE H 259 20.58 17.68 35.53
N ALA H 260 21.86 17.35 35.30
CA ALA H 260 22.31 15.99 35.01
C ALA H 260 21.66 14.88 35.83
N GLU H 261 21.73 15.00 37.16
CA GLU H 261 21.23 13.96 38.03
C GLU H 261 19.70 13.93 38.07
N ARG H 262 19.09 15.10 38.01
CA ARG H 262 17.64 15.22 38.15
C ARG H 262 16.90 14.54 37.00
N PHE H 263 17.48 14.59 35.82
CA PHE H 263 16.85 14.01 34.62
C PHE H 263 17.48 12.68 34.19
N LYS H 264 18.52 12.26 34.90
CA LYS H 264 19.19 11.00 34.60
C LYS H 264 18.17 9.89 34.66
N SER H 265 18.12 9.08 33.62
CA SER H 265 17.22 7.92 33.61
C SER H 265 15.73 8.28 33.64
N GLU H 266 15.39 9.56 33.57
CA GLU H 266 13.99 9.95 33.60
C GLU H 266 13.34 9.81 32.23
N GLU H 267 12.05 9.52 32.22
CA GLU H 267 11.34 9.23 30.99
C GLU H 267 11.03 10.49 30.17
N PHE H 268 11.07 10.35 28.85
CA PHE H 268 10.67 11.44 27.95
C PHE H 268 9.28 11.15 27.37
N LEU H 269 8.36 12.11 27.47
CA LEU H 269 7.02 11.96 26.91
C LEU H 269 7.02 11.86 25.41
N PHE H 270 8.04 12.41 24.76
CA PHE H 270 8.15 12.27 23.30
C PHE H 270 9.59 12.21 22.81
N GLU H 271 9.81 11.60 21.65
CA GLU H 271 11.13 11.64 21.04
C GLU H 271 11.55 13.10 20.93
N PRO H 272 12.72 13.44 21.47
CA PRO H 272 13.14 14.83 21.46
C PRO H 272 12.94 15.38 20.09
N ARG H 273 12.63 16.68 19.96
CA ARG H 273 12.40 17.29 18.65
C ARG H 273 13.39 18.39 18.33
N THR H 274 13.70 18.54 17.04
CA THR H 274 14.64 19.56 16.58
C THR H 274 13.96 20.69 15.83
N ILE H 275 14.34 21.91 16.19
CA ILE H 275 13.99 23.07 15.39
C ILE H 275 15.25 23.90 15.21
N GLU H 276 15.53 24.22 13.95
CA GLU H 276 16.70 25.00 13.60
C GLU H 276 16.29 26.20 12.71
N GLY H 277 16.97 27.33 12.88
CA GLY H 277 16.71 28.49 12.04
C GLY H 277 15.33 29.07 12.24
N TYR H 278 14.93 29.21 13.51
CA TYR H 278 13.59 29.68 13.83
C TYR H 278 13.47 31.19 13.69
N ALA H 279 14.61 31.87 13.58
CA ALA H 279 14.62 33.34 13.51
C ALA H 279 14.36 33.84 12.08
N ILE H 280 13.30 34.63 11.93
CA ILE H 280 12.84 35.07 10.63
C ILE H 280 12.06 36.34 10.86
N SER H 281 11.90 37.16 9.82
CA SER H 281 11.16 38.41 9.92
C SER H 281 10.30 38.65 8.68
N ALA H 282 9.43 39.65 8.73
CA ALA H 282 8.58 40.02 7.61
C ALA H 282 9.03 41.36 6.99
N SER H 283 8.76 41.57 5.71
CA SER H 283 9.19 42.81 5.07
C SER H 283 8.20 43.95 5.35
N LYS H 284 6.94 43.58 5.56
CA LYS H 284 5.95 44.49 6.08
C LYS H 284 4.98 43.76 7.01
N LEU H 285 4.28 44.51 7.83
CA LEU H 285 3.47 43.90 8.86
C LEU H 285 1.99 43.93 8.50
N TYR H 286 1.61 44.72 7.50
CA TYR H 286 0.20 44.86 7.14
C TYR H 286 0.09 45.20 5.67
N GLY H 287 -1.14 45.32 5.18
CA GLY H 287 -1.40 45.65 3.79
C GLY H 287 -2.89 45.71 3.52
N ASP H 288 -3.27 46.12 2.33
CA ASP H 288 -4.68 46.15 2.02
C ASP H 288 -5.32 44.81 2.41
N GLY H 289 -6.33 44.90 3.28
CA GLY H 289 -7.10 43.75 3.71
C GLY H 289 -6.49 42.77 4.72
N PHE H 290 -5.30 43.06 5.25
CA PHE H 290 -4.70 42.17 6.24
C PHE H 290 -3.75 42.80 7.27
N VAL H 291 -3.44 42.02 8.29
CA VAL H 291 -2.42 42.38 9.24
C VAL H 291 -1.77 41.07 9.68
N LEU H 292 -0.47 41.09 9.92
CA LEU H 292 0.22 39.91 10.43
C LEU H 292 0.33 39.99 11.95
N THR H 293 0.35 38.83 12.59
CA THR H 293 0.57 38.78 14.03
C THR H 293 1.38 37.55 14.47
N GLY H 294 1.82 37.57 15.72
CA GLY H 294 2.62 36.50 16.29
C GLY H 294 3.83 36.12 15.44
N ASN H 295 3.96 34.82 15.18
CA ASN H 295 5.13 34.32 14.49
C ASN H 295 5.04 34.40 12.96
N ALA H 296 3.94 34.98 12.47
CA ALA H 296 3.82 35.31 11.04
C ALA H 296 4.27 36.75 10.84
N THR H 297 4.88 37.31 11.88
CA THR H 297 5.57 38.60 11.86
C THR H 297 7.10 38.58 11.89
N GLU H 298 7.64 38.53 13.11
CA GLU H 298 9.03 38.26 13.37
C GLU H 298 9.16 37.44 14.65
N PHE H 299 10.07 36.46 14.64
CA PHE H 299 10.47 35.73 15.85
C PHE H 299 11.94 36.02 16.15
N LEU H 300 12.27 36.16 17.43
CA LEU H 300 13.62 36.54 17.82
C LEU H 300 14.40 35.31 18.28
N ASP H 301 14.14 34.91 19.51
CA ASP H 301 14.84 33.78 20.12
C ASP H 301 14.02 33.29 21.31
N PRO H 302 14.15 32.01 21.66
CA PRO H 302 13.43 31.49 22.82
C PRO H 302 13.91 32.04 24.18
N ILE H 303 15.10 32.62 24.28
CA ILE H 303 15.50 33.22 25.56
C ILE H 303 14.62 34.41 25.97
N PHE H 304 14.26 34.48 27.25
CA PHE H 304 13.31 35.49 27.76
C PHE H 304 11.85 35.23 27.34
N SER H 305 11.65 34.19 26.52
CA SER H 305 10.34 33.56 26.35
C SER H 305 9.22 34.53 26.03
N SER H 306 9.38 35.31 24.97
CA SER H 306 8.48 36.44 24.70
C SER H 306 7.49 36.18 23.56
N GLY H 307 7.64 35.06 22.87
CA GLY H 307 6.86 34.81 21.67
C GLY H 307 5.35 34.81 21.86
N ALA H 308 4.89 33.95 22.75
CA ALA H 308 3.48 33.88 23.11
C ALA H 308 2.95 35.22 23.59
N THR H 309 3.80 36.02 24.23
CA THR H 309 3.30 37.31 24.71
C THR H 309 3.22 38.27 23.53
N PHE H 310 4.24 38.26 22.68
CA PHE H 310 4.15 39.06 21.46
C PHE H 310 2.97 38.68 20.58
N ALA H 311 2.78 37.37 20.36
CA ALA H 311 1.64 36.89 19.60
C ALA H 311 0.33 37.47 20.15
N MSE H 312 0.10 37.31 21.45
CA MSE H 312 -1.06 37.95 22.08
C MSE H 312 -1.08 39.47 21.94
O MSE H 312 -2.10 40.05 21.57
CB MSE H 312 -1.20 37.54 23.54
CG MSE H 312 -1.62 36.09 23.65
SE MSE H 312 -1.88 35.50 25.47
CE MSE H 312 -0.27 34.39 25.74
N GLU H 313 0.05 40.11 22.20
CA GLU H 313 0.14 41.56 22.03
C GLU H 313 -0.21 41.98 20.62
N SER H 314 0.20 41.20 19.64
CA SER H 314 -0.03 41.57 18.25
C SER H 314 -1.47 41.21 17.82
N GLY H 315 -1.92 40.00 18.15
CA GLY H 315 -3.34 39.67 18.01
C GLY H 315 -4.16 40.81 18.57
N SER H 316 -3.82 41.25 19.77
CA SER H 316 -4.54 42.34 20.42
C SER H 316 -4.55 43.60 19.56
N LYS H 317 -3.38 44.15 19.25
CA LYS H 317 -3.37 45.41 18.50
C LYS H 317 -4.07 45.20 17.18
N GLY H 318 -3.74 44.09 16.55
CA GLY H 318 -4.25 43.77 15.24
C GLY H 318 -5.76 43.81 15.23
N GLY H 319 -6.37 43.22 16.26
CA GLY H 319 -7.81 43.11 16.32
C GLY H 319 -8.47 44.47 16.42
N LYS H 320 -8.00 45.28 17.36
CA LYS H 320 -8.57 46.61 17.59
C LYS H 320 -8.40 47.49 16.37
N LEU H 321 -7.25 47.40 15.72
CA LEU H 321 -7.08 48.17 14.51
C LEU H 321 -8.07 47.69 13.45
N ALA H 322 -8.18 46.37 13.29
CA ALA H 322 -9.15 45.81 12.35
C ALA H 322 -10.55 46.38 12.58
N VAL H 323 -10.96 46.45 13.85
CA VAL H 323 -12.28 46.95 14.22
C VAL H 323 -12.48 48.42 13.80
N GLN H 324 -11.43 49.23 13.93
CA GLN H 324 -11.45 50.61 13.44
C GLN H 324 -11.64 50.62 11.92
N PHE H 325 -10.98 49.69 11.24
CA PHE H 325 -11.12 49.57 9.79
C PHE H 325 -12.56 49.28 9.44
N LEU H 326 -13.10 48.21 10.00
CA LEU H 326 -14.45 47.77 9.71
C LEU H 326 -15.46 48.86 10.03
N LYS H 327 -15.16 49.65 11.06
CA LYS H 327 -16.07 50.72 11.50
C LYS H 327 -16.11 51.86 10.49
N GLY H 328 -15.20 51.82 9.52
CA GLY H 328 -15.08 52.88 8.55
C GLY H 328 -14.09 53.96 8.95
N GLU H 329 -13.55 53.86 10.16
CA GLU H 329 -12.60 54.84 10.67
C GLU H 329 -11.23 54.81 9.98
N GLU H 330 -10.49 55.89 10.19
CA GLU H 330 -9.13 56.00 9.68
C GLU H 330 -8.18 55.22 10.58
N VAL H 331 -7.40 54.32 10.00
CA VAL H 331 -6.43 53.59 10.80
C VAL H 331 -5.01 53.96 10.43
N ASN H 332 -4.20 54.23 11.46
CA ASN H 332 -2.77 54.46 11.31
C ASN H 332 -2.01 53.19 11.70
N TRP H 333 -1.95 52.24 10.76
CA TRP H 333 -1.27 50.96 10.96
C TRP H 333 0.21 51.15 11.23
N GLU H 334 0.76 52.22 10.69
CA GLU H 334 2.18 52.43 10.75
C GLU H 334 2.56 52.79 12.17
N LYS H 335 1.72 53.56 12.82
CA LYS H 335 2.04 54.08 14.14
C LYS H 335 1.56 53.13 15.24
N ASP H 336 0.29 52.75 15.16
CA ASP H 336 -0.37 52.02 16.25
C ASP H 336 -0.13 50.52 16.22
N PHE H 337 0.30 50.01 15.06
CA PHE H 337 0.74 48.61 14.97
C PHE H 337 2.26 48.48 14.82
N VAL H 338 2.78 48.72 13.60
CA VAL H 338 4.22 48.59 13.33
C VAL H 338 5.14 49.22 14.38
N GLU H 339 4.94 50.50 14.66
CA GLU H 339 5.77 51.22 15.62
C GLU H 339 5.67 50.62 17.01
N HIS H 340 4.45 50.39 17.47
CA HIS H 340 4.26 49.78 18.78
C HIS H 340 4.95 48.44 18.85
N MSE H 341 4.60 47.50 17.97
CA MSE H 341 5.21 46.16 17.98
C MSE H 341 6.73 46.25 17.96
O MSE H 341 7.42 45.62 18.77
CB MSE H 341 4.77 45.31 16.78
CG MSE H 341 3.33 44.83 16.78
SE MSE H 341 2.63 44.38 18.57
CE MSE H 341 3.83 42.89 18.93
N MSE H 342 7.26 47.05 17.05
CA MSE H 342 8.70 47.05 16.80
C MSE H 342 9.50 47.65 17.96
O MSE H 342 10.67 47.30 18.15
CB MSE H 342 9.04 47.71 15.46
CG MSE H 342 8.56 46.90 14.23
SE MSE H 342 9.28 45.07 14.02
CE MSE H 342 8.25 44.16 15.38
N GLN H 343 8.85 48.53 18.73
CA GLN H 343 9.45 49.07 19.94
C GLN H 343 9.67 47.97 20.97
N GLY H 344 8.75 47.01 21.02
CA GLY H 344 8.85 45.94 21.98
C GLY H 344 9.81 44.91 21.45
N ILE H 345 9.58 44.51 20.20
CA ILE H 345 10.49 43.60 19.52
C ILE H 345 11.96 44.12 19.51
N ASP H 346 12.20 45.38 19.16
CA ASP H 346 13.57 45.89 19.15
C ASP H 346 14.17 45.91 20.54
N THR H 347 13.33 46.12 21.55
CA THR H 347 13.75 45.98 22.94
C THR H 347 14.26 44.55 23.27
N PHE H 348 13.42 43.53 23.13
CA PHE H 348 13.91 42.16 23.33
C PHE H 348 15.12 41.82 22.46
N ARG H 349 15.10 42.25 21.20
CA ARG H 349 16.24 42.04 20.30
C ARG H 349 17.58 42.51 20.92
N SER H 350 17.61 43.72 21.48
CA SER H 350 18.77 44.17 22.26
C SER H 350 19.13 43.17 23.38
N PHE H 351 18.13 42.64 24.07
CA PHE H 351 18.46 41.73 25.16
C PHE H 351 18.93 40.36 24.68
N VAL H 352 18.36 39.89 23.57
CA VAL H 352 18.80 38.64 22.97
C VAL H 352 20.28 38.78 22.60
N THR H 353 20.65 39.92 22.03
CA THR H 353 22.02 40.11 21.63
C THR H 353 22.88 40.13 22.88
N GLY H 354 22.46 40.89 23.87
CA GLY H 354 23.17 40.89 25.12
C GLY H 354 23.34 39.48 25.64
N TRP H 355 22.28 38.68 25.53
CA TRP H 355 22.37 37.33 26.05
C TRP H 355 23.47 36.53 25.38
N TYR H 356 23.60 36.65 24.07
CA TYR H 356 24.54 35.82 23.34
C TYR H 356 25.94 36.40 23.20
N ASP H 357 26.16 37.61 23.72
CA ASP H 357 27.43 38.27 23.48
C ASP H 357 28.21 38.57 24.77
N GLY H 358 27.72 38.03 25.88
CA GLY H 358 28.43 38.06 27.14
C GLY H 358 28.09 39.22 28.04
N THR H 359 27.56 40.30 27.48
CA THR H 359 27.26 41.47 28.32
C THR H 359 26.16 41.22 29.36
N LEU H 360 25.05 40.61 28.93
CA LEU H 360 23.94 40.37 29.85
C LEU H 360 24.36 39.46 31.01
N HIS H 361 25.17 38.45 30.70
CA HIS H 361 25.75 37.59 31.73
C HIS H 361 26.60 38.38 32.75
N ALA H 362 27.46 39.28 32.27
CA ALA H 362 28.26 40.09 33.18
C ALA H 362 27.32 40.84 34.13
N VAL H 363 26.18 41.30 33.61
CA VAL H 363 25.21 42.00 34.45
C VAL H 363 24.42 41.09 35.42
N PHE H 364 23.97 39.91 34.93
CA PHE H 364 23.26 38.92 35.74
C PHE H 364 24.09 38.41 36.92
N PHE H 365 25.36 38.11 36.65
CA PHE H 365 26.20 37.42 37.61
C PHE H 365 27.28 38.26 38.28
N ALA H 366 27.12 39.58 38.26
CA ALA H 366 27.97 40.45 39.04
C ALA H 366 27.81 40.15 40.55
N LYS H 367 28.91 40.21 41.29
CA LYS H 367 28.82 40.17 42.75
C LYS H 367 28.11 41.46 43.15
N ASN H 368 27.15 41.37 44.06
CA ASN H 368 26.37 42.54 44.46
C ASN H 368 25.71 43.29 43.30
N PRO H 369 24.89 42.60 42.49
CA PRO H 369 24.20 43.40 41.49
C PRO H 369 23.39 44.56 42.12
N ASP H 370 23.34 45.68 41.42
CA ASP H 370 22.53 46.81 41.84
C ASP H 370 21.04 46.49 41.83
N PRO H 371 20.40 46.64 42.99
CA PRO H 371 18.99 46.25 43.16
C PRO H 371 18.07 47.06 42.25
N ASP H 372 18.44 48.31 41.98
CA ASP H 372 17.64 49.14 41.10
C ASP H 372 17.68 48.65 39.67
N HIS H 373 18.88 48.39 39.14
CA HIS H 373 18.98 47.83 37.80
C HIS H 373 18.15 46.57 37.71
N LYS H 374 18.21 45.76 38.76
CA LYS H 374 17.57 44.45 38.78
C LYS H 374 16.07 44.55 38.56
N ARG H 375 15.44 45.51 39.21
CA ARG H 375 14.03 45.83 39.04
C ARG H 375 13.72 46.28 37.63
N MSE H 376 14.63 47.05 37.06
CA MSE H 376 14.50 47.52 35.69
C MSE H 376 14.52 46.34 34.72
O MSE H 376 13.59 46.15 33.94
CB MSE H 376 15.60 48.54 35.41
CG MSE H 376 15.48 49.79 36.29
SE MSE H 376 16.91 51.09 36.04
CE MSE H 376 16.27 52.52 37.22
N ILE H 377 15.58 45.55 34.79
CA ILE H 377 15.71 44.32 34.03
C ILE H 377 14.48 43.44 34.23
N CYS H 378 14.06 43.27 35.48
CA CYS H 378 12.90 42.46 35.82
C CYS H 378 11.67 42.84 35.00
N SER H 379 11.44 44.14 34.84
CA SER H 379 10.26 44.62 34.13
C SER H 379 10.35 44.39 32.62
N VAL H 380 11.57 44.34 32.11
CA VAL H 380 11.74 43.96 30.72
C VAL H 380 11.33 42.50 30.64
N LEU H 381 11.93 41.69 31.50
CA LEU H 381 11.70 40.25 31.51
C LEU H 381 10.22 39.90 31.68
N ALA H 382 9.47 40.76 32.36
CA ALA H 382 8.05 40.47 32.54
C ALA H 382 7.21 40.83 31.31
N GLY H 383 7.79 41.57 30.37
CA GLY H 383 7.07 41.90 29.15
C GLY H 383 6.72 43.36 28.95
N TYR H 384 7.04 44.22 29.91
CA TYR H 384 6.76 45.65 29.83
C TYR H 384 7.86 46.46 29.11
N VAL H 385 8.01 46.18 27.83
CA VAL H 385 9.12 46.70 27.05
C VAL H 385 8.69 47.95 26.30
N TRP H 386 7.55 48.50 26.70
CA TRP H 386 7.04 49.72 26.12
C TRP H 386 7.11 50.87 27.12
N ASP H 387 7.77 50.64 28.24
CA ASP H 387 7.88 51.67 29.27
C ASP H 387 9.16 52.48 29.13
N LYS H 388 9.06 53.62 28.46
CA LYS H 388 10.21 54.49 28.18
C LYS H 388 10.77 55.23 29.40
N ASN H 389 10.14 55.07 30.57
CA ASN H 389 10.74 55.60 31.80
C ASN H 389 11.85 54.70 32.28
N ASN H 390 11.79 53.45 31.82
CA ASN H 390 12.72 52.42 32.25
C ASN H 390 14.01 52.57 31.44
N PRO H 391 15.10 52.96 32.09
CA PRO H 391 16.28 53.23 31.26
C PRO H 391 16.68 52.02 30.41
N PHE H 392 16.35 50.83 30.91
CA PHE H 392 16.69 49.60 30.21
C PHE H 392 15.88 49.39 28.94
N VAL H 393 14.68 50.00 28.88
CA VAL H 393 13.94 50.07 27.64
C VAL H 393 14.48 51.28 26.88
N LYS H 394 14.47 52.43 27.55
CA LYS H 394 14.86 53.67 26.91
C LYS H 394 16.16 53.49 26.15
N LYS H 395 17.14 52.87 26.80
CA LYS H 395 18.48 52.75 26.22
C LYS H 395 18.86 51.31 25.87
N HIS H 396 17.88 50.50 25.46
CA HIS H 396 18.10 49.05 25.34
C HIS H 396 19.27 48.62 24.43
N ASN H 397 19.46 49.28 23.29
CA ASN H 397 20.53 48.87 22.39
C ASN H 397 21.92 49.38 22.78
N THR H 398 22.04 49.92 24.00
CA THR H 398 23.29 50.52 24.43
C THR H 398 23.66 50.16 25.87
N ILE H 399 22.64 50.01 26.71
CA ILE H 399 22.87 49.89 28.15
C ILE H 399 23.66 48.64 28.58
N LEU H 400 23.49 47.54 27.85
CA LEU H 400 24.14 46.29 28.26
C LEU H 400 25.65 46.37 28.14
N LYS H 401 26.14 46.86 26.99
CA LYS H 401 27.56 47.04 26.75
C LYS H 401 28.15 48.07 27.71
N THR H 402 27.43 49.17 27.89
CA THR H 402 27.86 50.23 28.79
C THR H 402 27.94 49.70 30.23
N LEU H 403 26.86 49.07 30.69
CA LEU H 403 26.80 48.48 32.03
C LEU H 403 27.87 47.37 32.25
N ALA H 404 27.99 46.43 31.31
CA ALA H 404 29.00 45.38 31.42
C ALA H 404 30.38 46.02 31.57
N LYS H 405 30.62 47.05 30.76
CA LYS H 405 31.84 47.80 30.81
C LYS H 405 32.01 48.45 32.19
N VAL H 406 30.95 49.09 32.70
CA VAL H 406 30.99 49.65 34.06
C VAL H 406 31.39 48.58 35.09
N ILE H 407 30.92 47.34 34.90
CA ILE H 407 31.16 46.26 35.83
C ILE H 407 32.63 45.83 35.88
N GLN H 408 33.23 45.69 34.72
CA GLN H 408 34.62 45.32 34.60
C GLN H 408 35.54 46.36 35.25
N MSE H 409 35.28 47.64 34.99
CA MSE H 409 36.05 48.71 35.64
C MSE H 409 36.00 48.56 37.14
O MSE H 409 36.99 48.79 37.84
CB MSE H 409 35.50 50.10 35.27
CG MSE H 409 35.69 50.52 33.82
SE MSE H 409 37.54 50.52 33.23
CE MSE H 409 37.41 52.02 31.99
N GLY H 410 34.82 48.20 37.64
CA GLY H 410 34.61 48.04 39.08
C GLY H 410 35.43 46.89 39.63
N GLU H 411 35.70 45.92 38.76
CA GLU H 411 36.44 44.72 39.12
C GLU H 411 37.95 45.00 39.06
N GLU H 412 38.39 45.57 37.96
CA GLU H 412 39.79 45.98 37.81
C GLU H 412 40.14 46.99 38.91
PA FAD I . -33.32 -0.59 0.49
O1A FAD I . -32.96 -1.92 1.16
O2A FAD I . -33.48 -0.72 -0.97
O5B FAD I . -32.12 0.39 0.95
C5B FAD I . -31.99 0.75 2.30
C4B FAD I . -30.59 1.34 2.55
O4B FAD I . -30.37 1.62 3.88
C3B FAD I . -29.66 0.32 2.12
O3B FAD I . -28.92 0.96 1.11
C2B FAD I . -28.88 0.01 3.27
O2B FAD I . -27.49 -0.25 3.00
C1B FAD I . -29.06 1.18 4.11
N9A FAD I . -28.93 0.85 5.52
C8A FAD I . -29.43 -0.21 6.12
N7A FAD I . -29.12 -0.14 7.40
C5A FAD I . -28.42 0.98 7.63
C6A FAD I . -27.85 1.56 8.77
N6A FAD I . -27.93 0.94 10.01
N1A FAD I . -27.19 2.71 8.63
C2A FAD I . -27.10 3.30 7.44
N3A FAD I . -27.65 2.78 6.33
C4A FAD I . -28.31 1.63 6.41
N1 FAD I . -39.35 -4.28 -5.45
C2 FAD I . -39.61 -3.74 -6.65
O2 FAD I . -39.90 -2.42 -6.75
N3 FAD I . -39.57 -4.42 -7.79
C4 FAD I . -39.25 -5.71 -7.74
O4 FAD I . -39.15 -6.40 -9.01
C4X FAD I . -38.97 -6.34 -6.52
N5 FAD I . -38.64 -7.65 -6.42
C5X FAD I . -38.37 -8.20 -5.23
C6 FAD I . -38.02 -9.57 -5.16
C7 FAD I . -37.73 -10.15 -3.93
C7M FAD I . -37.37 -11.65 -3.86
C8 FAD I . -37.79 -9.40 -2.77
C8M FAD I . -37.44 -10.07 -1.42
C9 FAD I . -38.13 -8.04 -2.80
C9A FAD I . -38.43 -7.42 -4.04
N10 FAD I . -38.76 -6.11 -4.15
C10 FAD I . -39.01 -5.57 -5.36
C1' FAD I . -38.77 -5.23 -2.98
C2' FAD I . -37.53 -4.37 -2.78
O2' FAD I . -36.41 -5.02 -2.81
C3' FAD I . -37.62 -3.16 -1.90
O3' FAD I . -38.87 -2.65 -1.96
C4' FAD I . -36.69 -2.00 -2.22
O4' FAD I . -35.36 -2.28 -2.23
C5' FAD I . -36.84 -1.05 -1.08
O5' FAD I . -36.20 0.21 -1.13
P FAD I . -35.69 0.91 0.27
O1P FAD I . -36.87 1.02 1.10
O2P FAD I . -35.16 2.29 -0.12
O3P FAD I . -34.63 0.02 1.07
PA FAD J . -8.43 -42.70 -1.91
O1A FAD J . -8.26 -43.98 -1.06
O2A FAD J . -8.59 -42.97 -3.37
O5B FAD J . -7.14 -41.73 -1.61
C5B FAD J . -7.03 -41.08 -0.35
C4B FAD J . -5.57 -40.70 0.00
O4B FAD J . -5.40 -40.49 1.36
C3B FAD J . -4.69 -41.78 -0.44
O3B FAD J . -3.98 -41.27 -1.54
C2B FAD J . -3.88 -42.06 0.70
O2B FAD J . -2.46 -42.16 0.41
C1B FAD J . -4.11 -40.93 1.60
N9A FAD J . -4.01 -41.33 2.99
C8A FAD J . -4.53 -42.40 3.54
N7A FAD J . -4.21 -42.41 4.83
C5A FAD J . -3.47 -41.32 5.09
C6A FAD J . -2.85 -40.80 6.23
N6A FAD J . -2.97 -41.46 7.45
N1A FAD J . -2.16 -39.65 6.14
C2A FAD J . -2.08 -39.01 4.98
N3A FAD J . -2.65 -39.47 3.85
C4A FAD J . -3.35 -40.60 3.90
N1 FAD J . -14.42 -46.00 -8.10
C2 FAD J . -14.68 -45.44 -9.29
O2 FAD J . -14.94 -44.10 -9.33
N3 FAD J . -14.71 -46.14 -10.44
C4 FAD J . -14.43 -47.47 -10.41
O4 FAD J . -14.37 -48.24 -11.65
C4X FAD J . -14.17 -48.11 -9.20
N5 FAD J . -13.91 -49.41 -9.11
C5X FAD J . -13.65 -49.98 -7.92
C6 FAD J . -13.38 -51.35 -7.84
C7 FAD J . -13.12 -51.94 -6.61
C7M FAD J . -12.80 -53.45 -6.49
C8 FAD J . -13.12 -51.17 -5.46
C8M FAD J . -12.83 -51.82 -4.10
C9 FAD J . -13.37 -49.80 -5.52
C9A FAD J . -13.65 -49.20 -6.77
N10 FAD J . -13.91 -47.86 -6.84
C10 FAD J . -14.17 -47.32 -8.03
C1' FAD J . -13.92 -47.01 -5.66
C2' FAD J . -12.66 -46.23 -5.29
O2' FAD J . -11.56 -46.90 -5.24
C3' FAD J . -12.76 -45.02 -4.39
O3' FAD J . -13.98 -44.48 -4.54
C4' FAD J . -11.73 -43.92 -4.62
O4' FAD J . -10.42 -44.37 -4.64
C5' FAD J . -11.85 -42.96 -3.50
O5' FAD J . -11.28 -41.67 -3.64
P FAD J . -10.70 -40.99 -2.25
O1P FAD J . -11.88 -40.88 -1.39
O2P FAD J . -10.22 -39.59 -2.65
O3P FAD J . -9.69 -41.92 -1.44
PA FAD K . 11.21 -17.80 -30.63
O1A FAD K . 11.24 -19.01 -29.74
O2A FAD K . 11.13 -18.12 -32.08
O5B FAD K . 12.48 -16.86 -30.29
C5B FAD K . 12.65 -16.36 -28.99
C4B FAD K . 14.08 -15.92 -28.62
O4B FAD K . 14.17 -15.68 -27.26
C3B FAD K . 15.04 -16.98 -28.95
O3B FAD K . 15.81 -16.50 -30.02
C2B FAD K . 15.79 -17.19 -27.76
O2B FAD K . 17.21 -17.22 -27.93
C1B FAD K . 15.48 -16.03 -26.92
N9A FAD K . 15.55 -16.38 -25.52
C8A FAD K . 15.00 -17.45 -24.94
N7A FAD K . 15.34 -17.41 -23.65
C5A FAD K . 16.11 -16.32 -23.43
C6A FAD K . 16.74 -15.77 -22.31
N6A FAD K . 16.68 -16.40 -21.08
N1A FAD K . 17.44 -14.63 -22.45
C2A FAD K . 17.55 -14.01 -23.62
N3A FAD K . 16.95 -14.51 -24.71
C4A FAD K . 16.24 -15.65 -24.63
N1 FAD K . 5.21 -21.23 -36.64
C2 FAD K . 4.96 -20.67 -37.83
O2 FAD K . 4.60 -19.36 -37.89
N3 FAD K . 5.03 -21.39 -38.95
C4 FAD K . 5.34 -22.70 -38.91
O4 FAD K . 5.49 -23.47 -40.15
C4X FAD K . 5.61 -23.32 -37.69
N5 FAD K . 5.91 -24.63 -37.58
C5X FAD K . 6.15 -25.19 -36.38
C6 FAD K . 6.48 -26.55 -36.29
C7 FAD K . 6.73 -27.12 -35.05
C7M FAD K . 7.11 -28.61 -34.91
C8 FAD K . 6.64 -26.34 -33.89
C8M FAD K . 6.93 -26.99 -32.52
C9 FAD K . 6.31 -24.97 -33.96
C9A FAD K . 6.07 -24.41 -35.23
N10 FAD K . 5.75 -23.11 -35.31
C10 FAD K . 5.51 -22.54 -36.52
C1' FAD K . 5.73 -22.32 -34.09
C2' FAD K . 6.90 -21.38 -33.84
O2' FAD K . 8.07 -21.88 -34.07
C3' FAD K . 6.80 -20.31 -32.79
O3' FAD K . 5.51 -19.90 -32.68
C4' FAD K . 7.73 -19.14 -33.13
O4' FAD K . 9.06 -19.47 -33.21
C5' FAD K . 7.65 -18.08 -32.10
O5' FAD K . 8.47 -16.96 -32.39
P FAD K . 8.95 -16.15 -31.06
O1P FAD K . 7.73 -16.19 -30.21
O2P FAD K . 9.34 -14.68 -31.36
O3P FAD K . 10.01 -16.94 -30.21
PA FAD L . -18.33 4.25 45.38
O1A FAD L . -17.37 3.54 44.42
O2A FAD L . -18.02 3.85 46.78
O5B FAD L . -19.84 3.91 44.89
C5B FAD L . -20.16 3.89 43.52
C4B FAD L . -21.31 2.90 43.19
O4B FAD L . -21.74 3.13 41.90
C3B FAD L . -20.92 1.50 43.32
O3B FAD L . -21.83 0.93 44.21
C2B FAD L . -21.11 0.95 42.00
O2B FAD L . -21.65 -0.39 42.01
C1B FAD L . -22.01 1.90 41.31
N9A FAD L . -21.79 1.99 39.85
C8A FAD L . -20.61 2.00 39.23
N7A FAD L . -20.81 2.05 37.92
C5A FAD L . -22.13 2.08 37.69
C6A FAD L . -22.91 2.14 36.52
N6A FAD L . -22.28 2.11 35.28
N1A FAD L . -24.26 2.15 36.60
C2A FAD L . -24.84 2.11 37.80
N3A FAD L . -24.13 2.06 38.94
C4A FAD L . -22.78 2.04 38.92
N1 FAD L . -12.36 6.16 52.38
C2 FAD L . -12.64 6.41 53.67
O2 FAD L . -13.67 7.25 53.96
N3 FAD L . -11.99 5.82 54.69
C4 FAD L . -11.02 4.92 54.42
O4 FAD L . -10.30 4.28 55.51
C4X FAD L . -10.69 4.63 53.09
N5 FAD L . -9.72 3.74 52.77
C5X FAD L . -9.42 3.48 51.49
C6 FAD L . -8.41 2.56 51.16
C7 FAD L . -8.13 2.30 49.83
C7M FAD L . -7.04 1.28 49.45
C8 FAD L . -8.81 2.95 48.82
C8M FAD L . -8.45 2.67 47.33
C9 FAD L . -9.81 3.87 49.12
C9A FAD L . -10.12 4.14 50.46
N10 FAD L . -11.09 5.03 50.75
C10 FAD L . -11.39 5.29 52.06
C1' FAD L . -11.81 5.69 49.69
C2' FAD L . -13.11 5.12 49.15
O2' FAD L . -13.13 3.91 48.72
C3' FAD L . -14.05 6.14 48.58
O3' FAD L . -13.84 7.27 49.28
C4' FAD L . -15.51 5.77 48.71
O4' FAD L . -15.81 4.55 48.17
C5' FAD L . -16.29 6.80 47.96
O5' FAD L . -17.63 6.44 47.65
P FAD L . -18.47 6.85 46.29
O1P FAD L . -18.09 8.16 45.75
O2P FAD L . -19.94 6.98 46.72
O3P FAD L . -18.28 5.77 45.17
PA FAD M . -13.70 24.27 -28.20
O1A FAD M . -13.61 23.03 -27.36
O2A FAD M . -13.81 24.04 -29.68
O5B FAD M . -12.43 25.19 -27.83
C5B FAD M . -12.35 25.93 -26.64
C4B FAD M . -10.92 26.32 -26.22
O4B FAD M . -10.82 26.50 -24.83
C3B FAD M . -10.02 25.23 -26.58
O3B FAD M . -9.24 25.68 -27.68
C2B FAD M . -9.27 24.94 -25.40
O2B FAD M . -7.86 24.80 -25.59
C1B FAD M . -9.51 26.09 -24.52
N9A FAD M . -9.41 25.79 -23.10
C8A FAD M . -9.94 24.73 -22.50
N7A FAD M . -9.62 24.79 -21.20
C5A FAD M . -8.89 25.89 -20.99
C6A FAD M . -8.30 26.47 -19.85
N6A FAD M . -8.44 25.84 -18.60
N1A FAD M . -7.63 27.62 -19.97
C2A FAD M . -7.51 28.22 -21.16
N3A FAD M . -8.07 27.71 -22.27
C4A FAD M . -8.75 26.55 -22.21
N1 FAD M . -19.71 20.57 -34.29
C2 FAD M . -19.97 21.07 -35.51
O2 FAD M . -20.33 22.38 -35.66
N3 FAD M . -19.88 20.33 -36.60
C4 FAD M . -19.53 19.04 -36.52
O4 FAD M . -19.39 18.28 -37.75
C4X FAD M . -19.25 18.46 -35.27
N5 FAD M . -18.89 17.16 -35.12
C5X FAD M . -18.62 16.64 -33.91
C6 FAD M . -18.24 15.30 -33.80
C7 FAD M . -17.98 14.76 -32.53
C7M FAD M . -17.57 13.29 -32.39
C8 FAD M . -18.09 15.56 -31.40
C8M FAD M . -17.79 14.95 -30.02
C9 FAD M . -18.45 16.90 -31.51
C9A FAD M . -18.72 17.45 -32.77
N10 FAD M . -19.09 18.75 -32.90
C10 FAD M . -19.34 19.28 -34.12
C1' FAD M . -19.06 19.60 -31.72
C2' FAD M . -17.83 20.48 -31.48
O2' FAD M . -16.67 19.96 -31.70
C3' FAD M . -17.93 21.60 -30.48
O3' FAD M . -19.24 21.97 -30.39
C4' FAD M . -17.11 22.84 -30.85
O4' FAD M . -15.79 22.59 -31.10
C5' FAD M . -17.13 23.79 -29.71
O5' FAD M . -16.40 25.00 -29.91
P FAD M . -16.00 25.82 -28.55
O1P FAD M . -17.23 25.77 -27.69
O2P FAD M . -15.60 27.28 -28.85
O3P FAD M . -14.91 25.08 -27.70
PA FAD N . 26.97 -14.58 14.28
O1A FAD N . 27.87 -15.43 13.38
O2A FAD N . 27.23 -14.79 15.73
O5B FAD N . 25.47 -15.00 13.84
C5B FAD N . 24.98 -14.74 12.55
C4B FAD N . 23.80 -15.64 12.20
O4B FAD N . 23.44 -15.39 10.89
C3B FAD N . 24.18 -17.04 12.34
O3B FAD N . 23.24 -17.63 13.20
C2B FAD N . 24.10 -17.56 11.03
O2B FAD N . 23.58 -18.90 10.99
C1B FAD N . 23.19 -16.64 10.35
N9A FAD N . 23.37 -16.60 8.90
C8A FAD N . 24.51 -16.71 8.22
N7A FAD N . 24.25 -16.70 6.91
C5A FAD N . 22.92 -16.59 6.74
C6A FAD N . 22.09 -16.54 5.63
N6A FAD N . 22.64 -16.65 4.35
N1A FAD N . 20.77 -16.42 5.80
C2A FAD N . 20.25 -16.36 7.03
N3A FAD N . 21.01 -16.41 8.14
C4A FAD N . 22.34 -16.53 8.02
N1 FAD N . 33.09 -12.59 21.03
C2 FAD N . 32.76 -12.32 22.30
O2 FAD N . 31.87 -11.33 22.55
N3 FAD N . 33.30 -12.96 23.37
C4 FAD N . 34.21 -13.92 23.16
O4 FAD N . 34.80 -14.62 24.28
C4X FAD N . 34.59 -14.23 21.84
N5 FAD N . 35.50 -15.20 21.61
C5X FAD N . 35.85 -15.49 20.34
C6 FAD N . 36.80 -16.50 20.11
C7 FAD N . 37.18 -16.82 18.82
C7M FAD N . 38.25 -17.88 18.62
C8 FAD N . 36.62 -16.15 17.74
C8M FAD N . 37.04 -16.47 16.29
C9 FAD N . 35.66 -15.14 17.94
C9A FAD N . 35.27 -14.81 19.26
N10 FAD N . 34.35 -13.84 19.48
C10 FAD N . 34.00 -13.54 20.76
C1' FAD N . 33.72 -13.16 18.35
C2' FAD N . 32.32 -13.60 17.97
O2' FAD N . 31.98 -14.80 18.29
C3' FAD N . 31.44 -12.78 17.07
O3' FAD N . 31.57 -11.47 17.33
C4' FAD N . 29.96 -13.07 17.26
O4' FAD N . 29.58 -14.31 16.81
C5' FAD N . 29.17 -12.06 16.50
O5' FAD N . 27.76 -12.12 16.58
P FAD N . 26.92 -11.93 15.16
O1P FAD N . 27.28 -10.58 14.69
O2P FAD N . 25.44 -11.87 15.60
O3P FAD N . 27.12 -13.04 14.03
PA FAD O . 42.20 8.39 -19.69
O1A FAD O . 43.13 7.68 -20.69
O2A FAD O . 42.47 7.85 -18.32
O5B FAD O . 40.66 8.13 -20.14
C5B FAD O . 40.28 8.03 -21.48
C4B FAD O . 39.10 7.05 -21.66
O4B FAD O . 38.67 7.26 -22.96
C3B FAD O . 39.51 5.68 -21.53
O3B FAD O . 38.62 5.08 -20.63
C2B FAD O . 39.35 5.13 -22.83
O2B FAD O . 38.82 3.80 -22.72
C1B FAD O . 38.42 6.03 -23.53
N9A FAD O . 38.54 6.16 -25.00
C8A FAD O . 39.68 6.12 -25.70
N7A FAD O . 39.38 6.20 -27.01
C5A FAD O . 38.04 6.29 -27.16
C6A FAD O . 37.17 6.38 -28.29
N6A FAD O . 37.69 6.38 -29.58
N1A FAD O . 35.83 6.46 -28.11
C2A FAD O . 35.35 6.45 -26.86
N3A FAD O . 36.15 6.36 -25.76
C4A FAD O . 37.49 6.27 -25.87
N1 FAD O . 48.10 10.05 -12.60
C2 FAD O . 47.79 10.31 -11.32
O2 FAD O . 46.77 11.16 -11.10
N3 FAD O . 48.41 9.73 -10.28
C4 FAD O . 49.40 8.81 -10.54
O4 FAD O . 50.12 8.13 -9.49
C4X FAD O . 49.75 8.50 -11.86
N5 FAD O . 50.71 7.59 -12.12
C5X FAD O . 51.02 7.31 -13.39
C6 FAD O . 52.02 6.36 -13.68
C7 FAD O . 52.35 6.09 -15.02
C7M FAD O . 53.45 5.08 -15.34
C8 FAD O . 51.69 6.74 -16.06
C8M FAD O . 52.04 6.45 -17.53
C9 FAD O . 50.69 7.66 -15.78
C9A FAD O . 50.36 7.96 -14.45
N10 FAD O . 49.40 8.87 -14.21
C10 FAD O . 49.07 9.15 -12.92
C1' FAD O . 48.68 9.45 -15.35
C2' FAD O . 47.37 8.83 -15.84
O2' FAD O . 47.32 7.56 -16.05
C3' FAD O . 46.31 9.72 -16.36
O3' FAD O . 46.46 10.86 -15.66
C4' FAD O . 44.87 9.27 -16.12
O4' FAD O . 44.48 8.13 -16.80
C5' FAD O . 44.05 10.41 -16.61
O5' FAD O . 42.79 10.08 -17.15
P FAD O . 42.09 10.84 -18.45
O1P FAD O . 42.71 12.19 -18.68
O2P FAD O . 40.57 11.07 -18.20
O3P FAD O . 42.35 9.93 -19.72
PA FAD P . 1.23 29.55 16.55
O1A FAD P . 2.25 28.77 15.74
O2A FAD P . 1.44 29.30 18.00
O5B FAD P . -0.22 29.11 16.05
C5B FAD P . -0.64 29.34 14.71
C4B FAD P . -1.81 28.40 14.35
O4B FAD P . -2.26 28.65 13.06
C3B FAD P . -1.37 27.02 14.46
O3B FAD P . -2.28 26.41 15.37
C2B FAD P . -1.55 26.48 13.18
O2B FAD P . -2.12 25.16 13.21
C1B FAD P . -2.48 27.38 12.52
N9A FAD P . -2.24 27.42 11.09
C8A FAD P . -1.07 27.49 10.44
N7A FAD P . -1.29 27.54 9.12
C5A FAD P . -2.63 27.50 8.95
C6A FAD P . -3.47 27.53 7.83
N6A FAD P . -2.91 27.57 6.56
N1A FAD P . -4.79 27.48 7.99
C2A FAD P . -5.33 27.41 9.22
N3A FAD P . -4.58 27.38 10.34
C4A FAD P . -3.25 27.44 10.21
N1 FAD P . 7.20 31.71 23.46
C2 FAD P . 6.85 31.97 24.71
O2 FAD P . 5.91 32.93 24.95
N3 FAD P . 7.39 31.33 25.76
C4 FAD P . 8.35 30.41 25.56
O4 FAD P . 8.93 29.75 26.72
C4X FAD P . 8.76 30.09 24.27
N5 FAD P . 9.70 29.16 24.00
C5X FAD P . 10.06 28.89 22.73
C6 FAD P . 11.03 27.93 22.47
C7 FAD P . 11.39 27.67 21.14
C7M FAD P . 12.47 26.63 20.84
C8 FAD P . 10.79 28.35 20.09
C8M FAD P . 11.21 28.05 18.62
C9 FAD P . 9.81 29.30 20.33
C9A FAD P . 9.44 29.58 21.68
N10 FAD P . 8.51 30.52 21.92
C10 FAD P . 8.16 30.79 23.20
C1' FAD P . 7.84 31.22 20.84
C2' FAD P . 6.54 30.65 20.30
O2' FAD P . 6.49 29.36 20.18
C3' FAD P . 5.70 31.51 19.41
O3' FAD P . 5.96 32.81 19.63
C4' FAD P . 4.22 31.34 19.63
O4' FAD P . 3.77 30.07 19.35
C5' FAD P . 3.46 32.26 18.73
O5' FAD P . 2.06 32.17 18.78
P FAD P . 1.12 32.19 17.43
O1P FAD P . 1.41 33.48 16.84
O2P FAD P . -0.33 32.23 17.94
O3P FAD P . 1.38 31.08 16.33
#